data_2JOG
#
_entry.id   2JOG
#
loop_
_entity.id
_entity.type
_entity.pdbx_description
1 polymer 'Calmodulin-dependent calcineurin A subunit alpha isoform'
2 polymer NFAT
#
loop_
_entity_poly.entity_id
_entity_poly.type
_entity_poly.pdbx_seq_one_letter_code
_entity_poly.pdbx_strand_id
1 'polypeptide(L)'
;VPFPPSHRLTAKEVFDNDGKPRVDILKAHLMKEGRLEESVALRIITEGASILRQEKNLLDIDAPVTVCGDIHGQFFDLMK
LFEVGGSPANTRYLFLGDYVDRGYFSIECVLYLWALKILYPKTLFLLRGNHECRHLTEYFTFKQECKIKYSERVYDACMD
AFDCLPLAALMNQQFLCVHGGLSPEINTLDDIRKLDRFKEPPAYGPMCDILWSDPLEDFGNEKTQEHFTHNTVRGCSYFY
SYPAVCEFLQHNNLLSILRAHEAQDAGYRMYRKSQTTGFPSLITIFSAPNYLDVYNNKAAVLKYENNVMNIRQFNCSPHP
YWLPNFM
;
A
2 'polypeptide(L)' GPHPVIVITGPHEELE B
#
# COMPACT_ATOMS: atom_id res chain seq x y z
N VAL A 1 2.53 -21.88 22.99
CA VAL A 1 2.76 -21.10 21.77
C VAL A 1 3.28 -21.99 20.65
N PRO A 2 2.87 -21.67 19.41
CA PRO A 2 3.29 -22.43 18.22
C PRO A 2 4.76 -22.23 17.90
N PHE A 3 5.36 -23.22 17.25
CA PHE A 3 6.77 -23.16 16.87
C PHE A 3 6.94 -23.12 15.36
N PRO A 4 7.85 -22.26 14.88
CA PRO A 4 8.11 -22.11 13.45
C PRO A 4 8.82 -23.33 12.86
N PRO A 5 8.31 -23.81 11.72
CA PRO A 5 8.87 -24.97 11.03
C PRO A 5 10.23 -24.68 10.42
N SER A 6 11.21 -25.53 10.72
CA SER A 6 12.56 -25.37 10.20
C SER A 6 12.63 -25.76 8.72
N HIS A 7 11.71 -26.62 8.31
CA HIS A 7 11.67 -27.07 6.91
C HIS A 7 11.27 -25.93 5.98
N ARG A 8 12.19 -25.55 5.10
CA ARG A 8 11.93 -24.47 4.15
C ARG A 8 11.29 -25.00 2.88
N LEU A 9 10.20 -24.36 2.45
CA LEU A 9 9.50 -24.77 1.25
C LEU A 9 10.38 -24.61 0.01
N THR A 10 10.31 -25.60 -0.87
CA THR A 10 11.11 -25.58 -2.10
C THR A 10 10.30 -25.06 -3.27
N ALA A 11 10.98 -24.74 -4.37
CA ALA A 11 10.31 -24.23 -5.56
C ALA A 11 9.21 -25.17 -6.02
N LYS A 12 9.56 -26.44 -6.22
CA LYS A 12 8.59 -27.44 -6.65
C LYS A 12 7.46 -27.59 -5.64
N GLU A 13 7.69 -27.09 -4.43
CA GLU A 13 6.70 -27.16 -3.37
C GLU A 13 5.75 -25.97 -3.43
N VAL A 14 6.27 -24.82 -3.86
CA VAL A 14 5.48 -23.61 -3.96
C VAL A 14 4.83 -23.49 -5.34
N PHE A 15 5.57 -23.91 -6.37
CA PHE A 15 5.07 -23.84 -7.74
C PHE A 15 4.78 -25.24 -8.27
N ASP A 16 3.62 -25.41 -8.90
CA ASP A 16 3.22 -26.69 -9.45
C ASP A 16 3.82 -26.89 -10.85
N ASN A 17 3.54 -28.04 -11.45
CA ASN A 17 4.05 -28.34 -12.79
C ASN A 17 3.62 -27.28 -13.78
N ASP A 18 2.47 -26.67 -13.54
CA ASP A 18 1.95 -25.63 -14.42
C ASP A 18 2.65 -24.30 -14.17
N GLY A 19 3.61 -24.31 -13.24
CA GLY A 19 4.35 -23.10 -12.92
C GLY A 19 3.53 -22.12 -12.10
N LYS A 20 2.38 -22.57 -11.60
CA LYS A 20 1.51 -21.73 -10.80
C LYS A 20 1.77 -21.94 -9.32
N PRO A 21 1.94 -20.84 -8.58
CA PRO A 21 2.20 -20.88 -7.14
C PRO A 21 0.98 -21.34 -6.35
N ARG A 22 1.22 -22.05 -5.26
CA ARG A 22 0.13 -22.54 -4.41
C ARG A 22 -0.07 -21.64 -3.20
N VAL A 23 -0.79 -20.54 -3.40
CA VAL A 23 -1.05 -19.60 -2.33
C VAL A 23 -1.61 -20.30 -1.11
N ASP A 24 -2.29 -21.42 -1.33
CA ASP A 24 -2.88 -22.20 -0.24
C ASP A 24 -1.80 -22.82 0.63
N ILE A 25 -0.80 -23.42 -0.01
CA ILE A 25 0.30 -24.06 0.70
C ILE A 25 1.18 -23.03 1.41
N LEU A 26 1.41 -21.90 0.73
CA LEU A 26 2.22 -20.83 1.30
C LEU A 26 1.53 -20.18 2.49
N LYS A 27 0.26 -19.82 2.30
CA LYS A 27 -0.52 -19.19 3.35
C LYS A 27 -0.46 -20.00 4.63
N ALA A 28 -0.80 -21.28 4.54
CA ALA A 28 -0.77 -22.17 5.69
C ALA A 28 0.61 -22.19 6.34
N HIS A 29 1.64 -22.32 5.52
CA HIS A 29 3.01 -22.35 6.02
C HIS A 29 3.36 -21.05 6.73
N LEU A 30 3.17 -19.93 6.04
CA LEU A 30 3.47 -18.62 6.61
C LEU A 30 2.75 -18.45 7.96
N MET A 31 1.52 -18.94 8.04
CA MET A 31 0.74 -18.83 9.26
C MET A 31 1.45 -19.53 10.42
N LYS A 32 2.25 -20.54 10.10
CA LYS A 32 2.99 -21.29 11.11
C LYS A 32 4.39 -20.72 11.30
N GLU A 33 4.63 -19.54 10.73
CA GLU A 33 5.93 -18.89 10.84
C GLU A 33 6.99 -19.66 10.04
N GLY A 34 6.59 -20.20 8.90
CA GLY A 34 7.50 -20.95 8.07
C GLY A 34 8.19 -20.08 7.03
N ARG A 35 9.42 -20.43 6.68
CA ARG A 35 10.19 -19.67 5.70
C ARG A 35 10.46 -20.52 4.45
N LEU A 36 10.75 -19.84 3.34
CA LEU A 36 11.02 -20.54 2.09
C LEU A 36 12.52 -20.57 1.81
N GLU A 37 12.91 -21.28 0.76
CA GLU A 37 14.31 -21.40 0.38
C GLU A 37 14.80 -20.12 -0.29
N GLU A 38 16.02 -19.70 0.04
CA GLU A 38 16.59 -18.50 -0.54
C GLU A 38 16.41 -18.46 -2.04
N SER A 39 16.45 -19.64 -2.66
CA SER A 39 16.28 -19.75 -4.12
C SER A 39 14.85 -19.44 -4.52
N VAL A 40 13.89 -19.95 -3.76
CA VAL A 40 12.48 -19.72 -4.04
C VAL A 40 12.11 -18.25 -3.85
N ALA A 41 12.52 -17.69 -2.73
CA ALA A 41 12.23 -16.28 -2.43
C ALA A 41 12.76 -15.37 -3.54
N LEU A 42 13.98 -15.64 -3.99
CA LEU A 42 14.59 -14.84 -5.04
C LEU A 42 13.81 -14.97 -6.34
N ARG A 43 13.28 -16.16 -6.60
CA ARG A 43 12.52 -16.42 -7.81
C ARG A 43 11.22 -15.61 -7.81
N ILE A 44 10.54 -15.60 -6.67
CA ILE A 44 9.27 -14.88 -6.53
C ILE A 44 9.49 -13.39 -6.72
N ILE A 45 10.49 -12.84 -6.04
CA ILE A 45 10.80 -11.42 -6.13
C ILE A 45 11.18 -11.03 -7.55
N THR A 46 12.13 -11.75 -8.13
CA THR A 46 12.58 -11.49 -9.49
C THR A 46 11.45 -11.65 -10.49
N GLU A 47 10.60 -12.65 -10.25
CA GLU A 47 9.47 -12.92 -11.13
C GLU A 47 8.45 -11.78 -11.06
N GLY A 48 8.26 -11.22 -9.87
CA GLY A 48 7.32 -10.14 -9.69
C GLY A 48 7.80 -8.84 -10.30
N ALA A 49 9.09 -8.59 -10.18
CA ALA A 49 9.69 -7.37 -10.73
C ALA A 49 9.53 -7.31 -12.24
N SER A 50 9.73 -8.45 -12.89
CA SER A 50 9.61 -8.53 -14.34
C SER A 50 8.22 -8.10 -14.80
N ILE A 51 7.20 -8.55 -14.08
CA ILE A 51 5.83 -8.21 -14.41
C ILE A 51 5.55 -6.72 -14.19
N LEU A 52 5.97 -6.21 -13.04
CA LEU A 52 5.77 -4.80 -12.71
C LEU A 52 6.52 -3.91 -13.68
N ARG A 53 7.70 -4.33 -14.08
CA ARG A 53 8.52 -3.57 -15.02
C ARG A 53 7.75 -3.30 -16.31
N GLN A 54 6.83 -4.19 -16.64
CA GLN A 54 6.02 -4.05 -17.85
C GLN A 54 4.89 -3.04 -17.64
N GLU A 55 4.54 -2.82 -16.38
CA GLU A 55 3.47 -1.88 -16.04
C GLU A 55 3.94 -0.44 -16.22
N LYS A 56 2.98 0.49 -16.28
CA LYS A 56 3.30 1.89 -16.45
C LYS A 56 3.21 2.64 -15.11
N ASN A 57 3.86 3.78 -15.04
CA ASN A 57 3.85 4.60 -13.82
C ASN A 57 2.42 4.80 -13.31
N LEU A 58 1.53 5.21 -14.21
CA LEU A 58 0.14 5.44 -13.85
C LEU A 58 -0.79 4.48 -14.61
N LEU A 59 -1.18 3.40 -13.95
CA LEU A 59 -2.06 2.41 -14.54
C LEU A 59 -3.49 2.95 -14.68
N ASP A 60 -4.18 2.54 -15.74
CA ASP A 60 -5.54 2.99 -15.97
C ASP A 60 -6.45 1.80 -16.29
N ILE A 61 -7.16 1.33 -15.27
CA ILE A 61 -8.07 0.19 -15.44
C ILE A 61 -9.46 0.52 -14.89
N ASP A 62 -10.48 0.18 -15.66
CA ASP A 62 -11.86 0.43 -15.25
C ASP A 62 -12.51 -0.85 -14.73
N ALA A 63 -12.38 -1.08 -13.43
CA ALA A 63 -12.96 -2.27 -12.81
C ALA A 63 -13.03 -2.11 -11.29
N PRO A 64 -13.91 -2.89 -10.65
CA PRO A 64 -14.08 -2.86 -9.20
C PRO A 64 -12.89 -3.45 -8.45
N VAL A 65 -12.22 -2.61 -7.68
CA VAL A 65 -11.05 -3.04 -6.91
C VAL A 65 -11.08 -2.48 -5.49
N THR A 66 -10.43 -3.17 -4.58
CA THR A 66 -10.38 -2.74 -3.18
C THR A 66 -9.02 -2.15 -2.84
N VAL A 67 -9.00 -0.87 -2.49
CA VAL A 67 -7.77 -0.18 -2.13
C VAL A 67 -7.38 -0.47 -0.68
N CYS A 68 -6.11 -0.74 -0.46
CA CYS A 68 -5.60 -1.03 0.89
C CYS A 68 -4.58 0.02 1.32
N GLY A 69 -4.54 0.29 2.62
CA GLY A 69 -3.61 1.26 3.14
C GLY A 69 -2.26 0.66 3.48
N ASP A 70 -1.44 1.40 4.22
CA ASP A 70 -0.12 0.94 4.60
C ASP A 70 -0.20 -0.39 5.35
N ILE A 71 0.76 -1.26 5.11
CA ILE A 71 0.80 -2.57 5.75
C ILE A 71 1.89 -2.63 6.81
N HIS A 72 3.06 -2.09 6.48
CA HIS A 72 4.19 -2.09 7.40
C HIS A 72 4.59 -3.51 7.78
N GLY A 73 4.85 -4.34 6.77
CA GLY A 73 5.25 -5.71 7.02
C GLY A 73 4.36 -6.39 8.04
N GLN A 74 3.10 -5.95 8.12
CA GLN A 74 2.16 -6.52 9.07
C GLN A 74 1.43 -7.71 8.46
N PHE A 75 2.19 -8.77 8.17
CA PHE A 75 1.61 -9.98 7.58
C PHE A 75 0.45 -10.49 8.42
N PHE A 76 0.65 -10.53 9.73
CA PHE A 76 -0.37 -11.00 10.65
C PHE A 76 -1.67 -10.23 10.46
N ASP A 77 -1.55 -8.98 10.03
CA ASP A 77 -2.71 -8.13 9.81
C ASP A 77 -3.20 -8.23 8.37
N LEU A 78 -2.32 -8.71 7.49
CA LEU A 78 -2.64 -8.85 6.08
C LEU A 78 -3.52 -10.07 5.84
N MET A 79 -3.36 -11.09 6.68
CA MET A 79 -4.15 -12.31 6.57
C MET A 79 -5.61 -12.05 6.94
N LYS A 80 -5.82 -11.31 8.02
CA LYS A 80 -7.16 -11.00 8.47
C LYS A 80 -7.88 -10.08 7.48
N LEU A 81 -7.14 -9.11 6.95
CA LEU A 81 -7.69 -8.17 5.99
C LEU A 81 -8.33 -8.90 4.81
N PHE A 82 -7.62 -9.87 4.25
CA PHE A 82 -8.12 -10.64 3.13
C PHE A 82 -9.37 -11.42 3.52
N GLU A 83 -9.44 -11.83 4.78
CA GLU A 83 -10.58 -12.57 5.29
C GLU A 83 -11.84 -11.71 5.28
N VAL A 84 -11.71 -10.47 5.74
CA VAL A 84 -12.83 -9.55 5.79
C VAL A 84 -13.13 -8.98 4.41
N GLY A 85 -12.08 -8.70 3.64
CA GLY A 85 -12.26 -8.16 2.31
C GLY A 85 -12.64 -9.21 1.29
N GLY A 86 -12.25 -10.45 1.55
CA GLY A 86 -12.55 -11.55 0.65
C GLY A 86 -11.32 -12.19 0.07
N SER A 87 -11.46 -13.41 -0.44
CA SER A 87 -10.34 -14.13 -1.03
C SER A 87 -9.87 -13.47 -2.32
N PRO A 88 -8.55 -13.33 -2.46
CA PRO A 88 -7.93 -12.71 -3.64
C PRO A 88 -8.08 -13.57 -4.89
N ALA A 89 -8.47 -14.83 -4.70
CA ALA A 89 -8.64 -15.76 -5.81
C ALA A 89 -9.77 -15.30 -6.73
N ASN A 90 -10.71 -14.55 -6.17
CA ASN A 90 -11.84 -14.05 -6.94
C ASN A 90 -12.14 -12.59 -6.59
N THR A 91 -11.21 -11.96 -5.88
CA THR A 91 -11.38 -10.57 -5.47
C THR A 91 -10.17 -9.73 -5.86
N ARG A 92 -10.41 -8.60 -6.50
CA ARG A 92 -9.34 -7.71 -6.93
C ARG A 92 -8.91 -6.78 -5.79
N TYR A 93 -7.61 -6.75 -5.53
CA TYR A 93 -7.07 -5.91 -4.46
C TYR A 93 -6.06 -4.90 -5.02
N LEU A 94 -5.85 -3.82 -4.28
CA LEU A 94 -4.91 -2.78 -4.70
C LEU A 94 -4.21 -2.17 -3.49
N PHE A 95 -2.88 -2.31 -3.46
CA PHE A 95 -2.09 -1.77 -2.36
C PHE A 95 -1.54 -0.40 -2.72
N LEU A 96 -1.48 0.49 -1.72
CA LEU A 96 -0.97 1.84 -1.93
C LEU A 96 0.52 1.91 -1.60
N GLY A 97 1.12 0.76 -1.34
CA GLY A 97 2.53 0.72 -1.02
C GLY A 97 2.80 0.54 0.46
N ASP A 98 4.01 0.86 0.90
CA ASP A 98 4.38 0.73 2.30
C ASP A 98 4.06 -0.67 2.82
N TYR A 99 4.79 -1.67 2.32
CA TYR A 99 4.58 -3.05 2.73
C TYR A 99 5.69 -3.51 3.67
N VAL A 100 6.76 -2.72 3.74
CA VAL A 100 7.89 -3.06 4.60
C VAL A 100 8.09 -2.00 5.67
N ASP A 101 9.06 -2.23 6.56
CA ASP A 101 9.35 -1.29 7.63
C ASP A 101 8.30 -1.39 8.73
N ARG A 102 8.68 -0.98 9.94
CA ARG A 102 7.77 -1.02 11.09
C ARG A 102 7.57 -2.45 11.57
N GLY A 103 6.92 -3.27 10.74
CA GLY A 103 6.67 -4.65 11.10
C GLY A 103 7.88 -5.53 10.89
N TYR A 104 8.08 -6.49 11.78
CA TYR A 104 9.21 -7.40 11.70
C TYR A 104 8.90 -8.57 10.77
N PHE A 105 7.90 -8.39 9.91
CA PHE A 105 7.50 -9.43 8.98
C PHE A 105 7.32 -8.86 7.57
N SER A 106 8.17 -7.90 7.21
CA SER A 106 8.10 -7.27 5.90
C SER A 106 8.38 -8.28 4.80
N ILE A 107 9.31 -9.18 5.06
CA ILE A 107 9.68 -10.20 4.08
C ILE A 107 8.48 -11.08 3.72
N GLU A 108 7.69 -11.43 4.74
CA GLU A 108 6.51 -12.26 4.54
C GLU A 108 5.47 -11.53 3.70
N CYS A 109 5.38 -10.21 3.88
CA CYS A 109 4.42 -9.40 3.15
C CYS A 109 4.83 -9.28 1.68
N VAL A 110 6.10 -8.97 1.45
CA VAL A 110 6.61 -8.82 0.09
C VAL A 110 6.53 -10.14 -0.67
N LEU A 111 6.94 -11.22 -0.01
CA LEU A 111 6.92 -12.54 -0.63
C LEU A 111 5.50 -12.96 -0.97
N TYR A 112 4.59 -12.82 -0.01
CA TYR A 112 3.20 -13.18 -0.21
C TYR A 112 2.53 -12.26 -1.24
N LEU A 113 2.89 -10.98 -1.18
CA LEU A 113 2.33 -9.99 -2.11
C LEU A 113 2.83 -10.23 -3.52
N TRP A 114 4.12 -10.57 -3.64
CA TRP A 114 4.72 -10.82 -4.94
C TRP A 114 4.15 -12.09 -5.57
N ALA A 115 4.02 -13.13 -4.76
CA ALA A 115 3.48 -14.40 -5.24
C ALA A 115 2.04 -14.25 -5.70
N LEU A 116 1.27 -13.47 -4.95
CA LEU A 116 -0.14 -13.24 -5.28
C LEU A 116 -0.28 -12.43 -6.55
N LYS A 117 0.70 -11.54 -6.78
CA LYS A 117 0.69 -10.70 -7.97
C LYS A 117 0.97 -11.52 -9.23
N ILE A 118 1.90 -12.46 -9.10
CA ILE A 118 2.27 -13.31 -10.23
C ILE A 118 1.15 -14.28 -10.58
N LEU A 119 0.42 -14.73 -9.56
CA LEU A 119 -0.69 -15.66 -9.76
C LEU A 119 -1.91 -14.94 -10.32
N TYR A 120 -2.18 -13.75 -9.80
CA TYR A 120 -3.33 -12.96 -10.26
C TYR A 120 -2.91 -11.52 -10.54
N PRO A 121 -2.01 -11.34 -11.53
CA PRO A 121 -1.52 -10.02 -11.92
C PRO A 121 -2.59 -9.18 -12.60
N LYS A 122 -3.76 -9.77 -12.82
CA LYS A 122 -4.87 -9.08 -13.47
C LYS A 122 -5.96 -8.75 -12.46
N THR A 123 -5.73 -9.09 -11.20
CA THR A 123 -6.69 -8.83 -10.13
C THR A 123 -6.00 -8.24 -8.91
N LEU A 124 -4.69 -8.39 -8.83
CA LEU A 124 -3.91 -7.88 -7.71
C LEU A 124 -2.90 -6.83 -8.18
N PHE A 125 -3.08 -5.59 -7.72
CA PHE A 125 -2.18 -4.51 -8.09
C PHE A 125 -1.43 -3.98 -6.86
N LEU A 126 -0.15 -3.70 -7.04
CA LEU A 126 0.68 -3.19 -5.96
C LEU A 126 1.40 -1.91 -6.38
N LEU A 127 1.25 -0.87 -5.57
CA LEU A 127 1.89 0.42 -5.85
C LEU A 127 3.09 0.64 -4.94
N ARG A 128 3.99 1.51 -5.37
CA ARG A 128 5.20 1.81 -4.59
C ARG A 128 4.92 2.92 -3.59
N GLY A 129 5.52 2.80 -2.40
CA GLY A 129 5.32 3.80 -1.37
C GLY A 129 6.62 4.49 -0.97
N ASN A 130 6.51 5.55 -0.19
CA ASN A 130 7.68 6.30 0.26
C ASN A 130 8.66 5.39 1.00
N HIS A 131 8.16 4.25 1.46
CA HIS A 131 8.99 3.30 2.18
C HIS A 131 9.68 2.33 1.23
N GLU A 132 9.18 2.27 0.00
CA GLU A 132 9.75 1.39 -1.01
C GLU A 132 11.04 1.97 -1.57
N CYS A 133 12.06 2.04 -0.73
CA CYS A 133 13.37 2.57 -1.14
C CYS A 133 14.50 1.85 -0.43
N ARG A 134 15.73 2.22 -0.77
CA ARG A 134 16.91 1.60 -0.16
C ARG A 134 17.35 2.39 1.07
N HIS A 135 17.47 3.71 0.91
CA HIS A 135 17.88 4.57 2.01
C HIS A 135 17.03 4.33 3.25
N LEU A 136 15.72 4.21 3.04
CA LEU A 136 14.79 3.97 4.14
C LEU A 136 14.95 2.57 4.70
N THR A 137 15.02 1.58 3.82
CA THR A 137 15.18 0.19 4.23
C THR A 137 16.44 0.00 5.05
N GLU A 138 17.47 0.80 4.75
CA GLU A 138 18.74 0.72 5.47
C GLU A 138 18.60 1.27 6.88
N TYR A 139 17.80 2.32 7.03
CA TYR A 139 17.57 2.94 8.33
C TYR A 139 16.64 2.10 9.19
N PHE A 140 15.58 1.59 8.57
CA PHE A 140 14.61 0.77 9.29
C PHE A 140 15.19 -0.61 9.61
N THR A 141 14.35 -1.49 10.12
CA THR A 141 14.78 -2.84 10.47
C THR A 141 14.54 -3.82 9.33
N PHE A 142 14.26 -3.29 8.14
CA PHE A 142 14.02 -4.10 6.97
C PHE A 142 15.29 -4.81 6.51
N LYS A 143 16.33 -4.03 6.26
CA LYS A 143 17.61 -4.58 5.82
C LYS A 143 18.12 -5.63 6.80
N GLN A 144 18.15 -5.27 8.07
CA GLN A 144 18.62 -6.19 9.12
C GLN A 144 17.78 -7.46 9.13
N GLU A 145 16.49 -7.31 8.86
CA GLU A 145 15.58 -8.46 8.84
C GLU A 145 15.96 -9.44 7.73
N CYS A 146 16.15 -8.91 6.52
CA CYS A 146 16.51 -9.74 5.38
C CYS A 146 17.83 -10.46 5.62
N LYS A 147 18.73 -9.80 6.34
CA LYS A 147 20.03 -10.38 6.63
C LYS A 147 19.92 -11.39 7.77
N ILE A 148 19.00 -11.16 8.68
CA ILE A 148 18.79 -12.06 9.81
C ILE A 148 18.01 -13.30 9.40
N LYS A 149 17.04 -13.12 8.52
CA LYS A 149 16.23 -14.22 8.04
C LYS A 149 16.88 -14.89 6.84
N TYR A 150 17.35 -14.09 5.90
CA TYR A 150 18.00 -14.61 4.69
C TYR A 150 19.40 -14.03 4.55
N SER A 151 19.57 -13.11 3.60
CA SER A 151 20.86 -12.49 3.35
C SER A 151 20.70 -11.20 2.54
N GLU A 152 21.82 -10.55 2.24
CA GLU A 152 21.79 -9.31 1.47
C GLU A 152 21.31 -9.56 0.05
N ARG A 153 21.44 -10.81 -0.40
CA ARG A 153 21.01 -11.17 -1.74
C ARG A 153 19.53 -10.90 -1.95
N VAL A 154 18.71 -11.33 -0.97
CA VAL A 154 17.28 -11.13 -1.05
C VAL A 154 16.92 -9.65 -0.91
N TYR A 155 17.62 -8.96 -0.03
CA TYR A 155 17.38 -7.54 0.20
C TYR A 155 17.58 -6.74 -1.09
N ASP A 156 18.73 -6.94 -1.72
CA ASP A 156 19.04 -6.24 -2.97
C ASP A 156 17.99 -6.54 -4.04
N ALA A 157 17.55 -7.78 -4.10
CA ALA A 157 16.55 -8.19 -5.08
C ALA A 157 15.25 -7.38 -4.90
N CYS A 158 14.82 -7.25 -3.66
CA CYS A 158 13.60 -6.51 -3.36
C CYS A 158 13.73 -5.06 -3.77
N MET A 159 14.89 -4.47 -3.48
CA MET A 159 15.15 -3.08 -3.83
C MET A 159 14.98 -2.84 -5.32
N ASP A 160 15.63 -3.67 -6.12
CA ASP A 160 15.56 -3.56 -7.57
C ASP A 160 14.14 -3.82 -8.07
N ALA A 161 13.42 -4.68 -7.36
CA ALA A 161 12.05 -5.01 -7.73
C ALA A 161 11.10 -3.86 -7.39
N PHE A 162 11.31 -3.25 -6.23
CA PHE A 162 10.47 -2.14 -5.80
C PHE A 162 10.51 -1.00 -6.81
N ASP A 163 11.66 -0.82 -7.44
CA ASP A 163 11.83 0.24 -8.43
C ASP A 163 10.97 -0.02 -9.67
N CYS A 164 10.42 -1.22 -9.74
CA CYS A 164 9.56 -1.60 -10.87
C CYS A 164 8.09 -1.39 -10.53
N LEU A 165 7.81 -1.08 -9.27
CA LEU A 165 6.45 -0.85 -8.82
C LEU A 165 5.91 0.46 -9.39
N PRO A 166 4.59 0.51 -9.63
CA PRO A 166 3.91 1.68 -10.16
C PRO A 166 3.86 2.83 -9.16
N LEU A 167 3.70 4.05 -9.66
CA LEU A 167 3.63 5.23 -8.80
C LEU A 167 2.19 5.56 -8.46
N ALA A 168 1.30 5.43 -9.44
CA ALA A 168 -0.11 5.71 -9.23
C ALA A 168 -0.98 4.86 -10.16
N ALA A 169 -2.29 4.97 -9.98
CA ALA A 169 -3.23 4.21 -10.79
C ALA A 169 -4.57 4.94 -10.91
N LEU A 170 -5.11 4.96 -12.12
CA LEU A 170 -6.40 5.62 -12.37
C LEU A 170 -7.53 4.61 -12.44
N MET A 171 -8.24 4.46 -11.33
CA MET A 171 -9.37 3.53 -11.25
C MET A 171 -10.63 4.15 -11.87
N ASN A 172 -11.11 3.54 -12.95
CA ASN A 172 -12.30 4.02 -13.63
C ASN A 172 -12.07 5.41 -14.21
N GLN A 173 -10.80 5.74 -14.46
CA GLN A 173 -10.44 7.04 -15.02
C GLN A 173 -11.15 8.16 -14.28
N GLN A 174 -11.50 7.91 -13.02
CA GLN A 174 -12.18 8.91 -12.21
C GLN A 174 -11.47 9.11 -10.88
N PHE A 175 -11.04 8.01 -10.28
CA PHE A 175 -10.33 8.06 -8.99
C PHE A 175 -8.83 7.89 -9.19
N LEU A 176 -8.04 8.64 -8.43
CA LEU A 176 -6.59 8.57 -8.51
C LEU A 176 -6.01 7.88 -7.28
N CYS A 177 -5.39 6.72 -7.50
CA CYS A 177 -4.79 5.96 -6.42
C CYS A 177 -3.31 6.32 -6.25
N VAL A 178 -2.96 6.80 -5.07
CA VAL A 178 -1.58 7.18 -4.78
C VAL A 178 -1.22 6.92 -3.33
N HIS A 179 0.04 7.17 -2.98
CA HIS A 179 0.50 6.96 -1.61
C HIS A 179 0.49 8.27 -0.82
N GLY A 180 1.09 9.30 -1.42
CA GLY A 180 1.13 10.60 -0.76
C GLY A 180 0.01 11.51 -1.20
N GLY A 181 -0.01 11.86 -2.47
CA GLY A 181 -1.05 12.73 -2.98
C GLY A 181 -0.64 13.43 -4.27
N LEU A 182 -1.08 14.68 -4.44
CA LEU A 182 -0.76 15.45 -5.62
C LEU A 182 0.62 16.09 -5.50
N SER A 183 1.07 16.72 -6.58
CA SER A 183 2.37 17.38 -6.59
C SER A 183 2.30 18.72 -7.33
N PRO A 184 3.15 19.66 -6.90
CA PRO A 184 3.20 21.00 -7.50
C PRO A 184 3.79 20.98 -8.91
N GLU A 185 4.68 20.04 -9.17
CA GLU A 185 5.32 19.91 -10.47
C GLU A 185 4.51 18.97 -11.37
N ILE A 186 3.32 18.58 -10.91
CA ILE A 186 2.46 17.70 -11.67
C ILE A 186 1.02 18.21 -11.69
N ASN A 187 0.64 18.84 -12.79
CA ASN A 187 -0.71 19.38 -12.93
C ASN A 187 -1.50 18.58 -13.96
N THR A 188 -0.86 17.58 -14.55
CA THR A 188 -1.50 16.74 -15.56
C THR A 188 -0.99 15.31 -15.49
N LEU A 189 -1.77 14.38 -16.04
CA LEU A 189 -1.38 12.97 -16.04
C LEU A 189 -0.10 12.75 -16.83
N ASP A 190 0.11 13.58 -17.85
CA ASP A 190 1.30 13.47 -18.68
C ASP A 190 2.56 13.74 -17.85
N ASP A 191 2.44 14.62 -16.88
CA ASP A 191 3.56 14.96 -16.02
C ASP A 191 4.08 13.73 -15.27
N ILE A 192 3.18 12.81 -14.98
CA ILE A 192 3.53 11.59 -14.28
C ILE A 192 4.15 10.56 -15.23
N ARG A 193 3.56 10.44 -16.42
CA ARG A 193 4.05 9.50 -17.42
C ARG A 193 5.50 9.82 -17.80
N LYS A 194 5.84 11.10 -17.84
CA LYS A 194 7.19 11.54 -18.18
C LYS A 194 8.13 11.37 -16.99
N LEU A 195 7.70 10.59 -16.01
CA LEU A 195 8.51 10.34 -14.82
C LEU A 195 9.25 9.02 -14.91
N ASP A 196 10.36 8.90 -14.20
CA ASP A 196 11.15 7.67 -14.20
C ASP A 196 10.87 6.83 -12.96
N ARG A 197 10.24 5.68 -13.16
CA ARG A 197 9.90 4.79 -12.06
C ARG A 197 11.07 3.87 -11.73
N PHE A 198 11.75 3.39 -12.77
CA PHE A 198 12.90 2.49 -12.59
C PHE A 198 14.08 3.24 -11.99
N LYS A 199 13.97 3.58 -10.71
CA LYS A 199 15.03 4.30 -10.02
C LYS A 199 14.65 4.53 -8.55
N GLU A 200 15.63 5.00 -7.77
CA GLU A 200 15.39 5.27 -6.35
C GLU A 200 14.83 6.67 -6.15
N PRO A 201 13.86 6.79 -5.23
CA PRO A 201 13.21 8.07 -4.92
C PRO A 201 14.15 9.04 -4.20
N PRO A 202 14.36 10.22 -4.81
CA PRO A 202 15.23 11.24 -4.24
C PRO A 202 14.65 11.88 -2.98
N ALA A 203 15.48 12.63 -2.26
CA ALA A 203 15.03 13.29 -1.04
C ALA A 203 14.00 14.36 -1.34
N TYR A 204 13.83 14.67 -2.62
CA TYR A 204 12.87 15.69 -3.04
C TYR A 204 12.51 15.53 -4.52
N GLY A 205 11.54 16.31 -4.97
CA GLY A 205 11.13 16.24 -6.37
C GLY A 205 9.66 15.87 -6.51
N PRO A 206 9.22 15.71 -7.76
CA PRO A 206 7.83 15.35 -8.08
C PRO A 206 7.49 13.93 -7.66
N MET A 207 8.33 12.98 -8.07
CA MET A 207 8.12 11.57 -7.73
C MET A 207 8.17 11.36 -6.23
N CYS A 208 9.08 12.05 -5.56
CA CYS A 208 9.23 11.93 -4.11
C CYS A 208 8.03 12.54 -3.39
N ASP A 209 7.65 13.75 -3.81
CA ASP A 209 6.51 14.43 -3.20
C ASP A 209 5.27 13.56 -3.23
N ILE A 210 4.93 13.07 -4.41
CA ILE A 210 3.75 12.22 -4.57
C ILE A 210 3.73 11.10 -3.53
N LEU A 211 4.92 10.58 -3.21
CA LEU A 211 5.04 9.51 -2.22
C LEU A 211 5.10 10.08 -0.81
N TRP A 212 5.49 11.33 -0.70
CA TRP A 212 5.60 11.99 0.60
C TRP A 212 4.52 13.06 0.75
N SER A 213 3.77 13.30 -0.33
CA SER A 213 2.71 14.30 -0.31
C SER A 213 1.76 14.07 0.86
N ASP A 214 1.29 15.16 1.46
CA ASP A 214 0.37 15.08 2.59
C ASP A 214 -0.48 16.34 2.69
N PRO A 215 -1.69 16.19 3.22
CA PRO A 215 -2.64 17.30 3.38
C PRO A 215 -2.19 18.28 4.46
N LEU A 216 -2.65 19.53 4.35
CA LEU A 216 -2.29 20.56 5.30
C LEU A 216 -2.80 20.21 6.70
N GLU A 217 -2.13 20.74 7.72
CA GLU A 217 -2.52 20.47 9.10
C GLU A 217 -3.97 20.92 9.35
N ASP A 218 -4.50 21.71 8.44
CA ASP A 218 -5.87 22.21 8.55
C ASP A 218 -6.61 22.07 7.23
N PHE A 219 -6.71 20.84 6.73
CA PHE A 219 -7.40 20.58 5.48
C PHE A 219 -8.89 20.88 5.59
N GLY A 220 -9.23 21.76 6.53
CA GLY A 220 -10.62 22.13 6.73
C GLY A 220 -10.80 23.59 7.12
N ASN A 221 -10.45 23.90 8.36
CA ASN A 221 -10.57 25.26 8.86
C ASN A 221 -9.30 26.06 8.57
N GLU A 222 -9.14 26.46 7.32
CA GLU A 222 -7.97 27.23 6.90
C GLU A 222 -8.27 28.72 6.94
N LYS A 223 -7.24 29.52 7.23
CA LYS A 223 -7.38 30.97 7.28
C LYS A 223 -6.54 31.64 6.20
N THR A 224 -5.43 31.02 5.84
CA THR A 224 -4.55 31.56 4.82
C THR A 224 -5.07 31.25 3.43
N GLN A 225 -5.33 29.99 3.16
CA GLN A 225 -5.84 29.56 1.86
C GLN A 225 -4.70 29.27 0.90
N GLU A 226 -3.56 28.85 1.44
CA GLU A 226 -2.39 28.55 0.62
C GLU A 226 -2.57 27.21 -0.09
N HIS A 227 -2.22 27.19 -1.38
CA HIS A 227 -2.33 25.98 -2.18
C HIS A 227 -1.32 24.94 -1.74
N PHE A 228 -0.04 25.27 -1.89
CA PHE A 228 1.03 24.35 -1.51
C PHE A 228 1.95 24.98 -0.47
N THR A 229 2.50 24.16 0.41
CA THR A 229 3.40 24.64 1.45
C THR A 229 4.44 23.59 1.81
N HIS A 230 5.53 24.03 2.43
CA HIS A 230 6.60 23.14 2.82
C HIS A 230 6.15 22.19 3.93
N ASN A 231 6.48 20.91 3.78
CA ASN A 231 6.11 19.91 4.77
C ASN A 231 7.09 19.88 5.93
N THR A 232 6.87 20.74 6.91
CA THR A 232 7.74 20.83 8.08
C THR A 232 7.48 19.65 9.03
N VAL A 233 6.27 19.13 8.99
CA VAL A 233 5.90 18.00 9.85
C VAL A 233 6.62 16.72 9.43
N ARG A 234 6.43 16.34 8.18
CA ARG A 234 7.06 15.14 7.64
C ARG A 234 8.56 15.35 7.47
N GLY A 235 9.00 16.60 7.56
CA GLY A 235 10.41 16.91 7.40
C GLY A 235 10.85 16.88 5.95
N CYS A 236 9.89 16.81 5.04
CA CYS A 236 10.19 16.78 3.61
C CYS A 236 8.91 16.84 2.79
N SER A 237 9.06 17.12 1.50
CA SER A 237 7.91 17.22 0.60
C SER A 237 7.15 18.51 0.82
N TYR A 238 5.86 18.50 0.51
CA TYR A 238 5.02 19.68 0.66
C TYR A 238 3.65 19.31 1.23
N PHE A 239 2.78 20.30 1.36
CA PHE A 239 1.44 20.09 1.89
C PHE A 239 0.39 20.70 0.97
N TYR A 240 -0.66 19.94 0.69
CA TYR A 240 -1.74 20.42 -0.18
C TYR A 240 -2.97 20.78 0.64
N SER A 241 -3.63 21.86 0.25
CA SER A 241 -4.84 22.32 0.95
C SER A 241 -6.09 21.85 0.23
N TYR A 242 -7.25 22.17 0.81
CA TYR A 242 -8.52 21.78 0.22
C TYR A 242 -8.70 22.39 -1.17
N PRO A 243 -8.37 23.68 -1.29
CA PRO A 243 -8.47 24.42 -2.55
C PRO A 243 -7.46 23.95 -3.58
N ALA A 244 -6.30 23.50 -3.10
CA ALA A 244 -5.24 23.02 -3.98
C ALA A 244 -5.65 21.74 -4.68
N VAL A 245 -6.15 20.78 -3.90
CA VAL A 245 -6.58 19.50 -4.46
C VAL A 245 -7.80 19.66 -5.35
N CYS A 246 -8.74 20.48 -4.91
CA CYS A 246 -9.96 20.74 -5.65
C CYS A 246 -9.65 21.32 -7.03
N GLU A 247 -8.55 22.08 -7.10
CA GLU A 247 -8.14 22.69 -8.36
C GLU A 247 -7.58 21.66 -9.32
N PHE A 248 -6.74 20.78 -8.80
CA PHE A 248 -6.13 19.73 -9.62
C PHE A 248 -7.18 18.78 -10.16
N LEU A 249 -8.12 18.39 -9.30
CA LEU A 249 -9.18 17.47 -9.69
C LEU A 249 -9.99 18.05 -10.85
N GLN A 250 -10.53 19.24 -10.65
CA GLN A 250 -11.34 19.90 -11.68
C GLN A 250 -10.56 19.99 -12.99
N HIS A 251 -9.28 20.33 -12.91
CA HIS A 251 -8.44 20.44 -14.08
C HIS A 251 -8.26 19.09 -14.76
N ASN A 252 -8.15 18.04 -13.95
CA ASN A 252 -7.98 16.69 -14.47
C ASN A 252 -9.30 15.94 -14.50
N ASN A 253 -10.39 16.65 -14.22
CA ASN A 253 -11.72 16.06 -14.21
C ASN A 253 -11.72 14.75 -13.44
N LEU A 254 -11.22 14.81 -12.21
CA LEU A 254 -11.17 13.62 -11.35
C LEU A 254 -12.29 13.65 -10.32
N LEU A 255 -12.71 12.46 -9.88
CA LEU A 255 -13.78 12.35 -8.89
C LEU A 255 -13.23 12.54 -7.49
N SER A 256 -12.25 11.72 -7.11
CA SER A 256 -11.65 11.79 -5.79
C SER A 256 -10.25 11.17 -5.79
N ILE A 257 -9.48 11.47 -4.76
CA ILE A 257 -8.12 10.94 -4.65
C ILE A 257 -8.01 9.98 -3.47
N LEU A 258 -7.85 8.69 -3.79
CA LEU A 258 -7.73 7.66 -2.77
C LEU A 258 -6.26 7.33 -2.50
N ARG A 259 -5.85 7.45 -1.24
CA ARG A 259 -4.47 7.16 -0.86
C ARG A 259 -4.37 6.89 0.64
N ALA A 260 -3.14 6.73 1.13
CA ALA A 260 -2.91 6.47 2.54
C ALA A 260 -1.75 7.30 3.08
N HIS A 261 -0.77 6.62 3.66
CA HIS A 261 0.40 7.30 4.21
C HIS A 261 0.05 8.03 5.50
N GLU A 262 -1.24 8.05 5.84
CA GLU A 262 -1.70 8.71 7.05
C GLU A 262 -2.51 7.76 7.92
N ALA A 263 -1.96 7.42 9.09
CA ALA A 263 -2.64 6.51 10.01
C ALA A 263 -3.98 7.07 10.45
N GLN A 264 -4.98 6.19 10.57
CA GLN A 264 -6.31 6.60 10.98
C GLN A 264 -6.83 5.71 12.10
N ASP A 265 -7.48 6.31 13.09
CA ASP A 265 -8.03 5.58 14.21
C ASP A 265 -9.16 4.65 13.76
N ALA A 266 -9.80 5.00 12.66
CA ALA A 266 -10.89 4.20 12.12
C ALA A 266 -10.47 3.48 10.85
N GLY A 267 -9.18 3.54 10.53
CA GLY A 267 -8.66 2.89 9.35
C GLY A 267 -8.97 3.66 8.08
N TYR A 268 -9.59 4.82 8.24
CA TYR A 268 -9.94 5.66 7.10
C TYR A 268 -10.35 7.06 7.55
N ARG A 269 -10.38 8.00 6.61
CA ARG A 269 -10.74 9.37 6.91
C ARG A 269 -11.18 10.11 5.65
N MET A 270 -12.34 10.76 5.73
CA MET A 270 -12.87 11.50 4.59
C MET A 270 -12.57 12.99 4.72
N TYR A 271 -12.05 13.58 3.65
CA TYR A 271 -11.71 15.00 3.65
C TYR A 271 -12.84 15.83 3.03
N ARG A 272 -12.74 17.15 3.17
CA ARG A 272 -13.74 18.04 2.62
C ARG A 272 -14.20 17.57 1.24
N LYS A 273 -15.51 17.58 1.03
CA LYS A 273 -16.08 17.15 -0.24
C LYS A 273 -16.17 18.32 -1.23
N SER A 274 -16.36 18.00 -2.50
CA SER A 274 -16.46 19.02 -3.53
C SER A 274 -17.75 19.83 -3.39
N GLN A 275 -17.68 21.12 -3.67
CA GLN A 275 -18.84 21.99 -3.57
C GLN A 275 -19.90 21.61 -4.60
N THR A 276 -19.47 20.93 -5.66
CA THR A 276 -20.39 20.50 -6.71
C THR A 276 -21.00 19.14 -6.40
N THR A 277 -20.16 18.12 -6.29
CA THR A 277 -20.63 16.78 -5.98
C THR A 277 -20.50 16.47 -4.49
N GLY A 278 -21.43 15.66 -3.98
CA GLY A 278 -21.40 15.32 -2.57
C GLY A 278 -20.38 14.24 -2.26
N PHE A 279 -19.25 14.29 -2.96
CA PHE A 279 -18.18 13.31 -2.76
C PHE A 279 -16.93 13.98 -2.18
N PRO A 280 -16.17 13.21 -1.39
CA PRO A 280 -14.95 13.71 -0.75
C PRO A 280 -13.83 13.94 -1.77
N SER A 281 -13.18 15.10 -1.66
CA SER A 281 -12.09 15.45 -2.57
C SER A 281 -10.88 14.55 -2.34
N LEU A 282 -10.71 14.11 -1.09
CA LEU A 282 -9.59 13.25 -0.73
C LEU A 282 -10.02 12.19 0.28
N ILE A 283 -9.39 11.03 0.22
CA ILE A 283 -9.70 9.94 1.13
C ILE A 283 -8.44 9.20 1.57
N THR A 284 -8.31 8.98 2.86
CA THR A 284 -7.15 8.29 3.42
C THR A 284 -7.52 6.90 3.94
N ILE A 285 -6.83 5.88 3.46
CA ILE A 285 -7.09 4.51 3.88
C ILE A 285 -5.89 3.92 4.62
N PHE A 286 -6.16 3.30 5.76
CA PHE A 286 -5.11 2.69 6.57
C PHE A 286 -5.45 1.25 6.91
N SER A 287 -4.65 0.33 6.39
CA SER A 287 -4.87 -1.10 6.63
C SER A 287 -3.85 -1.64 7.64
N ALA A 288 -3.35 -0.76 8.49
CA ALA A 288 -2.37 -1.15 9.50
C ALA A 288 -2.90 -0.91 10.91
N PRO A 289 -3.60 -1.92 11.45
CA PRO A 289 -4.17 -1.85 12.80
C PRO A 289 -3.10 -1.85 13.90
N ASN A 290 -3.45 -1.30 15.05
CA ASN A 290 -2.53 -1.24 16.17
C ASN A 290 -1.16 -0.72 15.72
N TYR A 291 -1.15 0.46 15.11
CA TYR A 291 0.08 1.07 14.63
C TYR A 291 1.13 1.14 15.74
N LEU A 292 2.38 0.87 15.39
CA LEU A 292 3.47 0.90 16.36
C LEU A 292 3.20 -0.04 17.52
N ASP A 293 2.25 -0.95 17.32
CA ASP A 293 1.90 -1.92 18.36
C ASP A 293 1.43 -1.21 19.63
N VAL A 294 1.33 0.11 19.55
CA VAL A 294 0.90 0.91 20.69
C VAL A 294 -0.53 1.43 20.50
N TYR A 295 -0.70 2.27 19.47
CA TYR A 295 -2.01 2.83 19.18
C TYR A 295 -3.04 1.73 18.93
N ASN A 296 -4.25 1.94 19.45
CA ASN A 296 -5.32 0.97 19.29
C ASN A 296 -6.21 1.33 18.10
N ASN A 297 -5.59 1.83 17.04
CA ASN A 297 -6.33 2.22 15.84
C ASN A 297 -6.78 1.00 15.04
N LYS A 298 -7.88 1.14 14.33
CA LYS A 298 -8.41 0.04 13.52
C LYS A 298 -8.00 0.19 12.06
N ALA A 299 -8.17 -0.87 11.29
CA ALA A 299 -7.82 -0.86 9.88
C ALA A 299 -9.06 -0.99 9.00
N ALA A 300 -8.91 -0.69 7.71
CA ALA A 300 -10.02 -0.77 6.77
C ALA A 300 -9.52 -0.71 5.33
N VAL A 301 -10.39 -1.07 4.39
CA VAL A 301 -10.03 -1.06 2.98
C VAL A 301 -11.18 -0.54 2.13
N LEU A 302 -10.86 0.27 1.13
CA LEU A 302 -11.87 0.84 0.24
C LEU A 302 -12.22 -0.13 -0.89
N LYS A 303 -13.50 -0.39 -1.06
CA LYS A 303 -13.97 -1.30 -2.10
C LYS A 303 -14.93 -0.59 -3.06
N TYR A 304 -14.45 -0.29 -4.26
CA TYR A 304 -15.27 0.37 -5.26
C TYR A 304 -15.75 -0.60 -6.32
N GLU A 305 -17.07 -0.71 -6.47
CA GLU A 305 -17.66 -1.61 -7.45
C GLU A 305 -19.08 -1.18 -7.80
N ASN A 306 -19.46 -1.36 -9.06
CA ASN A 306 -20.79 -0.99 -9.53
C ASN A 306 -21.19 0.37 -8.98
N ASN A 307 -20.30 1.35 -9.10
CA ASN A 307 -20.56 2.70 -8.62
C ASN A 307 -20.95 2.68 -7.14
N VAL A 308 -20.28 1.82 -6.37
CA VAL A 308 -20.54 1.71 -4.94
C VAL A 308 -19.25 1.68 -4.15
N MET A 309 -19.14 2.58 -3.18
CA MET A 309 -17.94 2.66 -2.33
C MET A 309 -18.21 2.04 -0.96
N ASN A 310 -17.80 0.79 -0.80
CA ASN A 310 -17.98 0.09 0.47
C ASN A 310 -16.70 0.07 1.28
N ILE A 311 -16.78 0.52 2.53
CA ILE A 311 -15.63 0.55 3.41
C ILE A 311 -15.69 -0.55 4.46
N ARG A 312 -14.70 -1.44 4.46
CA ARG A 312 -14.65 -2.53 5.41
C ARG A 312 -13.62 -2.26 6.51
N GLN A 313 -14.08 -2.31 7.75
CA GLN A 313 -13.20 -2.06 8.89
C GLN A 313 -12.88 -3.36 9.63
N PHE A 314 -11.71 -3.42 10.24
CA PHE A 314 -11.29 -4.60 10.98
C PHE A 314 -10.35 -4.22 12.12
N ASN A 315 -10.20 -5.13 13.08
CA ASN A 315 -9.34 -4.89 14.23
C ASN A 315 -7.97 -5.54 14.03
N CYS A 316 -7.06 -5.29 14.96
CA CYS A 316 -5.71 -5.84 14.88
C CYS A 316 -5.75 -7.36 15.04
N SER A 317 -4.62 -8.01 14.73
CA SER A 317 -4.53 -9.46 14.83
C SER A 317 -3.42 -9.87 15.80
N PRO A 318 -3.51 -11.11 16.31
CA PRO A 318 -2.52 -11.65 17.25
C PRO A 318 -1.17 -11.90 16.60
N HIS A 319 -0.11 -11.65 17.35
CA HIS A 319 1.25 -11.85 16.85
C HIS A 319 2.25 -11.93 17.99
N PRO A 320 3.41 -12.55 17.73
CA PRO A 320 4.47 -12.71 18.73
C PRO A 320 5.15 -11.39 19.07
N TYR A 321 5.84 -11.35 20.20
CA TYR A 321 6.53 -10.15 20.63
C TYR A 321 7.97 -10.15 20.14
N TRP A 322 8.40 -9.00 19.61
CA TRP A 322 9.75 -8.86 19.09
C TRP A 322 10.42 -7.61 19.65
N LEU A 323 11.63 -7.77 20.19
CA LEU A 323 12.37 -6.66 20.77
C LEU A 323 12.82 -5.69 19.68
N PRO A 324 13.21 -4.48 20.09
CA PRO A 324 13.66 -3.44 19.16
C PRO A 324 15.02 -3.77 18.54
N ASN A 325 15.10 -3.64 17.22
CA ASN A 325 16.34 -3.93 16.50
C ASN A 325 16.75 -5.39 16.69
N PHE A 326 15.77 -6.23 17.00
CA PHE A 326 16.02 -7.66 17.21
C PHE A 326 17.01 -7.87 18.35
N MET A 327 17.03 -6.93 19.29
CA MET A 327 17.93 -7.03 20.44
C MET A 327 17.56 -8.23 21.31
N GLY B 1 -24.72 14.37 1.05
CA GLY B 1 -24.50 12.94 0.89
C GLY B 1 -23.88 12.60 -0.45
N PRO B 2 -23.36 11.36 -0.56
CA PRO B 2 -22.73 10.88 -1.80
C PRO B 2 -23.73 10.69 -2.93
N HIS B 3 -23.50 11.36 -4.05
CA HIS B 3 -24.38 11.25 -5.20
C HIS B 3 -24.61 9.78 -5.57
N PRO B 4 -23.53 9.08 -5.91
CA PRO B 4 -23.59 7.66 -6.29
C PRO B 4 -23.93 6.76 -5.12
N VAL B 5 -23.78 5.45 -5.31
CA VAL B 5 -24.07 4.48 -4.26
C VAL B 5 -22.91 4.38 -3.27
N ILE B 6 -23.21 3.98 -2.05
CA ILE B 6 -22.19 3.83 -1.01
C ILE B 6 -22.72 3.03 0.17
N VAL B 7 -21.90 2.13 0.68
CA VAL B 7 -22.28 1.29 1.81
C VAL B 7 -21.13 1.16 2.81
N ILE B 8 -21.39 0.46 3.91
CA ILE B 8 -20.38 0.27 4.94
C ILE B 8 -20.76 -0.87 5.88
N THR B 9 -19.78 -1.68 6.25
CA THR B 9 -20.01 -2.82 7.13
C THR B 9 -19.66 -2.46 8.58
N GLY B 10 -19.85 -3.42 9.48
CA GLY B 10 -19.55 -3.19 10.88
C GLY B 10 -18.14 -3.60 11.25
N PRO B 11 -17.64 -3.08 12.39
CA PRO B 11 -16.30 -3.38 12.88
C PRO B 11 -16.16 -4.82 13.35
N HIS B 12 -14.99 -5.16 13.87
CA HIS B 12 -14.73 -6.51 14.36
C HIS B 12 -14.77 -6.54 15.89
N GLU B 13 -14.76 -5.37 16.51
CA GLU B 13 -14.80 -5.27 17.97
C GLU B 13 -14.77 -3.81 18.41
N GLU B 14 -15.95 -3.26 18.68
CA GLU B 14 -16.07 -1.88 19.11
C GLU B 14 -15.14 -1.59 20.27
N LEU B 15 -14.44 -0.45 20.21
CA LEU B 15 -13.51 -0.06 21.25
C LEU B 15 -14.16 0.90 22.24
N GLU B 16 -14.46 2.11 21.77
CA GLU B 16 -15.09 3.12 22.61
C GLU B 16 -16.58 3.26 22.27
N VAL A 1 2.60 -22.00 22.73
CA VAL A 1 2.84 -21.22 21.52
C VAL A 1 3.37 -22.11 20.39
N PRO A 2 2.96 -21.80 19.15
CA PRO A 2 3.39 -22.56 17.98
C PRO A 2 4.87 -22.35 17.65
N PHE A 3 5.47 -23.36 17.01
CA PHE A 3 6.89 -23.28 16.65
C PHE A 3 7.06 -23.24 15.13
N PRO A 4 7.96 -22.38 14.66
CA PRO A 4 8.25 -22.23 13.23
C PRO A 4 8.95 -23.45 12.65
N PRO A 5 8.46 -23.92 11.50
CA PRO A 5 9.03 -25.08 10.81
C PRO A 5 10.40 -24.79 10.21
N SER A 6 11.38 -25.63 10.51
CA SER A 6 12.74 -25.46 10.01
C SER A 6 12.81 -25.84 8.53
N HIS A 7 11.89 -26.69 8.09
CA HIS A 7 11.86 -27.14 6.70
C HIS A 7 11.47 -25.98 5.78
N ARG A 8 12.39 -25.61 4.90
CA ARG A 8 12.14 -24.52 3.97
C ARG A 8 11.51 -25.04 2.67
N LEU A 9 10.43 -24.40 2.24
CA LEU A 9 9.74 -24.80 1.03
C LEU A 9 10.63 -24.63 -0.19
N THR A 10 10.59 -25.61 -1.09
CA THR A 10 11.40 -25.57 -2.30
C THR A 10 10.58 -25.05 -3.49
N ALA A 11 11.28 -24.71 -4.57
CA ALA A 11 10.62 -24.19 -5.76
C ALA A 11 9.53 -25.15 -6.24
N LYS A 12 9.89 -26.40 -6.45
CA LYS A 12 8.93 -27.40 -6.91
C LYS A 12 7.79 -27.57 -5.90
N GLU A 13 8.01 -27.07 -4.69
CA GLU A 13 7.00 -27.17 -3.64
C GLU A 13 6.05 -25.98 -3.69
N VAL A 14 6.58 -24.82 -4.12
CA VAL A 14 5.77 -23.60 -4.21
C VAL A 14 5.14 -23.48 -5.59
N PHE A 15 5.88 -23.88 -6.62
CA PHE A 15 5.39 -23.82 -7.99
C PHE A 15 5.12 -25.22 -8.54
N ASP A 16 3.97 -25.39 -9.18
CA ASP A 16 3.59 -26.67 -9.75
C ASP A 16 4.19 -26.85 -11.14
N ASN A 17 3.94 -28.00 -11.75
CA ASN A 17 4.45 -28.29 -13.09
C ASN A 17 4.02 -27.22 -14.08
N ASP A 18 2.86 -26.61 -13.84
CA ASP A 18 2.34 -25.57 -14.71
C ASP A 18 3.04 -24.24 -14.44
N GLY A 19 3.99 -24.25 -13.51
CA GLY A 19 4.71 -23.03 -13.18
C GLY A 19 3.88 -22.07 -12.36
N LYS A 20 2.73 -22.54 -11.87
CA LYS A 20 1.85 -21.71 -11.07
C LYS A 20 2.10 -21.93 -9.58
N PRO A 21 2.24 -20.83 -8.83
CA PRO A 21 2.49 -20.87 -7.39
C PRO A 21 1.27 -21.35 -6.61
N ARG A 22 1.51 -22.08 -5.53
CA ARG A 22 0.42 -22.60 -4.69
C ARG A 22 0.20 -21.71 -3.48
N VAL A 23 -0.53 -20.61 -3.68
CA VAL A 23 -0.81 -19.68 -2.59
C VAL A 23 -1.38 -20.40 -1.38
N ASP A 24 -2.04 -21.53 -1.62
CA ASP A 24 -2.62 -22.33 -0.55
C ASP A 24 -1.54 -22.95 0.32
N ILE A 25 -0.53 -23.53 -0.32
CA ILE A 25 0.56 -24.17 0.40
C ILE A 25 1.41 -23.13 1.13
N LEU A 26 1.65 -22.00 0.47
CA LEU A 26 2.45 -20.93 1.05
C LEU A 26 1.73 -20.29 2.23
N LYS A 27 0.47 -19.95 2.03
CA LYS A 27 -0.34 -19.33 3.09
C LYS A 27 -0.28 -20.16 4.37
N ALA A 28 -0.60 -21.44 4.25
CA ALA A 28 -0.58 -22.34 5.40
C ALA A 28 0.79 -22.35 6.07
N HIS A 29 1.84 -22.47 5.25
CA HIS A 29 3.21 -22.50 5.76
C HIS A 29 3.54 -21.20 6.49
N LEU A 30 3.34 -20.07 5.81
CA LEU A 30 3.62 -18.76 6.39
C LEU A 30 2.89 -18.59 7.73
N MET A 31 1.67 -19.11 7.79
CA MET A 31 0.86 -19.01 9.01
C MET A 31 1.56 -19.72 10.17
N LYS A 32 2.39 -20.71 9.85
CA LYS A 32 3.12 -21.46 10.86
C LYS A 32 4.51 -20.88 11.07
N GLU A 33 4.75 -19.70 10.51
CA GLU A 33 6.04 -19.03 10.64
C GLU A 33 7.12 -19.79 9.85
N GLY A 34 6.72 -20.32 8.69
CA GLY A 34 7.66 -21.05 7.86
C GLY A 34 8.35 -20.18 6.84
N ARG A 35 9.58 -20.52 6.51
CA ARG A 35 10.36 -19.75 5.54
C ARG A 35 10.65 -20.57 4.29
N LEU A 36 10.94 -19.90 3.19
CA LEU A 36 11.23 -20.57 1.93
C LEU A 36 12.74 -20.58 1.67
N GLU A 37 13.14 -21.28 0.61
CA GLU A 37 14.55 -21.39 0.25
C GLU A 37 15.02 -20.09 -0.42
N GLU A 38 16.24 -19.68 -0.06
CA GLU A 38 16.81 -18.46 -0.62
C GLU A 38 16.63 -18.42 -2.14
N SER A 39 16.69 -19.58 -2.77
CA SER A 39 16.54 -19.68 -4.21
C SER A 39 15.11 -19.37 -4.64
N VAL A 40 14.15 -19.90 -3.88
CA VAL A 40 12.74 -19.69 -4.18
C VAL A 40 12.35 -18.22 -3.99
N ALA A 41 12.75 -17.66 -2.85
CA ALA A 41 12.45 -16.27 -2.54
C ALA A 41 12.98 -15.34 -3.64
N LEU A 42 14.20 -15.59 -4.08
CA LEU A 42 14.82 -14.78 -5.11
C LEU A 42 14.05 -14.90 -6.44
N ARG A 43 13.53 -16.09 -6.70
CA ARG A 43 12.78 -16.34 -7.92
C ARG A 43 11.47 -15.55 -7.93
N ILE A 44 10.78 -15.56 -6.79
CA ILE A 44 9.52 -14.84 -6.66
C ILE A 44 9.72 -13.35 -6.83
N ILE A 45 10.71 -12.80 -6.14
CA ILE A 45 11.01 -11.38 -6.21
C ILE A 45 11.39 -10.97 -7.63
N THR A 46 12.36 -11.67 -8.21
CA THR A 46 12.81 -11.40 -9.57
C THR A 46 11.69 -11.57 -10.57
N GLU A 47 10.84 -12.58 -10.34
CA GLU A 47 9.72 -12.85 -11.24
C GLU A 47 8.68 -11.74 -11.16
N GLY A 48 8.49 -11.19 -9.96
CA GLY A 48 7.52 -10.12 -9.78
C GLY A 48 8.00 -8.81 -10.37
N ALA A 49 9.29 -8.53 -10.25
CA ALA A 49 9.86 -7.30 -10.78
C ALA A 49 9.71 -7.24 -12.29
N SER A 50 9.93 -8.37 -12.95
CA SER A 50 9.83 -8.44 -14.41
C SER A 50 8.44 -8.03 -14.88
N ILE A 51 7.42 -8.49 -14.16
CA ILE A 51 6.04 -8.17 -14.50
C ILE A 51 5.75 -6.70 -14.27
N LEU A 52 6.14 -6.19 -13.11
CA LEU A 52 5.92 -4.79 -12.77
C LEU A 52 6.66 -3.87 -13.74
N ARG A 53 7.86 -4.27 -14.13
CA ARG A 53 8.67 -3.49 -15.06
C ARG A 53 7.91 -3.22 -16.35
N GLN A 54 6.99 -4.13 -16.70
CA GLN A 54 6.21 -3.99 -17.91
C GLN A 54 5.06 -2.99 -17.71
N GLU A 55 4.69 -2.79 -16.45
CA GLU A 55 3.62 -1.86 -16.11
C GLU A 55 4.07 -0.41 -16.29
N LYS A 56 3.11 0.50 -16.35
CA LYS A 56 3.40 1.92 -16.51
C LYS A 56 3.30 2.65 -15.17
N ASN A 57 3.96 3.81 -15.09
CA ASN A 57 3.94 4.61 -13.87
C ASN A 57 2.51 4.80 -13.36
N LEU A 58 1.62 5.22 -14.26
CA LEU A 58 0.22 5.44 -13.89
C LEU A 58 -0.69 4.48 -14.66
N LEU A 59 -1.09 3.39 -14.00
CA LEU A 59 -1.96 2.41 -14.62
C LEU A 59 -3.39 2.94 -14.75
N ASP A 60 -4.08 2.54 -15.81
CA ASP A 60 -5.44 2.98 -16.05
C ASP A 60 -6.34 1.79 -16.36
N ILE A 61 -7.07 1.32 -15.35
CA ILE A 61 -7.96 0.19 -15.52
C ILE A 61 -9.35 0.50 -14.98
N ASP A 62 -10.37 0.16 -15.76
CA ASP A 62 -11.76 0.41 -15.36
C ASP A 62 -12.40 -0.88 -14.84
N ALA A 63 -12.30 -1.10 -13.52
CA ALA A 63 -12.88 -2.28 -12.91
C ALA A 63 -12.93 -2.14 -11.39
N PRO A 64 -13.82 -2.91 -10.75
CA PRO A 64 -13.98 -2.89 -9.29
C PRO A 64 -12.79 -3.49 -8.57
N VAL A 65 -12.11 -2.68 -7.77
CA VAL A 65 -10.96 -3.13 -7.02
C VAL A 65 -10.99 -2.60 -5.58
N THR A 66 -10.33 -3.32 -4.67
CA THR A 66 -10.29 -2.92 -3.27
C THR A 66 -8.94 -2.32 -2.92
N VAL A 67 -8.94 -1.04 -2.55
CA VAL A 67 -7.71 -0.34 -2.18
C VAL A 67 -7.33 -0.63 -0.74
N CYS A 68 -6.05 -0.90 -0.50
CA CYS A 68 -5.56 -1.19 0.84
C CYS A 68 -4.54 -0.14 1.28
N GLY A 69 -4.53 0.13 2.58
CA GLY A 69 -3.60 1.12 3.11
C GLY A 69 -2.25 0.52 3.46
N ASP A 70 -1.44 1.28 4.19
CA ASP A 70 -0.12 0.82 4.58
C ASP A 70 -0.20 -0.51 5.31
N ILE A 71 0.79 -1.37 5.06
CA ILE A 71 0.83 -2.69 5.70
C ILE A 71 1.92 -2.75 6.77
N HIS A 72 3.08 -2.20 6.45
CA HIS A 72 4.21 -2.19 7.38
C HIS A 72 4.62 -3.61 7.74
N GLY A 73 4.89 -4.42 6.72
CA GLY A 73 5.30 -5.79 6.96
C GLY A 73 4.42 -6.50 7.98
N GLN A 74 3.17 -6.07 8.06
CA GLN A 74 2.23 -6.66 9.01
C GLN A 74 1.52 -7.87 8.39
N PHE A 75 2.30 -8.92 8.12
CA PHE A 75 1.76 -10.14 7.54
C PHE A 75 0.56 -10.65 8.34
N PHE A 76 0.71 -10.64 9.66
CA PHE A 76 -0.35 -11.11 10.54
C PHE A 76 -1.64 -10.36 10.29
N ASP A 77 -1.51 -9.10 9.86
CA ASP A 77 -2.69 -8.27 9.57
C ASP A 77 -3.07 -8.38 8.10
N LEU A 78 -2.15 -8.85 7.28
CA LEU A 78 -2.39 -9.00 5.85
C LEU A 78 -3.24 -10.24 5.57
N MET A 79 -3.10 -11.25 6.41
CA MET A 79 -3.86 -12.50 6.26
C MET A 79 -5.33 -12.26 6.58
N LYS A 80 -5.59 -11.54 7.65
CA LYS A 80 -6.97 -11.26 8.07
C LYS A 80 -7.65 -10.33 7.06
N LEU A 81 -6.91 -9.36 6.56
CA LEU A 81 -7.45 -8.41 5.60
C LEU A 81 -8.06 -9.14 4.40
N PHE A 82 -7.31 -10.08 3.84
CA PHE A 82 -7.77 -10.85 2.69
C PHE A 82 -9.02 -11.65 3.05
N GLU A 83 -9.10 -12.09 4.31
CA GLU A 83 -10.24 -12.87 4.78
C GLU A 83 -11.51 -12.03 4.80
N VAL A 84 -11.37 -10.79 5.26
CA VAL A 84 -12.51 -9.87 5.33
C VAL A 84 -12.85 -9.32 3.95
N GLY A 85 -11.82 -9.03 3.16
CA GLY A 85 -12.05 -8.49 1.83
C GLY A 85 -12.43 -9.57 0.83
N GLY A 86 -11.99 -10.80 1.09
CA GLY A 86 -12.29 -11.89 0.19
C GLY A 86 -11.05 -12.51 -0.43
N SER A 87 -11.19 -13.72 -0.95
CA SER A 87 -10.07 -14.41 -1.57
C SER A 87 -9.62 -13.70 -2.84
N PRO A 88 -8.31 -13.59 -3.03
CA PRO A 88 -7.72 -12.93 -4.20
C PRO A 88 -7.91 -13.74 -5.47
N ALA A 89 -8.31 -15.00 -5.32
CA ALA A 89 -8.54 -15.88 -6.45
C ALA A 89 -9.69 -15.37 -7.32
N ASN A 90 -10.60 -14.63 -6.70
CA ASN A 90 -11.76 -14.08 -7.41
C ASN A 90 -12.04 -12.66 -6.97
N THR A 91 -11.09 -12.07 -6.24
CA THR A 91 -11.24 -10.70 -5.76
C THR A 91 -10.03 -9.85 -6.14
N ARG A 92 -10.29 -8.68 -6.71
CA ARG A 92 -9.21 -7.79 -7.13
C ARG A 92 -8.79 -6.89 -5.97
N TYR A 93 -7.48 -6.85 -5.71
CA TYR A 93 -6.94 -6.04 -4.63
C TYR A 93 -5.96 -4.99 -5.17
N LEU A 94 -5.75 -3.93 -4.40
CA LEU A 94 -4.84 -2.87 -4.80
C LEU A 94 -4.15 -2.27 -3.58
N PHE A 95 -2.82 -2.38 -3.55
CA PHE A 95 -2.03 -1.85 -2.45
C PHE A 95 -1.49 -0.47 -2.78
N LEU A 96 -1.44 0.40 -1.77
CA LEU A 96 -0.95 1.76 -1.96
C LEU A 96 0.54 1.85 -1.63
N GLY A 97 1.15 0.69 -1.37
CA GLY A 97 2.57 0.66 -1.05
C GLY A 97 2.82 0.48 0.44
N ASP A 98 4.03 0.79 0.88
CA ASP A 98 4.40 0.66 2.28
C ASP A 98 4.08 -0.74 2.79
N TYR A 99 4.81 -1.73 2.28
CA TYR A 99 4.62 -3.12 2.68
C TYR A 99 5.72 -3.58 3.63
N VAL A 100 6.78 -2.79 3.71
CA VAL A 100 7.92 -3.12 4.57
C VAL A 100 8.10 -2.06 5.65
N ASP A 101 9.07 -2.30 6.54
CA ASP A 101 9.35 -1.36 7.62
C ASP A 101 8.29 -1.47 8.72
N ARG A 102 8.67 -1.08 9.93
CA ARG A 102 7.76 -1.13 11.07
C ARG A 102 7.57 -2.57 11.54
N GLY A 103 6.93 -3.39 10.70
CA GLY A 103 6.69 -4.78 11.05
C GLY A 103 7.92 -5.64 10.84
N TYR A 104 8.11 -6.62 11.73
CA TYR A 104 9.24 -7.51 11.64
C TYR A 104 8.96 -8.68 10.70
N PHE A 105 7.96 -8.50 9.84
CA PHE A 105 7.58 -9.54 8.88
C PHE A 105 7.39 -8.95 7.49
N SER A 106 8.23 -7.97 7.15
CA SER A 106 8.16 -7.33 5.85
C SER A 106 8.46 -8.33 4.73
N ILE A 107 9.42 -9.21 4.98
CA ILE A 107 9.81 -10.22 3.99
C ILE A 107 8.63 -11.11 3.63
N GLU A 108 7.83 -11.49 4.64
CA GLU A 108 6.67 -12.34 4.43
C GLU A 108 5.62 -11.62 3.58
N CYS A 109 5.51 -10.31 3.78
CA CYS A 109 4.54 -9.51 3.06
C CYS A 109 4.94 -9.35 1.59
N VAL A 110 6.21 -9.02 1.37
CA VAL A 110 6.72 -8.85 0.02
C VAL A 110 6.68 -10.16 -0.76
N LEU A 111 7.10 -11.23 -0.11
CA LEU A 111 7.11 -12.56 -0.74
C LEU A 111 5.70 -12.99 -1.11
N TYR A 112 4.78 -12.88 -0.16
CA TYR A 112 3.39 -13.26 -0.38
C TYR A 112 2.72 -12.33 -1.39
N LEU A 113 3.05 -11.05 -1.32
CA LEU A 113 2.49 -10.06 -2.23
C LEU A 113 3.01 -10.27 -3.65
N TRP A 114 4.30 -10.60 -3.76
CA TRP A 114 4.92 -10.83 -5.06
C TRP A 114 4.36 -12.08 -5.71
N ALA A 115 4.24 -13.15 -4.93
CA ALA A 115 3.72 -14.41 -5.43
C ALA A 115 2.27 -14.27 -5.89
N LEU A 116 1.49 -13.51 -5.13
CA LEU A 116 0.08 -13.29 -5.45
C LEU A 116 -0.06 -12.45 -6.71
N LYS A 117 0.90 -11.56 -6.94
CA LYS A 117 0.88 -10.70 -8.11
C LYS A 117 1.19 -11.49 -9.37
N ILE A 118 2.12 -12.43 -9.26
CA ILE A 118 2.51 -13.27 -10.40
C ILE A 118 1.40 -14.25 -10.76
N LEU A 119 0.67 -14.71 -9.76
CA LEU A 119 -0.43 -15.64 -9.98
C LEU A 119 -1.65 -14.94 -10.54
N TYR A 120 -1.94 -13.76 -10.01
CA TYR A 120 -3.09 -12.97 -10.47
C TYR A 120 -2.68 -11.52 -10.73
N PRO A 121 -1.78 -11.32 -11.70
CA PRO A 121 -1.30 -9.99 -12.08
C PRO A 121 -2.38 -9.15 -12.76
N LYS A 122 -3.53 -9.76 -13.00
CA LYS A 122 -4.65 -9.07 -13.64
C LYS A 122 -5.75 -8.76 -12.63
N THR A 123 -5.52 -9.12 -11.38
CA THR A 123 -6.50 -8.89 -10.32
C THR A 123 -5.84 -8.30 -9.08
N LEU A 124 -4.52 -8.43 -9.00
CA LEU A 124 -3.76 -7.92 -7.86
C LEU A 124 -2.76 -6.86 -8.32
N PHE A 125 -2.95 -5.63 -7.84
CA PHE A 125 -2.06 -4.53 -8.19
C PHE A 125 -1.33 -4.00 -6.97
N LEU A 126 -0.04 -3.72 -7.13
CA LEU A 126 0.77 -3.21 -6.02
C LEU A 126 1.49 -1.92 -6.43
N LEU A 127 1.32 -0.88 -5.62
CA LEU A 127 1.95 0.40 -5.89
C LEU A 127 3.15 0.62 -4.97
N ARG A 128 4.05 1.50 -5.39
CA ARG A 128 5.25 1.80 -4.61
C ARG A 128 4.97 2.91 -3.59
N GLY A 129 5.55 2.79 -2.40
CA GLY A 129 5.35 3.78 -1.37
C GLY A 129 6.65 4.47 -0.96
N ASN A 130 6.53 5.52 -0.16
CA ASN A 130 7.69 6.27 0.29
C ASN A 130 8.66 5.36 1.03
N HIS A 131 8.17 4.22 1.48
CA HIS A 131 8.99 3.26 2.21
C HIS A 131 9.70 2.31 1.24
N GLU A 132 9.20 2.25 0.01
CA GLU A 132 9.78 1.37 -1.00
C GLU A 132 11.08 1.96 -1.55
N CYS A 133 12.09 2.03 -0.70
CA CYS A 133 13.39 2.58 -1.10
C CYS A 133 14.52 1.85 -0.38
N ARG A 134 15.76 2.24 -0.72
CA ARG A 134 16.93 1.63 -0.11
C ARG A 134 17.37 2.41 1.13
N HIS A 135 17.48 3.72 0.99
CA HIS A 135 17.89 4.58 2.09
C HIS A 135 17.01 4.34 3.32
N LEU A 136 15.72 4.20 3.10
CA LEU A 136 14.78 3.96 4.19
C LEU A 136 14.94 2.55 4.75
N THR A 137 15.03 1.56 3.86
CA THR A 137 15.19 0.17 4.26
C THR A 137 16.45 -0.01 5.11
N GLU A 138 17.47 0.79 4.82
CA GLU A 138 18.73 0.72 5.55
C GLU A 138 18.58 1.27 6.96
N TYR A 139 17.77 2.31 7.09
CA TYR A 139 17.54 2.93 8.40
C TYR A 139 16.60 2.07 9.25
N PHE A 140 15.56 1.55 8.62
CA PHE A 140 14.58 0.72 9.32
C PHE A 140 15.17 -0.65 9.64
N THR A 141 14.33 -1.55 10.15
CA THR A 141 14.77 -2.90 10.50
C THR A 141 14.54 -3.87 9.34
N PHE A 142 14.28 -3.32 8.16
CA PHE A 142 14.04 -4.15 6.97
C PHE A 142 15.33 -4.84 6.53
N LYS A 143 16.36 -4.05 6.29
CA LYS A 143 17.65 -4.59 5.85
C LYS A 143 18.15 -5.65 6.84
N GLN A 144 18.18 -5.29 8.12
CA GLN A 144 18.65 -6.21 9.16
C GLN A 144 17.81 -7.49 9.15
N GLU A 145 16.52 -7.36 8.87
CA GLU A 145 15.63 -8.51 8.84
C GLU A 145 16.02 -9.47 7.72
N CYS A 146 16.21 -8.93 6.52
CA CYS A 146 16.58 -9.75 5.37
C CYS A 146 17.91 -10.46 5.62
N LYS A 147 18.80 -9.80 6.36
CA LYS A 147 20.10 -10.36 6.66
C LYS A 147 20.00 -11.40 7.78
N ILE A 148 19.06 -11.17 8.69
CA ILE A 148 18.86 -12.09 9.82
C ILE A 148 18.09 -13.33 9.38
N LYS A 149 17.12 -13.15 8.50
CA LYS A 149 16.31 -14.25 8.00
C LYS A 149 16.99 -14.92 6.80
N TYR A 150 17.46 -14.10 5.87
CA TYR A 150 18.13 -14.60 4.67
C TYR A 150 19.53 -14.02 4.54
N SER A 151 19.69 -13.09 3.59
CA SER A 151 20.98 -12.45 3.37
C SER A 151 20.82 -11.15 2.56
N GLU A 152 21.93 -10.49 2.28
CA GLU A 152 21.91 -9.25 1.52
C GLU A 152 21.44 -9.49 0.10
N ARG A 153 21.58 -10.73 -0.37
CA ARG A 153 21.17 -11.10 -1.72
C ARG A 153 19.68 -10.83 -1.93
N VAL A 154 18.88 -11.27 -0.97
CA VAL A 154 17.43 -11.09 -1.05
C VAL A 154 17.06 -9.62 -0.92
N TYR A 155 17.74 -8.92 -0.02
CA TYR A 155 17.48 -7.50 0.21
C TYR A 155 17.69 -6.69 -1.07
N ASP A 156 18.84 -6.89 -1.70
CA ASP A 156 19.17 -6.18 -2.94
C ASP A 156 18.13 -6.48 -4.01
N ALA A 157 17.69 -7.72 -4.08
CA ALA A 157 16.70 -8.13 -5.07
C ALA A 157 15.41 -7.35 -4.90
N CYS A 158 14.95 -7.22 -3.66
CA CYS A 158 13.72 -6.50 -3.37
C CYS A 158 13.84 -5.03 -3.76
N MET A 159 14.98 -4.44 -3.47
CA MET A 159 15.23 -3.04 -3.80
C MET A 159 15.08 -2.80 -5.30
N ASP A 160 15.74 -3.62 -6.09
CA ASP A 160 15.68 -3.50 -7.55
C ASP A 160 14.26 -3.77 -8.06
N ALA A 161 13.54 -4.65 -7.36
CA ALA A 161 12.18 -4.98 -7.73
C ALA A 161 11.22 -3.85 -7.40
N PHE A 162 11.42 -3.24 -6.23
CA PHE A 162 10.57 -2.13 -5.80
C PHE A 162 10.60 -0.99 -6.81
N ASP A 163 11.75 -0.80 -7.43
CA ASP A 163 11.92 0.27 -8.42
C ASP A 163 11.06 0.00 -9.66
N CYS A 164 10.53 -1.21 -9.74
CA CYS A 164 9.68 -1.59 -10.87
C CYS A 164 8.21 -1.38 -10.56
N LEU A 165 7.93 -1.07 -9.30
CA LEU A 165 6.55 -0.85 -8.85
C LEU A 165 6.00 0.46 -9.42
N PRO A 166 4.69 0.50 -9.66
CA PRO A 166 4.01 1.67 -10.21
C PRO A 166 3.95 2.82 -9.20
N LEU A 167 3.78 4.03 -9.71
CA LEU A 167 3.71 5.22 -8.85
C LEU A 167 2.26 5.55 -8.50
N ALA A 168 1.38 5.40 -9.48
CA ALA A 168 -0.04 5.68 -9.27
C ALA A 168 -0.91 4.83 -10.20
N ALA A 169 -2.22 4.93 -10.02
CA ALA A 169 -3.15 4.17 -10.85
C ALA A 169 -4.49 4.90 -10.98
N LEU A 170 -5.03 4.93 -12.18
CA LEU A 170 -6.30 5.60 -12.44
C LEU A 170 -7.44 4.58 -12.52
N MET A 171 -8.17 4.45 -11.42
CA MET A 171 -9.29 3.51 -11.35
C MET A 171 -10.54 4.12 -11.97
N ASN A 172 -11.02 3.52 -13.06
CA ASN A 172 -12.21 4.02 -13.75
C ASN A 172 -11.96 5.40 -14.34
N GLN A 173 -10.69 5.72 -14.57
CA GLN A 173 -10.31 7.01 -15.14
C GLN A 173 -11.02 8.15 -14.41
N GLN A 174 -11.38 7.91 -13.16
CA GLN A 174 -12.07 8.91 -12.36
C GLN A 174 -11.36 9.11 -11.01
N PHE A 175 -10.93 8.02 -10.41
CA PHE A 175 -10.24 8.07 -9.13
C PHE A 175 -8.74 7.87 -9.30
N LEU A 176 -7.95 8.61 -8.54
CA LEU A 176 -6.50 8.52 -8.62
C LEU A 176 -5.93 7.84 -7.37
N CYS A 177 -5.33 6.67 -7.57
CA CYS A 177 -4.75 5.91 -6.47
C CYS A 177 -3.26 6.26 -6.30
N VAL A 178 -2.91 6.74 -5.11
CA VAL A 178 -1.53 7.11 -4.82
C VAL A 178 -1.18 6.85 -3.35
N HIS A 179 0.07 7.09 -2.99
CA HIS A 179 0.52 6.88 -1.62
C HIS A 179 0.51 8.20 -0.84
N GLY A 180 1.09 9.24 -1.43
CA GLY A 180 1.14 10.53 -0.77
C GLY A 180 0.01 11.44 -1.21
N GLY A 181 0.00 11.80 -2.49
CA GLY A 181 -1.03 12.68 -3.01
C GLY A 181 -0.61 13.37 -4.29
N LEU A 182 -1.06 14.61 -4.47
CA LEU A 182 -0.72 15.39 -5.65
C LEU A 182 0.65 16.03 -5.51
N SER A 183 1.11 16.68 -6.57
CA SER A 183 2.42 17.34 -6.57
C SER A 183 2.34 18.67 -7.30
N PRO A 184 3.19 19.62 -6.86
CA PRO A 184 3.24 20.97 -7.45
C PRO A 184 3.83 20.95 -8.86
N GLU A 185 4.73 20.01 -9.11
CA GLU A 185 5.37 19.89 -10.41
C GLU A 185 4.57 18.97 -11.33
N ILE A 186 3.38 18.59 -10.88
CA ILE A 186 2.52 17.71 -11.66
C ILE A 186 1.09 18.24 -11.70
N ASN A 187 0.73 18.87 -12.80
CA ASN A 187 -0.62 19.42 -12.96
C ASN A 187 -1.41 18.63 -14.00
N THR A 188 -0.77 17.62 -14.58
CA THR A 188 -1.41 16.78 -15.58
C THR A 188 -0.89 15.35 -15.51
N LEU A 189 -1.68 14.42 -16.07
CA LEU A 189 -1.31 13.01 -16.07
C LEU A 189 -0.01 12.79 -16.84
N ASP A 190 0.21 13.62 -17.87
CA ASP A 190 1.41 13.51 -18.69
C ASP A 190 2.66 13.77 -17.86
N ASP A 191 2.55 14.66 -16.88
CA ASP A 191 3.66 14.99 -16.01
C ASP A 191 4.16 13.76 -15.27
N ILE A 192 3.26 12.84 -14.99
CA ILE A 192 3.61 11.60 -14.29
C ILE A 192 4.23 10.59 -15.24
N ARG A 193 3.66 10.47 -16.44
CA ARG A 193 4.17 9.54 -17.44
C ARG A 193 5.61 9.85 -17.80
N LYS A 194 5.94 11.14 -17.83
CA LYS A 194 7.29 11.58 -18.17
C LYS A 194 8.22 11.41 -16.97
N LEU A 195 7.80 10.63 -15.99
CA LEU A 195 8.59 10.39 -14.80
C LEU A 195 9.34 9.06 -14.90
N ASP A 196 10.45 8.95 -14.18
CA ASP A 196 11.24 7.73 -14.18
C ASP A 196 10.96 6.89 -12.93
N ARG A 197 10.34 5.73 -13.15
CA ARG A 197 10.00 4.84 -12.05
C ARG A 197 11.16 3.91 -11.72
N PHE A 198 11.85 3.44 -12.76
CA PHE A 198 12.98 2.54 -12.58
C PHE A 198 14.17 3.29 -11.96
N LYS A 199 14.04 3.62 -10.68
CA LYS A 199 15.10 4.33 -9.97
C LYS A 199 14.71 4.56 -8.51
N GLU A 200 15.67 5.01 -7.72
CA GLU A 200 15.44 5.28 -6.31
C GLU A 200 14.87 6.68 -6.10
N PRO A 201 13.90 6.79 -5.18
CA PRO A 201 13.25 8.07 -4.87
C PRO A 201 14.18 9.03 -4.14
N PRO A 202 14.40 10.21 -4.74
CA PRO A 202 15.27 11.24 -4.16
C PRO A 202 14.67 11.87 -2.91
N ALA A 203 15.50 12.62 -2.18
CA ALA A 203 15.04 13.28 -0.95
C ALA A 203 14.01 14.36 -1.27
N TYR A 204 13.85 14.65 -2.55
CA TYR A 204 12.89 15.67 -2.98
C TYR A 204 12.54 15.50 -4.45
N GLY A 205 11.57 16.29 -4.92
CA GLY A 205 11.16 16.21 -6.31
C GLY A 205 9.69 15.84 -6.47
N PRO A 206 9.25 15.67 -7.72
CA PRO A 206 7.87 15.31 -8.04
C PRO A 206 7.53 13.88 -7.62
N MET A 207 8.37 12.94 -8.02
CA MET A 207 8.17 11.53 -7.69
C MET A 207 8.20 11.32 -6.18
N CYS A 208 9.13 12.02 -5.51
CA CYS A 208 9.27 11.90 -4.06
C CYS A 208 8.05 12.50 -3.35
N ASP A 209 7.67 13.70 -3.77
CA ASP A 209 6.53 14.39 -3.17
C ASP A 209 5.28 13.50 -3.21
N ILE A 210 4.95 13.02 -4.39
CA ILE A 210 3.78 12.15 -4.56
C ILE A 210 3.76 11.04 -3.52
N LEU A 211 4.94 10.53 -3.19
CA LEU A 211 5.06 9.46 -2.20
C LEU A 211 5.11 10.02 -0.79
N TRP A 212 5.51 11.28 -0.68
CA TRP A 212 5.60 11.94 0.62
C TRP A 212 4.51 13.01 0.76
N SER A 213 3.77 13.24 -0.31
CA SER A 213 2.71 14.24 -0.31
C SER A 213 1.75 14.01 0.86
N ASP A 214 1.28 15.10 1.45
CA ASP A 214 0.36 15.02 2.58
C ASP A 214 -0.50 16.28 2.67
N PRO A 215 -1.72 16.13 3.18
CA PRO A 215 -2.67 17.24 3.34
C PRO A 215 -2.23 18.22 4.42
N LEU A 216 -2.69 19.46 4.31
CA LEU A 216 -2.34 20.49 5.28
C LEU A 216 -2.88 20.14 6.66
N GLU A 217 -2.21 20.66 7.70
CA GLU A 217 -2.61 20.39 9.08
C GLU A 217 -4.05 20.85 9.31
N ASP A 218 -4.58 21.65 8.39
CA ASP A 218 -5.94 22.14 8.50
C ASP A 218 -6.68 22.02 7.16
N PHE A 219 -6.78 20.79 6.66
CA PHE A 219 -7.46 20.53 5.40
C PHE A 219 -8.94 20.85 5.51
N GLY A 220 -9.29 21.74 6.43
CA GLY A 220 -10.68 22.12 6.61
C GLY A 220 -10.84 23.57 7.02
N ASN A 221 -10.51 23.87 8.28
CA ASN A 221 -10.63 25.22 8.79
C ASN A 221 -9.35 26.01 8.52
N GLU A 222 -9.16 26.43 7.27
CA GLU A 222 -7.99 27.19 6.89
C GLU A 222 -8.27 28.69 6.93
N LYS A 223 -7.24 29.47 7.24
CA LYS A 223 -7.37 30.92 7.31
C LYS A 223 -6.53 31.60 6.24
N THR A 224 -5.42 30.97 5.89
CA THR A 224 -4.51 31.52 4.88
C THR A 224 -5.03 31.23 3.48
N GLN A 225 -5.30 29.97 3.19
CA GLN A 225 -5.80 29.57 1.88
C GLN A 225 -4.65 29.27 0.92
N GLU A 226 -3.52 28.84 1.48
CA GLU A 226 -2.35 28.53 0.67
C GLU A 226 -2.53 27.21 -0.06
N HIS A 227 -2.16 27.18 -1.34
CA HIS A 227 -2.28 25.98 -2.15
C HIS A 227 -1.27 24.93 -1.71
N PHE A 228 0.01 25.25 -1.85
CA PHE A 228 1.07 24.33 -1.47
C PHE A 228 1.98 24.95 -0.42
N THR A 229 2.52 24.12 0.47
CA THR A 229 3.41 24.59 1.52
C THR A 229 4.45 23.53 1.88
N HIS A 230 5.54 23.96 2.50
CA HIS A 230 6.61 23.06 2.90
C HIS A 230 6.14 22.11 4.00
N ASN A 231 6.47 20.84 3.85
CA ASN A 231 6.08 19.82 4.83
C ASN A 231 7.06 19.79 6.00
N THR A 232 6.83 20.65 6.99
CA THR A 232 7.69 20.73 8.16
C THR A 232 7.44 19.56 9.10
N VAL A 233 6.22 19.03 9.06
CA VAL A 233 5.85 17.90 9.91
C VAL A 233 6.58 16.63 9.49
N ARG A 234 6.39 16.25 8.22
CA ARG A 234 7.02 15.05 7.68
C ARG A 234 8.53 15.26 7.52
N GLY A 235 8.95 16.51 7.61
CA GLY A 235 10.37 16.82 7.47
C GLY A 235 10.82 16.80 6.02
N CYS A 236 9.86 16.74 5.10
CA CYS A 236 10.18 16.70 3.68
C CYS A 236 8.90 16.77 2.85
N SER A 237 9.05 17.06 1.56
CA SER A 237 7.91 17.15 0.65
C SER A 237 7.15 18.46 0.87
N TYR A 238 5.86 18.44 0.55
CA TYR A 238 5.02 19.63 0.71
C TYR A 238 3.65 19.25 1.26
N PHE A 239 2.78 20.25 1.39
CA PHE A 239 1.43 20.03 1.90
C PHE A 239 0.39 20.65 0.98
N TYR A 240 -0.66 19.90 0.68
CA TYR A 240 -1.72 20.38 -0.19
C TYR A 240 -2.97 20.73 0.61
N SER A 241 -3.62 21.83 0.23
CA SER A 241 -4.82 22.28 0.92
C SER A 241 -6.08 21.82 0.18
N TYR A 242 -7.24 22.14 0.74
CA TYR A 242 -8.51 21.76 0.14
C TYR A 242 -8.67 22.39 -1.24
N PRO A 243 -8.34 23.68 -1.34
CA PRO A 243 -8.43 24.44 -2.59
C PRO A 243 -7.40 23.99 -3.62
N ALA A 244 -6.25 23.54 -3.13
CA ALA A 244 -5.18 23.08 -4.01
C ALA A 244 -5.58 21.79 -4.73
N VAL A 245 -6.08 20.82 -3.98
CA VAL A 245 -6.49 19.55 -4.54
C VAL A 245 -7.73 19.71 -5.43
N CYS A 246 -8.67 20.53 -4.97
CA CYS A 246 -9.90 20.78 -5.72
C CYS A 246 -9.59 21.38 -7.09
N GLU A 247 -8.49 22.13 -7.16
CA GLU A 247 -8.08 22.77 -8.41
C GLU A 247 -7.51 21.75 -9.38
N PHE A 248 -6.65 20.87 -8.87
CA PHE A 248 -6.03 19.84 -9.68
C PHE A 248 -7.07 18.86 -10.22
N LEU A 249 -8.00 18.45 -9.36
CA LEU A 249 -9.05 17.52 -9.75
C LEU A 249 -9.88 18.09 -10.90
N GLN A 250 -10.44 19.28 -10.69
CA GLN A 250 -11.25 19.93 -11.71
C GLN A 250 -10.49 20.02 -13.03
N HIS A 251 -9.22 20.38 -12.96
CA HIS A 251 -8.38 20.50 -14.15
C HIS A 251 -8.19 19.15 -14.82
N ASN A 252 -8.07 18.10 -14.01
CA ASN A 252 -7.89 16.75 -14.53
C ASN A 252 -9.21 15.99 -14.55
N ASN A 253 -10.30 16.69 -14.27
CA ASN A 253 -11.63 16.08 -14.25
C ASN A 253 -11.62 14.78 -13.47
N LEU A 254 -11.12 14.84 -12.24
CA LEU A 254 -11.06 13.65 -11.38
C LEU A 254 -12.21 13.65 -10.39
N LEU A 255 -12.64 12.45 -9.98
CA LEU A 255 -13.72 12.30 -9.02
C LEU A 255 -13.21 12.44 -7.60
N SER A 256 -12.24 11.62 -7.23
CA SER A 256 -11.67 11.65 -5.89
C SER A 256 -10.26 11.05 -5.88
N ILE A 257 -9.51 11.33 -4.83
CA ILE A 257 -8.15 10.82 -4.71
C ILE A 257 -8.03 9.86 -3.54
N LEU A 258 -7.84 8.58 -3.85
CA LEU A 258 -7.72 7.55 -2.83
C LEU A 258 -6.25 7.23 -2.56
N ARG A 259 -5.84 7.35 -1.30
CA ARG A 259 -4.46 7.07 -0.91
C ARG A 259 -4.37 6.79 0.59
N ALA A 260 -3.14 6.64 1.07
CA ALA A 260 -2.91 6.38 2.49
C ALA A 260 -1.74 7.20 3.01
N HIS A 261 -0.76 6.53 3.61
CA HIS A 261 0.42 7.20 4.15
C HIS A 261 0.07 7.93 5.45
N GLU A 262 -1.22 7.96 5.77
CA GLU A 262 -1.68 8.62 6.99
C GLU A 262 -2.50 7.68 7.86
N ALA A 263 -1.95 7.32 9.01
CA ALA A 263 -2.62 6.42 9.94
C ALA A 263 -3.96 7.00 10.40
N GLN A 264 -4.96 6.14 10.52
CA GLN A 264 -6.28 6.57 10.95
C GLN A 264 -6.81 5.68 12.08
N ASP A 265 -7.43 6.29 13.08
CA ASP A 265 -7.99 5.56 14.20
C ASP A 265 -9.13 4.65 13.76
N ALA A 266 -9.77 5.02 12.66
CA ALA A 266 -10.88 4.24 12.13
C ALA A 266 -10.47 3.49 10.86
N GLY A 267 -9.18 3.51 10.55
CA GLY A 267 -8.69 2.84 9.38
C GLY A 267 -8.96 3.60 8.09
N TYR A 268 -9.57 4.78 8.24
CA TYR A 268 -9.90 5.62 7.10
C TYR A 268 -10.28 7.02 7.54
N ARG A 269 -10.31 7.95 6.58
CA ARG A 269 -10.65 9.34 6.87
C ARG A 269 -11.12 10.05 5.62
N MET A 270 -12.28 10.71 5.69
CA MET A 270 -12.82 11.44 4.56
C MET A 270 -12.52 12.93 4.67
N TYR A 271 -12.01 13.51 3.59
CA TYR A 271 -11.67 14.93 3.57
C TYR A 271 -12.80 15.75 2.94
N ARG A 272 -12.70 17.07 3.07
CA ARG A 272 -13.71 17.97 2.52
C ARG A 272 -14.17 17.48 1.15
N LYS A 273 -15.49 17.50 0.93
CA LYS A 273 -16.06 17.06 -0.32
C LYS A 273 -16.14 18.22 -1.31
N SER A 274 -16.33 17.90 -2.59
CA SER A 274 -16.43 18.91 -3.63
C SER A 274 -17.71 19.72 -3.49
N GLN A 275 -17.61 21.02 -3.78
CA GLN A 275 -18.76 21.90 -3.69
C GLN A 275 -19.84 21.53 -4.70
N THR A 276 -19.42 20.84 -5.76
CA THR A 276 -20.34 20.42 -6.82
C THR A 276 -20.98 19.07 -6.48
N THR A 277 -20.14 18.04 -6.37
CA THR A 277 -20.62 16.70 -6.05
C THR A 277 -20.49 16.40 -4.57
N GLY A 278 -21.43 15.61 -4.05
CA GLY A 278 -21.41 15.26 -2.64
C GLY A 278 -20.40 14.19 -2.32
N PHE A 279 -19.27 14.21 -3.03
CA PHE A 279 -18.22 13.23 -2.81
C PHE A 279 -16.96 13.88 -2.25
N PRO A 280 -16.20 13.12 -1.45
CA PRO A 280 -14.96 13.60 -0.82
C PRO A 280 -13.85 13.82 -1.84
N SER A 281 -13.18 14.97 -1.74
CA SER A 281 -12.10 15.31 -2.65
C SER A 281 -10.89 14.42 -2.42
N LEU A 282 -10.72 13.99 -1.17
CA LEU A 282 -9.60 13.12 -0.81
C LEU A 282 -10.03 12.08 0.21
N ILE A 283 -9.39 10.90 0.15
CA ILE A 283 -9.71 9.82 1.06
C ILE A 283 -8.45 9.08 1.50
N THR A 284 -8.32 8.86 2.80
CA THR A 284 -7.16 8.17 3.35
C THR A 284 -7.54 6.79 3.88
N ILE A 285 -6.83 5.77 3.41
CA ILE A 285 -7.10 4.40 3.84
C ILE A 285 -5.90 3.81 4.57
N PHE A 286 -6.15 3.19 5.72
CA PHE A 286 -5.10 2.58 6.52
C PHE A 286 -5.44 1.14 6.86
N SER A 287 -4.65 0.21 6.34
CA SER A 287 -4.87 -1.21 6.59
C SER A 287 -3.85 -1.75 7.59
N ALA A 288 -3.34 -0.86 8.43
CA ALA A 288 -2.36 -1.25 9.44
C ALA A 288 -2.88 -0.99 10.85
N PRO A 289 -3.57 -2.00 11.41
CA PRO A 289 -4.13 -1.91 12.76
C PRO A 289 -3.06 -1.89 13.85
N ASN A 290 -3.40 -1.33 15.00
CA ASN A 290 -2.47 -1.24 16.12
C ASN A 290 -1.12 -0.72 15.66
N TYR A 291 -1.11 0.45 15.04
CA TYR A 291 0.11 1.08 14.55
C TYR A 291 1.16 1.16 15.65
N LEU A 292 2.41 0.90 15.29
CA LEU A 292 3.50 0.94 16.25
C LEU A 292 3.25 0.01 17.42
N ASP A 293 2.31 -0.92 17.24
CA ASP A 293 1.96 -1.88 18.28
C ASP A 293 1.50 -1.17 19.55
N VAL A 294 1.39 0.16 19.47
CA VAL A 294 0.96 0.95 20.60
C VAL A 294 -0.46 1.47 20.41
N TYR A 295 -0.66 2.29 19.39
CA TYR A 295 -1.97 2.85 19.09
C TYR A 295 -3.00 1.74 18.87
N ASN A 296 -4.20 1.95 19.40
CA ASN A 296 -5.27 0.96 19.25
C ASN A 296 -6.17 1.31 18.07
N ASN A 297 -5.56 1.80 16.99
CA ASN A 297 -6.31 2.18 15.80
C ASN A 297 -6.73 0.94 15.02
N LYS A 298 -7.85 1.05 14.30
CA LYS A 298 -8.37 -0.05 13.50
C LYS A 298 -7.97 0.10 12.04
N ALA A 299 -8.13 -0.98 11.27
CA ALA A 299 -7.78 -0.96 9.86
C ALA A 299 -9.04 -1.09 8.99
N ALA A 300 -8.88 -0.85 7.70
CA ALA A 300 -10.00 -0.94 6.76
C ALA A 300 -9.50 -0.95 5.32
N VAL A 301 -10.39 -1.32 4.39
CA VAL A 301 -10.04 -1.37 2.98
C VAL A 301 -11.17 -0.79 2.12
N LEU A 302 -10.79 0.00 1.12
CA LEU A 302 -11.76 0.61 0.22
C LEU A 302 -12.14 -0.34 -0.91
N LYS A 303 -13.43 -0.54 -1.11
CA LYS A 303 -13.92 -1.41 -2.17
C LYS A 303 -14.84 -0.65 -3.13
N TYR A 304 -14.33 -0.37 -4.32
CA TYR A 304 -15.09 0.35 -5.33
C TYR A 304 -15.60 -0.60 -6.41
N GLU A 305 -16.93 -0.65 -6.57
CA GLU A 305 -17.54 -1.52 -7.57
C GLU A 305 -18.94 -1.03 -7.93
N ASN A 306 -19.30 -1.19 -9.19
CA ASN A 306 -20.61 -0.77 -9.67
C ASN A 306 -20.97 0.61 -9.11
N ASN A 307 -20.05 1.55 -9.24
CA ASN A 307 -20.26 2.91 -8.75
C ASN A 307 -20.66 2.89 -7.27
N VAL A 308 -20.02 2.01 -6.50
CA VAL A 308 -20.30 1.90 -5.07
C VAL A 308 -19.00 1.84 -4.27
N MET A 309 -18.87 2.74 -3.30
CA MET A 309 -17.69 2.78 -2.45
C MET A 309 -17.98 2.21 -1.07
N ASN A 310 -17.65 0.95 -0.86
CA ASN A 310 -17.87 0.29 0.41
C ASN A 310 -16.59 0.20 1.23
N ILE A 311 -16.63 0.71 2.45
CA ILE A 311 -15.47 0.69 3.34
C ILE A 311 -15.64 -0.34 4.45
N ARG A 312 -14.73 -1.32 4.49
CA ARG A 312 -14.78 -2.36 5.51
C ARG A 312 -13.70 -2.15 6.56
N GLN A 313 -14.13 -2.03 7.82
CA GLN A 313 -13.19 -1.82 8.92
C GLN A 313 -13.03 -3.09 9.75
N PHE A 314 -11.86 -3.25 10.35
CA PHE A 314 -11.57 -4.42 11.17
C PHE A 314 -10.53 -4.10 12.23
N ASN A 315 -10.42 -4.98 13.23
CA ASN A 315 -9.46 -4.79 14.31
C ASN A 315 -8.15 -5.52 14.01
N CYS A 316 -7.15 -5.31 14.87
CA CYS A 316 -5.86 -5.94 14.69
C CYS A 316 -5.94 -7.44 14.90
N SER A 317 -4.86 -8.15 14.59
CA SER A 317 -4.82 -9.60 14.73
C SER A 317 -3.73 -10.01 15.72
N PRO A 318 -3.84 -11.24 16.24
CA PRO A 318 -2.87 -11.79 17.19
C PRO A 318 -1.51 -12.07 16.55
N HIS A 319 -0.45 -11.78 17.29
CA HIS A 319 0.90 -12.00 16.80
C HIS A 319 1.92 -12.00 17.95
N PRO A 320 3.08 -12.63 17.72
CA PRO A 320 4.13 -12.72 18.72
C PRO A 320 4.81 -11.37 18.98
N TYR A 321 5.47 -11.25 20.12
CA TYR A 321 6.14 -10.01 20.48
C TYR A 321 7.61 -10.03 20.04
N TRP A 322 8.05 -8.92 19.47
CA TRP A 322 9.43 -8.81 19.00
C TRP A 322 10.10 -7.54 19.54
N LEU A 323 11.26 -7.72 20.14
CA LEU A 323 12.01 -6.59 20.70
C LEU A 323 12.54 -5.68 19.61
N PRO A 324 12.94 -4.46 20.00
CA PRO A 324 13.47 -3.47 19.05
C PRO A 324 14.84 -3.86 18.53
N ASN A 325 15.01 -3.77 17.21
CA ASN A 325 16.28 -4.11 16.57
C ASN A 325 16.63 -5.57 16.82
N PHE A 326 15.62 -6.39 17.11
CA PHE A 326 15.83 -7.80 17.38
C PHE A 326 16.74 -8.00 18.59
N MET A 327 16.73 -7.03 19.49
CA MET A 327 17.56 -7.10 20.69
C MET A 327 17.13 -8.26 21.58
N GLY B 1 -22.82 12.67 5.64
CA GLY B 1 -23.84 13.05 4.67
C GLY B 1 -24.46 11.86 3.98
N PRO B 2 -25.43 12.12 3.09
CA PRO B 2 -26.12 11.07 2.34
C PRO B 2 -25.22 10.40 1.31
N HIS B 3 -25.79 9.45 0.57
CA HIS B 3 -25.04 8.75 -0.46
C HIS B 3 -25.92 7.71 -1.17
N PRO B 4 -25.53 7.34 -2.39
CA PRO B 4 -26.27 6.36 -3.20
C PRO B 4 -26.17 4.96 -2.64
N VAL B 5 -25.12 4.23 -3.03
CA VAL B 5 -24.92 2.87 -2.55
C VAL B 5 -23.71 2.79 -1.62
N ILE B 6 -22.97 3.88 -1.53
CA ILE B 6 -21.79 3.94 -0.68
C ILE B 6 -22.16 3.68 0.79
N VAL B 7 -21.96 2.44 1.23
CA VAL B 7 -22.27 2.06 2.60
C VAL B 7 -21.02 1.57 3.33
N ILE B 8 -21.17 1.30 4.63
CA ILE B 8 -20.05 0.83 5.43
C ILE B 8 -20.47 -0.34 6.32
N THR B 9 -19.69 -1.41 6.28
CA THR B 9 -19.98 -2.59 7.09
C THR B 9 -19.87 -2.28 8.58
N GLY B 10 -20.12 -3.30 9.40
CA GLY B 10 -20.06 -3.12 10.84
C GLY B 10 -18.84 -3.78 11.46
N PRO B 11 -17.78 -2.99 11.68
CA PRO B 11 -16.54 -3.49 12.27
C PRO B 11 -16.69 -3.87 13.74
N HIS B 12 -15.63 -4.41 14.32
CA HIS B 12 -15.65 -4.81 15.73
C HIS B 12 -15.10 -3.70 16.62
N GLU B 13 -15.38 -3.80 17.92
CA GLU B 13 -14.91 -2.80 18.87
C GLU B 13 -15.28 -1.40 18.43
N GLU B 14 -16.54 -1.04 18.65
CA GLU B 14 -17.03 0.29 18.27
C GLU B 14 -16.12 1.38 18.80
N LEU B 15 -15.72 2.29 17.92
CA LEU B 15 -14.84 3.40 18.30
C LEU B 15 -15.64 4.58 18.82
N GLU B 16 -16.55 5.09 17.99
CA GLU B 16 -17.39 6.22 18.37
C GLU B 16 -18.80 6.08 17.80
N VAL A 1 2.64 -22.02 22.75
CA VAL A 1 2.88 -21.24 21.54
C VAL A 1 3.40 -22.12 20.41
N PRO A 2 3.00 -21.81 19.17
CA PRO A 2 3.42 -22.56 17.98
C PRO A 2 4.89 -22.36 17.67
N PHE A 3 5.50 -23.35 17.01
CA PHE A 3 6.90 -23.29 16.66
C PHE A 3 7.08 -23.25 15.14
N PRO A 4 7.99 -22.39 14.66
CA PRO A 4 8.26 -22.23 13.22
C PRO A 4 8.96 -23.45 12.64
N PRO A 5 8.46 -23.93 11.50
CA PRO A 5 9.04 -25.09 10.80
C PRO A 5 10.41 -24.80 10.20
N SER A 6 11.38 -25.64 10.50
CA SER A 6 12.73 -25.47 10.00
C SER A 6 12.81 -25.84 8.52
N HIS A 7 11.89 -26.71 8.08
CA HIS A 7 11.86 -27.15 6.69
C HIS A 7 11.46 -26.00 5.77
N ARG A 8 12.38 -25.61 4.89
CA ARG A 8 12.12 -24.52 3.95
C ARG A 8 11.49 -25.04 2.67
N LEU A 9 10.42 -24.40 2.24
CA LEU A 9 9.72 -24.81 1.02
C LEU A 9 10.62 -24.63 -0.20
N THR A 10 10.57 -25.61 -1.10
CA THR A 10 11.38 -25.56 -2.31
C THR A 10 10.57 -25.04 -3.49
N ALA A 11 11.26 -24.70 -4.57
CA ALA A 11 10.61 -24.19 -5.77
C ALA A 11 9.50 -25.13 -6.25
N LYS A 12 9.87 -26.40 -6.46
CA LYS A 12 8.91 -27.40 -6.92
C LYS A 12 7.78 -27.56 -5.91
N GLU A 13 7.99 -27.07 -4.69
CA GLU A 13 6.98 -27.15 -3.65
C GLU A 13 6.03 -25.96 -3.69
N VAL A 14 6.55 -24.81 -4.12
CA VAL A 14 5.76 -23.60 -4.22
C VAL A 14 5.11 -23.47 -5.59
N PHE A 15 5.86 -23.88 -6.62
CA PHE A 15 5.37 -23.81 -7.99
C PHE A 15 5.10 -25.21 -8.55
N ASP A 16 3.94 -25.37 -9.18
CA ASP A 16 3.56 -26.65 -9.75
C ASP A 16 4.17 -26.82 -11.15
N ASN A 17 3.91 -27.97 -11.76
CA ASN A 17 4.42 -28.26 -13.10
C ASN A 17 3.99 -27.18 -14.09
N ASP A 18 2.82 -26.60 -13.84
CA ASP A 18 2.29 -25.54 -14.70
C ASP A 18 2.98 -24.21 -14.44
N GLY A 19 3.93 -24.22 -13.51
CA GLY A 19 4.66 -23.01 -13.18
C GLY A 19 3.83 -22.05 -12.35
N LYS A 20 2.69 -22.52 -11.86
CA LYS A 20 1.79 -21.69 -11.06
C LYS A 20 2.06 -21.92 -9.57
N PRO A 21 2.20 -20.82 -8.82
CA PRO A 21 2.45 -20.87 -7.37
C PRO A 21 1.23 -21.35 -6.59
N ARG A 22 1.48 -22.08 -5.51
CA ARG A 22 0.40 -22.60 -4.68
C ARG A 22 0.18 -21.71 -3.46
N VAL A 23 -0.55 -20.62 -3.65
CA VAL A 23 -0.83 -19.69 -2.57
C VAL A 23 -1.40 -20.42 -1.36
N ASP A 24 -2.05 -21.55 -1.60
CA ASP A 24 -2.64 -22.34 -0.53
C ASP A 24 -1.55 -22.96 0.34
N ILE A 25 -0.55 -23.55 -0.30
CA ILE A 25 0.55 -24.18 0.42
C ILE A 25 1.41 -23.14 1.14
N LEU A 26 1.64 -22.00 0.48
CA LEU A 26 2.43 -20.93 1.06
C LEU A 26 1.72 -20.30 2.25
N LYS A 27 0.45 -19.95 2.05
CA LYS A 27 -0.34 -19.34 3.10
C LYS A 27 -0.28 -20.16 4.38
N ALA A 28 -0.60 -21.45 4.27
CA ALA A 28 -0.58 -22.35 5.41
C ALA A 28 0.80 -22.36 6.07
N HIS A 29 1.84 -22.48 5.26
CA HIS A 29 3.21 -22.50 5.77
C HIS A 29 3.54 -21.20 6.49
N LEU A 30 3.35 -20.07 5.81
CA LEU A 30 3.61 -18.77 6.40
C LEU A 30 2.89 -18.59 7.73
N MET A 31 1.67 -19.11 7.80
CA MET A 31 0.87 -19.01 9.02
C MET A 31 1.57 -19.72 10.18
N LYS A 32 2.40 -20.70 9.85
CA LYS A 32 3.13 -21.45 10.86
C LYS A 32 4.53 -20.88 11.08
N GLU A 33 4.76 -19.70 10.51
CA GLU A 33 6.05 -19.03 10.64
C GLU A 33 7.12 -19.79 9.85
N GLY A 34 6.73 -20.32 8.70
CA GLY A 34 7.66 -21.05 7.86
C GLY A 34 8.35 -20.18 6.84
N ARG A 35 9.59 -20.51 6.50
CA ARG A 35 10.35 -19.74 5.54
C ARG A 35 10.65 -20.57 4.29
N LEU A 36 10.93 -19.90 3.18
CA LEU A 36 11.22 -20.56 1.92
C LEU A 36 12.73 -20.58 1.65
N GLU A 37 13.12 -21.29 0.59
CA GLU A 37 14.53 -21.38 0.23
C GLU A 37 15.01 -20.09 -0.43
N GLU A 38 16.22 -19.67 -0.09
CA GLU A 38 16.80 -18.46 -0.64
C GLU A 38 16.62 -18.41 -2.15
N SER A 39 16.67 -19.58 -2.78
CA SER A 39 16.52 -19.67 -4.23
C SER A 39 15.09 -19.37 -4.66
N VAL A 40 14.12 -19.90 -3.90
CA VAL A 40 12.72 -19.68 -4.20
C VAL A 40 12.33 -18.22 -4.00
N ALA A 41 12.73 -17.66 -2.86
CA ALA A 41 12.43 -16.26 -2.56
C ALA A 41 12.95 -15.34 -3.64
N LEU A 42 14.17 -15.59 -4.09
CA LEU A 42 14.79 -14.78 -5.14
C LEU A 42 14.03 -14.90 -6.45
N ARG A 43 13.51 -16.08 -6.71
CA ARG A 43 12.75 -16.34 -7.93
C ARG A 43 11.44 -15.55 -7.93
N ILE A 44 10.75 -15.56 -6.79
CA ILE A 44 9.49 -14.84 -6.66
C ILE A 44 9.69 -13.34 -6.82
N ILE A 45 10.69 -12.80 -6.14
CA ILE A 45 10.98 -11.37 -6.22
C ILE A 45 11.36 -10.97 -7.64
N THR A 46 12.33 -11.67 -8.22
CA THR A 46 12.78 -11.39 -9.58
C THR A 46 11.65 -11.57 -10.58
N GLU A 47 10.81 -12.57 -10.35
CA GLU A 47 9.68 -12.85 -11.24
C GLU A 47 8.65 -11.74 -11.16
N GLY A 48 8.46 -11.19 -9.97
CA GLY A 48 7.50 -10.12 -9.78
C GLY A 48 7.96 -8.81 -10.38
N ALA A 49 9.26 -8.53 -10.25
CA ALA A 49 9.83 -7.29 -10.78
C ALA A 49 9.67 -7.23 -12.30
N SER A 50 9.90 -8.37 -12.95
CA SER A 50 9.79 -8.44 -14.41
C SER A 50 8.39 -8.04 -14.88
N ILE A 51 7.38 -8.50 -14.16
CA ILE A 51 6.00 -8.18 -14.49
C ILE A 51 5.70 -6.71 -14.27
N LEU A 52 6.10 -6.20 -13.11
CA LEU A 52 5.87 -4.79 -12.77
C LEU A 52 6.62 -3.88 -13.74
N ARG A 53 7.82 -4.28 -14.13
CA ARG A 53 8.62 -3.49 -15.06
C ARG A 53 7.86 -3.22 -16.35
N GLN A 54 6.95 -4.13 -16.70
CA GLN A 54 6.16 -3.99 -17.91
C GLN A 54 5.01 -3.01 -17.70
N GLU A 55 4.65 -2.80 -16.44
CA GLU A 55 3.57 -1.87 -16.11
C GLU A 55 4.02 -0.42 -16.28
N LYS A 56 3.05 0.49 -16.34
CA LYS A 56 3.34 1.91 -16.50
C LYS A 56 3.25 2.64 -15.16
N ASN A 57 3.90 3.79 -15.08
CA ASN A 57 3.89 4.59 -13.86
C ASN A 57 2.47 4.79 -13.35
N LEU A 58 1.57 5.20 -14.24
CA LEU A 58 0.17 5.42 -13.89
C LEU A 58 -0.74 4.46 -14.63
N LEU A 59 -1.15 3.39 -13.95
CA LEU A 59 -2.03 2.39 -14.55
C LEU A 59 -3.44 2.95 -14.73
N ASP A 60 -4.11 2.49 -15.77
CA ASP A 60 -5.48 2.95 -16.06
C ASP A 60 -6.39 1.76 -16.35
N ILE A 61 -7.11 1.32 -15.33
CA ILE A 61 -8.03 0.19 -15.48
C ILE A 61 -9.41 0.53 -14.93
N ASP A 62 -10.44 0.19 -15.70
CA ASP A 62 -11.82 0.44 -15.29
C ASP A 62 -12.48 -0.82 -14.76
N ALA A 63 -12.37 -1.05 -13.45
CA ALA A 63 -12.95 -2.21 -12.83
C ALA A 63 -12.99 -2.06 -11.31
N PRO A 64 -13.89 -2.83 -10.66
CA PRO A 64 -14.05 -2.79 -9.20
C PRO A 64 -12.86 -3.40 -8.47
N VAL A 65 -12.18 -2.59 -7.68
CA VAL A 65 -11.02 -3.05 -6.93
C VAL A 65 -11.04 -2.51 -5.50
N THR A 66 -10.40 -3.24 -4.59
CA THR A 66 -10.35 -2.83 -3.19
C THR A 66 -9.00 -2.23 -2.84
N VAL A 67 -8.99 -0.96 -2.46
CA VAL A 67 -7.76 -0.27 -2.10
C VAL A 67 -7.37 -0.57 -0.65
N CYS A 68 -6.08 -0.85 -0.44
CA CYS A 68 -5.58 -1.14 0.90
C CYS A 68 -4.57 -0.09 1.35
N GLY A 69 -4.54 0.17 2.65
CA GLY A 69 -3.61 1.16 3.18
C GLY A 69 -2.25 0.55 3.51
N ASP A 70 -1.43 1.30 4.24
CA ASP A 70 -0.11 0.84 4.61
C ASP A 70 -0.19 -0.49 5.34
N ILE A 71 0.79 -1.35 5.10
CA ILE A 71 0.83 -2.66 5.74
C ILE A 71 1.93 -2.73 6.79
N HIS A 72 3.09 -2.18 6.48
CA HIS A 72 4.21 -2.17 7.40
C HIS A 72 4.63 -3.59 7.75
N GLY A 73 4.91 -4.40 6.74
CA GLY A 73 5.32 -5.77 6.96
C GLY A 73 4.44 -6.47 7.98
N GLN A 74 3.18 -6.05 8.08
CA GLN A 74 2.25 -6.64 9.02
C GLN A 74 1.55 -7.85 8.41
N PHE A 75 2.32 -8.89 8.14
CA PHE A 75 1.78 -10.12 7.55
C PHE A 75 0.59 -10.63 8.37
N PHE A 76 0.75 -10.62 9.68
CA PHE A 76 -0.30 -11.10 10.58
C PHE A 76 -1.60 -10.35 10.32
N ASP A 77 -1.49 -9.09 9.90
CA ASP A 77 -2.65 -8.26 9.62
C ASP A 77 -3.05 -8.35 8.16
N LEU A 78 -2.12 -8.82 7.33
CA LEU A 78 -2.38 -8.96 5.89
C LEU A 78 -3.22 -10.20 5.62
N MET A 79 -3.06 -11.22 6.45
CA MET A 79 -3.82 -12.47 6.29
C MET A 79 -5.29 -12.25 6.62
N LYS A 80 -5.55 -11.54 7.72
CA LYS A 80 -6.91 -11.27 8.15
C LYS A 80 -7.62 -10.35 7.16
N LEU A 81 -6.89 -9.35 6.66
CA LEU A 81 -7.44 -8.41 5.70
C LEU A 81 -8.07 -9.13 4.50
N PHE A 82 -7.31 -10.06 3.94
CA PHE A 82 -7.79 -10.83 2.79
C PHE A 82 -9.02 -11.65 3.15
N GLU A 83 -9.07 -12.10 4.40
CA GLU A 83 -10.19 -12.90 4.87
C GLU A 83 -11.47 -12.07 4.92
N VAL A 84 -11.35 -10.83 5.39
CA VAL A 84 -12.49 -9.93 5.49
C VAL A 84 -12.87 -9.36 4.12
N GLY A 85 -11.85 -9.05 3.32
CA GLY A 85 -12.08 -8.50 2.00
C GLY A 85 -12.47 -9.57 1.00
N GLY A 86 -12.02 -10.80 1.23
CA GLY A 86 -12.33 -11.89 0.33
C GLY A 86 -11.08 -12.48 -0.31
N SER A 87 -11.22 -13.70 -0.84
CA SER A 87 -10.09 -14.38 -1.47
C SER A 87 -9.67 -13.65 -2.74
N PRO A 88 -8.35 -13.54 -2.94
CA PRO A 88 -7.78 -12.87 -4.13
C PRO A 88 -8.00 -13.68 -5.40
N ALA A 89 -8.39 -14.94 -5.25
CA ALA A 89 -8.62 -15.81 -6.39
C ALA A 89 -9.79 -15.30 -7.23
N ASN A 90 -10.70 -14.57 -6.59
CA ASN A 90 -11.87 -14.01 -7.28
C ASN A 90 -12.14 -12.58 -6.84
N THR A 91 -11.19 -12.00 -6.12
CA THR A 91 -11.32 -10.64 -5.64
C THR A 91 -10.11 -9.79 -6.02
N ARG A 92 -10.37 -8.62 -6.60
CA ARG A 92 -9.31 -7.72 -7.02
C ARG A 92 -8.86 -6.82 -5.87
N TYR A 93 -7.56 -6.79 -5.62
CA TYR A 93 -7.01 -5.97 -4.54
C TYR A 93 -6.03 -4.94 -5.08
N LEU A 94 -5.81 -3.88 -4.32
CA LEU A 94 -4.89 -2.82 -4.72
C LEU A 94 -4.18 -2.22 -3.51
N PHE A 95 -2.86 -2.34 -3.49
CA PHE A 95 -2.06 -1.82 -2.39
C PHE A 95 -1.51 -0.43 -2.73
N LEU A 96 -1.47 0.44 -1.73
CA LEU A 96 -0.96 1.80 -1.92
C LEU A 96 0.53 1.87 -1.59
N GLY A 97 1.14 0.72 -1.34
CA GLY A 97 2.55 0.69 -1.02
C GLY A 97 2.81 0.49 0.46
N ASP A 98 4.02 0.82 0.90
CA ASP A 98 4.39 0.68 2.30
C ASP A 98 4.08 -0.72 2.81
N TYR A 99 4.81 -1.71 2.31
CA TYR A 99 4.61 -3.10 2.71
C TYR A 99 5.72 -3.56 3.64
N VAL A 100 6.78 -2.77 3.72
CA VAL A 100 7.92 -3.09 4.58
C VAL A 100 8.11 -2.05 5.66
N ASP A 101 9.08 -2.27 6.54
CA ASP A 101 9.37 -1.35 7.62
C ASP A 101 8.32 -1.45 8.73
N ARG A 102 8.69 -1.06 9.93
CA ARG A 102 7.78 -1.11 11.08
C ARG A 102 7.59 -2.55 11.55
N GLY A 103 6.95 -3.37 10.71
CA GLY A 103 6.72 -4.76 11.06
C GLY A 103 7.94 -5.62 10.85
N TYR A 104 8.13 -6.60 11.73
CA TYR A 104 9.27 -7.50 11.64
C TYR A 104 8.98 -8.67 10.70
N PHE A 105 7.98 -8.49 9.84
CA PHE A 105 7.59 -9.52 8.89
C PHE A 105 7.40 -8.94 7.50
N SER A 106 8.23 -7.96 7.15
CA SER A 106 8.15 -7.31 5.85
C SER A 106 8.46 -8.31 4.73
N ILE A 107 9.41 -9.19 4.98
CA ILE A 107 9.80 -10.19 3.99
C ILE A 107 8.62 -11.09 3.63
N GLU A 108 7.84 -11.47 4.64
CA GLU A 108 6.68 -12.33 4.42
C GLU A 108 5.61 -11.61 3.60
N CYS A 109 5.51 -10.30 3.79
CA CYS A 109 4.54 -9.50 3.07
C CYS A 109 4.93 -9.35 1.60
N VAL A 110 6.20 -9.01 1.36
CA VAL A 110 6.71 -8.84 0.01
C VAL A 110 6.66 -10.15 -0.76
N LEU A 111 7.08 -11.23 -0.11
CA LEU A 111 7.10 -12.54 -0.73
C LEU A 111 5.68 -12.99 -1.10
N TYR A 112 4.77 -12.87 -0.14
CA TYR A 112 3.38 -13.26 -0.36
C TYR A 112 2.71 -12.35 -1.37
N LEU A 113 3.04 -11.06 -1.30
CA LEU A 113 2.47 -10.07 -2.20
C LEU A 113 2.98 -10.27 -3.63
N TRP A 114 4.27 -10.60 -3.74
CA TRP A 114 4.89 -10.82 -5.05
C TRP A 114 4.33 -12.08 -5.71
N ALA A 115 4.20 -13.16 -4.92
CA ALA A 115 3.69 -14.41 -5.42
C ALA A 115 2.23 -14.28 -5.87
N LEU A 116 1.46 -13.51 -5.10
CA LEU A 116 0.05 -13.30 -5.41
C LEU A 116 -0.11 -12.45 -6.67
N LYS A 117 0.85 -11.56 -6.89
CA LYS A 117 0.82 -10.69 -8.06
C LYS A 117 1.13 -11.48 -9.33
N ILE A 118 2.06 -12.42 -9.23
CA ILE A 118 2.45 -13.25 -10.37
C ILE A 118 1.34 -14.22 -10.74
N LEU A 119 0.61 -14.70 -9.73
CA LEU A 119 -0.48 -15.64 -9.95
C LEU A 119 -1.71 -14.92 -10.50
N TYR A 120 -2.00 -13.74 -9.96
CA TYR A 120 -3.15 -12.96 -10.41
C TYR A 120 -2.75 -11.50 -10.66
N PRO A 121 -1.86 -11.30 -11.64
CA PRO A 121 -1.38 -9.96 -12.00
C PRO A 121 -2.47 -9.12 -12.67
N LYS A 122 -3.61 -9.73 -12.90
CA LYS A 122 -4.74 -9.05 -13.54
C LYS A 122 -5.84 -8.74 -12.53
N THR A 123 -5.61 -9.11 -11.28
CA THR A 123 -6.58 -8.88 -10.22
C THR A 123 -5.92 -8.28 -8.98
N LEU A 124 -4.59 -8.42 -8.90
CA LEU A 124 -3.84 -7.89 -7.77
C LEU A 124 -2.83 -6.84 -8.23
N PHE A 125 -3.02 -5.61 -7.77
CA PHE A 125 -2.12 -4.51 -8.13
C PHE A 125 -1.39 -3.98 -6.91
N LEU A 126 -0.09 -3.71 -7.07
CA LEU A 126 0.72 -3.20 -5.97
C LEU A 126 1.44 -1.92 -6.39
N LEU A 127 1.29 -0.88 -5.58
CA LEU A 127 1.92 0.40 -5.86
C LEU A 127 3.12 0.62 -4.94
N ARG A 128 4.03 1.51 -5.37
CA ARG A 128 5.22 1.81 -4.59
C ARG A 128 4.94 2.92 -3.58
N GLY A 129 5.54 2.79 -2.40
CA GLY A 129 5.34 3.79 -1.36
C GLY A 129 6.63 4.47 -0.96
N ASN A 130 6.51 5.53 -0.16
CA ASN A 130 7.68 6.28 0.28
C ASN A 130 8.65 5.37 1.03
N HIS A 131 8.16 4.22 1.48
CA HIS A 131 8.99 3.27 2.21
C HIS A 131 9.69 2.32 1.24
N GLU A 132 9.19 2.25 0.02
CA GLU A 132 9.77 1.39 -0.99
C GLU A 132 11.06 1.97 -1.55
N CYS A 133 12.09 2.04 -0.71
CA CYS A 133 13.38 2.59 -1.11
C CYS A 133 14.52 1.86 -0.41
N ARG A 134 15.75 2.24 -0.74
CA ARG A 134 16.92 1.64 -0.13
C ARG A 134 17.36 2.41 1.10
N HIS A 135 17.48 3.73 0.95
CA HIS A 135 17.88 4.59 2.06
C HIS A 135 17.02 4.34 3.30
N LEU A 136 15.72 4.20 3.08
CA LEU A 136 14.78 3.96 4.17
C LEU A 136 14.94 2.56 4.73
N THR A 137 15.03 1.57 3.83
CA THR A 137 15.19 0.18 4.24
C THR A 137 16.45 0.00 5.07
N GLU A 138 17.47 0.80 4.78
CA GLU A 138 18.74 0.72 5.50
C GLU A 138 18.60 1.27 6.92
N TYR A 139 17.78 2.31 7.06
CA TYR A 139 17.56 2.93 8.37
C TYR A 139 16.63 2.08 9.22
N PHE A 140 15.58 1.56 8.60
CA PHE A 140 14.61 0.72 9.30
C PHE A 140 15.20 -0.65 9.63
N THR A 141 14.36 -1.54 10.13
CA THR A 141 14.80 -2.89 10.48
C THR A 141 14.56 -3.86 9.32
N PHE A 142 14.29 -3.31 8.14
CA PHE A 142 14.05 -4.13 6.96
C PHE A 142 15.33 -4.83 6.52
N LYS A 143 16.37 -4.05 6.26
CA LYS A 143 17.65 -4.59 5.83
C LYS A 143 18.15 -5.64 6.80
N GLN A 144 18.20 -5.29 8.09
CA GLN A 144 18.66 -6.20 9.13
C GLN A 144 17.83 -7.49 9.12
N GLU A 145 16.54 -7.35 8.84
CA GLU A 145 15.65 -8.49 8.81
C GLU A 145 16.03 -9.47 7.70
N CYS A 146 16.21 -8.93 6.49
CA CYS A 146 16.59 -9.74 5.35
C CYS A 146 17.92 -10.46 5.59
N LYS A 147 18.81 -9.80 6.33
CA LYS A 147 20.11 -10.37 6.64
C LYS A 147 20.01 -11.40 7.76
N ILE A 148 19.07 -11.18 8.67
CA ILE A 148 18.87 -12.08 9.79
C ILE A 148 18.10 -13.33 9.36
N LYS A 149 17.13 -13.15 8.47
CA LYS A 149 16.32 -14.25 7.97
C LYS A 149 17.00 -14.92 6.77
N TYR A 150 17.47 -14.10 5.83
CA TYR A 150 18.13 -14.60 4.64
C TYR A 150 19.53 -14.01 4.50
N SER A 151 19.70 -13.09 3.57
CA SER A 151 20.98 -12.45 3.34
C SER A 151 20.81 -11.16 2.53
N GLU A 152 21.92 -10.50 2.25
CA GLU A 152 21.90 -9.25 1.49
C GLU A 152 21.42 -9.49 0.06
N ARG A 153 21.57 -10.73 -0.40
CA ARG A 153 21.16 -11.09 -1.75
C ARG A 153 19.67 -10.82 -1.96
N VAL A 154 18.86 -11.27 -1.00
CA VAL A 154 17.41 -11.08 -1.08
C VAL A 154 17.04 -9.61 -0.94
N TYR A 155 17.73 -8.91 -0.04
CA TYR A 155 17.48 -7.49 0.19
C TYR A 155 17.68 -6.70 -1.09
N ASP A 156 18.83 -6.88 -1.73
CA ASP A 156 19.15 -6.18 -2.96
C ASP A 156 18.11 -6.47 -4.03
N ALA A 157 17.67 -7.72 -4.11
CA ALA A 157 16.67 -8.13 -5.09
C ALA A 157 15.37 -7.35 -4.92
N CYS A 158 14.93 -7.22 -3.67
CA CYS A 158 13.69 -6.49 -3.37
C CYS A 158 13.81 -5.04 -3.77
N MET A 159 14.96 -4.43 -3.48
CA MET A 159 15.21 -3.03 -3.82
C MET A 159 15.04 -2.80 -5.31
N ASP A 160 15.71 -3.63 -6.11
CA ASP A 160 15.64 -3.51 -7.56
C ASP A 160 14.23 -3.78 -8.07
N ALA A 161 13.51 -4.64 -7.36
CA ALA A 161 12.14 -4.98 -7.74
C ALA A 161 11.18 -3.85 -7.40
N PHE A 162 11.38 -3.24 -6.24
CA PHE A 162 10.53 -2.13 -5.80
C PHE A 162 10.56 -0.98 -6.81
N ASP A 163 11.72 -0.80 -7.45
CA ASP A 163 11.88 0.26 -8.44
C ASP A 163 11.02 -0.01 -9.67
N CYS A 164 10.48 -1.22 -9.75
CA CYS A 164 9.63 -1.59 -10.88
C CYS A 164 8.16 -1.39 -10.56
N LEU A 165 7.88 -1.08 -9.28
CA LEU A 165 6.51 -0.86 -8.84
C LEU A 165 5.96 0.45 -9.41
N PRO A 166 4.64 0.49 -9.65
CA PRO A 166 3.97 1.67 -10.19
C PRO A 166 3.90 2.82 -9.18
N LEU A 167 3.75 4.04 -9.69
CA LEU A 167 3.67 5.21 -8.84
C LEU A 167 2.24 5.54 -8.48
N ALA A 168 1.34 5.40 -9.46
CA ALA A 168 -0.08 5.69 -9.25
C ALA A 168 -0.94 4.84 -10.17
N ALA A 169 -2.26 4.93 -9.99
CA ALA A 169 -3.19 4.19 -10.82
C ALA A 169 -4.53 4.92 -10.94
N LEU A 170 -5.06 4.95 -12.15
CA LEU A 170 -6.34 5.62 -12.40
C LEU A 170 -7.48 4.62 -12.49
N MET A 171 -8.21 4.46 -11.38
CA MET A 171 -9.33 3.54 -11.33
C MET A 171 -10.58 4.15 -11.93
N ASN A 172 -11.06 3.57 -13.02
CA ASN A 172 -12.25 4.07 -13.70
C ASN A 172 -12.00 5.44 -14.29
N GLN A 173 -10.73 5.77 -14.52
CA GLN A 173 -10.36 7.07 -15.08
C GLN A 173 -11.07 8.20 -14.34
N GLN A 174 -11.43 7.95 -13.09
CA GLN A 174 -12.10 8.95 -12.28
C GLN A 174 -11.38 9.14 -10.94
N PHE A 175 -10.96 8.04 -10.34
CA PHE A 175 -10.26 8.09 -9.05
C PHE A 175 -8.76 7.89 -9.25
N LEU A 176 -7.97 8.64 -8.49
CA LEU A 176 -6.52 8.55 -8.57
C LEU A 176 -5.95 7.86 -7.33
N CYS A 177 -5.34 6.69 -7.54
CA CYS A 177 -4.75 5.93 -6.44
C CYS A 177 -3.27 6.28 -6.27
N VAL A 178 -2.91 6.76 -5.08
CA VAL A 178 -1.54 7.14 -4.80
C VAL A 178 -1.19 6.87 -3.33
N HIS A 179 0.06 7.12 -2.97
CA HIS A 179 0.52 6.91 -1.60
C HIS A 179 0.51 8.22 -0.81
N GLY A 180 1.09 9.26 -1.41
CA GLY A 180 1.13 10.56 -0.75
C GLY A 180 0.01 11.46 -1.19
N GLY A 181 0.00 11.82 -2.46
CA GLY A 181 -1.04 12.69 -2.98
C GLY A 181 -0.62 13.40 -4.27
N LEU A 182 -1.07 14.63 -4.43
CA LEU A 182 -0.74 15.41 -5.62
C LEU A 182 0.64 16.06 -5.48
N SER A 183 1.09 16.70 -6.56
CA SER A 183 2.39 17.35 -6.56
C SER A 183 2.33 18.69 -7.28
N PRO A 184 3.17 19.64 -6.85
CA PRO A 184 3.23 20.98 -7.46
C PRO A 184 3.81 20.97 -8.86
N GLU A 185 4.72 20.02 -9.11
CA GLU A 185 5.34 19.89 -10.42
C GLU A 185 4.54 18.97 -11.33
N ILE A 186 3.35 18.59 -10.87
CA ILE A 186 2.48 17.71 -11.65
C ILE A 186 1.06 18.24 -11.67
N ASN A 187 0.69 18.87 -12.78
CA ASN A 187 -0.65 19.42 -12.94
C ASN A 187 -1.45 18.62 -13.97
N THR A 188 -0.82 17.61 -14.54
CA THR A 188 -1.47 16.77 -15.54
C THR A 188 -0.95 15.34 -15.47
N LEU A 189 -1.74 14.41 -16.01
CA LEU A 189 -1.36 13.00 -16.01
C LEU A 189 -0.07 12.77 -16.80
N ASP A 190 0.13 13.59 -17.82
CA ASP A 190 1.33 13.49 -18.66
C ASP A 190 2.59 13.74 -17.83
N ASP A 191 2.47 14.64 -16.85
CA ASP A 191 3.60 14.98 -16.00
C ASP A 191 4.12 13.74 -15.26
N ILE A 192 3.22 12.82 -14.97
CA ILE A 192 3.57 11.59 -14.27
C ILE A 192 4.18 10.57 -15.22
N ARG A 193 3.60 10.46 -16.40
CA ARG A 193 4.09 9.51 -17.41
C ARG A 193 5.54 9.84 -17.79
N LYS A 194 5.87 11.12 -17.82
CA LYS A 194 7.22 11.55 -18.17
C LYS A 194 8.17 11.40 -16.98
N LEU A 195 7.74 10.61 -16.00
CA LEU A 195 8.54 10.38 -14.81
C LEU A 195 9.28 9.05 -14.90
N ASP A 196 10.40 8.94 -14.19
CA ASP A 196 11.20 7.71 -14.20
C ASP A 196 10.92 6.88 -12.96
N ARG A 197 10.28 5.72 -13.17
CA ARG A 197 9.95 4.82 -12.06
C ARG A 197 11.12 3.91 -11.73
N PHE A 198 11.80 3.43 -12.78
CA PHE A 198 12.94 2.53 -12.60
C PHE A 198 14.12 3.28 -11.98
N LYS A 199 14.01 3.61 -10.71
CA LYS A 199 15.07 4.32 -10.00
C LYS A 199 14.69 4.55 -8.54
N GLU A 200 15.65 5.01 -7.75
CA GLU A 200 15.42 5.27 -6.33
C GLU A 200 14.84 6.67 -6.12
N PRO A 201 13.88 6.79 -5.21
CA PRO A 201 13.23 8.06 -4.89
C PRO A 201 14.17 9.02 -4.16
N PRO A 202 14.39 10.21 -4.76
CA PRO A 202 15.25 11.24 -4.20
C PRO A 202 14.66 11.87 -2.94
N ALA A 203 15.48 12.61 -2.21
CA ALA A 203 15.04 13.27 -0.99
C ALA A 203 14.01 14.35 -1.29
N TYR A 204 13.83 14.65 -2.57
CA TYR A 204 12.88 15.67 -3.00
C TYR A 204 12.53 15.50 -4.47
N GLY A 205 11.56 16.29 -4.93
CA GLY A 205 11.15 16.21 -6.33
C GLY A 205 9.69 15.85 -6.48
N PRO A 206 9.24 15.68 -7.73
CA PRO A 206 7.85 15.32 -8.04
C PRO A 206 7.51 13.90 -7.62
N MET A 207 8.36 12.95 -8.03
CA MET A 207 8.14 11.55 -7.69
C MET A 207 8.19 11.33 -6.18
N CYS A 208 9.11 12.02 -5.52
CA CYS A 208 9.25 11.91 -4.07
C CYS A 208 8.05 12.51 -3.36
N ASP A 209 7.67 13.71 -3.77
CA ASP A 209 6.52 14.40 -3.17
C ASP A 209 5.27 13.52 -3.19
N ILE A 210 4.94 13.03 -4.38
CA ILE A 210 3.77 12.17 -4.55
C ILE A 210 3.75 11.06 -3.51
N LEU A 211 4.93 10.54 -3.19
CA LEU A 211 5.04 9.47 -2.19
C LEU A 211 5.10 10.04 -0.78
N TRP A 212 5.51 11.30 -0.67
CA TRP A 212 5.60 11.95 0.62
C TRP A 212 4.52 13.02 0.77
N SER A 213 3.78 13.25 -0.30
CA SER A 213 2.71 14.26 -0.30
C SER A 213 1.76 14.03 0.88
N ASP A 214 1.28 15.12 1.46
CA ASP A 214 0.37 15.04 2.59
C ASP A 214 -0.49 16.30 2.70
N PRO A 215 -1.71 16.15 3.21
CA PRO A 215 -2.65 17.26 3.37
C PRO A 215 -2.21 18.25 4.45
N LEU A 216 -2.67 19.49 4.34
CA LEU A 216 -2.32 20.52 5.30
C LEU A 216 -2.84 20.17 6.69
N GLU A 217 -2.17 20.69 7.72
CA GLU A 217 -2.59 20.43 9.09
C GLU A 217 -4.02 20.87 9.34
N ASP A 218 -4.55 21.68 8.42
CA ASP A 218 -5.91 22.18 8.53
C ASP A 218 -6.64 22.04 7.20
N PHE A 219 -6.76 20.82 6.70
CA PHE A 219 -7.44 20.56 5.45
C PHE A 219 -8.92 20.88 5.55
N GLY A 220 -9.27 21.77 6.48
CA GLY A 220 -10.65 22.14 6.67
C GLY A 220 -10.81 23.59 7.07
N ASN A 221 -10.48 23.90 8.33
CA ASN A 221 -10.59 25.26 8.84
C ASN A 221 -9.32 26.05 8.56
N GLU A 222 -9.14 26.45 7.31
CA GLU A 222 -7.96 27.21 6.91
C GLU A 222 -8.24 28.71 6.96
N LYS A 223 -7.21 29.49 7.25
CA LYS A 223 -7.34 30.94 7.33
C LYS A 223 -6.50 31.62 6.26
N THR A 224 -5.38 30.99 5.90
CA THR A 224 -4.48 31.55 4.90
C THR A 224 -5.01 31.26 3.49
N GLN A 225 -5.28 29.99 3.21
CA GLN A 225 -5.79 29.59 1.91
C GLN A 225 -4.64 29.30 0.94
N GLU A 226 -3.51 28.86 1.49
CA GLU A 226 -2.34 28.55 0.68
C GLU A 226 -2.53 27.22 -0.05
N HIS A 227 -2.17 27.19 -1.32
CA HIS A 227 -2.29 25.99 -2.14
C HIS A 227 -1.27 24.94 -1.70
N PHE A 228 0.01 25.26 -1.85
CA PHE A 228 1.07 24.34 -1.47
C PHE A 228 1.99 24.97 -0.42
N THR A 229 2.53 24.13 0.46
CA THR A 229 3.41 24.60 1.52
C THR A 229 4.46 23.55 1.88
N HIS A 230 5.54 23.99 2.50
CA HIS A 230 6.62 23.08 2.89
C HIS A 230 6.15 22.13 3.99
N ASN A 231 6.49 20.85 3.84
CA ASN A 231 6.10 19.84 4.82
C ASN A 231 7.09 19.81 5.99
N THR A 232 6.85 20.68 6.97
CA THR A 232 7.72 20.75 8.14
C THR A 232 7.47 19.58 9.09
N VAL A 233 6.25 19.05 9.06
CA VAL A 233 5.88 17.93 9.91
C VAL A 233 6.60 16.65 9.47
N ARG A 234 6.42 16.28 8.22
CA ARG A 234 7.04 15.07 7.68
C ARG A 234 8.55 15.27 7.52
N GLY A 235 8.98 16.53 7.60
CA GLY A 235 10.39 16.83 7.46
C GLY A 235 10.84 16.81 6.01
N CYS A 236 9.88 16.76 5.09
CA CYS A 236 10.18 16.71 3.67
C CYS A 236 8.90 16.78 2.83
N SER A 237 9.05 17.07 1.54
CA SER A 237 7.91 17.16 0.65
C SER A 237 7.15 18.47 0.87
N TYR A 238 5.86 18.46 0.55
CA TYR A 238 5.03 19.64 0.71
C TYR A 238 3.65 19.28 1.27
N PHE A 239 2.78 20.27 1.40
CA PHE A 239 1.44 20.04 1.91
C PHE A 239 0.40 20.68 1.00
N TYR A 240 -0.65 19.92 0.70
CA TYR A 240 -1.72 20.40 -0.18
C TYR A 240 -2.97 20.75 0.64
N SER A 241 -3.62 21.85 0.26
CA SER A 241 -4.81 22.30 0.94
C SER A 241 -6.08 21.84 0.21
N TYR A 242 -7.23 22.16 0.78
CA TYR A 242 -8.51 21.78 0.19
C TYR A 242 -8.68 22.41 -1.19
N PRO A 243 -8.33 23.71 -1.30
CA PRO A 243 -8.44 24.46 -2.55
C PRO A 243 -7.41 24.00 -3.59
N ALA A 244 -6.25 23.55 -3.10
CA ALA A 244 -5.19 23.09 -3.98
C ALA A 244 -5.59 21.79 -4.70
N VAL A 245 -6.10 20.83 -3.94
CA VAL A 245 -6.52 19.55 -4.49
C VAL A 245 -7.74 19.72 -5.38
N CYS A 246 -8.69 20.53 -4.93
CA CYS A 246 -9.91 20.78 -5.67
C CYS A 246 -9.60 21.38 -7.05
N GLU A 247 -8.51 22.13 -7.12
CA GLU A 247 -8.11 22.77 -8.36
C GLU A 247 -7.53 21.74 -9.33
N PHE A 248 -6.68 20.87 -8.82
CA PHE A 248 -6.06 19.83 -9.64
C PHE A 248 -7.11 18.87 -10.18
N LEU A 249 -8.03 18.46 -9.32
CA LEU A 249 -9.09 17.53 -9.70
C LEU A 249 -9.92 18.11 -10.85
N GLN A 250 -10.46 19.30 -10.65
CA GLN A 250 -11.28 19.95 -11.67
C GLN A 250 -10.53 20.03 -12.99
N HIS A 251 -9.24 20.38 -12.91
CA HIS A 251 -8.41 20.51 -14.11
C HIS A 251 -8.23 19.15 -14.78
N ASN A 252 -8.11 18.10 -13.96
CA ASN A 252 -7.93 16.75 -14.48
C ASN A 252 -9.25 15.99 -14.50
N ASN A 253 -10.34 16.71 -14.21
CA ASN A 253 -11.66 16.10 -14.20
C ASN A 253 -11.65 14.79 -13.41
N LEU A 254 -11.15 14.85 -12.18
CA LEU A 254 -11.09 13.67 -11.33
C LEU A 254 -12.23 13.66 -10.31
N LEU A 255 -12.65 12.48 -9.90
CA LEU A 255 -13.72 12.34 -8.92
C LEU A 255 -13.20 12.49 -7.51
N SER A 256 -12.23 11.66 -7.15
CA SER A 256 -11.64 11.70 -5.81
C SER A 256 -10.24 11.10 -5.81
N ILE A 257 -9.46 11.38 -4.77
CA ILE A 257 -8.11 10.87 -4.65
C ILE A 257 -7.99 9.89 -3.49
N LEU A 258 -7.80 8.62 -3.83
CA LEU A 258 -7.68 7.57 -2.81
C LEU A 258 -6.21 7.26 -2.53
N ARG A 259 -5.81 7.37 -1.27
CA ARG A 259 -4.44 7.10 -0.87
C ARG A 259 -4.35 6.84 0.62
N ALA A 260 -3.12 6.67 1.12
CA ALA A 260 -2.90 6.41 2.54
C ALA A 260 -1.73 7.25 3.07
N HIS A 261 -0.75 6.57 3.65
CA HIS A 261 0.42 7.24 4.22
C HIS A 261 0.07 7.97 5.51
N GLU A 262 -1.22 8.01 5.83
CA GLU A 262 -1.68 8.66 7.03
C GLU A 262 -2.49 7.71 7.91
N ALA A 263 -1.95 7.36 9.06
CA ALA A 263 -2.62 6.46 9.99
C ALA A 263 -3.96 7.03 10.45
N GLN A 264 -4.95 6.16 10.58
CA GLN A 264 -6.28 6.58 11.01
C GLN A 264 -6.80 5.69 12.13
N ASP A 265 -7.44 6.30 13.12
CA ASP A 265 -7.97 5.56 14.25
C ASP A 265 -9.11 4.65 13.81
N ALA A 266 -9.76 5.01 12.70
CA ALA A 266 -10.86 4.22 12.16
C ALA A 266 -10.44 3.48 10.90
N GLY A 267 -9.14 3.51 10.60
CA GLY A 267 -8.64 2.83 9.41
C GLY A 267 -8.93 3.60 8.15
N TYR A 268 -9.56 4.77 8.28
CA TYR A 268 -9.89 5.60 7.14
C TYR A 268 -10.29 7.00 7.57
N ARG A 269 -10.32 7.93 6.62
CA ARG A 269 -10.70 9.31 6.91
C ARG A 269 -11.15 10.03 5.64
N MET A 270 -12.30 10.67 5.71
CA MET A 270 -12.85 11.39 4.57
C MET A 270 -12.57 12.89 4.69
N TYR A 271 -12.04 13.47 3.63
CA TYR A 271 -11.73 14.89 3.62
C TYR A 271 -12.86 15.70 2.98
N ARG A 272 -12.79 17.02 3.12
CA ARG A 272 -13.81 17.91 2.58
C ARG A 272 -14.25 17.44 1.19
N LYS A 273 -15.55 17.43 0.95
CA LYS A 273 -16.10 17.01 -0.33
C LYS A 273 -16.16 18.17 -1.31
N SER A 274 -16.31 17.85 -2.60
CA SER A 274 -16.39 18.86 -3.64
C SER A 274 -17.69 19.67 -3.53
N GLN A 275 -17.59 20.96 -3.81
CA GLN A 275 -18.76 21.84 -3.74
C GLN A 275 -19.78 21.46 -4.80
N THR A 276 -19.33 20.77 -5.84
CA THR A 276 -20.21 20.34 -6.92
C THR A 276 -20.84 18.99 -6.61
N THR A 277 -20.00 17.97 -6.48
CA THR A 277 -20.48 16.62 -6.19
C THR A 277 -20.41 16.32 -4.70
N GLY A 278 -21.35 15.52 -4.21
CA GLY A 278 -21.36 15.17 -2.81
C GLY A 278 -20.34 14.10 -2.45
N PHE A 279 -19.20 14.14 -3.13
CA PHE A 279 -18.14 13.16 -2.89
C PHE A 279 -16.91 13.83 -2.29
N PRO A 280 -16.16 13.06 -1.49
CA PRO A 280 -14.93 13.56 -0.83
C PRO A 280 -13.81 13.82 -1.83
N SER A 281 -13.16 14.97 -1.70
CA SER A 281 -12.07 15.34 -2.58
C SER A 281 -10.85 14.45 -2.35
N LEU A 282 -10.70 14.00 -1.12
CA LEU A 282 -9.57 13.14 -0.75
C LEU A 282 -10.01 12.07 0.25
N ILE A 283 -9.36 10.91 0.19
CA ILE A 283 -9.68 9.81 1.09
C ILE A 283 -8.42 9.09 1.54
N THR A 284 -8.30 8.86 2.84
CA THR A 284 -7.14 8.18 3.40
C THR A 284 -7.52 6.79 3.92
N ILE A 285 -6.81 5.78 3.45
CA ILE A 285 -7.07 4.40 3.88
C ILE A 285 -5.87 3.82 4.62
N PHE A 286 -6.13 3.21 5.77
CA PHE A 286 -5.07 2.61 6.57
C PHE A 286 -5.41 1.17 6.93
N SER A 287 -4.63 0.23 6.39
CA SER A 287 -4.84 -1.19 6.65
C SER A 287 -3.82 -1.72 7.66
N ALA A 288 -3.31 -0.84 8.49
CA ALA A 288 -2.32 -1.22 9.50
C ALA A 288 -2.85 -0.97 10.91
N PRO A 289 -3.52 -1.98 11.48
CA PRO A 289 -4.09 -1.89 12.83
C PRO A 289 -3.01 -1.87 13.91
N ASN A 290 -3.35 -1.31 15.07
CA ASN A 290 -2.42 -1.21 16.17
C ASN A 290 -1.06 -0.68 15.71
N TYR A 291 -1.08 0.49 15.09
CA TYR A 291 0.14 1.10 14.59
C TYR A 291 1.19 1.19 15.69
N LEU A 292 2.45 0.94 15.33
CA LEU A 292 3.56 0.99 16.28
C LEU A 292 3.29 0.06 17.46
N ASP A 293 2.36 -0.86 17.28
CA ASP A 293 2.02 -1.83 18.32
C ASP A 293 1.56 -1.11 19.58
N VAL A 294 1.45 0.21 19.51
CA VAL A 294 1.02 1.02 20.64
C VAL A 294 -0.41 1.52 20.45
N TYR A 295 -0.60 2.34 19.43
CA TYR A 295 -1.92 2.89 19.14
C TYR A 295 -2.94 1.79 18.92
N ASN A 296 -4.15 1.98 19.44
CA ASN A 296 -5.21 0.99 19.31
C ASN A 296 -6.12 1.33 18.12
N ASN A 297 -5.52 1.82 17.04
CA ASN A 297 -6.27 2.20 15.86
C ASN A 297 -6.70 0.96 15.07
N LYS A 298 -7.81 1.06 14.37
CA LYS A 298 -8.32 -0.05 13.57
C LYS A 298 -7.94 0.10 12.11
N ALA A 299 -8.09 -0.98 11.34
CA ALA A 299 -7.75 -0.96 9.92
C ALA A 299 -9.01 -1.10 9.07
N ALA A 300 -8.87 -0.84 7.77
CA ALA A 300 -9.99 -0.94 6.84
C ALA A 300 -9.50 -0.91 5.39
N VAL A 301 -10.39 -1.27 4.47
CA VAL A 301 -10.06 -1.27 3.05
C VAL A 301 -11.20 -0.71 2.22
N LEU A 302 -10.85 0.10 1.22
CA LEU A 302 -11.84 0.70 0.34
C LEU A 302 -12.20 -0.23 -0.81
N LYS A 303 -13.49 -0.44 -1.01
CA LYS A 303 -13.97 -1.31 -2.09
C LYS A 303 -14.87 -0.55 -3.05
N TYR A 304 -14.36 -0.27 -4.24
CA TYR A 304 -15.12 0.46 -5.26
C TYR A 304 -15.64 -0.50 -6.32
N GLU A 305 -16.97 -0.54 -6.47
CA GLU A 305 -17.60 -1.40 -7.46
C GLU A 305 -19.00 -0.90 -7.80
N ASN A 306 -19.38 -1.06 -9.08
CA ASN A 306 -20.69 -0.61 -9.53
C ASN A 306 -21.05 0.75 -8.95
N ASN A 307 -20.12 1.69 -9.05
CA ASN A 307 -20.34 3.04 -8.53
C ASN A 307 -20.72 2.99 -7.06
N VAL A 308 -20.09 2.10 -6.31
CA VAL A 308 -20.36 1.95 -4.89
C VAL A 308 -19.07 1.91 -4.09
N MET A 309 -18.97 2.79 -3.08
CA MET A 309 -17.79 2.84 -2.24
C MET A 309 -18.06 2.23 -0.87
N ASN A 310 -17.69 0.96 -0.71
CA ASN A 310 -17.90 0.25 0.54
C ASN A 310 -16.61 0.20 1.36
N ILE A 311 -16.69 0.65 2.61
CA ILE A 311 -15.53 0.66 3.49
C ILE A 311 -15.66 -0.40 4.59
N ARG A 312 -14.72 -1.34 4.60
CA ARG A 312 -14.75 -2.41 5.60
C ARG A 312 -13.66 -2.19 6.65
N GLN A 313 -14.08 -2.07 7.90
CA GLN A 313 -13.15 -1.85 9.01
C GLN A 313 -12.98 -3.13 9.83
N PHE A 314 -11.81 -3.28 10.44
CA PHE A 314 -11.52 -4.45 11.26
C PHE A 314 -10.47 -4.12 12.32
N ASN A 315 -10.35 -5.01 13.31
CA ASN A 315 -9.38 -4.81 14.39
C ASN A 315 -8.08 -5.53 14.08
N CYS A 316 -7.08 -5.32 14.93
CA CYS A 316 -5.77 -5.95 14.75
C CYS A 316 -5.86 -7.46 14.97
N SER A 317 -4.78 -8.16 14.64
CA SER A 317 -4.74 -9.61 14.78
C SER A 317 -3.64 -10.03 15.76
N PRO A 318 -3.74 -11.26 16.27
CA PRO A 318 -2.77 -11.80 17.22
C PRO A 318 -1.42 -12.08 16.58
N HIS A 319 -0.35 -11.80 17.31
CA HIS A 319 1.00 -12.02 16.81
C HIS A 319 2.01 -12.03 17.95
N PRO A 320 3.18 -12.65 17.71
CA PRO A 320 4.25 -12.75 18.70
C PRO A 320 4.92 -11.40 18.97
N TYR A 321 5.59 -11.30 20.12
CA TYR A 321 6.26 -10.07 20.49
C TYR A 321 7.73 -10.09 20.03
N TRP A 322 8.17 -8.97 19.47
CA TRP A 322 9.54 -8.85 18.99
C TRP A 322 10.21 -7.60 19.54
N LEU A 323 11.39 -7.76 20.13
CA LEU A 323 12.13 -6.64 20.70
C LEU A 323 12.64 -5.71 19.60
N PRO A 324 13.04 -4.50 20.00
CA PRO A 324 13.56 -3.50 19.05
C PRO A 324 14.92 -3.87 18.50
N ASN A 325 15.07 -3.77 17.18
CA ASN A 325 16.33 -4.10 16.52
C ASN A 325 16.70 -5.56 16.76
N PHE A 326 15.69 -6.38 17.06
CA PHE A 326 15.91 -7.81 17.30
C PHE A 326 16.84 -8.01 18.50
N MET A 327 16.85 -7.04 19.41
CA MET A 327 17.69 -7.12 20.59
C MET A 327 17.27 -8.30 21.48
N GLY B 1 -22.28 14.94 2.96
CA GLY B 1 -21.88 13.56 3.12
C GLY B 1 -22.99 12.58 2.78
N PRO B 2 -23.36 12.54 1.48
CA PRO B 2 -24.42 11.65 1.00
C PRO B 2 -24.01 10.19 1.03
N HIS B 3 -24.84 9.33 0.44
CA HIS B 3 -24.56 7.90 0.40
C HIS B 3 -25.69 7.14 -0.30
N PRO B 4 -25.63 7.12 -1.64
CA PRO B 4 -26.63 6.44 -2.47
C PRO B 4 -26.55 4.92 -2.33
N VAL B 5 -25.36 4.37 -2.52
CA VAL B 5 -25.15 2.93 -2.42
C VAL B 5 -23.99 2.60 -1.49
N ILE B 6 -23.31 3.65 -1.02
CA ILE B 6 -22.18 3.47 -0.11
C ILE B 6 -22.60 2.76 1.16
N VAL B 7 -21.96 1.63 1.44
CA VAL B 7 -22.28 0.85 2.64
C VAL B 7 -21.00 0.51 3.41
N ILE B 8 -21.09 0.61 4.74
CA ILE B 8 -19.96 0.32 5.60
C ILE B 8 -20.24 -0.88 6.51
N THR B 9 -19.32 -1.85 6.50
CA THR B 9 -19.48 -3.04 7.32
C THR B 9 -19.51 -2.70 8.80
N GLY B 10 -19.64 -3.73 9.64
CA GLY B 10 -19.70 -3.51 11.08
C GLY B 10 -18.46 -4.04 11.79
N PRO B 11 -17.47 -3.16 12.00
CA PRO B 11 -16.22 -3.53 12.67
C PRO B 11 -16.42 -3.81 14.15
N HIS B 12 -15.49 -4.57 14.73
CA HIS B 12 -15.57 -4.92 16.15
C HIS B 12 -15.76 -3.67 17.00
N GLU B 13 -14.68 -2.91 17.18
CA GLU B 13 -14.72 -1.70 17.99
C GLU B 13 -15.88 -0.80 17.55
N GLU B 14 -16.93 -0.78 18.35
CA GLU B 14 -18.11 0.04 18.05
C GLU B 14 -17.70 1.48 17.73
N LEU B 15 -18.65 2.25 17.21
CA LEU B 15 -18.40 3.65 16.86
C LEU B 15 -17.34 3.74 15.75
N GLU B 16 -17.28 4.91 15.12
CA GLU B 16 -16.32 5.14 14.04
C GLU B 16 -16.50 4.11 12.92
N VAL A 1 2.18 -21.77 22.64
CA VAL A 1 2.45 -21.01 21.43
C VAL A 1 2.98 -21.92 20.33
N PRO A 2 2.61 -21.62 19.07
CA PRO A 2 3.04 -22.39 17.90
C PRO A 2 4.53 -22.20 17.61
N PHE A 3 5.13 -23.22 16.99
CA PHE A 3 6.55 -23.16 16.65
C PHE A 3 6.75 -23.14 15.14
N PRO A 4 7.68 -22.28 14.67
CA PRO A 4 7.99 -22.14 13.25
C PRO A 4 8.69 -23.37 12.69
N PRO A 5 8.20 -23.85 11.53
CA PRO A 5 8.77 -25.03 10.86
C PRO A 5 10.15 -24.75 10.28
N SER A 6 11.11 -25.61 10.60
CA SER A 6 12.47 -25.45 10.10
C SER A 6 12.57 -25.84 8.63
N HIS A 7 11.65 -26.69 8.19
CA HIS A 7 11.62 -27.14 6.80
C HIS A 7 11.26 -25.99 5.86
N ARG A 8 12.19 -25.62 4.99
CA ARG A 8 11.96 -24.54 4.05
C ARG A 8 11.33 -25.07 2.76
N LEU A 9 10.27 -24.42 2.31
CA LEU A 9 9.57 -24.82 1.09
C LEU A 9 10.48 -24.66 -0.12
N THR A 10 10.44 -25.64 -1.02
CA THR A 10 11.25 -25.61 -2.22
C THR A 10 10.46 -25.08 -3.42
N ALA A 11 11.16 -24.76 -4.49
CA ALA A 11 10.52 -24.24 -5.70
C ALA A 11 9.41 -25.18 -6.18
N LYS A 12 9.77 -26.45 -6.38
CA LYS A 12 8.81 -27.44 -6.84
C LYS A 12 7.67 -27.60 -5.85
N GLU A 13 7.87 -27.10 -4.63
CA GLU A 13 6.85 -27.18 -3.59
C GLU A 13 5.92 -25.98 -3.66
N VAL A 14 6.44 -24.84 -4.08
CA VAL A 14 5.65 -23.62 -4.18
C VAL A 14 5.04 -23.50 -5.58
N PHE A 15 5.78 -23.91 -6.59
CA PHE A 15 5.30 -23.84 -7.97
C PHE A 15 5.03 -25.24 -8.52
N ASP A 16 3.88 -25.40 -9.16
CA ASP A 16 3.50 -26.69 -9.74
C ASP A 16 4.11 -26.86 -11.11
N ASN A 17 3.85 -28.01 -11.73
CA ASN A 17 4.38 -28.31 -13.06
C ASN A 17 3.97 -27.24 -14.06
N ASP A 18 2.81 -26.64 -13.83
CA ASP A 18 2.30 -25.59 -14.71
C ASP A 18 3.00 -24.26 -14.44
N GLY A 19 3.94 -24.28 -13.50
CA GLY A 19 4.67 -23.07 -13.16
C GLY A 19 3.84 -22.10 -12.36
N LYS A 20 2.68 -22.55 -11.88
CA LYS A 20 1.80 -21.71 -11.08
C LYS A 20 2.03 -21.93 -9.60
N PRO A 21 2.19 -20.83 -8.85
CA PRO A 21 2.42 -20.88 -7.40
C PRO A 21 1.18 -21.33 -6.63
N ARG A 22 1.41 -22.06 -5.54
CA ARG A 22 0.32 -22.57 -4.72
C ARG A 22 0.09 -21.67 -3.51
N VAL A 23 -0.63 -20.57 -3.72
CA VAL A 23 -0.92 -19.63 -2.64
C VAL A 23 -1.50 -20.34 -1.44
N ASP A 24 -2.16 -21.46 -1.68
CA ASP A 24 -2.78 -22.24 -0.61
C ASP A 24 -1.70 -22.87 0.28
N ILE A 25 -0.70 -23.47 -0.35
CA ILE A 25 0.39 -24.10 0.39
C ILE A 25 1.25 -23.06 1.11
N LEU A 26 1.50 -21.94 0.44
CA LEU A 26 2.30 -20.87 1.03
C LEU A 26 1.58 -20.22 2.20
N LYS A 27 0.32 -19.86 1.98
CA LYS A 27 -0.49 -19.23 3.02
C LYS A 27 -0.44 -20.04 4.31
N ALA A 28 -0.78 -21.32 4.21
CA ALA A 28 -0.78 -22.21 5.36
C ALA A 28 0.59 -22.23 6.03
N HIS A 29 1.64 -22.38 5.23
CA HIS A 29 3.01 -22.41 5.75
C HIS A 29 3.34 -21.11 6.47
N LEU A 30 3.16 -19.99 5.78
CA LEU A 30 3.46 -18.68 6.35
C LEU A 30 2.72 -18.49 7.68
N MET A 31 1.49 -18.99 7.74
CA MET A 31 0.68 -18.88 8.95
C MET A 31 1.36 -19.59 10.12
N LYS A 32 2.17 -20.59 9.82
CA LYS A 32 2.89 -21.34 10.84
C LYS A 32 4.29 -20.78 11.06
N GLU A 33 4.55 -19.60 10.50
CA GLU A 33 5.84 -18.95 10.63
C GLU A 33 6.91 -19.72 9.85
N GLY A 34 6.52 -20.26 8.69
CA GLY A 34 7.45 -21.01 7.88
C GLY A 34 8.17 -20.13 6.86
N ARG A 35 9.41 -20.50 6.54
CA ARG A 35 10.20 -19.74 5.58
C ARG A 35 10.49 -20.58 4.33
N LEU A 36 10.79 -19.91 3.24
CA LEU A 36 11.10 -20.59 1.98
C LEU A 36 12.60 -20.62 1.73
N GLU A 37 13.01 -21.32 0.67
CA GLU A 37 14.41 -21.44 0.32
C GLU A 37 14.90 -20.15 -0.34
N GLU A 38 16.12 -19.73 0.02
CA GLU A 38 16.71 -18.53 -0.53
C GLU A 38 16.53 -18.48 -2.05
N SER A 39 16.59 -19.65 -2.68
CA SER A 39 16.46 -19.75 -4.13
C SER A 39 15.02 -19.43 -4.56
N VAL A 40 14.06 -19.96 -3.82
CA VAL A 40 12.65 -19.73 -4.12
C VAL A 40 12.28 -18.27 -3.93
N ALA A 41 12.66 -17.71 -2.79
CA ALA A 41 12.37 -16.32 -2.48
C ALA A 41 12.91 -15.39 -3.57
N LEU A 42 14.13 -15.65 -4.02
CA LEU A 42 14.76 -14.85 -5.05
C LEU A 42 14.01 -14.96 -6.36
N ARG A 43 13.48 -16.15 -6.64
CA ARG A 43 12.74 -16.39 -7.86
C ARG A 43 11.43 -15.60 -7.88
N ILE A 44 10.74 -15.60 -6.75
CA ILE A 44 9.47 -14.88 -6.63
C ILE A 44 9.68 -13.37 -6.80
N ILE A 45 10.68 -12.84 -6.10
CA ILE A 45 10.98 -11.42 -6.17
C ILE A 45 11.38 -11.01 -7.59
N THR A 46 12.34 -11.74 -8.16
CA THR A 46 12.82 -11.46 -9.51
C THR A 46 11.70 -11.62 -10.53
N GLU A 47 10.84 -12.62 -10.31
CA GLU A 47 9.73 -12.88 -11.20
C GLU A 47 8.70 -11.76 -11.14
N GLY A 48 8.50 -11.21 -9.95
CA GLY A 48 7.55 -10.14 -9.78
C GLY A 48 8.03 -8.82 -10.36
N ALA A 49 9.33 -8.56 -10.22
CA ALA A 49 9.91 -7.34 -10.75
C ALA A 49 9.79 -7.27 -12.27
N SER A 50 10.00 -8.40 -12.92
CA SER A 50 9.91 -8.47 -14.38
C SER A 50 8.52 -8.05 -14.86
N ILE A 51 7.50 -8.50 -14.15
CA ILE A 51 6.12 -8.17 -14.51
C ILE A 51 5.84 -6.69 -14.28
N LEU A 52 6.23 -6.19 -13.12
CA LEU A 52 6.03 -4.78 -12.78
C LEU A 52 6.77 -3.87 -13.74
N ARG A 53 7.98 -4.29 -14.12
CA ARG A 53 8.80 -3.51 -15.04
C ARG A 53 8.05 -3.23 -16.34
N GLN A 54 7.14 -4.13 -16.69
CA GLN A 54 6.35 -3.98 -17.91
C GLN A 54 5.21 -2.99 -17.71
N GLU A 55 4.84 -2.77 -16.45
CA GLU A 55 3.76 -1.85 -16.13
C GLU A 55 4.21 -0.41 -16.30
N LYS A 56 3.25 0.50 -16.36
CA LYS A 56 3.55 1.93 -16.53
C LYS A 56 3.45 2.66 -15.19
N ASN A 57 4.10 3.82 -15.12
CA ASN A 57 4.07 4.61 -13.90
C ASN A 57 2.65 4.82 -13.39
N LEU A 58 1.76 5.23 -14.31
CA LEU A 58 0.37 5.46 -13.96
C LEU A 58 -0.54 4.49 -14.71
N LEU A 59 -0.96 3.42 -14.04
CA LEU A 59 -1.84 2.42 -14.64
C LEU A 59 -3.25 2.98 -14.83
N ASP A 60 -3.92 2.53 -15.88
CA ASP A 60 -5.27 2.98 -16.18
C ASP A 60 -6.18 1.79 -16.48
N ILE A 61 -6.92 1.35 -15.46
CA ILE A 61 -7.83 0.22 -15.61
C ILE A 61 -9.22 0.57 -15.08
N ASP A 62 -10.24 0.23 -15.85
CA ASP A 62 -11.62 0.50 -15.46
C ASP A 62 -12.30 -0.77 -14.95
N ALA A 63 -12.20 -1.00 -13.64
CA ALA A 63 -12.80 -2.18 -13.02
C ALA A 63 -12.86 -2.05 -11.51
N PRO A 64 -13.75 -2.82 -10.88
CA PRO A 64 -13.93 -2.80 -9.42
C PRO A 64 -12.73 -3.40 -8.68
N VAL A 65 -12.06 -2.57 -7.88
CA VAL A 65 -10.91 -3.02 -7.12
C VAL A 65 -10.94 -2.48 -5.70
N THR A 66 -10.29 -3.19 -4.79
CA THR A 66 -10.26 -2.78 -3.39
C THR A 66 -8.89 -2.19 -3.02
N VAL A 67 -8.89 -0.92 -2.66
CA VAL A 67 -7.66 -0.23 -2.30
C VAL A 67 -7.29 -0.51 -0.84
N CYS A 68 -6.01 -0.78 -0.60
CA CYS A 68 -5.52 -1.07 0.74
C CYS A 68 -4.50 -0.03 1.18
N GLY A 69 -4.49 0.25 2.48
CA GLY A 69 -3.56 1.23 3.01
C GLY A 69 -2.22 0.63 3.37
N ASP A 70 -1.42 1.38 4.12
CA ASP A 70 -0.10 0.90 4.53
C ASP A 70 -0.21 -0.43 5.26
N ILE A 71 0.77 -1.30 5.02
CA ILE A 71 0.79 -2.61 5.65
C ILE A 71 1.87 -2.70 6.73
N HIS A 72 3.04 -2.16 6.42
CA HIS A 72 4.16 -2.17 7.36
C HIS A 72 4.55 -3.60 7.72
N GLY A 73 4.83 -4.41 6.70
CA GLY A 73 5.21 -5.78 6.93
C GLY A 73 4.32 -6.47 7.94
N GLN A 74 3.07 -6.04 8.02
CA GLN A 74 2.11 -6.62 8.96
C GLN A 74 1.39 -7.81 8.33
N PHE A 75 2.15 -8.86 8.04
CA PHE A 75 1.59 -10.07 7.45
C PHE A 75 0.40 -10.58 8.26
N PHE A 76 0.56 -10.59 9.58
CA PHE A 76 -0.49 -11.07 10.47
C PHE A 76 -1.79 -10.32 10.22
N ASP A 77 -1.67 -9.07 9.78
CA ASP A 77 -2.84 -8.24 9.50
C ASP A 77 -3.25 -8.37 8.04
N LEU A 78 -2.35 -8.86 7.21
CA LEU A 78 -2.61 -9.02 5.79
C LEU A 78 -3.48 -10.26 5.54
N MET A 79 -3.32 -11.26 6.40
CA MET A 79 -4.09 -12.50 6.28
C MET A 79 -5.56 -12.25 6.60
N LYS A 80 -5.83 -11.52 7.68
CA LYS A 80 -7.19 -11.22 8.10
C LYS A 80 -7.85 -10.27 7.10
N LEU A 81 -7.09 -9.31 6.60
CA LEU A 81 -7.61 -8.34 5.65
C LEU A 81 -8.25 -9.05 4.45
N PHE A 82 -7.54 -10.02 3.89
CA PHE A 82 -8.04 -10.77 2.75
C PHE A 82 -9.32 -11.52 3.10
N GLU A 83 -9.41 -11.95 4.36
CA GLU A 83 -10.58 -12.68 4.83
C GLU A 83 -11.81 -11.80 4.84
N VAL A 84 -11.64 -10.57 5.31
CA VAL A 84 -12.75 -9.61 5.37
C VAL A 84 -13.05 -9.03 4.00
N GLY A 85 -12.00 -8.76 3.22
CA GLY A 85 -12.17 -8.21 1.89
C GLY A 85 -12.55 -9.26 0.87
N GLY A 86 -12.16 -10.50 1.13
CA GLY A 86 -12.47 -11.58 0.22
C GLY A 86 -11.22 -12.24 -0.36
N SER A 87 -11.38 -13.44 -0.89
CA SER A 87 -10.25 -14.18 -1.46
C SER A 87 -9.77 -13.50 -2.74
N PRO A 88 -8.44 -13.38 -2.87
CA PRO A 88 -7.81 -12.76 -4.04
C PRO A 88 -7.96 -13.59 -5.30
N ALA A 89 -8.36 -14.86 -5.12
CA ALA A 89 -8.55 -15.76 -6.25
C ALA A 89 -9.67 -15.28 -7.16
N ASN A 90 -10.61 -14.53 -6.60
CA ASN A 90 -11.73 -14.00 -7.36
C ASN A 90 -12.02 -12.55 -6.98
N THR A 91 -11.10 -11.94 -6.24
CA THR A 91 -11.25 -10.56 -5.81
C THR A 91 -10.04 -9.73 -6.18
N ARG A 92 -10.27 -8.57 -6.79
CA ARG A 92 -9.19 -7.68 -7.20
C ARG A 92 -8.77 -6.78 -6.04
N TYR A 93 -7.47 -6.74 -5.78
CA TYR A 93 -6.93 -5.93 -4.70
C TYR A 93 -5.93 -4.90 -5.23
N LEU A 94 -5.72 -3.83 -4.48
CA LEU A 94 -4.79 -2.78 -4.87
C LEU A 94 -4.09 -2.19 -3.66
N PHE A 95 -2.78 -2.32 -3.61
CA PHE A 95 -1.99 -1.78 -2.50
C PHE A 95 -1.43 -0.40 -2.84
N LEU A 96 -1.39 0.47 -1.84
CA LEU A 96 -0.88 1.82 -2.03
C LEU A 96 0.60 1.90 -1.68
N GLY A 97 1.20 0.75 -1.42
CA GLY A 97 2.62 0.70 -1.09
C GLY A 97 2.85 0.51 0.40
N ASP A 98 4.07 0.83 0.85
CA ASP A 98 4.41 0.69 2.26
C ASP A 98 4.09 -0.71 2.77
N TYR A 99 4.82 -1.70 2.28
CA TYR A 99 4.60 -3.09 2.68
C TYR A 99 5.70 -3.55 3.63
N VAL A 100 6.77 -2.77 3.72
CA VAL A 100 7.89 -3.11 4.58
C VAL A 100 8.07 -2.06 5.67
N ASP A 101 9.03 -2.30 6.56
CA ASP A 101 9.31 -1.36 7.65
C ASP A 101 8.24 -1.47 8.74
N ARG A 102 8.60 -1.08 9.96
CA ARG A 102 7.69 -1.14 11.08
C ARG A 102 7.48 -2.57 11.55
N GLY A 103 6.83 -3.38 10.70
CA GLY A 103 6.58 -4.76 11.05
C GLY A 103 7.80 -5.64 10.85
N TYR A 104 7.97 -6.62 11.73
CA TYR A 104 9.11 -7.52 11.65
C TYR A 104 8.81 -8.69 10.71
N PHE A 105 7.83 -8.50 9.83
CA PHE A 105 7.44 -9.53 8.88
C PHE A 105 7.28 -8.95 7.48
N SER A 106 8.13 -7.97 7.15
CA SER A 106 8.08 -7.33 5.84
C SER A 106 8.38 -8.33 4.73
N ILE A 107 9.31 -9.22 5.00
CA ILE A 107 9.71 -10.23 4.01
C ILE A 107 8.52 -11.11 3.64
N GLU A 108 7.72 -11.48 4.65
CA GLU A 108 6.54 -12.33 4.42
C GLU A 108 5.50 -11.59 3.58
N CYS A 109 5.41 -10.29 3.77
CA CYS A 109 4.45 -9.48 3.03
C CYS A 109 4.86 -9.34 1.57
N VAL A 110 6.13 -9.01 1.35
CA VAL A 110 6.66 -8.85 0.00
C VAL A 110 6.61 -10.16 -0.77
N LEU A 111 7.02 -11.24 -0.11
CA LEU A 111 7.02 -12.57 -0.73
C LEU A 111 5.60 -13.00 -1.10
N TYR A 112 4.68 -12.86 -0.16
CA TYR A 112 3.29 -13.24 -0.39
C TYR A 112 2.64 -12.32 -1.41
N LEU A 113 2.98 -11.04 -1.34
CA LEU A 113 2.42 -10.05 -2.26
C LEU A 113 2.96 -10.27 -3.67
N TRP A 114 4.24 -10.60 -3.77
CA TRP A 114 4.87 -10.84 -5.07
C TRP A 114 4.31 -12.10 -5.72
N ALA A 115 4.18 -13.16 -4.93
CA ALA A 115 3.66 -14.43 -5.44
C ALA A 115 2.22 -14.28 -5.91
N LEU A 116 1.43 -13.51 -5.16
CA LEU A 116 0.03 -13.28 -5.50
C LEU A 116 -0.09 -12.44 -6.77
N LYS A 117 0.88 -11.56 -6.97
CA LYS A 117 0.88 -10.69 -8.16
C LYS A 117 1.20 -11.49 -9.41
N ILE A 118 2.11 -12.44 -9.29
CA ILE A 118 2.51 -13.27 -10.42
C ILE A 118 1.40 -14.24 -10.80
N LEU A 119 0.66 -14.71 -9.80
CA LEU A 119 -0.44 -15.64 -10.02
C LEU A 119 -1.66 -14.92 -10.61
N TYR A 120 -1.94 -13.74 -10.07
CA TYR A 120 -3.08 -12.95 -10.53
C TYR A 120 -2.67 -11.50 -10.78
N PRO A 121 -1.77 -11.30 -11.75
CA PRO A 121 -1.27 -9.97 -12.12
C PRO A 121 -2.34 -9.11 -12.80
N LYS A 122 -3.50 -9.71 -13.03
CA LYS A 122 -4.60 -9.02 -13.68
C LYS A 122 -5.72 -8.70 -12.68
N THR A 123 -5.49 -9.06 -11.42
CA THR A 123 -6.47 -8.83 -10.37
C THR A 123 -5.81 -8.24 -9.13
N LEU A 124 -4.49 -8.39 -9.04
CA LEU A 124 -3.73 -7.87 -7.90
C LEU A 124 -2.72 -6.82 -8.35
N PHE A 125 -2.90 -5.60 -7.88
CA PHE A 125 -2.00 -4.50 -8.24
C PHE A 125 -1.27 -3.97 -7.00
N LEU A 126 0.02 -3.70 -7.16
CA LEU A 126 0.82 -3.18 -6.06
C LEU A 126 1.55 -1.90 -6.46
N LEU A 127 1.39 -0.86 -5.66
CA LEU A 127 2.03 0.42 -5.93
C LEU A 127 3.23 0.65 -5.00
N ARG A 128 4.13 1.52 -5.42
CA ARG A 128 5.32 1.82 -4.63
C ARG A 128 5.03 2.93 -3.61
N GLY A 129 5.61 2.81 -2.43
CA GLY A 129 5.41 3.80 -1.39
C GLY A 129 6.69 4.49 -0.97
N ASN A 130 6.57 5.54 -0.18
CA ASN A 130 7.74 6.29 0.29
C ASN A 130 8.70 5.37 1.04
N HIS A 131 8.19 4.23 1.49
CA HIS A 131 9.01 3.26 2.22
C HIS A 131 9.72 2.31 1.27
N GLU A 132 9.23 2.25 0.03
CA GLU A 132 9.81 1.37 -0.98
C GLU A 132 11.12 1.96 -1.52
N CYS A 133 12.13 2.02 -0.66
CA CYS A 133 13.42 2.56 -1.06
C CYS A 133 14.56 1.83 -0.33
N ARG A 134 15.79 2.19 -0.65
CA ARG A 134 16.96 1.58 -0.03
C ARG A 134 17.39 2.36 1.21
N HIS A 135 17.51 3.67 1.06
CA HIS A 135 17.92 4.53 2.17
C HIS A 135 17.03 4.28 3.39
N LEU A 136 15.74 4.16 3.16
CA LEU A 136 14.78 3.92 4.25
C LEU A 136 14.93 2.52 4.81
N THR A 137 15.03 1.53 3.91
CA THR A 137 15.17 0.15 4.32
C THR A 137 16.43 -0.06 5.17
N GLU A 138 17.45 0.75 4.89
CA GLU A 138 18.70 0.66 5.62
C GLU A 138 18.55 1.21 7.04
N TYR A 139 17.74 2.26 7.18
CA TYR A 139 17.50 2.88 8.47
C TYR A 139 16.57 2.03 9.32
N PHE A 140 15.51 1.51 8.68
CA PHE A 140 14.54 0.68 9.38
C PHE A 140 15.12 -0.68 9.70
N THR A 141 14.27 -1.58 10.20
CA THR A 141 14.70 -2.93 10.55
C THR A 141 14.46 -3.90 9.40
N PHE A 142 14.21 -3.36 8.22
CA PHE A 142 13.97 -4.17 7.03
C PHE A 142 15.25 -4.88 6.59
N LYS A 143 16.30 -4.10 6.36
CA LYS A 143 17.59 -4.65 5.93
C LYS A 143 18.08 -5.71 6.92
N GLN A 144 18.10 -5.35 8.20
CA GLN A 144 18.55 -6.27 9.23
C GLN A 144 17.71 -7.55 9.22
N GLU A 145 16.43 -7.41 8.93
CA GLU A 145 15.52 -8.55 8.89
C GLU A 145 15.91 -9.51 7.78
N CYS A 146 16.11 -8.98 6.58
CA CYS A 146 16.50 -9.79 5.43
C CYS A 146 17.81 -10.51 5.69
N LYS A 147 18.70 -9.87 6.44
CA LYS A 147 20.00 -10.45 6.75
C LYS A 147 19.88 -11.47 7.87
N ILE A 148 18.94 -11.24 8.78
CA ILE A 148 18.72 -12.16 9.90
C ILE A 148 17.95 -13.40 9.45
N LYS A 149 16.98 -13.20 8.56
CA LYS A 149 16.17 -14.31 8.05
C LYS A 149 16.85 -14.97 6.86
N TYR A 150 17.34 -14.16 5.93
CA TYR A 150 18.01 -14.67 4.74
C TYR A 150 19.42 -14.08 4.62
N SER A 151 19.59 -13.16 3.68
CA SER A 151 20.89 -12.53 3.46
C SER A 151 20.73 -11.23 2.65
N GLU A 152 21.85 -10.58 2.38
CA GLU A 152 21.84 -9.33 1.62
C GLU A 152 21.38 -9.57 0.19
N ARG A 153 21.53 -10.82 -0.27
CA ARG A 153 21.12 -11.18 -1.63
C ARG A 153 19.64 -10.90 -1.85
N VAL A 154 18.81 -11.34 -0.90
CA VAL A 154 17.37 -11.14 -0.99
C VAL A 154 17.01 -9.67 -0.86
N TYR A 155 17.69 -8.97 0.05
CA TYR A 155 17.45 -7.55 0.28
C TYR A 155 17.67 -6.75 -1.00
N ASP A 156 18.83 -6.95 -1.63
CA ASP A 156 19.16 -6.25 -2.85
C ASP A 156 18.12 -6.53 -3.94
N ALA A 157 17.68 -7.77 -4.02
CA ALA A 157 16.70 -8.18 -5.01
C ALA A 157 15.41 -7.38 -4.85
N CYS A 158 14.94 -7.27 -3.61
CA CYS A 158 13.71 -6.53 -3.33
C CYS A 158 13.85 -5.06 -3.72
N MET A 159 15.00 -4.48 -3.41
CA MET A 159 15.25 -3.07 -3.74
C MET A 159 15.11 -2.83 -5.24
N ASP A 160 15.77 -3.67 -6.03
CA ASP A 160 15.72 -3.54 -7.48
C ASP A 160 14.31 -3.80 -8.00
N ALA A 161 13.59 -4.67 -7.31
CA ALA A 161 12.22 -4.99 -7.70
C ALA A 161 11.26 -3.86 -7.37
N PHE A 162 11.45 -3.24 -6.22
CA PHE A 162 10.60 -2.14 -5.78
C PHE A 162 10.66 -0.99 -6.79
N ASP A 163 11.81 -0.81 -7.41
CA ASP A 163 12.00 0.26 -8.39
C ASP A 163 11.15 -0.01 -9.64
N CYS A 164 10.61 -1.21 -9.72
CA CYS A 164 9.77 -1.58 -10.86
C CYS A 164 8.29 -1.37 -10.55
N LEU A 165 8.00 -1.07 -9.29
CA LEU A 165 6.62 -0.83 -8.86
C LEU A 165 6.09 0.48 -9.43
N PRO A 166 4.77 0.51 -9.68
CA PRO A 166 4.10 1.70 -10.22
C PRO A 166 4.04 2.85 -9.22
N LEU A 167 3.88 4.07 -9.72
CA LEU A 167 3.81 5.24 -8.85
C LEU A 167 2.36 5.58 -8.52
N ALA A 168 1.49 5.45 -9.51
CA ALA A 168 0.07 5.73 -9.32
C ALA A 168 -0.79 4.89 -10.26
N ALA A 169 -2.11 4.98 -10.09
CA ALA A 169 -3.04 4.23 -10.92
C ALA A 169 -4.37 4.97 -11.07
N LEU A 170 -4.90 4.98 -12.29
CA LEU A 170 -6.17 5.65 -12.56
C LEU A 170 -7.31 4.65 -12.63
N MET A 171 -8.04 4.51 -11.52
CA MET A 171 -9.17 3.58 -11.47
C MET A 171 -10.42 4.21 -12.09
N ASN A 172 -10.90 3.60 -13.17
CA ASN A 172 -12.07 4.10 -13.86
C ASN A 172 -11.82 5.48 -14.46
N GLN A 173 -10.55 5.80 -14.69
CA GLN A 173 -10.18 7.08 -15.25
C GLN A 173 -10.87 8.23 -14.53
N GLN A 174 -11.24 7.99 -13.27
CA GLN A 174 -11.92 8.99 -12.47
C GLN A 174 -11.22 9.18 -11.12
N PHE A 175 -10.80 8.08 -10.53
CA PHE A 175 -10.13 8.12 -9.24
C PHE A 175 -8.62 7.92 -9.41
N LEU A 176 -7.85 8.67 -8.63
CA LEU A 176 -6.39 8.58 -8.70
C LEU A 176 -5.83 7.89 -7.46
N CYS A 177 -5.21 6.74 -7.66
CA CYS A 177 -4.64 5.98 -6.56
C CYS A 177 -3.16 6.32 -6.38
N VAL A 178 -2.81 6.81 -5.19
CA VAL A 178 -1.43 7.18 -4.89
C VAL A 178 -1.11 6.92 -3.42
N HIS A 179 0.15 7.16 -3.05
CA HIS A 179 0.59 6.95 -1.68
C HIS A 179 0.58 8.26 -0.90
N GLY A 180 1.17 9.30 -1.48
CA GLY A 180 1.21 10.59 -0.82
C GLY A 180 0.08 11.51 -1.27
N GLY A 181 0.09 11.86 -2.55
CA GLY A 181 -0.94 12.74 -3.07
C GLY A 181 -0.51 13.43 -4.35
N LEU A 182 -0.95 14.67 -4.53
CA LEU A 182 -0.61 15.45 -5.71
C LEU A 182 0.77 16.10 -5.57
N SER A 183 1.24 16.73 -6.63
CA SER A 183 2.54 17.38 -6.62
C SER A 183 2.48 18.73 -7.34
N PRO A 184 3.32 19.67 -6.91
CA PRO A 184 3.39 21.01 -7.50
C PRO A 184 3.99 21.00 -8.91
N GLU A 185 4.90 20.04 -9.15
CA GLU A 185 5.54 19.92 -10.46
C GLU A 185 4.74 19.00 -11.37
N ILE A 186 3.55 18.62 -10.93
CA ILE A 186 2.68 17.75 -11.71
C ILE A 186 1.25 18.27 -11.75
N ASN A 187 0.90 18.91 -12.87
CA ASN A 187 -0.44 19.46 -13.03
C ASN A 187 -1.23 18.66 -14.06
N THR A 188 -0.60 17.65 -14.63
CA THR A 188 -1.24 16.81 -15.63
C THR A 188 -0.74 15.37 -15.55
N LEU A 189 -1.51 14.44 -16.09
CA LEU A 189 -1.14 13.03 -16.09
C LEU A 189 0.16 12.80 -16.86
N ASP A 190 0.38 13.63 -17.89
CA ASP A 190 1.58 13.51 -18.72
C ASP A 190 2.83 13.77 -17.88
N ASP A 191 2.71 14.66 -16.91
CA ASP A 191 3.83 15.00 -16.03
C ASP A 191 4.34 13.77 -15.29
N ILE A 192 3.42 12.84 -15.01
CA ILE A 192 3.77 11.62 -14.30
C ILE A 192 4.40 10.59 -15.25
N ARG A 193 3.83 10.48 -16.45
CA ARG A 193 4.33 9.53 -17.44
C ARG A 193 5.77 9.85 -17.80
N LYS A 194 6.11 11.13 -17.83
CA LYS A 194 7.46 11.57 -18.16
C LYS A 194 8.39 11.41 -16.97
N LEU A 195 7.96 10.62 -15.98
CA LEU A 195 8.75 10.38 -14.79
C LEU A 195 9.49 9.05 -14.88
N ASP A 196 10.60 8.94 -14.15
CA ASP A 196 11.39 7.71 -14.15
C ASP A 196 11.09 6.87 -12.91
N ARG A 197 10.47 5.72 -13.12
CA ARG A 197 10.12 4.83 -12.02
C ARG A 197 11.29 3.90 -11.68
N PHE A 198 11.97 3.43 -12.72
CA PHE A 198 13.12 2.53 -12.53
C PHE A 198 14.29 3.28 -11.91
N LYS A 199 14.16 3.60 -10.62
CA LYS A 199 15.22 4.31 -9.91
C LYS A 199 14.82 4.54 -8.45
N GLU A 200 15.78 5.01 -7.66
CA GLU A 200 15.52 5.26 -6.24
C GLU A 200 14.96 6.67 -6.03
N PRO A 201 13.98 6.78 -5.12
CA PRO A 201 13.34 8.06 -4.81
C PRO A 201 14.27 9.02 -4.07
N PRO A 202 14.49 10.20 -4.68
CA PRO A 202 15.36 11.22 -4.09
C PRO A 202 14.76 11.86 -2.84
N ALA A 203 15.58 12.59 -2.10
CA ALA A 203 15.12 13.27 -0.89
C ALA A 203 14.10 14.35 -1.21
N TYR A 204 13.94 14.65 -2.49
CA TYR A 204 13.00 15.67 -2.92
C TYR A 204 12.67 15.51 -4.40
N GLY A 205 11.70 16.30 -4.88
CA GLY A 205 11.31 16.23 -6.27
C GLY A 205 9.85 15.87 -6.45
N PRO A 206 9.42 15.70 -7.71
CA PRO A 206 8.03 15.35 -8.03
C PRO A 206 7.68 13.93 -7.62
N MET A 207 8.52 12.98 -8.01
CA MET A 207 8.30 11.57 -7.69
C MET A 207 8.32 11.36 -6.18
N CYS A 208 9.24 12.05 -5.50
CA CYS A 208 9.37 11.93 -4.05
C CYS A 208 8.16 12.53 -3.35
N ASP A 209 7.78 13.74 -3.77
CA ASP A 209 6.64 14.43 -3.17
C ASP A 209 5.39 13.55 -3.22
N ILE A 210 5.06 13.06 -4.41
CA ILE A 210 3.89 12.21 -4.59
C ILE A 210 3.86 11.09 -3.55
N LEU A 211 5.03 10.58 -3.21
CA LEU A 211 5.14 9.51 -2.22
C LEU A 211 5.18 10.07 -0.81
N TRP A 212 5.58 11.33 -0.70
CA TRP A 212 5.67 11.99 0.60
C TRP A 212 4.58 13.05 0.74
N SER A 213 3.85 13.29 -0.34
CA SER A 213 2.80 14.30 -0.35
C SER A 213 1.83 14.07 0.81
N ASP A 214 1.35 15.17 1.40
CA ASP A 214 0.43 15.09 2.52
C ASP A 214 -0.43 16.35 2.61
N PRO A 215 -1.66 16.20 3.12
CA PRO A 215 -2.60 17.32 3.27
C PRO A 215 -2.16 18.29 4.35
N LEU A 216 -2.61 19.54 4.24
CA LEU A 216 -2.28 20.57 5.22
C LEU A 216 -2.81 20.21 6.60
N GLU A 217 -2.16 20.72 7.63
CA GLU A 217 -2.57 20.46 9.00
C GLU A 217 -4.01 20.91 9.24
N ASP A 218 -4.53 21.71 8.32
CA ASP A 218 -5.90 22.21 8.41
C ASP A 218 -6.62 22.08 7.08
N PHE A 219 -6.72 20.84 6.58
CA PHE A 219 -7.39 20.59 5.32
C PHE A 219 -8.88 20.91 5.41
N GLY A 220 -9.23 21.78 6.34
CA GLY A 220 -10.62 22.16 6.52
C GLY A 220 -10.79 23.61 6.92
N ASN A 221 -10.47 23.91 8.18
CA ASN A 221 -10.59 25.27 8.70
C ASN A 221 -9.31 26.06 8.44
N GLU A 222 -9.12 26.47 7.18
CA GLU A 222 -7.94 27.23 6.81
C GLU A 222 -8.22 28.74 6.86
N LYS A 223 -7.19 29.51 7.17
CA LYS A 223 -7.33 30.97 7.26
C LYS A 223 -6.47 31.66 6.20
N THR A 224 -5.35 31.03 5.85
CA THR A 224 -4.44 31.57 4.85
C THR A 224 -4.95 31.30 3.44
N GLN A 225 -5.23 30.03 3.14
CA GLN A 225 -5.72 29.64 1.83
C GLN A 225 -4.55 29.34 0.88
N GLU A 226 -3.43 28.91 1.44
CA GLU A 226 -2.25 28.60 0.64
C GLU A 226 -2.43 27.28 -0.09
N HIS A 227 -2.06 27.27 -1.38
CA HIS A 227 -2.17 26.07 -2.19
C HIS A 227 -1.16 25.00 -1.75
N PHE A 228 0.11 25.32 -1.88
CA PHE A 228 1.18 24.40 -1.50
C PHE A 228 2.08 25.02 -0.44
N THR A 229 2.62 24.18 0.44
CA THR A 229 3.50 24.65 1.50
C THR A 229 4.53 23.59 1.86
N HIS A 230 5.62 24.02 2.50
CA HIS A 230 6.69 23.11 2.90
C HIS A 230 6.21 22.16 3.99
N ASN A 231 6.54 20.88 3.84
CA ASN A 231 6.14 19.87 4.82
C ASN A 231 7.12 19.84 5.99
N THR A 232 6.88 20.70 6.97
CA THR A 232 7.74 20.77 8.15
C THR A 232 7.47 19.59 9.09
N VAL A 233 6.25 19.07 9.05
CA VAL A 233 5.88 17.94 9.89
C VAL A 233 6.59 16.67 9.46
N ARG A 234 6.43 16.29 8.20
CA ARG A 234 7.06 15.09 7.67
C ARG A 234 8.56 15.30 7.51
N GLY A 235 8.99 16.55 7.61
CA GLY A 235 10.41 16.85 7.48
C GLY A 235 10.87 16.83 6.03
N CYS A 236 9.92 16.78 5.10
CA CYS A 236 10.23 16.75 3.68
C CYS A 236 8.96 16.81 2.85
N SER A 237 9.13 17.10 1.56
CA SER A 237 7.99 17.20 0.65
C SER A 237 7.23 18.50 0.86
N TYR A 238 5.94 18.50 0.54
CA TYR A 238 5.11 19.68 0.69
C TYR A 238 3.73 19.31 1.23
N PHE A 239 2.86 20.31 1.36
CA PHE A 239 1.51 20.09 1.86
C PHE A 239 0.48 20.72 0.94
N TYR A 240 -0.56 19.97 0.63
CA TYR A 240 -1.63 20.45 -0.25
C TYR A 240 -2.88 20.81 0.54
N SER A 241 -3.53 21.90 0.16
CA SER A 241 -4.73 22.36 0.84
C SER A 241 -5.98 21.89 0.10
N TYR A 242 -7.15 22.21 0.66
CA TYR A 242 -8.42 21.82 0.05
C TYR A 242 -8.58 22.45 -1.32
N PRO A 243 -8.25 23.75 -1.41
CA PRO A 243 -8.36 24.50 -2.66
C PRO A 243 -7.32 24.08 -3.69
N ALA A 244 -6.17 23.63 -3.21
CA ALA A 244 -5.09 23.18 -4.08
C ALA A 244 -5.47 21.90 -4.80
N VAL A 245 -5.97 20.92 -4.05
CA VAL A 245 -6.38 19.64 -4.63
C VAL A 245 -7.60 19.80 -5.52
N CYS A 246 -8.56 20.61 -5.07
CA CYS A 246 -9.78 20.86 -5.83
C CYS A 246 -9.46 21.45 -7.19
N GLU A 247 -8.37 22.22 -7.25
CA GLU A 247 -7.95 22.85 -8.50
C GLU A 247 -7.37 21.83 -9.47
N PHE A 248 -6.51 20.95 -8.94
CA PHE A 248 -5.88 19.92 -9.76
C PHE A 248 -6.92 18.95 -10.31
N LEU A 249 -7.85 18.53 -9.45
CA LEU A 249 -8.89 17.60 -9.85
C LEU A 249 -9.72 18.17 -11.00
N GLN A 250 -10.28 19.36 -10.80
CA GLN A 250 -11.09 20.01 -11.81
C GLN A 250 -10.33 20.10 -13.13
N HIS A 251 -9.06 20.45 -13.06
CA HIS A 251 -8.22 20.58 -14.24
C HIS A 251 -8.02 19.23 -14.92
N ASN A 252 -7.90 18.18 -14.11
CA ASN A 252 -7.72 16.83 -14.62
C ASN A 252 -9.04 16.07 -14.66
N ASN A 253 -10.13 16.77 -14.37
CA ASN A 253 -11.46 16.17 -14.38
C ASN A 253 -11.45 14.85 -13.59
N LEU A 254 -10.98 14.91 -12.37
CA LEU A 254 -10.92 13.72 -11.51
C LEU A 254 -12.07 13.71 -10.52
N LEU A 255 -12.49 12.52 -10.12
CA LEU A 255 -13.60 12.37 -9.17
C LEU A 255 -13.10 12.51 -7.74
N SER A 256 -12.13 11.68 -7.37
CA SER A 256 -11.57 11.71 -6.02
C SER A 256 -10.16 11.12 -6.01
N ILE A 257 -9.41 11.41 -4.95
CA ILE A 257 -8.05 10.91 -4.81
C ILE A 257 -7.94 9.93 -3.64
N LEU A 258 -7.75 8.66 -3.96
CA LEU A 258 -7.63 7.62 -2.94
C LEU A 258 -6.17 7.30 -2.66
N ARG A 259 -5.77 7.42 -1.40
CA ARG A 259 -4.40 7.15 -0.99
C ARG A 259 -4.31 6.88 0.50
N ALA A 260 -3.09 6.72 1.00
CA ALA A 260 -2.87 6.46 2.42
C ALA A 260 -1.71 7.29 2.95
N HIS A 261 -0.73 6.61 3.56
CA HIS A 261 0.43 7.29 4.13
C HIS A 261 0.06 8.02 5.41
N GLU A 262 -1.23 8.05 5.72
CA GLU A 262 -1.71 8.72 6.93
C GLU A 262 -2.52 7.76 7.78
N ALA A 263 -2.00 7.43 8.96
CA ALA A 263 -2.68 6.52 9.88
C ALA A 263 -4.03 7.09 10.30
N GLN A 264 -5.03 6.22 10.42
CA GLN A 264 -6.37 6.63 10.82
C GLN A 264 -6.90 5.75 11.95
N ASP A 265 -7.56 6.37 12.92
CA ASP A 265 -8.11 5.65 14.05
C ASP A 265 -9.22 4.71 13.60
N ALA A 266 -9.87 5.04 12.48
CA ALA A 266 -10.94 4.23 11.95
C ALA A 266 -10.50 3.49 10.68
N GLY A 267 -9.20 3.57 10.39
CA GLY A 267 -8.68 2.90 9.21
C GLY A 267 -8.95 3.68 7.94
N TYR A 268 -9.60 4.83 8.07
CA TYR A 268 -9.93 5.66 6.93
C TYR A 268 -10.38 7.05 7.37
N ARG A 269 -10.39 7.99 6.43
CA ARG A 269 -10.80 9.36 6.72
C ARG A 269 -11.20 10.10 5.45
N MET A 270 -12.36 10.73 5.48
CA MET A 270 -12.86 11.47 4.32
C MET A 270 -12.56 12.96 4.46
N TYR A 271 -12.02 13.55 3.40
CA TYR A 271 -11.69 14.97 3.40
C TYR A 271 -12.80 15.80 2.77
N ARG A 272 -12.70 17.12 2.90
CA ARG A 272 -13.70 18.02 2.34
C ARG A 272 -14.14 17.54 0.97
N LYS A 273 -15.46 17.55 0.74
CA LYS A 273 -16.02 17.12 -0.53
C LYS A 273 -16.08 18.28 -1.52
N SER A 274 -16.26 17.96 -2.79
CA SER A 274 -16.35 18.98 -3.84
C SER A 274 -17.63 19.79 -3.70
N GLN A 275 -17.54 21.08 -3.99
CA GLN A 275 -18.70 21.97 -3.91
C GLN A 275 -19.75 21.59 -4.95
N THR A 276 -19.32 20.90 -6.00
CA THR A 276 -20.22 20.48 -7.06
C THR A 276 -20.86 19.14 -6.74
N THR A 277 -20.03 18.10 -6.62
CA THR A 277 -20.50 16.76 -6.32
C THR A 277 -20.40 16.46 -4.82
N GLY A 278 -21.33 15.67 -4.32
CA GLY A 278 -21.33 15.32 -2.91
C GLY A 278 -20.32 14.24 -2.59
N PHE A 279 -19.18 14.27 -3.27
CA PHE A 279 -18.13 13.29 -3.05
C PHE A 279 -16.88 13.95 -2.46
N PRO A 280 -16.12 13.17 -1.66
CA PRO A 280 -14.91 13.66 -1.03
C PRO A 280 -13.77 13.90 -2.02
N SER A 281 -13.12 15.05 -1.91
CA SER A 281 -12.02 15.39 -2.82
C SER A 281 -10.82 14.50 -2.57
N LEU A 282 -10.65 14.07 -1.31
CA LEU A 282 -9.53 13.21 -0.95
C LEU A 282 -9.97 12.16 0.07
N ILE A 283 -9.33 10.99 0.02
CA ILE A 283 -9.65 9.90 0.94
C ILE A 283 -8.39 9.17 1.39
N THR A 284 -8.27 8.96 2.69
CA THR A 284 -7.12 8.27 3.25
C THR A 284 -7.50 6.89 3.77
N ILE A 285 -6.79 5.86 3.30
CA ILE A 285 -7.06 4.49 3.72
C ILE A 285 -5.86 3.91 4.46
N PHE A 286 -6.13 3.30 5.61
CA PHE A 286 -5.08 2.70 6.42
C PHE A 286 -5.42 1.26 6.77
N SER A 287 -4.63 0.32 6.25
CA SER A 287 -4.85 -1.10 6.50
C SER A 287 -3.83 -1.63 7.52
N ALA A 288 -3.34 -0.75 8.36
CA ALA A 288 -2.37 -1.13 9.39
C ALA A 288 -2.90 -0.87 10.79
N PRO A 289 -3.59 -1.86 11.35
CA PRO A 289 -4.17 -1.77 12.70
C PRO A 289 -3.11 -1.74 13.80
N ASN A 290 -3.46 -1.18 14.95
CA ASN A 290 -2.53 -1.09 16.07
C ASN A 290 -1.17 -0.56 15.61
N TYR A 291 -1.19 0.62 14.99
CA TYR A 291 0.04 1.23 14.51
C TYR A 291 1.08 1.32 15.62
N LEU A 292 2.34 1.07 15.26
CA LEU A 292 3.43 1.13 16.23
C LEU A 292 3.16 0.18 17.40
N ASP A 293 2.24 -0.75 17.20
CA ASP A 293 1.89 -1.71 18.24
C ASP A 293 1.42 -1.02 19.51
N VAL A 294 1.30 0.31 19.43
CA VAL A 294 0.86 1.11 20.58
C VAL A 294 -0.57 1.61 20.37
N TYR A 295 -0.76 2.43 19.36
CA TYR A 295 -2.07 2.99 19.06
C TYR A 295 -3.09 1.89 18.79
N ASN A 296 -4.29 2.06 19.33
CA ASN A 296 -5.35 1.07 19.16
C ASN A 296 -6.25 1.44 17.97
N ASN A 297 -5.64 1.94 16.90
CA ASN A 297 -6.37 2.33 15.71
C ASN A 297 -6.80 1.11 14.91
N LYS A 298 -7.92 1.23 14.19
CA LYS A 298 -8.42 0.13 13.38
C LYS A 298 -8.01 0.28 11.92
N ALA A 299 -8.15 -0.78 11.16
CA ALA A 299 -7.80 -0.76 9.74
C ALA A 299 -9.02 -0.96 8.86
N ALA A 300 -8.87 -0.70 7.56
CA ALA A 300 -9.96 -0.85 6.62
C ALA A 300 -9.45 -0.80 5.18
N VAL A 301 -10.31 -1.19 4.23
CA VAL A 301 -9.95 -1.18 2.83
C VAL A 301 -11.09 -0.63 1.97
N LEU A 302 -10.74 0.17 0.98
CA LEU A 302 -11.74 0.76 0.09
C LEU A 302 -12.09 -0.20 -1.04
N LYS A 303 -13.38 -0.42 -1.24
CA LYS A 303 -13.85 -1.32 -2.29
C LYS A 303 -14.79 -0.58 -3.25
N TYR A 304 -14.30 -0.30 -4.45
CA TYR A 304 -15.09 0.40 -5.46
C TYR A 304 -15.59 -0.57 -6.53
N GLU A 305 -16.90 -0.65 -6.67
CA GLU A 305 -17.51 -1.53 -7.67
C GLU A 305 -18.92 -1.08 -8.01
N ASN A 306 -19.30 -1.26 -9.27
CA ASN A 306 -20.63 -0.87 -9.74
C ASN A 306 -21.00 0.51 -9.19
N ASN A 307 -20.10 1.47 -9.33
CA ASN A 307 -20.34 2.83 -8.86
C ASN A 307 -20.71 2.83 -7.38
N VAL A 308 -20.04 1.96 -6.61
CA VAL A 308 -20.30 1.86 -5.17
C VAL A 308 -19.00 1.82 -4.39
N MET A 309 -18.85 2.72 -3.43
CA MET A 309 -17.66 2.78 -2.60
C MET A 309 -17.94 2.26 -1.19
N ASN A 310 -17.62 0.98 -0.97
CA ASN A 310 -17.84 0.36 0.33
C ASN A 310 -16.54 0.25 1.10
N ILE A 311 -16.55 0.71 2.35
CA ILE A 311 -15.37 0.65 3.20
C ILE A 311 -15.52 -0.40 4.29
N ARG A 312 -14.61 -1.38 4.28
CA ARG A 312 -14.64 -2.45 5.27
C ARG A 312 -13.57 -2.24 6.33
N GLN A 313 -13.99 -2.18 7.59
CA GLN A 313 -13.06 -1.99 8.70
C GLN A 313 -12.83 -3.29 9.45
N PHE A 314 -11.65 -3.43 10.05
CA PHE A 314 -11.31 -4.63 10.80
C PHE A 314 -10.28 -4.31 11.89
N ASN A 315 -10.29 -5.12 12.94
CA ASN A 315 -9.36 -4.92 14.05
C ASN A 315 -8.06 -5.70 13.82
N CYS A 316 -7.06 -5.42 14.64
CA CYS A 316 -5.77 -6.09 14.53
C CYS A 316 -5.90 -7.57 14.82
N SER A 317 -4.84 -8.33 14.54
CA SER A 317 -4.83 -9.77 14.78
C SER A 317 -3.75 -10.15 15.78
N PRO A 318 -3.88 -11.36 16.35
CA PRO A 318 -2.93 -11.88 17.33
C PRO A 318 -1.58 -12.21 16.70
N HIS A 319 -0.50 -11.92 17.43
CA HIS A 319 0.84 -12.18 16.95
C HIS A 319 1.85 -12.15 18.10
N PRO A 320 3.01 -12.79 17.88
CA PRO A 320 4.08 -12.85 18.89
C PRO A 320 4.74 -11.49 19.11
N TYR A 321 5.41 -11.34 20.25
CA TYR A 321 6.09 -10.09 20.58
C TYR A 321 7.55 -10.13 20.14
N TRP A 322 8.01 -9.04 19.55
CA TRP A 322 9.38 -8.95 19.07
C TRP A 322 10.06 -7.68 19.61
N LEU A 323 11.24 -7.87 20.21
CA LEU A 323 11.99 -6.75 20.77
C LEU A 323 12.51 -5.83 19.67
N PRO A 324 12.92 -4.61 20.06
CA PRO A 324 13.44 -3.62 19.11
C PRO A 324 14.81 -4.02 18.55
N ASN A 325 14.95 -3.92 17.23
CA ASN A 325 16.21 -4.27 16.57
C ASN A 325 16.55 -5.74 16.80
N PHE A 326 15.54 -6.54 17.11
CA PHE A 326 15.74 -7.96 17.35
C PHE A 326 16.67 -8.18 18.54
N MET A 327 16.70 -7.21 19.45
CA MET A 327 17.54 -7.31 20.63
C MET A 327 17.12 -8.46 21.52
N GLY B 1 -30.02 12.50 5.16
CA GLY B 1 -31.04 11.48 4.99
C GLY B 1 -30.67 10.47 3.90
N PRO B 2 -30.81 10.89 2.64
CA PRO B 2 -30.50 10.04 1.49
C PRO B 2 -29.01 9.79 1.34
N HIS B 3 -28.65 8.89 0.43
CA HIS B 3 -27.25 8.55 0.19
C HIS B 3 -27.12 7.51 -0.92
N PRO B 4 -25.94 7.46 -1.54
CA PRO B 4 -25.65 6.51 -2.62
C PRO B 4 -25.57 5.07 -2.12
N VAL B 5 -25.07 4.18 -2.98
CA VAL B 5 -24.92 2.78 -2.63
C VAL B 5 -23.74 2.57 -1.70
N ILE B 6 -22.98 3.63 -1.45
CA ILE B 6 -21.82 3.56 -0.58
C ILE B 6 -22.20 3.11 0.82
N VAL B 7 -21.95 1.85 1.13
CA VAL B 7 -22.26 1.29 2.43
C VAL B 7 -20.99 0.98 3.23
N ILE B 8 -21.12 0.94 4.55
CA ILE B 8 -19.99 0.66 5.42
C ILE B 8 -20.31 -0.48 6.38
N THR B 9 -19.52 -1.55 6.31
CA THR B 9 -19.72 -2.71 7.18
C THR B 9 -19.54 -2.32 8.63
N GLY B 10 -19.93 -3.24 9.53
CA GLY B 10 -19.80 -2.98 10.96
C GLY B 10 -18.63 -3.72 11.58
N PRO B 11 -17.52 -3.01 11.78
CA PRO B 11 -16.30 -3.58 12.37
C PRO B 11 -16.48 -3.92 13.85
N HIS B 12 -15.40 -4.35 14.48
CA HIS B 12 -15.44 -4.71 15.89
C HIS B 12 -15.93 -3.54 16.75
N GLU B 13 -15.77 -2.34 16.21
CA GLU B 13 -16.20 -1.13 16.92
C GLU B 13 -15.48 -1.01 18.27
N GLU B 14 -14.40 -0.23 18.30
CA GLU B 14 -13.64 -0.04 19.51
C GLU B 14 -14.55 0.37 20.67
N LEU B 15 -14.32 -0.23 21.83
CA LEU B 15 -15.12 0.06 23.02
C LEU B 15 -15.16 1.56 23.29
N GLU B 16 -14.01 2.22 23.15
CA GLU B 16 -13.92 3.65 23.38
C GLU B 16 -14.47 4.43 22.19
N VAL A 1 2.36 -21.83 22.89
CA VAL A 1 2.61 -21.07 21.68
C VAL A 1 3.15 -21.96 20.56
N PRO A 2 2.76 -21.64 19.31
CA PRO A 2 3.18 -22.40 18.14
C PRO A 2 4.67 -22.21 17.84
N PHE A 3 5.28 -23.21 17.20
CA PHE A 3 6.69 -23.15 16.85
C PHE A 3 6.86 -23.12 15.33
N PRO A 4 7.78 -22.27 14.87
CA PRO A 4 8.08 -22.11 13.43
C PRO A 4 8.78 -23.33 12.85
N PRO A 5 8.29 -23.81 11.71
CA PRO A 5 8.86 -24.98 11.02
C PRO A 5 10.23 -24.69 10.43
N SER A 6 11.20 -25.55 10.75
CA SER A 6 12.56 -25.39 10.25
C SER A 6 12.65 -25.77 8.77
N HIS A 7 11.73 -26.63 8.33
CA HIS A 7 11.70 -27.09 6.95
C HIS A 7 11.32 -25.94 6.02
N ARG A 8 12.26 -25.57 5.14
CA ARG A 8 12.02 -24.49 4.19
C ARG A 8 11.40 -25.03 2.90
N LEU A 9 10.32 -24.38 2.46
CA LEU A 9 9.62 -24.79 1.25
C LEU A 9 10.52 -24.63 0.02
N THR A 10 10.48 -25.62 -0.87
CA THR A 10 11.29 -25.59 -2.07
C THR A 10 10.49 -25.07 -3.27
N ALA A 11 11.18 -24.74 -4.35
CA ALA A 11 10.54 -24.24 -5.55
C ALA A 11 9.44 -25.18 -6.02
N LYS A 12 9.80 -26.45 -6.23
CA LYS A 12 8.84 -27.45 -6.68
C LYS A 12 7.70 -27.60 -5.67
N GLU A 13 7.91 -27.10 -4.46
CA GLU A 13 6.90 -27.19 -3.42
C GLU A 13 5.95 -25.99 -3.48
N VAL A 14 6.48 -24.85 -3.90
CA VAL A 14 5.68 -23.63 -4.01
C VAL A 14 5.05 -23.51 -5.40
N PHE A 15 5.79 -23.92 -6.43
CA PHE A 15 5.31 -23.87 -7.80
C PHE A 15 5.04 -25.27 -8.34
N ASP A 16 3.88 -25.44 -8.98
CA ASP A 16 3.50 -26.73 -9.55
C ASP A 16 4.10 -26.91 -10.92
N ASN A 17 3.85 -28.06 -11.53
CA ASN A 17 4.37 -28.37 -12.87
C ASN A 17 3.94 -27.30 -13.87
N ASP A 18 2.77 -26.70 -13.62
CA ASP A 18 2.26 -25.65 -14.52
C ASP A 18 2.96 -24.33 -14.26
N GLY A 19 3.89 -24.33 -13.32
CA GLY A 19 4.63 -23.12 -13.00
C GLY A 19 3.81 -22.14 -12.18
N LYS A 20 2.66 -22.60 -11.69
CA LYS A 20 1.77 -21.77 -10.90
C LYS A 20 2.02 -21.98 -9.40
N PRO A 21 2.17 -20.87 -8.67
CA PRO A 21 2.41 -20.91 -7.22
C PRO A 21 1.19 -21.37 -6.45
N ARG A 22 1.42 -22.10 -5.35
CA ARG A 22 0.33 -22.60 -4.51
C ARG A 22 0.11 -21.70 -3.31
N VAL A 23 -0.61 -20.60 -3.51
CA VAL A 23 -0.89 -19.65 -2.44
C VAL A 23 -1.47 -20.36 -1.23
N ASP A 24 -2.13 -21.49 -1.47
CA ASP A 24 -2.74 -22.27 -0.39
C ASP A 24 -1.66 -22.89 0.50
N ILE A 25 -0.65 -23.49 -0.13
CA ILE A 25 0.44 -24.12 0.59
C ILE A 25 1.30 -23.08 1.31
N LEU A 26 1.55 -21.96 0.64
CA LEU A 26 2.35 -20.89 1.21
C LEU A 26 1.63 -20.23 2.38
N LYS A 27 0.37 -19.88 2.17
CA LYS A 27 -0.43 -19.23 3.21
C LYS A 27 -0.38 -20.05 4.51
N ALA A 28 -0.71 -21.33 4.41
CA ALA A 28 -0.70 -22.21 5.57
C ALA A 28 0.67 -22.23 6.24
N HIS A 29 1.72 -22.37 5.43
CA HIS A 29 3.08 -22.40 5.94
C HIS A 29 3.42 -21.09 6.65
N LEU A 30 3.24 -19.98 5.96
CA LEU A 30 3.53 -18.66 6.52
C LEU A 30 2.80 -18.47 7.85
N MET A 31 1.57 -18.96 7.91
CA MET A 31 0.76 -18.85 9.13
C MET A 31 1.45 -19.55 10.30
N LYS A 32 2.26 -20.55 10.00
CA LYS A 32 2.98 -21.30 11.02
C LYS A 32 4.38 -20.73 11.23
N GLU A 33 4.62 -19.55 10.67
CA GLU A 33 5.93 -18.90 10.79
C GLU A 33 6.99 -19.67 10.01
N GLY A 34 6.60 -20.21 8.86
CA GLY A 34 7.53 -20.97 8.04
C GLY A 34 8.23 -20.10 7.02
N ARG A 35 9.46 -20.46 6.68
CA ARG A 35 10.25 -19.69 5.71
C ARG A 35 10.54 -20.54 4.47
N LEU A 36 10.83 -19.86 3.37
CA LEU A 36 11.14 -20.55 2.11
C LEU A 36 12.64 -20.58 1.85
N GLU A 37 13.04 -21.29 0.81
CA GLU A 37 14.45 -21.40 0.44
C GLU A 37 14.93 -20.11 -0.22
N GLU A 38 16.14 -19.69 0.13
CA GLU A 38 16.73 -18.48 -0.43
C GLU A 38 16.56 -18.44 -1.95
N SER A 39 16.61 -19.61 -2.57
CA SER A 39 16.47 -19.72 -4.01
C SER A 39 15.03 -19.42 -4.45
N VAL A 40 14.07 -19.94 -3.69
CA VAL A 40 12.67 -19.73 -4.00
C VAL A 40 12.28 -18.26 -3.81
N ALA A 41 12.67 -17.70 -2.68
CA ALA A 41 12.37 -16.30 -2.38
C ALA A 41 12.90 -15.37 -3.47
N LEU A 42 14.13 -15.64 -3.91
CA LEU A 42 14.75 -14.83 -4.95
C LEU A 42 13.99 -14.96 -6.28
N ARG A 43 13.47 -16.15 -6.54
CA ARG A 43 12.72 -16.40 -7.76
C ARG A 43 11.42 -15.61 -7.77
N ILE A 44 10.72 -15.61 -6.64
CA ILE A 44 9.45 -14.90 -6.52
C ILE A 44 9.66 -13.40 -6.70
N ILE A 45 10.65 -12.85 -6.01
CA ILE A 45 10.96 -11.43 -6.09
C ILE A 45 11.35 -11.03 -7.51
N THR A 46 12.31 -11.75 -8.07
CA THR A 46 12.78 -11.47 -9.43
C THR A 46 11.66 -11.65 -10.45
N GLU A 47 10.81 -12.65 -10.22
CA GLU A 47 9.69 -12.93 -11.11
C GLU A 47 8.66 -11.82 -11.05
N GLY A 48 8.46 -11.26 -9.86
CA GLY A 48 7.49 -10.20 -9.68
C GLY A 48 7.96 -8.89 -10.28
N ALA A 49 9.26 -8.61 -10.15
CA ALA A 49 9.83 -7.39 -10.68
C ALA A 49 9.69 -7.32 -12.19
N SER A 50 9.91 -8.46 -12.85
CA SER A 50 9.81 -8.54 -14.31
C SER A 50 8.42 -8.13 -14.78
N ILE A 51 7.40 -8.58 -14.06
CA ILE A 51 6.02 -8.27 -14.41
C ILE A 51 5.73 -6.79 -14.20
N LEU A 52 6.12 -6.27 -13.04
CA LEU A 52 5.90 -4.87 -12.71
C LEU A 52 6.64 -3.96 -13.68
N ARG A 53 7.85 -4.37 -14.06
CA ARG A 53 8.66 -3.60 -14.99
C ARG A 53 7.90 -3.33 -16.28
N GLN A 54 7.00 -4.24 -16.62
CA GLN A 54 6.21 -4.10 -17.84
C GLN A 54 5.07 -3.11 -17.64
N GLU A 55 4.69 -2.88 -16.39
CA GLU A 55 3.61 -1.95 -16.06
C GLU A 55 4.06 -0.51 -16.25
N LYS A 56 3.10 0.40 -16.31
CA LYS A 56 3.39 1.82 -16.48
C LYS A 56 3.30 2.57 -15.15
N ASN A 57 3.95 3.72 -15.08
CA ASN A 57 3.94 4.52 -13.86
C ASN A 57 2.51 4.73 -13.36
N LEU A 58 1.63 5.13 -14.26
CA LEU A 58 0.22 5.35 -13.90
C LEU A 58 -0.69 4.39 -14.65
N LEU A 59 -1.10 3.33 -13.95
CA LEU A 59 -1.98 2.33 -14.55
C LEU A 59 -3.39 2.88 -14.74
N ASP A 60 -4.06 2.43 -15.79
CA ASP A 60 -5.42 2.88 -16.08
C ASP A 60 -6.34 1.69 -16.35
N ILE A 61 -7.08 1.26 -15.33
CA ILE A 61 -7.99 0.14 -15.47
C ILE A 61 -9.38 0.49 -14.92
N ASP A 62 -10.41 0.15 -15.69
CA ASP A 62 -11.78 0.42 -15.29
C ASP A 62 -12.46 -0.85 -14.78
N ALA A 63 -12.36 -1.08 -13.47
CA ALA A 63 -12.96 -2.26 -12.86
C ALA A 63 -13.02 -2.11 -11.34
N PRO A 64 -13.92 -2.88 -10.71
CA PRO A 64 -14.09 -2.85 -9.25
C PRO A 64 -12.90 -3.46 -8.52
N VAL A 65 -12.22 -2.64 -7.73
CA VAL A 65 -11.06 -3.08 -6.96
C VAL A 65 -11.09 -2.54 -5.54
N THR A 66 -10.44 -3.25 -4.62
CA THR A 66 -10.39 -2.83 -3.22
C THR A 66 -9.04 -2.24 -2.88
N VAL A 67 -9.02 -0.96 -2.54
CA VAL A 67 -7.78 -0.28 -2.17
C VAL A 67 -7.41 -0.55 -0.71
N CYS A 68 -6.13 -0.83 -0.48
CA CYS A 68 -5.64 -1.10 0.87
C CYS A 68 -4.63 -0.06 1.31
N GLY A 69 -4.60 0.24 2.60
CA GLY A 69 -3.67 1.22 3.12
C GLY A 69 -2.32 0.62 3.47
N ASP A 70 -1.51 1.38 4.20
CA ASP A 70 -0.19 0.91 4.60
C ASP A 70 -0.28 -0.42 5.34
N ILE A 71 0.69 -1.29 5.11
CA ILE A 71 0.72 -2.60 5.76
C ILE A 71 1.81 -2.65 6.83
N HIS A 72 2.97 -2.11 6.52
CA HIS A 72 4.09 -2.10 7.46
C HIS A 72 4.49 -3.51 7.84
N GLY A 73 4.78 -4.33 6.83
CA GLY A 73 5.18 -5.71 7.07
C GLY A 73 4.28 -6.41 8.07
N GLN A 74 3.03 -5.96 8.14
CA GLN A 74 2.06 -6.55 9.07
C GLN A 74 1.37 -7.75 8.43
N PHE A 75 2.13 -8.79 8.13
CA PHE A 75 1.59 -9.99 7.52
C PHE A 75 0.45 -10.56 8.36
N PHE A 76 0.63 -10.57 9.68
CA PHE A 76 -0.39 -11.09 10.58
C PHE A 76 -1.70 -10.35 10.40
N ASP A 77 -1.61 -9.08 10.01
CA ASP A 77 -2.80 -8.26 9.79
C ASP A 77 -3.25 -8.34 8.34
N LEU A 78 -2.36 -8.76 7.46
CA LEU A 78 -2.67 -8.89 6.04
C LEU A 78 -3.45 -10.17 5.76
N MET A 79 -3.20 -11.19 6.57
CA MET A 79 -3.88 -12.47 6.41
C MET A 79 -5.36 -12.36 6.81
N LYS A 80 -5.62 -11.72 7.93
CA LYS A 80 -6.98 -11.54 8.42
C LYS A 80 -7.76 -10.60 7.52
N LEU A 81 -7.09 -9.54 7.06
CA LEU A 81 -7.73 -8.56 6.18
C LEU A 81 -8.34 -9.24 4.96
N PHE A 82 -7.56 -10.11 4.33
CA PHE A 82 -8.03 -10.82 3.14
C PHE A 82 -9.24 -11.69 3.47
N GLU A 83 -9.28 -12.20 4.69
CA GLU A 83 -10.38 -13.05 5.13
C GLU A 83 -11.67 -12.25 5.20
N VAL A 84 -11.59 -11.04 5.75
CA VAL A 84 -12.76 -10.17 5.87
C VAL A 84 -13.11 -9.52 4.53
N GLY A 85 -12.09 -9.16 3.78
CA GLY A 85 -12.32 -8.53 2.48
C GLY A 85 -12.67 -9.54 1.41
N GLY A 86 -12.22 -10.79 1.59
CA GLY A 86 -12.50 -11.82 0.62
C GLY A 86 -11.23 -12.41 0.02
N SER A 87 -11.34 -13.62 -0.53
CA SER A 87 -10.20 -14.28 -1.13
C SER A 87 -9.75 -13.58 -2.41
N PRO A 88 -8.44 -13.41 -2.57
CA PRO A 88 -7.86 -12.74 -3.74
C PRO A 88 -8.01 -13.59 -5.00
N ALA A 89 -8.34 -14.87 -4.83
CA ALA A 89 -8.51 -15.77 -5.95
C ALA A 89 -9.66 -15.33 -6.85
N ASN A 90 -10.61 -14.61 -6.27
CA ASN A 90 -11.76 -14.12 -7.02
C ASN A 90 -12.08 -12.67 -6.65
N THR A 91 -11.15 -12.04 -5.94
CA THR A 91 -11.33 -10.65 -5.54
C THR A 91 -10.13 -9.81 -5.93
N ARG A 92 -10.39 -8.66 -6.55
CA ARG A 92 -9.32 -7.76 -6.98
C ARG A 92 -8.89 -6.85 -5.83
N TYR A 93 -7.59 -6.81 -5.57
CA TYR A 93 -7.04 -5.98 -4.51
C TYR A 93 -6.05 -4.96 -5.06
N LEU A 94 -5.84 -3.89 -4.30
CA LEU A 94 -4.91 -2.84 -4.72
C LEU A 94 -4.20 -2.23 -3.51
N PHE A 95 -2.88 -2.36 -3.48
CA PHE A 95 -2.09 -1.81 -2.37
C PHE A 95 -1.54 -0.44 -2.72
N LEU A 96 -1.50 0.44 -1.73
CA LEU A 96 -0.99 1.80 -1.94
C LEU A 96 0.49 1.88 -1.60
N GLY A 97 1.10 0.73 -1.32
CA GLY A 97 2.52 0.69 -1.00
C GLY A 97 2.75 0.52 0.48
N ASP A 98 3.97 0.84 0.92
CA ASP A 98 4.33 0.72 2.33
C ASP A 98 4.01 -0.68 2.86
N TYR A 99 4.74 -1.68 2.36
CA TYR A 99 4.52 -3.05 2.78
C TYR A 99 5.62 -3.52 3.72
N VAL A 100 6.70 -2.73 3.80
CA VAL A 100 7.82 -3.05 4.67
C VAL A 100 8.01 -2.00 5.75
N ASP A 101 8.98 -2.22 6.63
CA ASP A 101 9.27 -1.29 7.71
C ASP A 101 8.20 -1.39 8.80
N ARG A 102 8.57 -0.98 10.02
CA ARG A 102 7.66 -1.03 11.15
C ARG A 102 7.46 -2.47 11.63
N GLY A 103 6.83 -3.28 10.79
CA GLY A 103 6.58 -4.67 11.15
C GLY A 103 7.80 -5.55 10.94
N TYR A 104 7.99 -6.51 11.83
CA TYR A 104 9.13 -7.42 11.74
C TYR A 104 8.83 -8.59 10.82
N PHE A 105 7.84 -8.41 9.95
CA PHE A 105 7.44 -9.45 9.01
C PHE A 105 7.26 -8.87 7.60
N SER A 106 8.10 -7.90 7.26
CA SER A 106 8.03 -7.26 5.95
C SER A 106 8.34 -8.26 4.84
N ILE A 107 9.28 -9.15 5.10
CA ILE A 107 9.68 -10.16 4.12
C ILE A 107 8.49 -11.05 3.76
N GLU A 108 7.71 -11.42 4.76
CA GLU A 108 6.54 -12.27 4.53
C GLU A 108 5.50 -11.55 3.69
N CYS A 109 5.39 -10.24 3.87
CA CYS A 109 4.43 -9.44 3.12
C CYS A 109 4.84 -9.30 1.67
N VAL A 110 6.12 -8.97 1.44
CA VAL A 110 6.64 -8.82 0.09
C VAL A 110 6.60 -10.14 -0.67
N LEU A 111 7.01 -11.21 0.00
CA LEU A 111 7.03 -12.53 -0.61
C LEU A 111 5.62 -12.98 -0.99
N TYR A 112 4.69 -12.86 -0.05
CA TYR A 112 3.30 -13.24 -0.28
C TYR A 112 2.65 -12.32 -1.32
N LEU A 113 2.98 -11.04 -1.24
CA LEU A 113 2.43 -10.05 -2.16
C LEU A 113 2.95 -10.27 -3.58
N TRP A 114 4.23 -10.60 -3.68
CA TRP A 114 4.86 -10.85 -4.97
C TRP A 114 4.31 -12.12 -5.62
N ALA A 115 4.17 -13.17 -4.82
CA ALA A 115 3.65 -14.44 -5.32
C ALA A 115 2.21 -14.30 -5.77
N LEU A 116 1.43 -13.53 -5.02
CA LEU A 116 0.02 -13.31 -5.35
C LEU A 116 -0.13 -12.48 -6.61
N LYS A 117 0.83 -11.58 -6.83
CA LYS A 117 0.82 -10.73 -8.01
C LYS A 117 1.13 -11.53 -9.27
N ILE A 118 2.05 -12.47 -9.16
CA ILE A 118 2.44 -13.31 -10.29
C ILE A 118 1.33 -14.28 -10.65
N LEU A 119 0.60 -14.75 -9.64
CA LEU A 119 -0.50 -15.69 -9.86
C LEU A 119 -1.72 -14.98 -10.42
N TYR A 120 -2.01 -13.80 -9.89
CA TYR A 120 -3.16 -13.01 -10.34
C TYR A 120 -2.76 -11.57 -10.60
N PRO A 121 -1.86 -11.36 -11.58
CA PRO A 121 -1.39 -10.02 -11.94
C PRO A 121 -2.47 -9.19 -12.62
N LYS A 122 -3.63 -9.80 -12.84
CA LYS A 122 -4.74 -9.11 -13.48
C LYS A 122 -5.84 -8.81 -12.48
N THR A 123 -5.61 -9.17 -11.23
CA THR A 123 -6.58 -8.94 -10.16
C THR A 123 -5.92 -8.33 -8.92
N LEU A 124 -4.60 -8.47 -8.85
CA LEU A 124 -3.85 -7.93 -7.71
C LEU A 124 -2.85 -6.89 -8.18
N PHE A 125 -3.03 -5.65 -7.72
CA PHE A 125 -2.13 -4.56 -8.09
C PHE A 125 -1.40 -4.03 -6.86
N LEU A 126 -0.11 -3.75 -7.03
CA LEU A 126 0.70 -3.24 -5.94
C LEU A 126 1.43 -1.96 -6.36
N LEU A 127 1.27 -0.91 -5.56
CA LEU A 127 1.91 0.38 -5.84
C LEU A 127 3.11 0.60 -4.93
N ARG A 128 4.01 1.47 -5.35
CA ARG A 128 5.20 1.78 -4.57
C ARG A 128 4.93 2.90 -3.57
N GLY A 129 5.50 2.79 -2.38
CA GLY A 129 5.31 3.79 -1.35
C GLY A 129 6.60 4.48 -0.95
N ASN A 130 6.48 5.55 -0.17
CA ASN A 130 7.65 6.29 0.28
C ASN A 130 8.62 5.38 1.04
N HIS A 131 8.12 4.25 1.50
CA HIS A 131 8.94 3.30 2.24
C HIS A 131 9.65 2.33 1.29
N GLU A 132 9.15 2.25 0.06
CA GLU A 132 9.72 1.38 -0.95
C GLU A 132 11.03 1.95 -1.50
N CYS A 133 12.05 2.03 -0.66
CA CYS A 133 13.34 2.57 -1.06
C CYS A 133 14.48 1.86 -0.34
N ARG A 134 15.70 2.22 -0.68
CA ARG A 134 16.88 1.62 -0.06
C ARG A 134 17.31 2.40 1.17
N HIS A 135 17.43 3.72 1.01
CA HIS A 135 17.83 4.59 2.12
C HIS A 135 16.96 4.35 3.35
N LEU A 136 15.66 4.21 3.13
CA LEU A 136 14.72 3.99 4.22
C LEU A 136 14.87 2.58 4.78
N THR A 137 14.96 1.60 3.90
CA THR A 137 15.12 0.21 4.32
C THR A 137 16.38 0.02 5.15
N GLU A 138 17.40 0.83 4.86
CA GLU A 138 18.66 0.74 5.59
C GLU A 138 18.51 1.30 7.00
N TYR A 139 17.70 2.35 7.13
CA TYR A 139 17.48 2.98 8.42
C TYR A 139 16.54 2.14 9.29
N PHE A 140 15.48 1.62 8.66
CA PHE A 140 14.51 0.80 9.37
C PHE A 140 15.09 -0.58 9.70
N THR A 141 14.24 -1.47 10.21
CA THR A 141 14.67 -2.81 10.58
C THR A 141 14.44 -3.79 9.43
N PHE A 142 14.18 -3.25 8.24
CA PHE A 142 13.94 -4.08 7.06
C PHE A 142 15.22 -4.78 6.62
N LYS A 143 16.27 -4.00 6.38
CA LYS A 143 17.55 -4.56 5.95
C LYS A 143 18.05 -5.60 6.94
N GLN A 144 18.08 -5.24 8.22
CA GLN A 144 18.53 -6.15 9.26
C GLN A 144 17.70 -7.43 9.27
N GLU A 145 16.42 -7.29 8.98
CA GLU A 145 15.51 -8.44 8.95
C GLU A 145 15.90 -9.41 7.84
N CYS A 146 16.10 -8.88 6.64
CA CYS A 146 16.48 -9.71 5.50
C CYS A 146 17.80 -10.42 5.75
N LYS A 147 18.69 -9.77 6.49
CA LYS A 147 19.99 -10.34 6.81
C LYS A 147 19.88 -11.35 7.94
N ILE A 148 18.94 -11.13 8.84
CA ILE A 148 18.72 -12.03 9.97
C ILE A 148 17.96 -13.28 9.53
N LYS A 149 16.99 -13.10 8.66
CA LYS A 149 16.19 -14.20 8.15
C LYS A 149 16.87 -14.87 6.95
N TYR A 150 17.34 -14.06 6.02
CA TYR A 150 18.01 -14.57 4.83
C TYR A 150 19.42 -13.99 4.70
N SER A 151 19.59 -13.07 3.76
CA SER A 151 20.87 -12.44 3.53
C SER A 151 20.71 -11.16 2.72
N GLU A 152 21.84 -10.49 2.44
CA GLU A 152 21.82 -9.25 1.67
C GLU A 152 21.36 -9.51 0.24
N ARG A 153 21.49 -10.75 -0.21
CA ARG A 153 21.09 -11.12 -1.57
C ARG A 153 19.61 -10.86 -1.78
N VAL A 154 18.79 -11.29 -0.82
CA VAL A 154 17.35 -11.11 -0.91
C VAL A 154 16.98 -9.63 -0.79
N TYR A 155 17.67 -8.93 0.11
CA TYR A 155 17.41 -7.51 0.33
C TYR A 155 17.62 -6.72 -0.96
N ASP A 156 18.77 -6.91 -1.59
CA ASP A 156 19.10 -6.22 -2.83
C ASP A 156 18.06 -6.51 -3.90
N ALA A 157 17.61 -7.77 -3.97
CA ALA A 157 16.62 -8.18 -4.96
C ALA A 157 15.34 -7.40 -4.79
N CYS A 158 14.88 -7.26 -3.55
CA CYS A 158 13.65 -6.53 -3.26
C CYS A 158 13.78 -5.06 -3.68
N MET A 159 14.92 -4.47 -3.38
CA MET A 159 15.17 -3.07 -3.71
C MET A 159 15.02 -2.84 -5.22
N ASP A 160 15.68 -3.68 -6.01
CA ASP A 160 15.62 -3.57 -7.46
C ASP A 160 14.21 -3.83 -7.97
N ALA A 161 13.49 -4.70 -7.27
CA ALA A 161 12.12 -5.03 -7.65
C ALA A 161 11.16 -3.89 -7.32
N PHE A 162 11.36 -3.27 -6.16
CA PHE A 162 10.52 -2.16 -5.74
C PHE A 162 10.56 -1.03 -6.76
N ASP A 163 11.71 -0.84 -7.37
CA ASP A 163 11.88 0.21 -8.37
C ASP A 163 11.02 -0.07 -9.61
N CYS A 164 10.48 -1.27 -9.69
CA CYS A 164 9.64 -1.66 -10.82
C CYS A 164 8.16 -1.44 -10.49
N LEU A 165 7.88 -1.13 -9.23
CA LEU A 165 6.51 -0.90 -8.80
C LEU A 165 5.96 0.40 -9.37
N PRO A 166 4.64 0.44 -9.62
CA PRO A 166 3.97 1.62 -10.16
C PRO A 166 3.91 2.77 -9.16
N LEU A 167 3.76 3.99 -9.67
CA LEU A 167 3.70 5.17 -8.81
C LEU A 167 2.25 5.52 -8.49
N ALA A 168 1.38 5.38 -9.47
CA ALA A 168 -0.05 5.67 -9.28
C ALA A 168 -0.91 4.83 -10.21
N ALA A 169 -2.22 4.93 -10.04
CA ALA A 169 -3.16 4.17 -10.87
C ALA A 169 -4.49 4.91 -11.00
N LEU A 170 -5.03 4.92 -12.22
CA LEU A 170 -6.29 5.60 -12.49
C LEU A 170 -7.44 4.59 -12.54
N MET A 171 -8.16 4.47 -11.43
CA MET A 171 -9.29 3.55 -11.35
C MET A 171 -10.54 4.16 -11.96
N ASN A 172 -11.03 3.55 -13.03
CA ASN A 172 -12.22 4.04 -13.71
C ASN A 172 -11.97 5.41 -14.33
N GLN A 173 -10.70 5.72 -14.58
CA GLN A 173 -10.33 7.00 -15.17
C GLN A 173 -11.01 8.16 -14.45
N GLN A 174 -11.37 7.93 -13.19
CA GLN A 174 -12.03 8.95 -12.39
C GLN A 174 -11.33 9.15 -11.05
N PHE A 175 -10.91 8.05 -10.44
CA PHE A 175 -10.22 8.10 -9.16
C PHE A 175 -8.72 7.90 -9.34
N LEU A 176 -7.94 8.65 -8.57
CA LEU A 176 -6.48 8.55 -8.64
C LEU A 176 -5.92 7.86 -7.40
N CYS A 177 -5.31 6.69 -7.61
CA CYS A 177 -4.73 5.93 -6.50
C CYS A 177 -3.26 6.28 -6.32
N VAL A 178 -2.91 6.78 -5.14
CA VAL A 178 -1.53 7.15 -4.85
C VAL A 178 -1.19 6.89 -3.38
N HIS A 179 0.06 7.14 -3.02
CA HIS A 179 0.51 6.94 -1.64
C HIS A 179 0.50 8.26 -0.87
N GLY A 180 1.08 9.29 -1.45
CA GLY A 180 1.13 10.59 -0.81
C GLY A 180 0.01 11.49 -1.25
N GLY A 181 0.00 11.84 -2.54
CA GLY A 181 -1.02 12.72 -3.06
C GLY A 181 -0.60 13.41 -4.35
N LEU A 182 -1.05 14.65 -4.52
CA LEU A 182 -0.71 15.42 -5.71
C LEU A 182 0.67 16.06 -5.58
N SER A 183 1.13 16.69 -6.65
CA SER A 183 2.43 17.35 -6.64
C SER A 183 2.37 18.69 -7.37
N PRO A 184 3.22 19.64 -6.94
CA PRO A 184 3.28 20.98 -7.55
C PRO A 184 3.87 20.95 -8.95
N GLU A 185 4.78 20.01 -9.20
CA GLU A 185 5.41 19.88 -10.50
C GLU A 185 4.61 18.95 -11.40
N ILE A 186 3.42 18.57 -10.96
CA ILE A 186 2.55 17.69 -11.73
C ILE A 186 1.12 18.22 -11.77
N ASN A 187 0.76 18.84 -12.88
CA ASN A 187 -0.58 19.40 -13.05
C ASN A 187 -1.38 18.59 -14.06
N THR A 188 -0.74 17.57 -14.64
CA THR A 188 -1.40 16.72 -15.63
C THR A 188 -0.89 15.29 -15.54
N LEU A 189 -1.67 14.35 -16.07
CA LEU A 189 -1.29 12.94 -16.06
C LEU A 189 0.00 12.71 -16.84
N ASP A 190 0.21 13.52 -17.87
CA ASP A 190 1.41 13.41 -18.70
C ASP A 190 2.67 13.67 -17.88
N ASP A 191 2.56 14.57 -16.91
CA ASP A 191 3.69 14.91 -16.05
C ASP A 191 4.19 13.68 -15.30
N ILE A 192 3.27 12.76 -15.01
CA ILE A 192 3.63 11.54 -14.30
C ILE A 192 4.25 10.50 -15.24
N ARG A 193 3.67 10.38 -16.43
CA ARG A 193 4.16 9.44 -17.42
C ARG A 193 5.61 9.75 -17.80
N LYS A 194 5.94 11.03 -17.84
CA LYS A 194 7.29 11.46 -18.19
C LYS A 194 8.23 11.30 -17.00
N LEU A 195 7.80 10.53 -16.01
CA LEU A 195 8.60 10.29 -14.81
C LEU A 195 9.35 8.96 -14.90
N ASP A 196 10.45 8.85 -14.18
CA ASP A 196 11.25 7.63 -14.18
C ASP A 196 10.96 6.79 -12.93
N ARG A 197 10.33 5.64 -13.13
CA ARG A 197 9.98 4.75 -12.03
C ARG A 197 11.15 3.83 -11.69
N PHE A 198 11.84 3.34 -12.73
CA PHE A 198 12.97 2.45 -12.54
C PHE A 198 14.15 3.20 -11.93
N LYS A 199 14.03 3.53 -10.65
CA LYS A 199 15.09 4.25 -9.94
C LYS A 199 14.70 4.48 -8.48
N GLU A 200 15.66 4.95 -7.69
CA GLU A 200 15.42 5.22 -6.28
C GLU A 200 14.85 6.62 -6.09
N PRO A 201 13.88 6.75 -5.17
CA PRO A 201 13.23 8.03 -4.87
C PRO A 201 14.16 8.99 -4.15
N PRO A 202 14.39 10.17 -4.75
CA PRO A 202 15.26 11.20 -4.18
C PRO A 202 14.66 11.84 -2.93
N ALA A 203 15.49 12.58 -2.21
CA ALA A 203 15.04 13.25 -0.99
C ALA A 203 14.02 14.34 -1.29
N TYR A 204 13.85 14.64 -2.58
CA TYR A 204 12.91 15.65 -3.01
C TYR A 204 12.56 15.49 -4.49
N GLY A 205 11.59 16.27 -4.96
CA GLY A 205 11.19 16.20 -6.35
C GLY A 205 9.73 15.83 -6.51
N PRO A 206 9.29 15.66 -7.76
CA PRO A 206 7.90 15.31 -8.07
C PRO A 206 7.56 13.89 -7.66
N MET A 207 8.39 12.94 -8.05
CA MET A 207 8.18 11.54 -7.72
C MET A 207 8.22 11.33 -6.21
N CYS A 208 9.13 12.02 -5.55
CA CYS A 208 9.27 11.91 -4.10
C CYS A 208 8.06 12.51 -3.39
N ASP A 209 7.68 13.72 -3.80
CA ASP A 209 6.55 14.41 -3.20
C ASP A 209 5.30 13.54 -3.24
N ILE A 210 4.96 13.04 -4.43
CA ILE A 210 3.79 12.18 -4.60
C ILE A 210 3.77 11.07 -3.56
N LEU A 211 4.94 10.56 -3.23
CA LEU A 211 5.05 9.49 -2.24
C LEU A 211 5.10 10.06 -0.82
N TRP A 212 5.51 11.32 -0.71
CA TRP A 212 5.60 11.97 0.59
C TRP A 212 4.52 13.05 0.72
N SER A 213 3.79 13.29 -0.36
CA SER A 213 2.72 14.29 -0.35
C SER A 213 1.77 14.06 0.82
N ASP A 214 1.30 15.16 1.41
CA ASP A 214 0.38 15.09 2.54
C ASP A 214 -0.47 16.36 2.62
N PRO A 215 -1.69 16.21 3.14
CA PRO A 215 -2.63 17.32 3.30
C PRO A 215 -2.19 18.31 4.38
N LEU A 216 -2.64 19.55 4.26
CA LEU A 216 -2.29 20.58 5.23
C LEU A 216 -2.81 20.24 6.61
N GLU A 217 -2.15 20.75 7.65
CA GLU A 217 -2.55 20.51 9.02
C GLU A 217 -3.99 20.95 9.26
N ASP A 218 -4.52 21.76 8.34
CA ASP A 218 -5.88 22.26 8.44
C ASP A 218 -6.61 22.12 7.12
N PHE A 219 -6.72 20.88 6.62
CA PHE A 219 -7.39 20.62 5.36
C PHE A 219 -8.89 20.94 5.47
N GLY A 220 -9.23 21.83 6.40
CA GLY A 220 -10.62 22.21 6.58
C GLY A 220 -10.78 23.66 6.98
N ASN A 221 -10.45 23.96 8.23
CA ASN A 221 -10.56 25.33 8.74
C ASN A 221 -9.29 26.12 8.47
N GLU A 222 -9.10 26.52 7.21
CA GLU A 222 -7.93 27.28 6.82
C GLU A 222 -8.21 28.78 6.86
N LYS A 223 -7.18 29.56 7.17
CA LYS A 223 -7.31 31.01 7.24
C LYS A 223 -6.46 31.69 6.16
N THR A 224 -5.34 31.06 5.82
CA THR A 224 -4.44 31.61 4.81
C THR A 224 -4.95 31.32 3.40
N GLN A 225 -5.23 30.05 3.12
CA GLN A 225 -5.73 29.65 1.81
C GLN A 225 -4.57 29.35 0.86
N GLU A 226 -3.46 28.92 1.41
CA GLU A 226 -2.28 28.60 0.61
C GLU A 226 -2.46 27.27 -0.12
N HIS A 227 -2.10 27.25 -1.40
CA HIS A 227 -2.22 26.04 -2.21
C HIS A 227 -1.21 24.99 -1.77
N PHE A 228 0.07 25.30 -1.91
CA PHE A 228 1.13 24.38 -1.53
C PHE A 228 2.04 25.00 -0.48
N THR A 229 2.58 24.17 0.40
CA THR A 229 3.47 24.64 1.46
C THR A 229 4.51 23.59 1.81
N HIS A 230 5.60 24.02 2.44
CA HIS A 230 6.66 23.10 2.83
C HIS A 230 6.19 22.16 3.94
N ASN A 231 6.52 20.88 3.79
CA ASN A 231 6.12 19.87 4.78
C ASN A 231 7.10 19.84 5.94
N THR A 232 6.88 20.71 6.92
CA THR A 232 7.74 20.78 8.09
C THR A 232 7.49 19.61 9.05
N VAL A 233 6.26 19.09 9.01
CA VAL A 233 5.89 17.96 9.86
C VAL A 233 6.61 16.69 9.43
N ARG A 234 6.42 16.31 8.18
CA ARG A 234 7.04 15.10 7.64
C ARG A 234 8.55 15.31 7.47
N GLY A 235 8.99 16.55 7.57
CA GLY A 235 10.40 16.86 7.42
C GLY A 235 10.85 16.83 5.97
N CYS A 236 9.89 16.77 5.06
CA CYS A 236 10.20 16.73 3.63
C CYS A 236 8.92 16.80 2.80
N SER A 237 9.08 17.08 1.50
CA SER A 237 7.94 17.18 0.60
C SER A 237 7.19 18.49 0.81
N TYR A 238 5.90 18.48 0.50
CA TYR A 238 5.06 19.67 0.65
C TYR A 238 3.69 19.30 1.20
N PHE A 239 2.83 20.30 1.34
CA PHE A 239 1.47 20.09 1.85
C PHE A 239 0.44 20.72 0.92
N TYR A 240 -0.62 19.97 0.63
CA TYR A 240 -1.67 20.44 -0.25
C TYR A 240 -2.92 20.81 0.56
N SER A 241 -3.57 21.90 0.17
CA SER A 241 -4.77 22.36 0.86
C SER A 241 -6.03 21.89 0.12
N TYR A 242 -7.19 22.21 0.70
CA TYR A 242 -8.46 21.82 0.10
C TYR A 242 -8.63 22.45 -1.28
N PRO A 243 -8.31 23.75 -1.38
CA PRO A 243 -8.41 24.50 -2.64
C PRO A 243 -7.38 24.05 -3.67
N ALA A 244 -6.22 23.62 -3.19
CA ALA A 244 -5.16 23.15 -4.07
C ALA A 244 -5.55 21.86 -4.78
N VAL A 245 -6.05 20.90 -4.03
CA VAL A 245 -6.46 19.62 -4.59
C VAL A 245 -7.68 19.78 -5.48
N CYS A 246 -8.63 20.59 -5.02
CA CYS A 246 -9.86 20.83 -5.77
C CYS A 246 -9.55 21.43 -7.15
N GLU A 247 -8.46 22.19 -7.22
CA GLU A 247 -8.06 22.81 -8.47
C GLU A 247 -7.47 21.79 -9.44
N PHE A 248 -6.62 20.91 -8.91
CA PHE A 248 -5.98 19.88 -9.73
C PHE A 248 -7.03 18.90 -10.27
N LEU A 249 -7.96 18.49 -9.41
CA LEU A 249 -9.01 17.56 -9.80
C LEU A 249 -9.84 18.13 -10.95
N GLN A 250 -10.39 19.32 -10.74
CA GLN A 250 -11.21 19.97 -11.75
C GLN A 250 -10.45 20.06 -13.08
N HIS A 251 -9.18 20.42 -13.00
CA HIS A 251 -8.35 20.54 -14.20
C HIS A 251 -8.16 19.18 -14.88
N ASN A 252 -8.04 18.14 -14.06
CA ASN A 252 -7.86 16.79 -14.58
C ASN A 252 -9.19 16.03 -14.61
N ASN A 253 -10.27 16.74 -14.32
CA ASN A 253 -11.60 16.13 -14.31
C ASN A 253 -11.59 14.82 -13.53
N LEU A 254 -11.10 14.87 -12.30
CA LEU A 254 -11.04 13.69 -11.45
C LEU A 254 -12.19 13.68 -10.45
N LEU A 255 -12.61 12.49 -10.05
CA LEU A 255 -13.70 12.34 -9.09
C LEU A 255 -13.20 12.49 -7.66
N SER A 256 -12.22 11.66 -7.30
CA SER A 256 -11.65 11.69 -5.96
C SER A 256 -10.25 11.10 -5.94
N ILE A 257 -9.50 11.39 -4.89
CA ILE A 257 -8.14 10.88 -4.75
C ILE A 257 -8.03 9.91 -3.58
N LEU A 258 -7.84 8.63 -3.90
CA LEU A 258 -7.72 7.60 -2.87
C LEU A 258 -6.25 7.28 -2.59
N ARG A 259 -5.85 7.42 -1.33
CA ARG A 259 -4.47 7.13 -0.94
C ARG A 259 -4.38 6.87 0.56
N ALA A 260 -3.16 6.71 1.05
CA ALA A 260 -2.92 6.46 2.47
C ALA A 260 -1.76 7.29 2.99
N HIS A 261 -0.78 6.61 3.60
CA HIS A 261 0.39 7.29 4.13
C HIS A 261 0.05 8.02 5.43
N GLU A 262 -1.24 8.07 5.75
CA GLU A 262 -1.71 8.74 6.96
C GLU A 262 -2.53 7.79 7.83
N ALA A 263 -1.97 7.46 9.00
CA ALA A 263 -2.65 6.56 9.92
C ALA A 263 -3.99 7.13 10.36
N GLN A 264 -4.99 6.26 10.49
CA GLN A 264 -6.33 6.67 10.90
C GLN A 264 -6.84 5.79 12.02
N ASP A 265 -7.49 6.42 13.01
CA ASP A 265 -8.03 5.70 14.15
C ASP A 265 -9.15 4.76 13.71
N ALA A 266 -9.81 5.11 12.60
CA ALA A 266 -10.90 4.31 12.07
C ALA A 266 -10.48 3.56 10.82
N GLY A 267 -9.19 3.62 10.50
CA GLY A 267 -8.68 2.95 9.31
C GLY A 267 -8.99 3.71 8.04
N TYR A 268 -9.62 4.87 8.18
CA TYR A 268 -9.97 5.69 7.03
C TYR A 268 -10.40 7.09 7.48
N ARG A 269 -10.42 8.02 6.52
CA ARG A 269 -10.81 9.40 6.81
C ARG A 269 -11.21 10.12 5.53
N MET A 270 -12.38 10.77 5.58
CA MET A 270 -12.89 11.50 4.42
C MET A 270 -12.58 13.00 4.55
N TYR A 271 -12.06 13.57 3.48
CA TYR A 271 -11.71 14.99 3.47
C TYR A 271 -12.83 15.81 2.84
N ARG A 272 -12.73 17.13 2.97
CA ARG A 272 -13.73 18.03 2.41
C ARG A 272 -14.18 17.56 1.03
N LYS A 273 -15.49 17.58 0.79
CA LYS A 273 -16.05 17.15 -0.48
C LYS A 273 -16.11 18.32 -1.46
N SER A 274 -16.28 18.00 -2.75
CA SER A 274 -16.35 19.02 -3.79
C SER A 274 -17.63 19.84 -3.65
N GLN A 275 -17.53 21.13 -3.94
CA GLN A 275 -18.67 22.03 -3.85
C GLN A 275 -19.72 21.66 -4.89
N THR A 276 -19.30 20.96 -5.95
CA THR A 276 -20.20 20.56 -7.01
C THR A 276 -20.85 19.21 -6.69
N THR A 277 -20.03 18.17 -6.57
CA THR A 277 -20.51 16.84 -6.27
C THR A 277 -20.41 16.53 -4.78
N GLY A 278 -21.35 15.75 -4.28
CA GLY A 278 -21.36 15.39 -2.87
C GLY A 278 -20.34 14.31 -2.55
N PHE A 279 -19.21 14.34 -3.24
CA PHE A 279 -18.17 13.34 -3.02
C PHE A 279 -16.92 13.99 -2.43
N PRO A 280 -16.17 13.21 -1.62
CA PRO A 280 -14.94 13.69 -0.98
C PRO A 280 -13.81 13.91 -1.98
N SER A 281 -13.15 15.06 -1.86
CA SER A 281 -12.05 15.41 -2.76
C SER A 281 -10.84 14.51 -2.51
N LEU A 282 -10.68 14.08 -1.26
CA LEU A 282 -9.57 13.22 -0.89
C LEU A 282 -10.01 12.17 0.13
N ILE A 283 -9.38 11.00 0.09
CA ILE A 283 -9.70 9.92 1.01
C ILE A 283 -8.45 9.18 1.46
N THR A 284 -8.31 8.97 2.77
CA THR A 284 -7.16 8.28 3.32
C THR A 284 -7.55 6.90 3.85
N ILE A 285 -6.85 5.87 3.38
CA ILE A 285 -7.12 4.50 3.80
C ILE A 285 -5.93 3.91 4.55
N PHE A 286 -6.20 3.31 5.70
CA PHE A 286 -5.15 2.70 6.51
C PHE A 286 -5.50 1.27 6.87
N SER A 287 -4.73 0.33 6.35
CA SER A 287 -4.96 -1.09 6.62
C SER A 287 -3.94 -1.64 7.61
N ALA A 288 -3.42 -0.75 8.46
CA ALA A 288 -2.44 -1.14 9.47
C ALA A 288 -2.98 -0.89 10.88
N PRO A 289 -3.67 -1.90 11.42
CA PRO A 289 -4.25 -1.83 12.77
C PRO A 289 -3.18 -1.85 13.86
N ASN A 290 -3.52 -1.27 15.01
CA ASN A 290 -2.58 -1.23 16.13
C ASN A 290 -1.21 -0.75 15.69
N TYR A 291 -1.18 0.43 15.07
CA TYR A 291 0.07 1.01 14.58
C TYR A 291 1.12 1.03 15.68
N LEU A 292 2.36 0.73 15.32
CA LEU A 292 3.46 0.73 16.28
C LEU A 292 3.16 -0.22 17.45
N ASP A 293 2.19 -1.10 17.25
CA ASP A 293 1.81 -2.05 18.29
C ASP A 293 1.37 -1.33 19.55
N VAL A 294 1.31 -0.01 19.49
CA VAL A 294 0.91 0.80 20.63
C VAL A 294 -0.49 1.37 20.43
N TYR A 295 -0.64 2.22 19.41
CA TYR A 295 -1.93 2.83 19.11
C TYR A 295 -3.01 1.77 18.88
N ASN A 296 -4.20 2.02 19.41
CA ASN A 296 -5.31 1.09 19.25
C ASN A 296 -6.19 1.48 18.08
N ASN A 297 -5.55 1.95 17.00
CA ASN A 297 -6.29 2.37 15.81
C ASN A 297 -6.77 1.16 15.02
N LYS A 298 -7.88 1.31 14.30
CA LYS A 298 -8.44 0.24 13.50
C LYS A 298 -8.03 0.37 12.04
N ALA A 299 -8.25 -0.69 11.27
CA ALA A 299 -7.90 -0.69 9.86
C ALA A 299 -9.15 -0.72 8.99
N ALA A 300 -8.96 -0.52 7.68
CA ALA A 300 -10.08 -0.52 6.75
C ALA A 300 -9.58 -0.60 5.30
N VAL A 301 -10.48 -0.95 4.39
CA VAL A 301 -10.13 -1.06 2.98
C VAL A 301 -11.24 -0.51 2.10
N LEU A 302 -10.86 0.25 1.07
CA LEU A 302 -11.81 0.84 0.15
C LEU A 302 -12.20 -0.15 -0.94
N LYS A 303 -13.50 -0.34 -1.14
CA LYS A 303 -14.01 -1.25 -2.15
C LYS A 303 -14.93 -0.53 -3.13
N TYR A 304 -14.43 -0.29 -4.34
CA TYR A 304 -15.20 0.40 -5.37
C TYR A 304 -15.73 -0.59 -6.40
N GLU A 305 -17.05 -0.62 -6.57
CA GLU A 305 -17.68 -1.51 -7.53
C GLU A 305 -19.07 -1.01 -7.91
N ASN A 306 -19.45 -1.25 -9.16
CA ASN A 306 -20.76 -0.82 -9.66
C ASN A 306 -21.07 0.60 -9.19
N ASN A 307 -20.12 1.50 -9.37
CA ASN A 307 -20.30 2.89 -8.97
C ASN A 307 -20.67 3.00 -7.50
N VAL A 308 -20.06 2.15 -6.68
CA VAL A 308 -20.33 2.15 -5.24
C VAL A 308 -19.04 2.07 -4.44
N MET A 309 -18.89 2.99 -3.48
CA MET A 309 -17.70 3.02 -2.64
C MET A 309 -18.02 2.54 -1.23
N ASN A 310 -17.71 1.27 -0.96
CA ASN A 310 -17.97 0.67 0.35
C ASN A 310 -16.68 0.57 1.14
N ILE A 311 -16.71 1.06 2.38
CA ILE A 311 -15.53 1.02 3.25
C ILE A 311 -15.71 -0.05 4.33
N ARG A 312 -14.80 -1.02 4.36
CA ARG A 312 -14.84 -2.09 5.34
C ARG A 312 -13.82 -1.86 6.44
N GLN A 313 -14.26 -1.99 7.69
CA GLN A 313 -13.38 -1.79 8.83
C GLN A 313 -12.82 -3.12 9.33
N PHE A 314 -11.67 -3.06 9.99
CA PHE A 314 -11.04 -4.27 10.52
C PHE A 314 -10.24 -3.96 11.78
N ASN A 315 -10.16 -4.93 12.68
CA ASN A 315 -9.42 -4.76 13.93
C ASN A 315 -8.04 -5.39 13.84
N CYS A 316 -7.22 -5.15 14.86
CA CYS A 316 -5.87 -5.70 14.91
C CYS A 316 -5.90 -7.22 15.04
N SER A 317 -4.77 -7.86 14.77
CA SER A 317 -4.67 -9.31 14.86
C SER A 317 -3.57 -9.72 15.83
N PRO A 318 -3.66 -10.97 16.33
CA PRO A 318 -2.68 -11.50 17.28
C PRO A 318 -1.32 -11.75 16.63
N HIS A 319 -0.25 -11.52 17.39
CA HIS A 319 1.10 -11.72 16.88
C HIS A 319 2.10 -11.82 18.04
N PRO A 320 3.24 -12.46 17.77
CA PRO A 320 4.30 -12.64 18.78
C PRO A 320 5.00 -11.33 19.14
N TYR A 321 5.68 -11.31 20.27
CA TYR A 321 6.39 -10.12 20.72
C TYR A 321 7.82 -10.13 20.22
N TRP A 322 8.25 -8.98 19.69
CA TRP A 322 9.61 -8.85 19.18
C TRP A 322 10.28 -7.59 19.73
N LEU A 323 11.48 -7.76 20.28
CA LEU A 323 12.23 -6.65 20.85
C LEU A 323 12.68 -5.68 19.75
N PRO A 324 13.08 -4.47 20.16
CA PRO A 324 13.55 -3.43 19.23
C PRO A 324 14.89 -3.78 18.61
N ASN A 325 14.98 -3.66 17.30
CA ASN A 325 16.22 -3.95 16.58
C ASN A 325 16.62 -5.41 16.77
N PHE A 326 15.65 -6.25 17.09
CA PHE A 326 15.90 -7.67 17.30
C PHE A 326 16.87 -7.89 18.45
N MET A 327 16.89 -6.94 19.38
CA MET A 327 17.78 -7.02 20.54
C MET A 327 17.43 -8.23 21.41
N GLY B 1 -22.06 11.23 4.46
CA GLY B 1 -23.11 10.69 5.32
C GLY B 1 -24.10 9.83 4.57
N PRO B 2 -25.22 9.50 5.22
CA PRO B 2 -26.27 8.68 4.62
C PRO B 2 -27.02 9.40 3.51
N HIS B 3 -26.87 8.92 2.28
CA HIS B 3 -27.53 9.53 1.13
C HIS B 3 -27.17 8.79 -0.15
N PRO B 4 -25.87 8.79 -0.48
CA PRO B 4 -25.36 8.12 -1.69
C PRO B 4 -25.45 6.60 -1.59
N VAL B 5 -24.85 5.91 -2.57
CA VAL B 5 -24.86 4.46 -2.59
C VAL B 5 -23.70 3.89 -1.79
N ILE B 6 -22.86 4.78 -1.26
CA ILE B 6 -21.71 4.36 -0.46
C ILE B 6 -22.16 3.77 0.88
N VAL B 7 -21.94 2.48 1.06
CA VAL B 7 -22.31 1.80 2.29
C VAL B 7 -21.07 1.44 3.11
N ILE B 8 -21.21 1.51 4.43
CA ILE B 8 -20.10 1.19 5.33
C ILE B 8 -20.48 0.08 6.30
N THR B 9 -19.55 -0.83 6.55
CA THR B 9 -19.78 -1.94 7.45
C THR B 9 -18.78 -1.94 8.59
N GLY B 10 -18.90 -2.93 9.48
CA GLY B 10 -18.00 -3.02 10.61
C GLY B 10 -17.98 -4.42 11.22
N PRO B 11 -17.16 -5.31 10.65
CA PRO B 11 -17.03 -6.69 11.13
C PRO B 11 -16.33 -6.77 12.47
N HIS B 12 -15.16 -6.15 12.57
CA HIS B 12 -14.39 -6.15 13.82
C HIS B 12 -14.23 -4.73 14.36
N GLU B 13 -15.10 -3.82 13.90
CA GLU B 13 -15.05 -2.43 14.34
C GLU B 13 -14.97 -2.35 15.86
N GLU B 14 -13.87 -1.79 16.37
CA GLU B 14 -13.68 -1.65 17.81
C GLU B 14 -14.88 -0.98 18.46
N LEU B 15 -15.31 0.13 17.87
CA LEU B 15 -16.46 0.86 18.40
C LEU B 15 -16.87 1.99 17.44
N GLU B 16 -15.89 2.83 17.07
CA GLU B 16 -16.15 3.94 16.17
C GLU B 16 -15.95 3.51 14.72
N VAL A 1 2.45 -21.53 23.03
CA VAL A 1 2.69 -20.79 21.79
C VAL A 1 3.22 -21.70 20.69
N PRO A 2 2.81 -21.42 19.44
CA PRO A 2 3.23 -22.20 18.28
C PRO A 2 4.71 -22.02 17.95
N PHE A 3 5.30 -23.03 17.33
CA PHE A 3 6.71 -22.97 16.96
C PHE A 3 6.88 -22.97 15.45
N PRO A 4 7.80 -22.12 14.96
CA PRO A 4 8.08 -22.00 13.52
C PRO A 4 8.77 -23.23 12.96
N PRO A 5 8.27 -23.73 11.82
CA PRO A 5 8.83 -24.91 11.15
C PRO A 5 10.21 -24.63 10.55
N SER A 6 11.17 -25.49 10.87
CA SER A 6 12.53 -25.33 10.35
C SER A 6 12.60 -25.73 8.89
N HIS A 7 11.67 -26.59 8.46
CA HIS A 7 11.63 -27.05 7.07
C HIS A 7 11.24 -25.92 6.13
N ARG A 8 12.17 -25.55 5.24
CA ARG A 8 11.92 -24.48 4.29
C ARG A 8 11.29 -25.01 3.01
N LEU A 9 10.21 -24.36 2.58
CA LEU A 9 9.51 -24.78 1.37
C LEU A 9 10.40 -24.64 0.15
N THR A 10 10.35 -25.62 -0.74
CA THR A 10 11.15 -25.60 -1.96
C THR A 10 10.35 -25.08 -3.14
N ALA A 11 11.03 -24.77 -4.23
CA ALA A 11 10.38 -24.26 -5.43
C ALA A 11 9.27 -25.21 -5.89
N LYS A 12 9.63 -26.47 -6.09
CA LYS A 12 8.66 -27.48 -6.53
C LYS A 12 7.53 -27.63 -5.52
N GLU A 13 7.75 -27.11 -4.31
CA GLU A 13 6.74 -27.19 -3.26
C GLU A 13 5.80 -25.99 -3.33
N VAL A 14 6.32 -24.85 -3.76
CA VAL A 14 5.53 -23.63 -3.87
C VAL A 14 4.90 -23.52 -5.26
N PHE A 15 5.64 -23.95 -6.28
CA PHE A 15 5.14 -23.90 -7.65
C PHE A 15 4.86 -25.29 -8.18
N ASP A 16 3.71 -25.46 -8.81
CA ASP A 16 3.32 -26.76 -9.37
C ASP A 16 3.92 -26.95 -10.76
N ASN A 17 3.65 -28.10 -11.35
CA ASN A 17 4.17 -28.42 -12.69
C ASN A 17 3.75 -27.36 -13.69
N ASP A 18 2.60 -26.74 -13.45
CA ASP A 18 2.07 -25.71 -14.34
C ASP A 18 2.78 -24.39 -14.10
N GLY A 19 3.73 -24.38 -13.16
CA GLY A 19 4.46 -23.17 -12.84
C GLY A 19 3.64 -22.19 -12.04
N LYS A 20 2.49 -22.64 -11.55
CA LYS A 20 1.61 -21.80 -10.75
C LYS A 20 1.86 -22.01 -9.26
N PRO A 21 2.02 -20.88 -8.53
CA PRO A 21 2.26 -20.92 -7.08
C PRO A 21 1.03 -21.38 -6.30
N ARG A 22 1.28 -22.10 -5.20
CA ARG A 22 0.19 -22.59 -4.37
C ARG A 22 -0.03 -21.68 -3.16
N VAL A 23 -0.75 -20.59 -3.37
CA VAL A 23 -1.03 -19.63 -2.31
C VAL A 23 -1.61 -20.34 -1.08
N ASP A 24 -2.26 -21.47 -1.31
CA ASP A 24 -2.85 -22.24 -0.22
C ASP A 24 -1.77 -22.85 0.66
N ILE A 25 -0.77 -23.45 0.02
CA ILE A 25 0.33 -24.07 0.76
C ILE A 25 1.19 -23.03 1.46
N LEU A 26 1.42 -21.91 0.78
CA LEU A 26 2.23 -20.83 1.35
C LEU A 26 1.51 -20.17 2.53
N LYS A 27 0.25 -19.83 2.32
CA LYS A 27 -0.55 -19.19 3.36
C LYS A 27 -0.49 -20.01 4.66
N ALA A 28 -0.82 -21.29 4.56
CA ALA A 28 -0.79 -22.17 5.72
C ALA A 28 0.58 -22.18 6.38
N HIS A 29 1.62 -22.32 5.57
CA HIS A 29 2.99 -22.34 6.07
C HIS A 29 3.33 -21.04 6.79
N LEU A 30 3.14 -19.92 6.09
CA LEU A 30 3.42 -18.60 6.67
C LEU A 30 2.70 -18.42 7.99
N MET A 31 1.48 -18.92 8.07
CA MET A 31 0.68 -18.81 9.30
C MET A 31 1.39 -19.52 10.46
N LYS A 32 2.20 -20.51 10.14
CA LYS A 32 2.93 -21.26 11.16
C LYS A 32 4.33 -20.68 11.35
N GLU A 33 4.57 -19.51 10.79
CA GLU A 33 5.87 -18.85 10.89
C GLU A 33 6.94 -19.62 10.12
N GLY A 34 6.54 -20.17 8.98
CA GLY A 34 7.48 -20.93 8.15
C GLY A 34 8.16 -20.06 7.12
N ARG A 35 9.40 -20.42 6.79
CA ARG A 35 10.18 -19.66 5.80
C ARG A 35 10.45 -20.52 4.57
N LEU A 36 10.75 -19.85 3.45
CA LEU A 36 11.03 -20.54 2.20
C LEU A 36 12.53 -20.57 1.94
N GLU A 37 12.93 -21.29 0.88
CA GLU A 37 14.34 -21.40 0.52
C GLU A 37 14.82 -20.12 -0.16
N GLU A 38 16.04 -19.71 0.19
CA GLU A 38 16.61 -18.49 -0.39
C GLU A 38 16.44 -18.47 -1.90
N SER A 39 16.50 -19.65 -2.52
CA SER A 39 16.34 -19.76 -3.96
C SER A 39 14.90 -19.46 -4.39
N VAL A 40 13.94 -19.97 -3.63
CA VAL A 40 12.53 -19.75 -3.93
C VAL A 40 12.16 -18.28 -3.75
N ALA A 41 12.55 -17.70 -2.62
CA ALA A 41 12.26 -16.31 -2.32
C ALA A 41 12.80 -15.39 -3.43
N LEU A 42 14.01 -15.66 -3.88
CA LEU A 42 14.64 -14.86 -4.92
C LEU A 42 13.87 -14.99 -6.24
N ARG A 43 13.34 -16.19 -6.49
CA ARG A 43 12.59 -16.45 -7.71
C ARG A 43 11.29 -15.65 -7.72
N ILE A 44 10.60 -15.64 -6.59
CA ILE A 44 9.34 -14.92 -6.46
C ILE A 44 9.55 -13.41 -6.66
N ILE A 45 10.55 -12.88 -5.96
CA ILE A 45 10.85 -11.45 -6.06
C ILE A 45 11.24 -11.06 -7.48
N THR A 46 12.20 -11.79 -8.05
CA THR A 46 12.67 -11.53 -9.40
C THR A 46 11.54 -11.71 -10.41
N GLU A 47 10.69 -12.69 -10.18
CA GLU A 47 9.56 -12.97 -11.06
C GLU A 47 8.54 -11.83 -11.01
N GLY A 48 8.34 -11.28 -9.82
CA GLY A 48 7.40 -10.19 -9.65
C GLY A 48 7.89 -8.88 -10.26
N ALA A 49 9.19 -8.63 -10.12
CA ALA A 49 9.77 -7.41 -10.66
C ALA A 49 9.65 -7.36 -12.18
N SER A 50 9.85 -8.50 -12.83
CA SER A 50 9.75 -8.58 -14.28
C SER A 50 8.37 -8.15 -14.76
N ILE A 51 7.34 -8.60 -14.05
CA ILE A 51 5.96 -8.26 -14.39
C ILE A 51 5.69 -6.77 -14.18
N LEU A 52 6.09 -6.26 -13.02
CA LEU A 52 5.89 -4.85 -12.69
C LEU A 52 6.65 -3.95 -13.67
N ARG A 53 7.85 -4.39 -14.06
CA ARG A 53 8.67 -3.62 -14.98
C ARG A 53 7.92 -3.34 -16.28
N GLN A 54 6.99 -4.24 -16.62
CA GLN A 54 6.21 -4.09 -17.84
C GLN A 54 5.08 -3.08 -17.63
N GLU A 55 4.71 -2.85 -16.38
CA GLU A 55 3.64 -1.92 -16.05
C GLU A 55 4.11 -0.47 -16.23
N LYS A 56 3.15 0.44 -16.31
CA LYS A 56 3.46 1.86 -16.47
C LYS A 56 3.36 2.61 -15.16
N ASN A 57 4.02 3.76 -15.07
CA ASN A 57 4.00 4.57 -13.86
C ASN A 57 2.57 4.78 -13.37
N LEU A 58 1.69 5.18 -14.29
CA LEU A 58 0.29 5.42 -13.95
C LEU A 58 -0.62 4.44 -14.70
N LEU A 59 -1.04 3.39 -14.00
CA LEU A 59 -1.92 2.38 -14.59
C LEU A 59 -3.33 2.94 -14.78
N ASP A 60 -3.99 2.50 -15.84
CA ASP A 60 -5.35 2.94 -16.13
C ASP A 60 -6.27 1.76 -16.40
N ILE A 61 -7.02 1.36 -15.37
CA ILE A 61 -7.93 0.23 -15.49
C ILE A 61 -9.31 0.59 -14.96
N ASP A 62 -10.34 0.25 -15.73
CA ASP A 62 -11.72 0.54 -15.34
C ASP A 62 -12.41 -0.73 -14.84
N ALA A 63 -12.33 -0.96 -13.53
CA ALA A 63 -12.96 -2.12 -12.92
C ALA A 63 -13.02 -1.99 -11.41
N PRO A 64 -13.92 -2.77 -10.79
CA PRO A 64 -14.11 -2.75 -9.33
C PRO A 64 -12.92 -3.37 -8.58
N VAL A 65 -12.25 -2.54 -7.77
CA VAL A 65 -11.11 -3.01 -7.00
C VAL A 65 -11.13 -2.45 -5.58
N THR A 66 -10.45 -3.13 -4.67
CA THR A 66 -10.39 -2.70 -3.28
C THR A 66 -9.02 -2.14 -2.93
N VAL A 67 -8.98 -0.86 -2.56
CA VAL A 67 -7.73 -0.22 -2.21
C VAL A 67 -7.36 -0.49 -0.75
N CYS A 68 -6.09 -0.76 -0.51
CA CYS A 68 -5.60 -1.03 0.84
C CYS A 68 -4.59 0.00 1.28
N GLY A 69 -4.56 0.29 2.58
CA GLY A 69 -3.63 1.27 3.11
C GLY A 69 -2.28 0.67 3.45
N ASP A 70 -1.47 1.42 4.19
CA ASP A 70 -0.15 0.96 4.58
C ASP A 70 -0.24 -0.38 5.33
N ILE A 71 0.73 -1.25 5.10
CA ILE A 71 0.76 -2.56 5.73
C ILE A 71 1.85 -2.61 6.81
N HIS A 72 3.02 -2.07 6.49
CA HIS A 72 4.14 -2.07 7.41
C HIS A 72 4.54 -3.48 7.80
N GLY A 73 4.81 -4.32 6.79
CA GLY A 73 5.20 -5.69 7.04
C GLY A 73 4.31 -6.37 8.06
N GLN A 74 3.06 -5.93 8.13
CA GLN A 74 2.10 -6.49 9.08
C GLN A 74 1.37 -7.69 8.47
N PHE A 75 2.12 -8.74 8.18
CA PHE A 75 1.56 -9.95 7.59
C PHE A 75 0.39 -10.46 8.42
N PHE A 76 0.58 -10.50 9.74
CA PHE A 76 -0.45 -10.97 10.65
C PHE A 76 -1.75 -10.19 10.46
N ASP A 77 -1.62 -8.94 10.03
CA ASP A 77 -2.79 -8.08 9.80
C ASP A 77 -3.25 -8.18 8.34
N LEU A 78 -2.37 -8.66 7.48
CA LEU A 78 -2.70 -8.81 6.07
C LEU A 78 -3.58 -10.03 5.83
N MET A 79 -3.41 -11.04 6.67
CA MET A 79 -4.19 -12.27 6.56
C MET A 79 -5.66 -12.01 6.92
N LYS A 80 -5.87 -11.28 8.01
CA LYS A 80 -7.22 -10.96 8.46
C LYS A 80 -7.93 -10.04 7.47
N LEU A 81 -7.19 -9.07 6.94
CA LEU A 81 -7.74 -8.13 5.97
C LEU A 81 -8.38 -8.86 4.80
N PHE A 82 -7.66 -9.82 4.24
CA PHE A 82 -8.16 -10.60 3.11
C PHE A 82 -9.41 -11.38 3.50
N GLU A 83 -9.49 -11.79 4.77
CA GLU A 83 -10.63 -12.54 5.26
C GLU A 83 -11.89 -11.68 5.27
N VAL A 84 -11.75 -10.44 5.71
CA VAL A 84 -12.88 -9.51 5.76
C VAL A 84 -13.19 -8.95 4.38
N GLY A 85 -12.14 -8.68 3.61
CA GLY A 85 -12.31 -8.13 2.28
C GLY A 85 -12.68 -9.19 1.27
N GLY A 86 -12.28 -10.43 1.53
CA GLY A 86 -12.58 -11.52 0.63
C GLY A 86 -11.33 -12.16 0.06
N SER A 87 -11.47 -13.38 -0.46
CA SER A 87 -10.34 -14.10 -1.03
C SER A 87 -9.87 -13.44 -2.33
N PRO A 88 -8.55 -13.29 -2.47
CA PRO A 88 -7.95 -12.67 -3.65
C PRO A 88 -8.08 -13.54 -4.90
N ALA A 89 -8.45 -14.80 -4.70
CA ALA A 89 -8.62 -15.74 -5.80
C ALA A 89 -9.75 -15.29 -6.73
N ASN A 90 -10.70 -14.54 -6.18
CA ASN A 90 -11.84 -14.06 -6.95
C ASN A 90 -12.14 -12.59 -6.61
N THR A 91 -11.22 -11.95 -5.90
CA THR A 91 -11.39 -10.56 -5.50
C THR A 91 -10.17 -9.72 -5.90
N ARG A 92 -10.42 -8.59 -6.54
CA ARG A 92 -9.35 -7.70 -6.98
C ARG A 92 -8.92 -6.77 -5.84
N TYR A 93 -7.62 -6.74 -5.57
CA TYR A 93 -7.08 -5.89 -4.51
C TYR A 93 -6.07 -4.90 -5.08
N LEU A 94 -5.84 -3.82 -4.33
CA LEU A 94 -4.91 -2.79 -4.75
C LEU A 94 -4.19 -2.18 -3.55
N PHE A 95 -2.87 -2.33 -3.51
CA PHE A 95 -2.07 -1.78 -2.42
C PHE A 95 -1.52 -0.41 -2.77
N LEU A 96 -1.47 0.48 -1.78
CA LEU A 96 -0.95 1.83 -1.99
C LEU A 96 0.53 1.91 -1.66
N GLY A 97 1.13 0.75 -1.38
CA GLY A 97 2.55 0.72 -1.04
C GLY A 97 2.79 0.54 0.44
N ASP A 98 4.00 0.86 0.88
CA ASP A 98 4.36 0.73 2.29
C ASP A 98 4.03 -0.66 2.81
N TYR A 99 4.76 -1.66 2.32
CA TYR A 99 4.55 -3.04 2.74
C TYR A 99 5.65 -3.50 3.69
N VAL A 100 6.73 -2.71 3.77
CA VAL A 100 7.85 -3.04 4.63
C VAL A 100 8.04 -1.97 5.71
N ASP A 101 9.00 -2.20 6.59
CA ASP A 101 9.30 -1.26 7.67
C ASP A 101 8.24 -1.35 8.77
N ARG A 102 8.61 -0.95 9.97
CA ARG A 102 7.69 -0.99 11.11
C ARG A 102 7.50 -2.42 11.59
N GLY A 103 6.85 -3.23 10.77
CA GLY A 103 6.59 -4.61 11.13
C GLY A 103 7.81 -5.49 10.93
N TYR A 104 8.00 -6.46 11.82
CA TYR A 104 9.13 -7.37 11.75
C TYR A 104 8.83 -8.55 10.83
N PHE A 105 7.84 -8.37 9.95
CA PHE A 105 7.45 -9.40 9.01
C PHE A 105 7.27 -8.84 7.61
N SER A 106 8.12 -7.87 7.26
CA SER A 106 8.05 -7.25 5.94
C SER A 106 8.35 -8.25 4.84
N ILE A 107 9.29 -9.16 5.10
CA ILE A 107 9.66 -10.17 4.13
C ILE A 107 8.47 -11.06 3.78
N GLU A 108 7.68 -11.41 4.79
CA GLU A 108 6.51 -12.25 4.59
C GLU A 108 5.45 -11.53 3.74
N CYS A 109 5.37 -10.22 3.92
CA CYS A 109 4.41 -9.41 3.18
C CYS A 109 4.81 -9.29 1.72
N VAL A 110 6.08 -8.97 1.48
CA VAL A 110 6.60 -8.83 0.13
C VAL A 110 6.54 -10.15 -0.62
N LEU A 111 6.94 -11.23 0.04
CA LEU A 111 6.94 -12.55 -0.57
C LEU A 111 5.52 -12.98 -0.92
N TYR A 112 4.61 -12.84 0.03
CA TYR A 112 3.21 -13.22 -0.17
C TYR A 112 2.56 -12.30 -1.20
N LEU A 113 2.90 -11.01 -1.16
CA LEU A 113 2.34 -10.04 -2.09
C LEU A 113 2.86 -10.27 -3.50
N TRP A 114 4.14 -10.62 -3.61
CA TRP A 114 4.75 -10.86 -4.90
C TRP A 114 4.19 -12.13 -5.53
N ALA A 115 4.06 -13.18 -4.73
CA ALA A 115 3.53 -14.45 -5.21
C ALA A 115 2.09 -14.30 -5.67
N LEU A 116 1.31 -13.54 -4.93
CA LEU A 116 -0.09 -13.31 -5.26
C LEU A 116 -0.24 -12.48 -6.53
N LYS A 117 0.73 -11.60 -6.76
CA LYS A 117 0.73 -10.75 -7.94
C LYS A 117 1.03 -11.56 -9.20
N ILE A 118 1.95 -12.51 -9.08
CA ILE A 118 2.33 -13.36 -10.20
C ILE A 118 1.21 -14.33 -10.56
N LEU A 119 0.48 -14.77 -9.55
CA LEU A 119 -0.62 -15.71 -9.75
C LEU A 119 -1.84 -15.00 -10.32
N TYR A 120 -2.12 -13.80 -9.80
CA TYR A 120 -3.26 -13.02 -10.27
C TYR A 120 -2.84 -11.57 -10.53
N PRO A 121 -1.95 -11.40 -11.52
CA PRO A 121 -1.46 -10.07 -11.90
C PRO A 121 -2.53 -9.23 -12.59
N LYS A 122 -3.69 -9.83 -12.81
CA LYS A 122 -4.79 -9.14 -13.47
C LYS A 122 -5.90 -8.81 -12.46
N THR A 123 -5.67 -9.15 -11.20
CA THR A 123 -6.64 -8.89 -10.14
C THR A 123 -5.97 -8.29 -8.92
N LEU A 124 -4.66 -8.44 -8.83
CA LEU A 124 -3.89 -7.91 -7.70
C LEU A 124 -2.87 -6.88 -8.18
N PHE A 125 -3.04 -5.64 -7.73
CA PHE A 125 -2.13 -4.56 -8.11
C PHE A 125 -1.40 -4.02 -6.88
N LEU A 126 -0.11 -3.75 -7.05
CA LEU A 126 0.71 -3.22 -5.97
C LEU A 126 1.43 -1.95 -6.39
N LEU A 127 1.29 -0.90 -5.59
CA LEU A 127 1.94 0.37 -5.89
C LEU A 127 3.13 0.61 -4.97
N ARG A 128 4.04 1.48 -5.39
CA ARG A 128 5.23 1.79 -4.61
C ARG A 128 4.94 2.90 -3.61
N GLY A 129 5.54 2.79 -2.42
CA GLY A 129 5.33 3.80 -1.39
C GLY A 129 6.62 4.49 -1.00
N ASN A 130 6.50 5.56 -0.21
CA ASN A 130 7.67 6.30 0.24
C ASN A 130 8.64 5.40 0.99
N HIS A 131 8.13 4.26 1.46
CA HIS A 131 8.95 3.31 2.20
C HIS A 131 9.66 2.35 1.26
N GLU A 132 9.17 2.27 0.02
CA GLU A 132 9.74 1.39 -0.98
C GLU A 132 11.05 1.97 -1.53
N CYS A 133 12.06 2.04 -0.69
CA CYS A 133 13.36 2.57 -1.09
C CYS A 133 14.49 1.86 -0.37
N ARG A 134 15.73 2.22 -0.70
CA ARG A 134 16.89 1.61 -0.08
C ARG A 134 17.34 2.40 1.15
N HIS A 135 17.45 3.71 0.99
CA HIS A 135 17.86 4.58 2.09
C HIS A 135 16.99 4.35 3.31
N LEU A 136 15.69 4.22 3.09
CA LEU A 136 14.74 3.99 4.18
C LEU A 136 14.90 2.59 4.76
N THR A 137 14.99 1.60 3.87
CA THR A 137 15.14 0.21 4.29
C THR A 137 16.40 0.03 5.13
N GLU A 138 17.42 0.82 4.84
CA GLU A 138 18.68 0.74 5.57
C GLU A 138 18.54 1.30 6.98
N TYR A 139 17.73 2.35 7.11
CA TYR A 139 17.51 2.98 8.40
C TYR A 139 16.57 2.15 9.26
N PHE A 140 15.51 1.62 8.63
CA PHE A 140 14.54 0.80 9.34
C PHE A 140 15.12 -0.57 9.68
N THR A 141 14.27 -1.46 10.18
CA THR A 141 14.70 -2.80 10.55
C THR A 141 14.46 -3.78 9.40
N PHE A 142 14.20 -3.25 8.21
CA PHE A 142 13.96 -4.08 7.04
C PHE A 142 15.24 -4.79 6.60
N LYS A 143 16.28 -4.01 6.35
CA LYS A 143 17.56 -4.56 5.93
C LYS A 143 18.06 -5.62 6.92
N GLN A 144 18.09 -5.25 8.20
CA GLN A 144 18.54 -6.16 9.24
C GLN A 144 17.71 -7.43 9.24
N GLU A 145 16.42 -7.30 8.97
CA GLU A 145 15.51 -8.44 8.94
C GLU A 145 15.89 -9.41 7.83
N CYS A 146 16.08 -8.89 6.63
CA CYS A 146 16.46 -9.72 5.49
C CYS A 146 17.78 -10.44 5.74
N LYS A 147 18.68 -9.78 6.46
CA LYS A 147 19.98 -10.35 6.78
C LYS A 147 19.87 -11.36 7.91
N ILE A 148 18.93 -11.13 8.83
CA ILE A 148 18.72 -12.02 9.95
C ILE A 148 17.95 -13.27 9.53
N LYS A 149 16.97 -13.09 8.65
CA LYS A 149 16.16 -14.20 8.16
C LYS A 149 16.84 -14.88 6.96
N TYR A 150 17.31 -14.07 6.02
CA TYR A 150 17.97 -14.58 4.83
C TYR A 150 19.37 -14.01 4.69
N SER A 151 19.54 -13.09 3.74
CA SER A 151 20.83 -12.46 3.50
C SER A 151 20.67 -11.18 2.69
N GLU A 152 21.79 -10.52 2.40
CA GLU A 152 21.77 -9.29 1.63
C GLU A 152 21.30 -9.54 0.20
N ARG A 153 21.44 -10.78 -0.25
CA ARG A 153 21.02 -11.16 -1.59
C ARG A 153 19.54 -10.88 -1.81
N VAL A 154 18.72 -11.31 -0.85
CA VAL A 154 17.28 -11.11 -0.94
C VAL A 154 16.92 -9.63 -0.82
N TYR A 155 17.61 -8.94 0.08
CA TYR A 155 17.36 -7.52 0.30
C TYR A 155 17.57 -6.73 -0.99
N ASP A 156 18.73 -6.93 -1.61
CA ASP A 156 19.05 -6.24 -2.86
C ASP A 156 18.01 -6.53 -3.93
N ALA A 157 17.57 -7.78 -4.00
CA ALA A 157 16.57 -8.18 -4.99
C ALA A 157 15.27 -7.39 -4.82
N CYS A 158 14.83 -7.26 -3.57
CA CYS A 158 13.61 -6.52 -3.28
C CYS A 158 13.74 -5.05 -3.70
N MET A 159 14.90 -4.47 -3.40
CA MET A 159 15.15 -3.07 -3.74
C MET A 159 15.00 -2.85 -5.24
N ASP A 160 15.66 -3.68 -6.04
CA ASP A 160 15.60 -3.57 -7.49
C ASP A 160 14.18 -3.83 -8.00
N ALA A 161 13.45 -4.70 -7.29
CA ALA A 161 12.08 -5.02 -7.66
C ALA A 161 11.13 -3.88 -7.35
N PHE A 162 11.33 -3.26 -6.19
CA PHE A 162 10.49 -2.15 -5.77
C PHE A 162 10.53 -1.01 -6.78
N ASP A 163 11.69 -0.82 -7.40
CA ASP A 163 11.87 0.22 -8.39
C ASP A 163 11.01 -0.05 -9.63
N CYS A 164 10.47 -1.24 -9.71
CA CYS A 164 9.63 -1.63 -10.84
C CYS A 164 8.15 -1.41 -10.52
N LEU A 165 7.86 -1.11 -9.26
CA LEU A 165 6.49 -0.88 -8.82
C LEU A 165 5.95 0.44 -9.37
N PRO A 166 4.64 0.48 -9.64
CA PRO A 166 3.98 1.67 -10.17
C PRO A 166 3.91 2.81 -9.14
N LEU A 167 3.77 4.03 -9.63
CA LEU A 167 3.70 5.20 -8.77
C LEU A 167 2.25 5.57 -8.47
N ALA A 168 1.40 5.46 -9.48
CA ALA A 168 -0.02 5.77 -9.33
C ALA A 168 -0.87 4.94 -10.28
N ALA A 169 -2.19 5.06 -10.14
CA ALA A 169 -3.12 4.32 -10.98
C ALA A 169 -4.44 5.06 -11.13
N LEU A 170 -4.96 5.10 -12.35
CA LEU A 170 -6.23 5.78 -12.62
C LEU A 170 -7.37 4.79 -12.68
N MET A 171 -8.10 4.66 -11.57
CA MET A 171 -9.23 3.75 -11.49
C MET A 171 -10.47 4.36 -12.12
N ASN A 172 -10.96 3.74 -13.19
CA ASN A 172 -12.15 4.23 -13.88
C ASN A 172 -11.89 5.61 -14.49
N GLN A 173 -10.61 5.92 -14.72
CA GLN A 173 -10.24 7.20 -15.29
C GLN A 173 -10.93 8.35 -14.56
N GLN A 174 -11.30 8.12 -13.30
CA GLN A 174 -11.97 9.13 -12.50
C GLN A 174 -11.26 9.30 -11.15
N PHE A 175 -10.86 8.18 -10.55
CA PHE A 175 -10.18 8.22 -9.26
C PHE A 175 -8.67 8.02 -9.43
N LEU A 176 -7.89 8.75 -8.64
CA LEU A 176 -6.44 8.66 -8.71
C LEU A 176 -5.88 7.96 -7.47
N CYS A 177 -5.27 6.81 -7.68
CA CYS A 177 -4.69 6.03 -6.58
C CYS A 177 -3.22 6.38 -6.39
N VAL A 178 -2.88 6.86 -5.21
CA VAL A 178 -1.50 7.22 -4.90
C VAL A 178 -1.17 6.95 -3.44
N HIS A 179 0.09 7.19 -3.06
CA HIS A 179 0.53 6.97 -1.69
C HIS A 179 0.53 8.28 -0.91
N GLY A 180 1.12 9.32 -1.50
CA GLY A 180 1.18 10.61 -0.84
C GLY A 180 0.06 11.53 -1.27
N GLY A 181 0.05 11.90 -2.56
CA GLY A 181 -0.98 12.77 -3.07
C GLY A 181 -0.56 13.47 -4.34
N LEU A 182 -1.00 14.72 -4.52
CA LEU A 182 -0.66 15.49 -5.71
C LEU A 182 0.72 16.12 -5.57
N SER A 183 1.18 16.78 -6.64
CA SER A 183 2.48 17.42 -6.63
C SER A 183 2.41 18.77 -7.35
N PRO A 184 3.25 19.72 -6.91
CA PRO A 184 3.32 21.06 -7.50
C PRO A 184 3.91 21.05 -8.91
N GLU A 185 4.82 20.11 -9.16
CA GLU A 185 5.46 19.99 -10.46
C GLU A 185 4.66 19.07 -11.38
N ILE A 186 3.48 18.68 -10.93
CA ILE A 186 2.62 17.79 -11.71
C ILE A 186 1.19 18.31 -11.75
N ASN A 187 0.82 18.94 -12.87
CA ASN A 187 -0.52 19.48 -13.04
C ASN A 187 -1.30 18.66 -14.06
N THR A 188 -0.66 17.64 -14.61
CA THR A 188 -1.31 16.79 -15.60
C THR A 188 -0.80 15.36 -15.50
N LEU A 189 -1.57 14.42 -16.03
CA LEU A 189 -1.19 13.01 -16.00
C LEU A 189 0.09 12.78 -16.79
N ASP A 190 0.30 13.58 -17.82
CA ASP A 190 1.49 13.46 -18.66
C ASP A 190 2.75 13.72 -17.84
N ASP A 191 2.64 14.62 -16.87
CA ASP A 191 3.78 14.95 -16.01
C ASP A 191 4.28 13.72 -15.26
N ILE A 192 3.37 12.80 -14.96
CA ILE A 192 3.72 11.58 -14.26
C ILE A 192 4.34 10.54 -15.21
N ARG A 193 3.75 10.43 -16.39
CA ARG A 193 4.23 9.48 -17.40
C ARG A 193 5.68 9.79 -17.77
N LYS A 194 6.03 11.07 -17.81
CA LYS A 194 7.38 11.50 -18.16
C LYS A 194 8.32 11.33 -16.97
N LEU A 195 7.89 10.55 -15.99
CA LEU A 195 8.69 10.31 -14.79
C LEU A 195 9.42 8.96 -14.89
N ASP A 196 10.53 8.85 -14.17
CA ASP A 196 11.31 7.62 -14.18
C ASP A 196 11.02 6.78 -12.93
N ARG A 197 10.38 5.63 -13.13
CA ARG A 197 10.04 4.74 -12.04
C ARG A 197 11.21 3.81 -11.70
N PHE A 198 11.88 3.33 -12.73
CA PHE A 198 13.02 2.43 -12.55
C PHE A 198 14.21 3.18 -11.93
N LYS A 199 14.08 3.51 -10.65
CA LYS A 199 15.14 4.22 -9.95
C LYS A 199 14.75 4.48 -8.50
N GLU A 200 15.71 4.95 -7.70
CA GLU A 200 15.47 5.23 -6.29
C GLU A 200 14.90 6.63 -6.11
N PRO A 201 13.93 6.77 -5.20
CA PRO A 201 13.28 8.05 -4.91
C PRO A 201 14.22 9.01 -4.19
N PRO A 202 14.42 10.20 -4.78
CA PRO A 202 15.29 11.23 -4.21
C PRO A 202 14.70 11.86 -2.95
N ALA A 203 15.53 12.59 -2.23
CA ALA A 203 15.10 13.25 -1.00
C ALA A 203 14.06 14.34 -1.29
N TYR A 204 13.90 14.66 -2.58
CA TYR A 204 12.95 15.67 -3.00
C TYR A 204 12.60 15.53 -4.47
N GLY A 205 11.64 16.32 -4.93
CA GLY A 205 11.23 16.27 -6.33
C GLY A 205 9.77 15.90 -6.48
N PRO A 206 9.32 15.77 -7.74
CA PRO A 206 7.93 15.42 -8.06
C PRO A 206 7.59 13.99 -7.67
N MET A 207 8.44 13.05 -8.10
CA MET A 207 8.23 11.64 -7.80
C MET A 207 8.25 11.40 -6.29
N CYS A 208 9.17 12.07 -5.61
CA CYS A 208 9.30 11.93 -4.16
C CYS A 208 8.10 12.53 -3.44
N ASP A 209 7.73 13.73 -3.83
CA ASP A 209 6.60 14.43 -3.22
C ASP A 209 5.35 13.56 -3.27
N ILE A 210 5.01 13.09 -4.46
CA ILE A 210 3.83 12.24 -4.63
C ILE A 210 3.80 11.12 -3.59
N LEU A 211 4.98 10.59 -3.27
CA LEU A 211 5.08 9.51 -2.30
C LEU A 211 5.12 10.06 -0.88
N TRP A 212 5.54 11.32 -0.76
CA TRP A 212 5.63 11.96 0.55
C TRP A 212 4.56 13.04 0.71
N SER A 213 3.83 13.30 -0.38
CA SER A 213 2.77 14.30 -0.37
C SER A 213 1.81 14.07 0.79
N ASP A 214 1.33 15.16 1.39
CA ASP A 214 0.41 15.08 2.51
C ASP A 214 -0.43 16.34 2.61
N PRO A 215 -1.66 16.20 3.11
CA PRO A 215 -2.60 17.32 3.27
C PRO A 215 -2.16 18.29 4.36
N LEU A 216 -2.60 19.54 4.26
CA LEU A 216 -2.25 20.56 5.24
C LEU A 216 -2.78 20.19 6.62
N GLU A 217 -2.12 20.70 7.66
CA GLU A 217 -2.54 20.43 9.03
C GLU A 217 -3.98 20.88 9.27
N ASP A 218 -4.49 21.70 8.36
CA ASP A 218 -5.86 22.20 8.46
C ASP A 218 -6.58 22.08 7.13
N PHE A 219 -6.70 20.85 6.63
CA PHE A 219 -7.37 20.60 5.36
C PHE A 219 -8.85 20.93 5.46
N GLY A 220 -9.20 21.81 6.39
CA GLY A 220 -10.59 22.19 6.58
C GLY A 220 -10.74 23.64 7.00
N ASN A 221 -10.42 23.93 8.26
CA ASN A 221 -10.53 25.28 8.78
C ASN A 221 -9.24 26.07 8.52
N GLU A 222 -9.06 26.49 7.28
CA GLU A 222 -7.87 27.25 6.89
C GLU A 222 -8.15 28.74 6.95
N LYS A 223 -7.12 29.52 7.26
CA LYS A 223 -7.25 30.97 7.35
C LYS A 223 -6.39 31.65 6.29
N THR A 224 -5.28 31.02 5.94
CA THR A 224 -4.37 31.58 4.94
C THR A 224 -4.89 31.32 3.52
N GLN A 225 -5.16 30.05 3.22
CA GLN A 225 -5.66 29.66 1.91
C GLN A 225 -4.51 29.38 0.96
N GLU A 226 -3.39 28.93 1.51
CA GLU A 226 -2.21 28.62 0.71
C GLU A 226 -2.39 27.30 -0.05
N HIS A 227 -2.03 27.29 -1.31
CA HIS A 227 -2.15 26.09 -2.14
C HIS A 227 -1.15 25.03 -1.72
N PHE A 228 0.14 25.35 -1.85
CA PHE A 228 1.20 24.42 -1.47
C PHE A 228 2.11 25.03 -0.41
N THR A 229 2.64 24.18 0.46
CA THR A 229 3.52 24.64 1.52
C THR A 229 4.56 23.57 1.88
N HIS A 230 5.64 24.00 2.50
CA HIS A 230 6.71 23.08 2.89
C HIS A 230 6.23 22.13 3.99
N ASN A 231 6.56 20.85 3.83
CA ASN A 231 6.17 19.83 4.80
C ASN A 231 7.13 19.79 5.98
N THR A 232 6.91 20.65 6.96
CA THR A 232 7.77 20.71 8.13
C THR A 232 7.50 19.53 9.07
N VAL A 233 6.28 19.02 9.03
CA VAL A 233 5.89 17.89 9.88
C VAL A 233 6.60 16.62 9.44
N ARG A 234 6.43 16.24 8.18
CA ARG A 234 7.06 15.04 7.64
C ARG A 234 8.56 15.23 7.48
N GLY A 235 9.00 16.49 7.58
CA GLY A 235 10.41 16.79 7.44
C GLY A 235 10.87 16.76 5.99
N CYS A 236 9.92 16.71 5.08
CA CYS A 236 10.23 16.68 3.64
C CYS A 236 8.95 16.75 2.81
N SER A 237 9.11 17.06 1.53
CA SER A 237 7.98 17.17 0.62
C SER A 237 7.23 18.48 0.84
N TYR A 238 5.94 18.48 0.52
CA TYR A 238 5.11 19.66 0.68
C TYR A 238 3.73 19.30 1.22
N PHE A 239 2.87 20.30 1.36
CA PHE A 239 1.52 20.08 1.87
C PHE A 239 0.49 20.73 0.95
N TYR A 240 -0.57 19.98 0.64
CA TYR A 240 -1.63 20.47 -0.23
C TYR A 240 -2.86 20.83 0.58
N SER A 241 -3.52 21.93 0.20
CA SER A 241 -4.72 22.38 0.89
C SER A 241 -5.98 21.93 0.15
N TYR A 242 -7.13 22.24 0.72
CA TYR A 242 -8.40 21.86 0.12
C TYR A 242 -8.57 22.51 -1.26
N PRO A 243 -8.24 23.80 -1.34
CA PRO A 243 -8.34 24.56 -2.60
C PRO A 243 -7.31 24.13 -3.63
N ALA A 244 -6.16 23.67 -3.15
CA ALA A 244 -5.09 23.22 -4.03
C ALA A 244 -5.48 21.95 -4.76
N VAL A 245 -5.98 20.97 -4.01
CA VAL A 245 -6.40 19.70 -4.58
C VAL A 245 -7.63 19.87 -5.47
N CYS A 246 -8.57 20.68 -5.01
CA CYS A 246 -9.80 20.92 -5.77
C CYS A 246 -9.48 21.53 -7.13
N GLU A 247 -8.39 22.28 -7.20
CA GLU A 247 -7.98 22.92 -8.44
C GLU A 247 -7.40 21.90 -9.42
N PHE A 248 -6.54 21.02 -8.90
CA PHE A 248 -5.92 19.99 -9.72
C PHE A 248 -6.97 19.02 -10.27
N LEU A 249 -7.89 18.61 -9.41
CA LEU A 249 -8.94 17.69 -9.80
C LEU A 249 -9.77 18.26 -10.95
N GLN A 250 -10.32 19.44 -10.73
CA GLN A 250 -11.13 20.11 -11.75
C GLN A 250 -10.38 20.20 -13.08
N HIS A 251 -9.10 20.56 -12.99
CA HIS A 251 -8.27 20.68 -14.18
C HIS A 251 -8.08 19.33 -14.87
N ASN A 252 -7.97 18.28 -14.07
CA ASN A 252 -7.78 16.94 -14.59
C ASN A 252 -9.11 16.18 -14.63
N ASN A 253 -10.20 16.89 -14.33
CA ASN A 253 -11.52 16.28 -14.33
C ASN A 253 -11.52 14.97 -13.56
N LEU A 254 -11.03 15.01 -12.33
CA LEU A 254 -10.97 13.82 -11.48
C LEU A 254 -12.13 13.80 -10.49
N LEU A 255 -12.55 12.61 -10.09
CA LEU A 255 -13.65 12.45 -9.15
C LEU A 255 -13.15 12.59 -7.71
N SER A 256 -12.18 11.75 -7.34
CA SER A 256 -11.61 11.78 -6.00
C SER A 256 -10.21 11.18 -5.99
N ILE A 257 -9.46 11.47 -4.93
CA ILE A 257 -8.10 10.96 -4.80
C ILE A 257 -8.00 9.98 -3.64
N LEU A 258 -7.80 8.70 -3.95
CA LEU A 258 -7.68 7.67 -2.93
C LEU A 258 -6.22 7.34 -2.65
N ARG A 259 -5.82 7.46 -1.39
CA ARG A 259 -4.45 7.18 -0.99
C ARG A 259 -4.36 6.90 0.51
N ALA A 260 -3.14 6.75 1.00
CA ALA A 260 -2.92 6.49 2.42
C ALA A 260 -1.76 7.31 2.96
N HIS A 261 -0.78 6.63 3.56
CA HIS A 261 0.38 7.30 4.12
C HIS A 261 0.02 8.03 5.41
N GLU A 262 -1.26 8.07 5.73
CA GLU A 262 -1.73 8.74 6.93
C GLU A 262 -2.54 7.79 7.80
N ALA A 263 -2.02 7.47 8.97
CA ALA A 263 -2.69 6.56 9.90
C ALA A 263 -4.05 7.12 10.32
N GLN A 264 -5.03 6.24 10.44
CA GLN A 264 -6.37 6.64 10.83
C GLN A 264 -6.90 5.76 11.97
N ASP A 265 -7.57 6.38 12.93
CA ASP A 265 -8.12 5.66 14.07
C ASP A 265 -9.23 4.71 13.62
N ALA A 266 -9.88 5.05 12.51
CA ALA A 266 -10.96 4.23 11.98
C ALA A 266 -10.52 3.51 10.71
N GLY A 267 -9.22 3.57 10.41
CA GLY A 267 -8.70 2.92 9.23
C GLY A 267 -8.99 3.69 7.96
N TYR A 268 -9.63 4.84 8.10
CA TYR A 268 -9.97 5.67 6.95
C TYR A 268 -10.40 7.07 7.40
N ARG A 269 -10.42 8.00 6.46
CA ARG A 269 -10.81 9.38 6.75
C ARG A 269 -11.21 10.11 5.49
N MET A 270 -12.38 10.76 5.53
CA MET A 270 -12.88 11.50 4.37
C MET A 270 -12.59 12.99 4.52
N TYR A 271 -12.05 13.58 3.45
CA TYR A 271 -11.72 15.00 3.46
C TYR A 271 -12.83 15.83 2.82
N ARG A 272 -12.74 17.14 2.97
CA ARG A 272 -13.73 18.05 2.40
C ARG A 272 -14.19 17.57 1.03
N LYS A 273 -15.49 17.59 0.80
CA LYS A 273 -16.06 17.15 -0.47
C LYS A 273 -16.13 18.31 -1.45
N SER A 274 -16.31 17.99 -2.73
CA SER A 274 -16.40 19.00 -3.77
C SER A 274 -17.68 19.82 -3.64
N GLN A 275 -17.59 21.12 -3.93
CA GLN A 275 -18.74 22.00 -3.85
C GLN A 275 -19.79 21.62 -4.87
N THR A 276 -19.37 20.93 -5.92
CA THR A 276 -20.28 20.51 -6.99
C THR A 276 -20.91 19.16 -6.67
N THR A 277 -20.08 18.13 -6.56
CA THR A 277 -20.55 16.79 -6.25
C THR A 277 -20.44 16.50 -4.76
N GLY A 278 -21.38 15.69 -4.25
CA GLY A 278 -21.37 15.34 -2.84
C GLY A 278 -20.36 14.27 -2.52
N PHE A 279 -19.22 14.30 -3.21
CA PHE A 279 -18.17 13.32 -2.99
C PHE A 279 -16.92 13.98 -2.40
N PRO A 280 -16.17 13.20 -1.60
CA PRO A 280 -14.94 13.69 -0.97
C PRO A 280 -13.82 13.93 -1.97
N SER A 281 -13.17 15.08 -1.86
CA SER A 281 -12.07 15.43 -2.76
C SER A 281 -10.86 14.53 -2.52
N LEU A 282 -10.70 14.10 -1.27
CA LEU A 282 -9.57 13.24 -0.91
C LEU A 282 -10.00 12.18 0.11
N ILE A 283 -9.37 11.02 0.05
CA ILE A 283 -9.69 9.93 0.96
C ILE A 283 -8.43 9.19 1.40
N THR A 284 -8.31 8.98 2.71
CA THR A 284 -7.15 8.29 3.27
C THR A 284 -7.53 6.91 3.79
N ILE A 285 -6.83 5.88 3.33
CA ILE A 285 -7.10 4.52 3.75
C ILE A 285 -5.90 3.94 4.51
N PHE A 286 -6.18 3.33 5.66
CA PHE A 286 -5.13 2.74 6.48
C PHE A 286 -5.47 1.29 6.84
N SER A 287 -4.66 0.36 6.33
CA SER A 287 -4.88 -1.06 6.58
C SER A 287 -3.88 -1.59 7.59
N ALA A 288 -3.38 -0.70 8.44
CA ALA A 288 -2.40 -1.08 9.45
C ALA A 288 -2.93 -0.83 10.86
N PRO A 289 -3.62 -1.85 11.42
CA PRO A 289 -4.20 -1.77 12.77
C PRO A 289 -3.14 -1.75 13.85
N ASN A 290 -3.48 -1.17 15.00
CA ASN A 290 -2.56 -1.09 16.13
C ASN A 290 -1.20 -0.57 15.68
N TYR A 291 -1.20 0.60 15.05
CA TYR A 291 0.04 1.20 14.56
C TYR A 291 1.07 1.29 15.68
N LEU A 292 2.33 1.02 15.33
CA LEU A 292 3.42 1.07 16.30
C LEU A 292 3.14 0.14 17.47
N ASP A 293 2.21 -0.78 17.28
CA ASP A 293 1.84 -1.73 18.33
C ASP A 293 1.37 -1.01 19.59
N VAL A 294 1.27 0.31 19.50
CA VAL A 294 0.83 1.12 20.63
C VAL A 294 -0.59 1.63 20.41
N TYR A 295 -0.77 2.45 19.38
CA TYR A 295 -2.08 3.01 19.08
C TYR A 295 -3.10 1.91 18.84
N ASN A 296 -4.31 2.11 19.35
CA ASN A 296 -5.38 1.14 19.20
C ASN A 296 -6.27 1.48 18.01
N ASN A 297 -5.65 1.97 16.94
CA ASN A 297 -6.39 2.34 15.73
C ASN A 297 -6.82 1.10 14.96
N LYS A 298 -7.92 1.22 14.24
CA LYS A 298 -8.45 0.11 13.44
C LYS A 298 -8.04 0.25 11.97
N ALA A 299 -8.19 -0.83 11.21
CA ALA A 299 -7.84 -0.83 9.80
C ALA A 299 -9.08 -0.98 8.93
N ALA A 300 -8.93 -0.69 7.64
CA ALA A 300 -10.04 -0.81 6.71
C ALA A 300 -9.54 -0.73 5.26
N VAL A 301 -10.41 -1.11 4.32
CA VAL A 301 -10.06 -1.09 2.91
C VAL A 301 -11.22 -0.57 2.06
N LEU A 302 -10.90 0.26 1.07
CA LEU A 302 -11.90 0.83 0.19
C LEU A 302 -12.22 -0.11 -0.97
N LYS A 303 -13.50 -0.42 -1.15
CA LYS A 303 -13.92 -1.30 -2.23
C LYS A 303 -14.97 -0.62 -3.11
N TYR A 304 -14.57 -0.26 -4.32
CA TYR A 304 -15.47 0.40 -5.26
C TYR A 304 -15.89 -0.55 -6.37
N GLU A 305 -17.20 -0.73 -6.51
CA GLU A 305 -17.74 -1.62 -7.54
C GLU A 305 -19.18 -1.24 -7.89
N ASN A 306 -19.54 -1.40 -9.16
CA ASN A 306 -20.88 -1.07 -9.62
C ASN A 306 -21.36 0.25 -9.03
N ASN A 307 -20.51 1.26 -9.13
CA ASN A 307 -20.84 2.59 -8.61
C ASN A 307 -21.20 2.51 -7.13
N VAL A 308 -20.48 1.68 -6.39
CA VAL A 308 -20.72 1.51 -4.96
C VAL A 308 -19.41 1.52 -4.17
N MET A 309 -19.33 2.42 -3.20
CA MET A 309 -18.12 2.53 -2.37
C MET A 309 -18.36 1.91 -0.99
N ASN A 310 -17.92 0.67 -0.83
CA ASN A 310 -18.06 -0.03 0.45
C ASN A 310 -16.76 -0.04 1.22
N ILE A 311 -16.82 0.41 2.48
CA ILE A 311 -15.63 0.43 3.33
C ILE A 311 -15.70 -0.65 4.40
N ARG A 312 -14.71 -1.54 4.39
CA ARG A 312 -14.66 -2.63 5.36
C ARG A 312 -13.61 -2.34 6.43
N GLN A 313 -14.05 -2.35 7.68
CA GLN A 313 -13.15 -2.09 8.81
C GLN A 313 -12.83 -3.38 9.56
N PHE A 314 -11.66 -3.43 10.18
CA PHE A 314 -11.23 -4.60 10.93
C PHE A 314 -10.31 -4.20 12.08
N ASN A 315 -10.18 -5.10 13.05
CA ASN A 315 -9.32 -4.84 14.20
C ASN A 315 -7.95 -5.50 14.03
N CYS A 316 -7.04 -5.23 14.96
CA CYS A 316 -5.70 -5.79 14.90
C CYS A 316 -5.74 -7.31 15.06
N SER A 317 -4.62 -7.96 14.75
CA SER A 317 -4.52 -9.41 14.85
C SER A 317 -3.43 -9.83 15.83
N PRO A 318 -3.51 -11.06 16.33
CA PRO A 318 -2.53 -11.60 17.28
C PRO A 318 -1.17 -11.85 16.64
N HIS A 319 -0.10 -11.62 17.39
CA HIS A 319 1.25 -11.81 16.89
C HIS A 319 2.24 -11.92 18.04
N PRO A 320 3.39 -12.55 17.77
CA PRO A 320 4.45 -12.74 18.77
C PRO A 320 5.14 -11.42 19.13
N TYR A 321 5.83 -11.41 20.27
CA TYR A 321 6.53 -10.22 20.72
C TYR A 321 7.97 -10.20 20.21
N TRP A 322 8.40 -9.06 19.69
CA TRP A 322 9.75 -8.92 19.17
C TRP A 322 10.42 -7.67 19.74
N LEU A 323 11.63 -7.84 20.26
CA LEU A 323 12.38 -6.74 20.84
C LEU A 323 12.80 -5.75 19.76
N PRO A 324 13.20 -4.54 20.19
CA PRO A 324 13.64 -3.48 19.27
C PRO A 324 14.98 -3.80 18.62
N ASN A 325 15.04 -3.64 17.30
CA ASN A 325 16.26 -3.91 16.55
C ASN A 325 16.68 -5.37 16.70
N PHE A 326 15.71 -6.23 17.01
CA PHE A 326 15.97 -7.65 17.18
C PHE A 326 16.97 -7.89 18.30
N MET A 327 17.01 -6.97 19.26
CA MET A 327 17.92 -7.07 20.39
C MET A 327 17.59 -8.30 21.24
N GLY B 1 -24.35 13.08 5.22
CA GLY B 1 -25.01 13.46 3.99
C GLY B 1 -25.54 12.27 3.22
N PRO B 2 -26.27 12.54 2.12
CA PRO B 2 -26.85 11.48 1.28
C PRO B 2 -25.78 10.71 0.50
N HIS B 3 -26.23 9.78 -0.34
CA HIS B 3 -25.31 8.98 -1.14
C HIS B 3 -26.08 8.00 -2.02
N PRO B 4 -25.44 7.55 -3.10
CA PRO B 4 -26.04 6.61 -4.05
C PRO B 4 -26.20 5.21 -3.45
N VAL B 5 -25.15 4.40 -3.58
CA VAL B 5 -25.17 3.04 -3.04
C VAL B 5 -24.10 2.85 -1.98
N ILE B 6 -23.41 3.94 -1.65
CA ILE B 6 -22.35 3.90 -0.64
C ILE B 6 -22.88 3.33 0.68
N VAL B 7 -22.09 2.47 1.30
CA VAL B 7 -22.48 1.86 2.58
C VAL B 7 -21.26 1.28 3.30
N ILE B 8 -21.44 0.92 4.56
CA ILE B 8 -20.36 0.35 5.36
C ILE B 8 -20.85 -0.86 6.16
N THR B 9 -20.16 -1.98 6.01
CA THR B 9 -20.51 -3.20 6.72
C THR B 9 -19.28 -4.03 7.04
N GLY B 10 -19.11 -4.37 8.31
CA GLY B 10 -17.97 -5.16 8.72
C GLY B 10 -17.96 -5.44 10.21
N PRO B 11 -16.91 -6.10 10.69
CA PRO B 11 -16.75 -6.44 12.11
C PRO B 11 -16.49 -5.22 12.97
N HIS B 12 -15.22 -4.83 13.08
CA HIS B 12 -14.83 -3.68 13.88
C HIS B 12 -15.29 -3.83 15.32
N GLU B 13 -14.41 -4.33 16.18
CA GLU B 13 -14.73 -4.53 17.59
C GLU B 13 -15.35 -3.28 18.18
N GLU B 14 -16.21 -3.47 19.18
CA GLU B 14 -16.88 -2.34 19.84
C GLU B 14 -15.86 -1.28 20.25
N LEU B 15 -16.32 -0.03 20.29
CA LEU B 15 -15.46 1.09 20.66
C LEU B 15 -14.33 1.27 19.65
N GLU B 16 -13.74 2.45 19.64
CA GLU B 16 -12.64 2.75 18.72
C GLU B 16 -11.37 1.99 19.12
N VAL A 1 2.44 -21.41 23.08
CA VAL A 1 2.68 -20.67 21.85
C VAL A 1 3.20 -21.59 20.75
N PRO A 2 2.80 -21.30 19.50
CA PRO A 2 3.21 -22.10 18.34
C PRO A 2 4.68 -21.91 18.01
N PHE A 3 5.28 -22.92 17.39
CA PHE A 3 6.69 -22.88 17.01
C PHE A 3 6.85 -22.88 15.50
N PRO A 4 7.77 -22.02 15.01
CA PRO A 4 8.04 -21.91 13.58
C PRO A 4 8.74 -23.14 13.01
N PRO A 5 8.23 -23.65 11.87
CA PRO A 5 8.79 -24.82 11.21
C PRO A 5 10.16 -24.55 10.59
N SER A 6 11.13 -25.41 10.91
CA SER A 6 12.48 -25.25 10.39
C SER A 6 12.55 -25.66 8.92
N HIS A 7 11.62 -26.51 8.51
CA HIS A 7 11.58 -26.98 7.13
C HIS A 7 11.19 -25.85 6.19
N ARG A 8 12.11 -25.48 5.29
CA ARG A 8 11.86 -24.41 4.33
C ARG A 8 11.22 -24.95 3.06
N LEU A 9 10.14 -24.31 2.62
CA LEU A 9 9.43 -24.73 1.42
C LEU A 9 10.32 -24.59 0.20
N THR A 10 10.27 -25.59 -0.69
CA THR A 10 11.06 -25.57 -1.91
C THR A 10 10.25 -25.05 -3.09
N ALA A 11 10.94 -24.74 -4.18
CA ALA A 11 10.28 -24.24 -5.39
C ALA A 11 9.17 -25.19 -5.85
N LYS A 12 9.53 -26.45 -6.04
CA LYS A 12 8.57 -27.47 -6.47
C LYS A 12 7.44 -27.60 -5.45
N GLU A 13 7.66 -27.10 -4.25
CA GLU A 13 6.65 -27.17 -3.20
C GLU A 13 5.71 -25.97 -3.26
N VAL A 14 6.24 -24.84 -3.70
CA VAL A 14 5.44 -23.62 -3.81
C VAL A 14 4.80 -23.51 -5.19
N PHE A 15 5.53 -23.94 -6.22
CA PHE A 15 5.03 -23.88 -7.58
C PHE A 15 4.75 -25.29 -8.12
N ASP A 16 3.59 -25.46 -8.74
CA ASP A 16 3.21 -26.75 -9.30
C ASP A 16 3.80 -26.95 -10.68
N ASN A 17 3.54 -28.10 -11.29
CA ASN A 17 4.05 -28.41 -12.61
C ASN A 17 3.62 -27.35 -13.62
N ASP A 18 2.47 -26.74 -13.38
CA ASP A 18 1.94 -25.71 -14.26
C ASP A 18 2.64 -24.37 -14.02
N GLY A 19 3.60 -24.38 -13.09
CA GLY A 19 4.33 -23.16 -12.78
C GLY A 19 3.51 -22.18 -11.97
N LYS A 20 2.36 -22.64 -11.47
CA LYS A 20 1.49 -21.79 -10.67
C LYS A 20 1.75 -22.00 -9.19
N PRO A 21 1.91 -20.88 -8.46
CA PRO A 21 2.16 -20.91 -7.01
C PRO A 21 0.93 -21.36 -6.22
N ARG A 22 1.18 -22.08 -5.12
CA ARG A 22 0.10 -22.58 -4.28
C ARG A 22 -0.11 -21.67 -3.08
N VAL A 23 -0.84 -20.57 -3.29
CA VAL A 23 -1.12 -19.62 -2.22
C VAL A 23 -1.69 -20.32 -0.99
N ASP A 24 -2.34 -21.45 -1.21
CA ASP A 24 -2.93 -22.23 -0.12
C ASP A 24 -1.85 -22.84 0.75
N ILE A 25 -0.84 -23.42 0.12
CA ILE A 25 0.26 -24.05 0.84
C ILE A 25 1.12 -23.01 1.55
N LEU A 26 1.35 -21.89 0.86
CA LEU A 26 2.16 -20.80 1.42
C LEU A 26 1.45 -20.15 2.60
N LYS A 27 0.18 -19.79 2.40
CA LYS A 27 -0.62 -19.17 3.44
C LYS A 27 -0.55 -19.97 4.74
N ALA A 28 -0.87 -21.25 4.65
CA ALA A 28 -0.84 -22.13 5.81
C ALA A 28 0.53 -22.13 6.46
N HIS A 29 1.57 -22.27 5.65
CA HIS A 29 2.94 -22.29 6.15
C HIS A 29 3.27 -20.98 6.86
N LEU A 30 3.08 -19.87 6.16
CA LEU A 30 3.36 -18.55 6.72
C LEU A 30 2.65 -18.37 8.06
N MET A 31 1.42 -18.86 8.14
CA MET A 31 0.63 -18.75 9.36
C MET A 31 1.33 -19.44 10.52
N LYS A 32 2.15 -20.44 10.21
CA LYS A 32 2.89 -21.17 11.23
C LYS A 32 4.29 -20.61 11.42
N GLU A 33 4.53 -19.43 10.84
CA GLU A 33 5.83 -18.77 10.94
C GLU A 33 6.89 -19.55 10.16
N GLY A 34 6.49 -20.10 9.02
CA GLY A 34 7.42 -20.86 8.20
C GLY A 34 8.11 -19.99 7.16
N ARG A 35 9.34 -20.35 6.82
CA ARG A 35 10.12 -19.61 5.84
C ARG A 35 10.39 -20.45 4.61
N LEU A 36 10.67 -19.80 3.49
CA LEU A 36 10.96 -20.49 2.24
C LEU A 36 12.45 -20.53 1.96
N GLU A 37 12.84 -21.24 0.92
CA GLU A 37 14.24 -21.36 0.54
C GLU A 37 14.74 -20.09 -0.14
N GLU A 38 15.95 -19.67 0.19
CA GLU A 38 16.53 -18.47 -0.39
C GLU A 38 16.34 -18.45 -1.90
N SER A 39 16.40 -19.62 -2.52
CA SER A 39 16.23 -19.74 -3.96
C SER A 39 14.80 -19.44 -4.37
N VAL A 40 13.84 -19.95 -3.61
CA VAL A 40 12.43 -19.72 -3.90
C VAL A 40 12.06 -18.25 -3.73
N ALA A 41 12.46 -17.68 -2.60
CA ALA A 41 12.17 -16.28 -2.31
C ALA A 41 12.70 -15.37 -3.43
N LEU A 42 13.92 -15.64 -3.87
CA LEU A 42 14.54 -14.85 -4.92
C LEU A 42 13.77 -14.99 -6.23
N ARG A 43 13.23 -16.18 -6.48
CA ARG A 43 12.48 -16.43 -7.69
C ARG A 43 11.18 -15.64 -7.70
N ILE A 44 10.48 -15.62 -6.56
CA ILE A 44 9.23 -14.90 -6.44
C ILE A 44 9.45 -13.40 -6.63
N ILE A 45 10.45 -12.86 -5.96
CA ILE A 45 10.75 -11.43 -6.06
C ILE A 45 11.14 -11.05 -7.49
N THR A 46 12.09 -11.78 -8.05
CA THR A 46 12.55 -11.52 -9.41
C THR A 46 11.41 -11.70 -10.41
N GLU A 47 10.56 -12.69 -10.17
CA GLU A 47 9.43 -12.97 -11.05
C GLU A 47 8.41 -11.83 -10.99
N GLY A 48 8.22 -11.26 -9.81
CA GLY A 48 7.27 -10.18 -9.64
C GLY A 48 7.77 -8.88 -10.25
N ALA A 49 9.07 -8.62 -10.13
CA ALA A 49 9.66 -7.41 -10.68
C ALA A 49 9.51 -7.37 -12.20
N SER A 50 9.71 -8.51 -12.84
CA SER A 50 9.60 -8.60 -14.29
C SER A 50 8.22 -8.18 -14.76
N ILE A 51 7.19 -8.61 -14.04
CA ILE A 51 5.82 -8.27 -14.38
C ILE A 51 5.55 -6.78 -14.18
N LEU A 52 5.97 -6.27 -13.02
CA LEU A 52 5.77 -4.85 -12.70
C LEU A 52 6.53 -3.97 -13.69
N ARG A 53 7.72 -4.40 -14.07
CA ARG A 53 8.53 -3.64 -15.01
C ARG A 53 7.78 -3.38 -16.30
N GLN A 54 6.85 -4.26 -16.63
CA GLN A 54 6.05 -4.12 -17.85
C GLN A 54 4.93 -3.10 -17.65
N GLU A 55 4.57 -2.86 -16.39
CA GLU A 55 3.51 -1.92 -16.06
C GLU A 55 3.99 -0.48 -16.25
N LYS A 56 3.04 0.45 -16.32
CA LYS A 56 3.36 1.86 -16.49
C LYS A 56 3.27 2.61 -15.18
N ASN A 57 3.93 3.76 -15.11
CA ASN A 57 3.91 4.58 -13.89
C ASN A 57 2.49 4.79 -13.40
N LEU A 58 1.61 5.19 -14.31
CA LEU A 58 0.21 5.44 -13.98
C LEU A 58 -0.70 4.47 -14.72
N LEU A 59 -1.12 3.41 -14.04
CA LEU A 59 -2.00 2.42 -14.64
C LEU A 59 -3.42 2.95 -14.78
N ASP A 60 -4.10 2.55 -15.84
CA ASP A 60 -5.47 2.99 -16.09
C ASP A 60 -6.38 1.80 -16.35
N ILE A 61 -7.11 1.38 -15.32
CA ILE A 61 -8.03 0.25 -15.43
C ILE A 61 -9.41 0.61 -14.90
N ASP A 62 -10.44 0.26 -15.67
CA ASP A 62 -11.81 0.55 -15.28
C ASP A 62 -12.50 -0.71 -14.76
N ALA A 63 -12.43 -0.93 -13.45
CA ALA A 63 -13.04 -2.10 -12.84
C ALA A 63 -13.10 -1.95 -11.32
N PRO A 64 -14.01 -2.72 -10.69
CA PRO A 64 -14.19 -2.69 -9.24
C PRO A 64 -13.01 -3.29 -8.49
N VAL A 65 -12.34 -2.47 -7.69
CA VAL A 65 -11.19 -2.94 -6.91
C VAL A 65 -11.20 -2.35 -5.50
N THR A 66 -10.53 -3.03 -4.58
CA THR A 66 -10.47 -2.57 -3.19
C THR A 66 -9.08 -2.03 -2.86
N VAL A 67 -9.03 -0.75 -2.51
CA VAL A 67 -7.77 -0.10 -2.16
C VAL A 67 -7.39 -0.38 -0.71
N CYS A 68 -6.12 -0.67 -0.47
CA CYS A 68 -5.63 -0.95 0.87
C CYS A 68 -4.61 0.10 1.31
N GLY A 69 -4.58 0.37 2.61
CA GLY A 69 -3.64 1.35 3.14
C GLY A 69 -2.29 0.75 3.46
N ASP A 70 -1.47 1.50 4.19
CA ASP A 70 -0.13 1.03 4.57
C ASP A 70 -0.23 -0.29 5.32
N ILE A 71 0.75 -1.16 5.09
CA ILE A 71 0.78 -2.46 5.76
C ILE A 71 1.87 -2.50 6.83
N HIS A 72 3.04 -1.98 6.49
CA HIS A 72 4.17 -1.95 7.42
C HIS A 72 4.57 -3.36 7.81
N GLY A 73 4.84 -4.21 6.82
CA GLY A 73 5.22 -5.57 7.08
C GLY A 73 4.33 -6.25 8.10
N GLN A 74 3.08 -5.80 8.19
CA GLN A 74 2.12 -6.36 9.13
C GLN A 74 1.40 -7.55 8.53
N PHE A 75 2.14 -8.59 8.21
CA PHE A 75 1.57 -9.80 7.63
C PHE A 75 0.44 -10.34 8.50
N PHE A 76 0.66 -10.37 9.81
CA PHE A 76 -0.34 -10.85 10.75
C PHE A 76 -1.65 -10.08 10.62
N ASP A 77 -1.54 -8.82 10.20
CA ASP A 77 -2.71 -7.96 10.02
C ASP A 77 -3.23 -8.04 8.60
N LEU A 78 -2.37 -8.50 7.68
CA LEU A 78 -2.75 -8.62 6.28
C LEU A 78 -3.60 -9.87 6.05
N MET A 79 -3.36 -10.89 6.86
CA MET A 79 -4.10 -12.14 6.75
C MET A 79 -5.54 -11.96 7.22
N LYS A 80 -5.72 -11.27 8.34
CA LYS A 80 -7.04 -11.03 8.90
C LYS A 80 -7.85 -10.13 7.97
N LEU A 81 -7.21 -9.10 7.42
CA LEU A 81 -7.88 -8.17 6.53
C LEU A 81 -8.50 -8.90 5.35
N PHE A 82 -7.74 -9.78 4.73
CA PHE A 82 -8.22 -10.56 3.59
C PHE A 82 -9.39 -11.46 3.99
N GLU A 83 -9.36 -11.91 5.25
CA GLU A 83 -10.42 -12.78 5.76
C GLU A 83 -11.76 -12.05 5.81
N VAL A 84 -11.73 -10.82 6.32
CA VAL A 84 -12.94 -10.01 6.43
C VAL A 84 -13.29 -9.37 5.09
N GLY A 85 -12.28 -8.98 4.33
CA GLY A 85 -12.50 -8.36 3.03
C GLY A 85 -12.82 -9.39 1.97
N GLY A 86 -12.35 -10.61 2.15
CA GLY A 86 -12.59 -11.66 1.19
C GLY A 86 -11.31 -12.19 0.57
N SER A 87 -11.38 -13.40 0.03
CA SER A 87 -10.21 -14.02 -0.59
C SER A 87 -9.85 -13.33 -1.90
N PRO A 88 -8.55 -13.06 -2.08
CA PRO A 88 -8.05 -12.39 -3.29
C PRO A 88 -8.14 -13.28 -4.53
N ALA A 89 -8.39 -14.57 -4.31
CA ALA A 89 -8.51 -15.52 -5.41
C ALA A 89 -9.67 -15.15 -6.32
N ASN A 90 -10.66 -14.46 -5.77
CA ASN A 90 -11.84 -14.05 -6.54
C ASN A 90 -12.17 -12.58 -6.27
N THR A 91 -11.26 -11.88 -5.60
CA THR A 91 -11.47 -10.47 -5.29
C THR A 91 -10.26 -9.64 -5.70
N ARG A 92 -10.52 -8.53 -6.38
CA ARG A 92 -9.46 -7.63 -6.83
C ARG A 92 -9.02 -6.69 -5.72
N TYR A 93 -7.72 -6.67 -5.46
CA TYR A 93 -7.17 -5.81 -4.41
C TYR A 93 -6.15 -4.84 -4.99
N LEU A 94 -5.91 -3.75 -4.26
CA LEU A 94 -4.96 -2.73 -4.70
C LEU A 94 -4.25 -2.11 -3.50
N PHE A 95 -2.92 -2.27 -3.45
CA PHE A 95 -2.12 -1.72 -2.37
C PHE A 95 -1.56 -0.36 -2.74
N LEU A 96 -1.50 0.55 -1.77
CA LEU A 96 -0.97 1.89 -1.99
C LEU A 96 0.52 1.95 -1.67
N GLY A 97 1.11 0.80 -1.38
CA GLY A 97 2.52 0.75 -1.06
C GLY A 97 2.77 0.60 0.42
N ASP A 98 3.99 0.90 0.86
CA ASP A 98 4.36 0.80 2.26
C ASP A 98 4.03 -0.59 2.80
N TYR A 99 4.76 -1.59 2.31
CA TYR A 99 4.55 -2.97 2.75
C TYR A 99 5.66 -3.43 3.70
N VAL A 100 6.74 -2.64 3.75
CA VAL A 100 7.86 -2.96 4.61
C VAL A 100 8.07 -1.89 5.67
N ASP A 101 9.03 -2.11 6.56
CA ASP A 101 9.33 -1.16 7.63
C ASP A 101 8.27 -1.25 8.73
N ARG A 102 8.66 -0.83 9.94
CA ARG A 102 7.75 -0.87 11.07
C ARG A 102 7.55 -2.29 11.57
N GLY A 103 6.90 -3.10 10.75
CA GLY A 103 6.65 -4.50 11.13
C GLY A 103 7.87 -5.37 10.92
N TYR A 104 8.06 -6.34 11.82
CA TYR A 104 9.19 -7.25 11.74
C TYR A 104 8.88 -8.42 10.82
N PHE A 105 7.88 -8.25 9.96
CA PHE A 105 7.48 -9.31 9.03
C PHE A 105 7.28 -8.74 7.63
N SER A 106 8.13 -7.78 7.27
CA SER A 106 8.05 -7.15 5.95
C SER A 106 8.32 -8.16 4.84
N ILE A 107 9.27 -9.07 5.10
CA ILE A 107 9.63 -10.09 4.12
C ILE A 107 8.43 -10.97 3.79
N GLU A 108 7.64 -11.31 4.81
CA GLU A 108 6.47 -12.16 4.62
C GLU A 108 5.42 -11.44 3.77
N CYS A 109 5.33 -10.12 3.95
CA CYS A 109 4.37 -9.32 3.21
C CYS A 109 4.76 -9.21 1.74
N VAL A 110 6.03 -8.90 1.49
CA VAL A 110 6.53 -8.76 0.13
C VAL A 110 6.48 -10.10 -0.61
N LEU A 111 6.89 -11.17 0.07
CA LEU A 111 6.88 -12.50 -0.53
C LEU A 111 5.46 -12.92 -0.88
N TYR A 112 4.55 -12.77 0.09
CA TYR A 112 3.16 -13.16 -0.12
C TYR A 112 2.49 -12.25 -1.16
N LEU A 113 2.83 -10.97 -1.11
CA LEU A 113 2.27 -9.99 -2.04
C LEU A 113 2.78 -10.24 -3.45
N TRP A 114 4.06 -10.57 -3.56
CA TRP A 114 4.67 -10.83 -4.87
C TRP A 114 4.11 -12.11 -5.48
N ALA A 115 3.98 -13.15 -4.67
CA ALA A 115 3.45 -14.43 -5.14
C ALA A 115 2.00 -14.28 -5.59
N LEU A 116 1.22 -13.50 -4.84
CA LEU A 116 -0.18 -13.29 -5.17
C LEU A 116 -0.32 -12.47 -6.45
N LYS A 117 0.64 -11.58 -6.68
CA LYS A 117 0.63 -10.73 -7.87
C LYS A 117 0.93 -11.55 -9.12
N ILE A 118 1.84 -12.49 -9.00
CA ILE A 118 2.22 -13.34 -10.13
C ILE A 118 1.10 -14.31 -10.48
N LEU A 119 0.37 -14.76 -9.46
CA LEU A 119 -0.73 -15.70 -9.66
C LEU A 119 -1.96 -14.98 -10.23
N TYR A 120 -2.24 -13.79 -9.71
CA TYR A 120 -3.37 -13.01 -10.16
C TYR A 120 -2.97 -11.56 -10.44
N PRO A 121 -2.07 -11.39 -11.42
CA PRO A 121 -1.58 -10.05 -11.81
C PRO A 121 -2.65 -9.22 -12.50
N LYS A 122 -3.83 -9.82 -12.71
CA LYS A 122 -4.93 -9.13 -13.35
C LYS A 122 -6.03 -8.79 -12.34
N THR A 123 -5.79 -9.14 -11.08
CA THR A 123 -6.76 -8.89 -10.02
C THR A 123 -6.08 -8.26 -8.80
N LEU A 124 -4.76 -8.41 -8.72
CA LEU A 124 -4.01 -7.88 -7.60
C LEU A 124 -2.98 -6.86 -8.09
N PHE A 125 -3.14 -5.61 -7.66
CA PHE A 125 -2.24 -4.53 -8.04
C PHE A 125 -1.48 -3.99 -6.83
N LEU A 126 -0.20 -3.72 -7.01
CA LEU A 126 0.63 -3.20 -5.93
C LEU A 126 1.37 -1.94 -6.37
N LEU A 127 1.23 -0.87 -5.59
CA LEU A 127 1.89 0.39 -5.89
C LEU A 127 3.09 0.63 -4.98
N ARG A 128 4.00 1.49 -5.42
CA ARG A 128 5.19 1.80 -4.64
C ARG A 128 4.92 2.92 -3.64
N GLY A 129 5.52 2.82 -2.47
CA GLY A 129 5.32 3.83 -1.44
C GLY A 129 6.62 4.52 -1.05
N ASN A 130 6.52 5.59 -0.28
CA ASN A 130 7.68 6.35 0.15
C ASN A 130 8.66 5.44 0.91
N HIS A 131 8.15 4.30 1.39
CA HIS A 131 8.97 3.35 2.13
C HIS A 131 9.66 2.38 1.18
N GLU A 132 9.16 2.30 -0.04
CA GLU A 132 9.74 1.41 -1.04
C GLU A 132 11.03 1.97 -1.61
N CYS A 133 12.05 2.05 -0.76
CA CYS A 133 13.35 2.58 -1.18
C CYS A 133 14.49 1.87 -0.47
N ARG A 134 15.72 2.23 -0.81
CA ARG A 134 16.89 1.62 -0.20
C ARG A 134 17.35 2.42 1.03
N HIS A 135 17.46 3.73 0.86
CA HIS A 135 17.88 4.61 1.95
C HIS A 135 17.02 4.39 3.18
N LEU A 136 15.71 4.24 2.97
CA LEU A 136 14.78 4.03 4.07
C LEU A 136 14.93 2.64 4.66
N THR A 137 15.00 1.64 3.78
CA THR A 137 15.16 0.25 4.21
C THR A 137 16.42 0.06 5.03
N GLU A 138 17.45 0.86 4.73
CA GLU A 138 18.71 0.78 5.45
C GLU A 138 18.58 1.35 6.85
N TYR A 139 17.78 2.40 6.99
CA TYR A 139 17.56 3.04 8.28
C TYR A 139 16.62 2.21 9.15
N PHE A 140 15.56 1.69 8.54
CA PHE A 140 14.60 0.89 9.26
C PHE A 140 15.17 -0.49 9.60
N THR A 141 14.32 -1.37 10.12
CA THR A 141 14.75 -2.71 10.48
C THR A 141 14.50 -3.70 9.34
N PHE A 142 14.23 -3.18 8.15
CA PHE A 142 13.97 -4.01 6.99
C PHE A 142 15.25 -4.73 6.54
N LYS A 143 16.30 -3.96 6.28
CA LYS A 143 17.57 -4.52 5.85
C LYS A 143 18.07 -5.56 6.84
N GLN A 144 18.11 -5.18 8.12
CA GLN A 144 18.58 -6.09 9.16
C GLN A 144 17.74 -7.36 9.19
N GLU A 145 16.44 -7.22 8.90
CA GLU A 145 15.54 -8.36 8.90
C GLU A 145 15.91 -9.35 7.80
N CYS A 146 16.09 -8.83 6.59
CA CYS A 146 16.44 -9.67 5.45
C CYS A 146 17.76 -10.39 5.70
N LYS A 147 18.67 -9.73 6.42
CA LYS A 147 19.97 -10.31 6.72
C LYS A 147 19.85 -11.33 7.86
N ILE A 148 18.93 -11.08 8.78
CA ILE A 148 18.71 -11.96 9.91
C ILE A 148 17.94 -13.21 9.49
N LYS A 149 16.96 -13.03 8.62
CA LYS A 149 16.14 -14.14 8.14
C LYS A 149 16.81 -14.82 6.95
N TYR A 150 17.28 -14.02 6.00
CA TYR A 150 17.92 -14.55 4.81
C TYR A 150 19.33 -13.98 4.65
N SER A 151 19.50 -13.07 3.70
CA SER A 151 20.79 -12.44 3.45
C SER A 151 20.62 -11.17 2.63
N GLU A 152 21.75 -10.51 2.34
CA GLU A 152 21.73 -9.28 1.56
C GLU A 152 21.25 -9.53 0.13
N ARG A 153 21.38 -10.79 -0.31
CA ARG A 153 20.96 -11.16 -1.65
C ARG A 153 19.47 -10.89 -1.85
N VAL A 154 18.66 -11.31 -0.89
CA VAL A 154 17.21 -11.11 -0.96
C VAL A 154 16.87 -9.63 -0.85
N TYR A 155 17.57 -8.92 0.03
CA TYR A 155 17.32 -7.50 0.24
C TYR A 155 17.53 -6.72 -1.05
N ASP A 156 18.68 -6.93 -1.68
CA ASP A 156 19.00 -6.24 -2.93
C ASP A 156 17.96 -6.53 -4.00
N ALA A 157 17.49 -7.78 -4.05
CA ALA A 157 16.50 -8.20 -5.03
C ALA A 157 15.21 -7.40 -4.86
N CYS A 158 14.77 -7.25 -3.62
CA CYS A 158 13.55 -6.50 -3.32
C CYS A 158 13.68 -5.04 -3.74
N MET A 159 14.84 -4.46 -3.46
CA MET A 159 15.10 -3.07 -3.82
C MET A 159 14.94 -2.85 -5.31
N ASP A 160 15.59 -3.70 -6.11
CA ASP A 160 15.52 -3.59 -7.56
C ASP A 160 14.10 -3.85 -8.05
N ALA A 161 13.37 -4.70 -7.34
CA ALA A 161 12.00 -5.03 -7.70
C ALA A 161 11.06 -3.88 -7.38
N PHE A 162 11.26 -3.26 -6.23
CA PHE A 162 10.43 -2.14 -5.81
C PHE A 162 10.47 -1.01 -6.83
N ASP A 163 11.63 -0.84 -7.46
CA ASP A 163 11.80 0.20 -8.46
C ASP A 163 10.94 -0.06 -9.69
N CYS A 164 10.39 -1.27 -9.77
CA CYS A 164 9.54 -1.66 -10.88
C CYS A 164 8.07 -1.43 -10.56
N LEU A 165 7.78 -1.11 -9.30
CA LEU A 165 6.42 -0.89 -8.85
C LEU A 165 5.88 0.43 -9.41
N PRO A 166 4.56 0.48 -9.65
CA PRO A 166 3.90 1.67 -10.19
C PRO A 166 3.85 2.81 -9.18
N LEU A 167 3.72 4.03 -9.67
CA LEU A 167 3.65 5.20 -8.82
C LEU A 167 2.20 5.58 -8.51
N ALA A 168 1.35 5.47 -9.51
CA ALA A 168 -0.07 5.78 -9.35
C ALA A 168 -0.93 4.95 -10.29
N ALA A 169 -2.24 5.08 -10.15
CA ALA A 169 -3.18 4.33 -10.99
C ALA A 169 -4.50 5.08 -11.13
N LEU A 170 -5.03 5.12 -12.35
CA LEU A 170 -6.29 5.80 -12.63
C LEU A 170 -7.44 4.82 -12.67
N MET A 171 -8.16 4.70 -11.56
CA MET A 171 -9.30 3.80 -11.46
C MET A 171 -10.54 4.41 -12.09
N ASN A 172 -11.04 3.79 -13.15
CA ASN A 172 -12.23 4.27 -13.84
C ASN A 172 -11.97 5.64 -14.45
N GLN A 173 -10.69 5.95 -14.69
CA GLN A 173 -10.32 7.24 -15.28
C GLN A 173 -10.99 8.39 -14.56
N GLN A 174 -11.35 8.16 -13.30
CA GLN A 174 -12.01 9.18 -12.49
C GLN A 174 -11.30 9.36 -11.15
N PHE A 175 -10.90 8.25 -10.54
CA PHE A 175 -10.22 8.28 -9.26
C PHE A 175 -8.71 8.08 -9.44
N LEU A 176 -7.92 8.81 -8.65
CA LEU A 176 -6.47 8.71 -8.72
C LEU A 176 -5.91 8.03 -7.49
N CYS A 177 -5.31 6.86 -7.70
CA CYS A 177 -4.72 6.10 -6.59
C CYS A 177 -3.25 6.44 -6.42
N VAL A 178 -2.89 6.92 -5.23
CA VAL A 178 -1.51 7.28 -4.94
C VAL A 178 -1.17 7.01 -3.47
N HIS A 179 0.09 7.24 -3.11
CA HIS A 179 0.54 7.04 -1.74
C HIS A 179 0.54 8.35 -0.97
N GLY A 180 1.14 9.38 -1.56
CA GLY A 180 1.19 10.67 -0.90
C GLY A 180 0.07 11.60 -1.34
N GLY A 181 0.07 11.95 -2.62
CA GLY A 181 -0.96 12.83 -3.14
C GLY A 181 -0.54 13.53 -4.42
N LEU A 182 -0.98 14.77 -4.59
CA LEU A 182 -0.64 15.55 -5.78
C LEU A 182 0.75 16.18 -5.64
N SER A 183 1.21 16.82 -6.71
CA SER A 183 2.52 17.47 -6.71
C SER A 183 2.46 18.81 -7.44
N PRO A 184 3.31 19.75 -7.00
CA PRO A 184 3.37 21.09 -7.60
C PRO A 184 3.96 21.07 -9.00
N GLU A 185 4.86 20.13 -9.25
CA GLU A 185 5.50 20.01 -10.56
C GLU A 185 4.70 19.08 -11.46
N ILE A 186 3.51 18.70 -11.02
CA ILE A 186 2.65 17.82 -11.79
C ILE A 186 1.22 18.34 -11.83
N ASN A 187 0.85 18.98 -12.94
CA ASN A 187 -0.49 19.53 -13.11
C ASN A 187 -1.28 18.72 -14.13
N THR A 188 -0.65 17.70 -14.69
CA THR A 188 -1.29 16.85 -15.68
C THR A 188 -0.80 15.41 -15.59
N LEU A 189 -1.58 14.47 -16.11
CA LEU A 189 -1.21 13.07 -16.09
C LEU A 189 0.07 12.82 -16.88
N ASP A 190 0.29 13.63 -17.91
CA ASP A 190 1.48 13.50 -18.74
C ASP A 190 2.74 13.74 -17.92
N ASP A 191 2.64 14.65 -16.95
CA ASP A 191 3.78 14.97 -16.09
C ASP A 191 4.27 13.73 -15.35
N ILE A 192 3.35 12.82 -15.05
CA ILE A 192 3.69 11.60 -14.34
C ILE A 192 4.28 10.56 -15.28
N ARG A 193 3.70 10.45 -16.48
CA ARG A 193 4.18 9.50 -17.47
C ARG A 193 5.63 9.78 -17.86
N LYS A 194 5.98 11.07 -17.89
CA LYS A 194 7.34 11.48 -18.25
C LYS A 194 8.28 11.30 -17.06
N LEU A 195 7.84 10.54 -16.07
CA LEU A 195 8.65 10.28 -14.88
C LEU A 195 9.36 8.94 -14.98
N ASP A 196 10.48 8.81 -14.28
CA ASP A 196 11.25 7.57 -14.27
C ASP A 196 10.95 6.74 -13.03
N ARG A 197 10.30 5.60 -13.22
CA ARG A 197 9.97 4.72 -12.10
C ARG A 197 11.14 3.78 -11.78
N PHE A 198 11.80 3.29 -12.82
CA PHE A 198 12.93 2.39 -12.64
C PHE A 198 14.12 3.12 -12.03
N LYS A 199 14.01 3.47 -10.76
CA LYS A 199 15.08 4.17 -10.06
C LYS A 199 14.70 4.44 -8.60
N GLU A 200 15.66 4.91 -7.82
CA GLU A 200 15.43 5.20 -6.42
C GLU A 200 14.88 6.61 -6.23
N PRO A 201 13.90 6.75 -5.32
CA PRO A 201 13.27 8.04 -5.04
C PRO A 201 14.22 9.00 -4.32
N PRO A 202 14.42 10.19 -4.93
CA PRO A 202 15.30 11.22 -4.37
C PRO A 202 14.72 11.85 -3.12
N ALA A 203 15.56 12.59 -2.40
CA ALA A 203 15.13 13.25 -1.17
C ALA A 203 14.11 14.35 -1.47
N TYR A 204 13.93 14.65 -2.75
CA TYR A 204 12.98 15.68 -3.16
C TYR A 204 12.62 15.52 -4.64
N GLY A 205 11.66 16.32 -5.10
CA GLY A 205 11.24 16.26 -6.48
C GLY A 205 9.78 15.90 -6.63
N PRO A 206 9.31 15.76 -7.89
CA PRO A 206 7.93 15.42 -8.19
C PRO A 206 7.58 13.98 -7.80
N MET A 207 8.42 13.04 -8.23
CA MET A 207 8.20 11.63 -7.91
C MET A 207 8.25 11.39 -6.40
N CYS A 208 9.17 12.07 -5.73
CA CYS A 208 9.31 11.93 -4.29
C CYS A 208 8.13 12.55 -3.56
N ASP A 209 7.76 13.76 -3.95
CA ASP A 209 6.63 14.45 -3.33
C ASP A 209 5.38 13.59 -3.36
N ILE A 210 5.02 13.11 -4.55
CA ILE A 210 3.84 12.27 -4.72
C ILE A 210 3.80 11.15 -3.68
N LEU A 211 4.98 10.62 -3.36
CA LEU A 211 5.09 9.55 -2.38
C LEU A 211 5.15 10.11 -0.96
N TRP A 212 5.57 11.36 -0.85
CA TRP A 212 5.67 12.01 0.46
C TRP A 212 4.61 13.09 0.61
N SER A 213 3.87 13.34 -0.47
CA SER A 213 2.83 14.35 -0.46
C SER A 213 1.87 14.13 0.71
N ASP A 214 1.40 15.23 1.30
CA ASP A 214 0.48 15.16 2.43
C ASP A 214 -0.36 16.43 2.53
N PRO A 215 -1.59 16.29 3.05
CA PRO A 215 -2.51 17.41 3.21
C PRO A 215 -2.06 18.38 4.29
N LEU A 216 -2.50 19.63 4.18
CA LEU A 216 -2.15 20.66 5.15
C LEU A 216 -2.67 20.31 6.54
N GLU A 217 -2.00 20.82 7.58
CA GLU A 217 -2.41 20.56 8.94
C GLU A 217 -3.83 21.03 9.19
N ASP A 218 -4.36 21.83 8.28
CA ASP A 218 -5.72 22.34 8.39
C ASP A 218 -6.46 22.22 7.06
N PHE A 219 -6.57 20.99 6.57
CA PHE A 219 -7.25 20.73 5.30
C PHE A 219 -8.74 21.06 5.41
N GLY A 220 -9.07 21.95 6.34
CA GLY A 220 -10.46 22.34 6.53
C GLY A 220 -10.60 23.79 6.94
N ASN A 221 -10.28 24.09 8.20
CA ASN A 221 -10.37 25.45 8.71
C ASN A 221 -9.09 26.23 8.43
N GLU A 222 -8.91 26.63 7.18
CA GLU A 222 -7.72 27.38 6.80
C GLU A 222 -7.98 28.89 6.85
N LYS A 223 -6.95 29.66 7.15
CA LYS A 223 -7.06 31.11 7.23
C LYS A 223 -6.21 31.78 6.17
N THR A 224 -5.10 31.14 5.81
CA THR A 224 -4.20 31.69 4.79
C THR A 224 -4.73 31.41 3.39
N GLN A 225 -5.01 30.15 3.10
CA GLN A 225 -5.52 29.77 1.80
C GLN A 225 -4.37 29.47 0.83
N GLU A 226 -3.25 29.02 1.39
CA GLU A 226 -2.08 28.70 0.57
C GLU A 226 -2.28 27.37 -0.17
N HIS A 227 -1.92 27.36 -1.44
CA HIS A 227 -2.05 26.15 -2.26
C HIS A 227 -1.05 25.09 -1.83
N PHE A 228 0.23 25.40 -1.97
CA PHE A 228 1.30 24.46 -1.59
C PHE A 228 2.21 25.07 -0.55
N THR A 229 2.74 24.24 0.33
CA THR A 229 3.64 24.69 1.38
C THR A 229 4.67 23.62 1.74
N HIS A 230 5.77 24.04 2.37
CA HIS A 230 6.82 23.12 2.75
C HIS A 230 6.35 22.17 3.85
N ASN A 231 6.66 20.90 3.71
CA ASN A 231 6.26 19.89 4.68
C ASN A 231 7.25 19.84 5.85
N THR A 232 7.03 20.71 6.83
CA THR A 232 7.89 20.77 8.01
C THR A 232 7.62 19.60 8.95
N VAL A 233 6.40 19.09 8.91
CA VAL A 233 6.02 17.97 9.76
C VAL A 233 6.73 16.69 9.33
N ARG A 234 6.53 16.31 8.07
CA ARG A 234 7.15 15.10 7.54
C ARG A 234 8.66 15.29 7.36
N GLY A 235 9.11 16.54 7.46
CA GLY A 235 10.52 16.83 7.30
C GLY A 235 10.97 16.80 5.86
N CYS A 236 10.01 16.75 4.95
CA CYS A 236 10.32 16.72 3.52
C CYS A 236 9.04 16.80 2.68
N SER A 237 9.19 17.08 1.40
CA SER A 237 8.05 17.20 0.50
C SER A 237 7.31 18.52 0.72
N TYR A 238 6.01 18.52 0.40
CA TYR A 238 5.19 19.71 0.56
C TYR A 238 3.82 19.35 1.12
N PHE A 239 2.96 20.36 1.25
CA PHE A 239 1.61 20.15 1.77
C PHE A 239 0.57 20.79 0.85
N TYR A 240 -0.48 20.05 0.55
CA TYR A 240 -1.55 20.54 -0.31
C TYR A 240 -2.79 20.91 0.50
N SER A 241 -3.43 22.00 0.11
CA SER A 241 -4.63 22.48 0.81
C SER A 241 -5.89 22.02 0.07
N TYR A 242 -7.03 22.34 0.65
CA TYR A 242 -8.31 21.96 0.05
C TYR A 242 -8.49 22.61 -1.32
N PRO A 243 -8.15 23.90 -1.41
CA PRO A 243 -8.25 24.66 -2.67
C PRO A 243 -7.23 24.21 -3.70
N ALA A 244 -6.08 23.75 -3.23
CA ALA A 244 -5.01 23.29 -4.11
C ALA A 244 -5.41 22.01 -4.84
N VAL A 245 -5.92 21.04 -4.07
CA VAL A 245 -6.34 19.76 -4.64
C VAL A 245 -7.57 19.94 -5.53
N CYS A 246 -8.51 20.76 -5.06
CA CYS A 246 -9.73 21.01 -5.82
C CYS A 246 -9.42 21.61 -7.18
N GLU A 247 -8.33 22.36 -7.26
CA GLU A 247 -7.92 22.99 -8.51
C GLU A 247 -7.35 21.95 -9.48
N PHE A 248 -6.50 21.07 -8.97
CA PHE A 248 -5.88 20.03 -9.79
C PHE A 248 -6.93 19.08 -10.33
N LEU A 249 -7.85 18.67 -9.47
CA LEU A 249 -8.91 17.75 -9.85
C LEU A 249 -9.74 18.32 -11.00
N GLN A 250 -10.29 19.52 -10.78
CA GLN A 250 -11.11 20.17 -11.80
C GLN A 250 -10.36 20.26 -13.13
N HIS A 251 -9.07 20.60 -13.06
CA HIS A 251 -8.24 20.72 -14.25
C HIS A 251 -8.07 19.36 -14.92
N ASN A 252 -7.95 18.32 -14.11
CA ASN A 252 -7.78 16.97 -14.63
C ASN A 252 -9.11 16.21 -14.66
N ASN A 253 -10.19 16.93 -14.36
CA ASN A 253 -11.52 16.34 -14.36
C ASN A 253 -11.53 15.03 -13.58
N LEU A 254 -11.03 15.07 -12.35
CA LEU A 254 -10.98 13.88 -11.50
C LEU A 254 -12.13 13.88 -10.49
N LEU A 255 -12.55 12.69 -10.10
CA LEU A 255 -13.65 12.54 -9.14
C LEU A 255 -13.14 12.68 -7.71
N SER A 256 -12.18 11.84 -7.34
CA SER A 256 -11.60 11.87 -6.00
C SER A 256 -10.21 11.27 -6.00
N ILE A 257 -9.45 11.55 -4.94
CA ILE A 257 -8.09 11.03 -4.82
C ILE A 257 -7.98 10.06 -3.64
N LEU A 258 -7.81 8.79 -3.96
CA LEU A 258 -7.69 7.75 -2.93
C LEU A 258 -6.22 7.42 -2.66
N ARG A 259 -5.82 7.54 -1.40
CA ARG A 259 -4.44 7.26 -1.01
C ARG A 259 -4.35 6.99 0.49
N ALA A 260 -3.13 6.83 0.98
CA ALA A 260 -2.89 6.57 2.40
C ALA A 260 -1.72 7.39 2.93
N HIS A 261 -0.75 6.71 3.52
CA HIS A 261 0.43 7.38 4.07
C HIS A 261 0.09 8.11 5.36
N GLU A 262 -1.20 8.16 5.69
CA GLU A 262 -1.66 8.83 6.90
C GLU A 262 -2.47 7.87 7.77
N ALA A 263 -1.93 7.55 8.94
CA ALA A 263 -2.61 6.65 9.87
C ALA A 263 -3.96 7.22 10.29
N GLN A 264 -4.95 6.34 10.43
CA GLN A 264 -6.28 6.74 10.83
C GLN A 264 -6.81 5.87 11.96
N ASP A 265 -7.46 6.50 12.94
CA ASP A 265 -8.00 5.78 14.08
C ASP A 265 -9.12 4.84 13.64
N ALA A 266 -9.78 5.19 12.53
CA ALA A 266 -10.87 4.39 12.01
C ALA A 266 -10.45 3.64 10.74
N GLY A 267 -9.16 3.71 10.43
CA GLY A 267 -8.65 3.04 9.24
C GLY A 267 -8.96 3.81 7.97
N TYR A 268 -9.59 4.97 8.12
CA TYR A 268 -9.95 5.80 6.97
C TYR A 268 -10.36 7.20 7.42
N ARG A 269 -10.37 8.13 6.48
CA ARG A 269 -10.75 9.51 6.76
C ARG A 269 -11.16 10.25 5.50
N MET A 270 -12.31 10.90 5.54
CA MET A 270 -12.82 11.64 4.40
C MET A 270 -12.51 13.13 4.53
N TYR A 271 -11.97 13.71 3.46
CA TYR A 271 -11.63 15.13 3.46
C TYR A 271 -12.73 15.96 2.83
N ARG A 272 -12.62 17.28 2.96
CA ARG A 272 -13.61 18.19 2.40
C ARG A 272 -14.08 17.72 1.03
N LYS A 273 -15.39 17.74 0.81
CA LYS A 273 -15.97 17.31 -0.46
C LYS A 273 -16.03 18.48 -1.44
N SER A 274 -16.21 18.16 -2.72
CA SER A 274 -16.29 19.17 -3.77
C SER A 274 -17.57 20.00 -3.63
N GLN A 275 -17.46 21.29 -3.93
CA GLN A 275 -18.60 22.18 -3.84
C GLN A 275 -19.67 21.83 -4.87
N THR A 276 -19.24 21.12 -5.91
CA THR A 276 -20.16 20.71 -6.97
C THR A 276 -20.81 19.37 -6.66
N THR A 277 -19.99 18.34 -6.54
CA THR A 277 -20.48 16.99 -6.23
C THR A 277 -20.37 16.70 -4.73
N GLY A 278 -21.31 15.92 -4.22
CA GLY A 278 -21.31 15.57 -2.82
C GLY A 278 -20.30 14.48 -2.49
N PHE A 279 -19.17 14.50 -3.19
CA PHE A 279 -18.13 13.50 -2.97
C PHE A 279 -16.87 14.14 -2.39
N PRO A 280 -16.12 13.37 -1.60
CA PRO A 280 -14.89 13.84 -0.97
C PRO A 280 -13.77 14.06 -1.98
N SER A 281 -13.09 15.21 -1.87
CA SER A 281 -12.01 15.55 -2.77
C SER A 281 -10.81 14.65 -2.53
N LEU A 282 -10.63 14.22 -1.29
CA LEU A 282 -9.51 13.35 -0.92
C LEU A 282 -9.95 12.31 0.10
N ILE A 283 -9.33 11.13 0.04
CA ILE A 283 -9.65 10.05 0.96
C ILE A 283 -8.39 9.30 1.41
N THR A 284 -8.26 9.09 2.71
CA THR A 284 -7.10 8.40 3.27
C THR A 284 -7.49 7.02 3.80
N ILE A 285 -6.81 5.99 3.33
CA ILE A 285 -7.07 4.63 3.76
C ILE A 285 -5.88 4.04 4.51
N PHE A 286 -6.15 3.44 5.66
CA PHE A 286 -5.10 2.83 6.47
C PHE A 286 -5.45 1.39 6.83
N SER A 287 -4.66 0.44 6.33
CA SER A 287 -4.89 -0.96 6.59
C SER A 287 -3.87 -1.51 7.59
N ALA A 288 -3.36 -0.62 8.44
CA ALA A 288 -2.38 -1.01 9.45
C ALA A 288 -2.93 -0.77 10.86
N PRO A 289 -3.61 -1.77 11.41
CA PRO A 289 -4.19 -1.70 12.76
C PRO A 289 -3.12 -1.70 13.84
N ASN A 290 -3.46 -1.14 15.00
CA ASN A 290 -2.53 -1.07 16.12
C ASN A 290 -1.17 -0.57 15.66
N TYR A 291 -1.15 0.60 15.04
CA TYR A 291 0.10 1.19 14.56
C TYR A 291 1.13 1.25 15.67
N LEU A 292 2.39 0.96 15.32
CA LEU A 292 3.48 0.99 16.28
C LEU A 292 3.20 0.06 17.45
N ASP A 293 2.24 -0.85 17.26
CA ASP A 293 1.87 -1.80 18.30
C ASP A 293 1.41 -1.08 19.57
N VAL A 294 1.33 0.25 19.48
CA VAL A 294 0.92 1.07 20.62
C VAL A 294 -0.50 1.60 20.42
N TYR A 295 -0.66 2.43 19.39
CA TYR A 295 -1.96 3.02 19.09
C TYR A 295 -3.01 1.93 18.85
N ASN A 296 -4.21 2.16 19.37
CA ASN A 296 -5.31 1.21 19.22
C ASN A 296 -6.19 1.57 18.03
N ASN A 297 -5.57 2.05 16.95
CA ASN A 297 -6.30 2.43 15.75
C ASN A 297 -6.75 1.21 14.97
N LYS A 298 -7.86 1.36 14.24
CA LYS A 298 -8.39 0.26 13.45
C LYS A 298 -7.99 0.40 11.98
N ALA A 299 -8.16 -0.67 11.22
CA ALA A 299 -7.82 -0.66 9.81
C ALA A 299 -9.06 -0.77 8.93
N ALA A 300 -8.89 -0.51 7.64
CA ALA A 300 -10.01 -0.57 6.71
C ALA A 300 -9.52 -0.50 5.26
N VAL A 301 -10.39 -0.86 4.32
CA VAL A 301 -10.04 -0.82 2.90
C VAL A 301 -11.20 -0.32 2.07
N LEU A 302 -10.89 0.50 1.06
CA LEU A 302 -11.92 1.06 0.18
C LEU A 302 -12.26 0.09 -0.94
N LYS A 303 -13.54 -0.20 -1.11
CA LYS A 303 -13.99 -1.11 -2.16
C LYS A 303 -15.03 -0.44 -3.05
N TYR A 304 -14.62 -0.10 -4.27
CA TYR A 304 -15.51 0.55 -5.22
C TYR A 304 -15.95 -0.42 -6.31
N GLU A 305 -17.27 -0.60 -6.45
CA GLU A 305 -17.81 -1.50 -7.46
C GLU A 305 -19.24 -1.11 -7.82
N ASN A 306 -19.60 -1.30 -9.09
CA ASN A 306 -20.94 -0.97 -9.55
C ASN A 306 -21.40 0.37 -9.00
N ASN A 307 -20.54 1.38 -9.11
CA ASN A 307 -20.85 2.71 -8.62
C ASN A 307 -21.21 2.68 -7.14
N VAL A 308 -20.49 1.85 -6.38
CA VAL A 308 -20.73 1.74 -4.95
C VAL A 308 -19.41 1.77 -4.17
N MET A 309 -19.32 2.70 -3.23
CA MET A 309 -18.12 2.84 -2.41
C MET A 309 -18.36 2.29 -1.00
N ASN A 310 -17.94 1.06 -0.78
CA ASN A 310 -18.11 0.42 0.52
C ASN A 310 -16.78 0.33 1.26
N ILE A 311 -16.77 0.79 2.51
CA ILE A 311 -15.56 0.76 3.32
C ILE A 311 -15.65 -0.32 4.40
N ARG A 312 -14.71 -1.25 4.37
CA ARG A 312 -14.68 -2.33 5.36
C ARG A 312 -13.64 -2.06 6.43
N GLN A 313 -14.05 -2.13 7.69
CA GLN A 313 -13.16 -1.89 8.81
C GLN A 313 -12.70 -3.20 9.44
N PHE A 314 -11.54 -3.18 10.07
CA PHE A 314 -11.00 -4.37 10.71
C PHE A 314 -10.19 -4.01 11.95
N ASN A 315 -10.04 -4.97 12.86
CA ASN A 315 -9.30 -4.75 14.10
C ASN A 315 -7.92 -5.37 14.02
N CYS A 316 -7.09 -5.10 15.02
CA CYS A 316 -5.72 -5.63 15.07
C CYS A 316 -5.75 -7.15 15.20
N SER A 317 -4.60 -7.77 14.93
CA SER A 317 -4.49 -9.22 15.00
C SER A 317 -3.37 -9.63 15.97
N PRO A 318 -3.45 -10.87 16.47
CA PRO A 318 -2.46 -11.41 17.41
C PRO A 318 -1.10 -11.65 16.75
N HIS A 319 -0.03 -11.40 17.50
CA HIS A 319 1.31 -11.60 16.99
C HIS A 319 2.31 -11.71 18.13
N PRO A 320 3.47 -12.34 17.86
CA PRO A 320 4.53 -12.52 18.85
C PRO A 320 5.23 -11.21 19.21
N TYR A 321 5.92 -11.20 20.33
CA TYR A 321 6.63 -10.01 20.79
C TYR A 321 8.06 -10.00 20.27
N TRP A 322 8.48 -8.86 19.73
CA TRP A 322 9.83 -8.71 19.20
C TRP A 322 10.50 -7.45 19.75
N LEU A 323 11.71 -7.61 20.27
CA LEU A 323 12.45 -6.50 20.83
C LEU A 323 12.87 -5.52 19.73
N PRO A 324 13.26 -4.30 20.14
CA PRO A 324 13.70 -3.25 19.20
C PRO A 324 15.04 -3.58 18.55
N ASN A 325 15.10 -3.45 17.24
CA ASN A 325 16.32 -3.72 16.49
C ASN A 325 16.75 -5.18 16.66
N PHE A 326 15.78 -6.04 17.00
CA PHE A 326 16.05 -7.46 17.19
C PHE A 326 17.06 -7.67 18.32
N MET A 327 17.09 -6.72 19.26
CA MET A 327 18.01 -6.81 20.39
C MET A 327 17.68 -8.02 21.27
N GLY B 1 -21.71 13.71 1.27
CA GLY B 1 -22.92 13.27 0.59
C GLY B 1 -22.65 12.13 -0.38
N PRO B 2 -22.31 10.95 0.16
CA PRO B 2 -22.03 9.76 -0.64
C PRO B 2 -23.28 9.20 -1.31
N HIS B 3 -23.10 8.53 -2.44
CA HIS B 3 -24.22 7.95 -3.18
C HIS B 3 -25.08 7.11 -2.25
N PRO B 4 -26.36 6.91 -2.64
CA PRO B 4 -27.31 6.13 -1.86
C PRO B 4 -26.98 4.63 -1.87
N VAL B 5 -26.06 4.24 -2.75
CA VAL B 5 -25.65 2.86 -2.86
C VAL B 5 -24.46 2.55 -1.95
N ILE B 6 -23.71 3.59 -1.60
CA ILE B 6 -22.55 3.43 -0.74
C ILE B 6 -22.94 2.82 0.61
N VAL B 7 -22.53 1.58 0.83
CA VAL B 7 -22.83 0.88 2.08
C VAL B 7 -21.63 0.88 3.02
N ILE B 8 -21.89 1.00 4.31
CA ILE B 8 -20.83 1.02 5.31
C ILE B 8 -21.14 0.06 6.46
N THR B 9 -20.18 -0.81 6.77
CA THR B 9 -20.35 -1.77 7.85
C THR B 9 -19.50 -1.42 9.06
N GLY B 10 -19.86 -1.96 10.21
CA GLY B 10 -19.11 -1.68 11.42
C GLY B 10 -17.91 -2.60 11.59
N PRO B 11 -16.97 -2.18 12.45
CA PRO B 11 -15.75 -2.96 12.71
C PRO B 11 -16.03 -4.25 13.48
N HIS B 12 -14.98 -4.91 13.92
CA HIS B 12 -15.11 -6.16 14.67
C HIS B 12 -15.01 -5.90 16.17
N GLU B 13 -14.17 -4.95 16.56
CA GLU B 13 -14.00 -4.61 17.96
C GLU B 13 -15.34 -4.36 18.64
N GLU B 14 -16.30 -3.87 17.86
CA GLU B 14 -17.64 -3.58 18.39
C GLU B 14 -18.18 -4.78 19.17
N LEU B 15 -17.80 -5.98 18.75
CA LEU B 15 -18.25 -7.20 19.40
C LEU B 15 -17.68 -7.30 20.82
N GLU B 16 -18.42 -6.76 21.78
CA GLU B 16 -17.98 -6.79 23.17
C GLU B 16 -19.04 -7.45 24.06
N VAL A 1 2.42 -21.82 22.80
CA VAL A 1 2.66 -21.06 21.58
C VAL A 1 3.19 -21.96 20.46
N PRO A 2 2.79 -21.64 19.22
CA PRO A 2 3.21 -22.40 18.05
C PRO A 2 4.69 -22.21 17.73
N PHE A 3 5.30 -23.21 17.09
CA PHE A 3 6.70 -23.15 16.73
C PHE A 3 6.89 -23.13 15.22
N PRO A 4 7.80 -22.27 14.74
CA PRO A 4 8.09 -22.13 13.31
C PRO A 4 8.79 -23.34 12.73
N PRO A 5 8.29 -23.83 11.58
CA PRO A 5 8.86 -25.00 10.91
C PRO A 5 10.23 -24.71 10.31
N SER A 6 11.19 -25.57 10.62
CA SER A 6 12.56 -25.40 10.11
C SER A 6 12.64 -25.79 8.64
N HIS A 7 11.71 -26.64 8.21
CA HIS A 7 11.68 -27.09 6.82
C HIS A 7 11.29 -25.95 5.89
N ARG A 8 12.22 -25.57 5.01
CA ARG A 8 11.98 -24.49 4.07
C ARG A 8 11.35 -25.01 2.78
N LEU A 9 10.28 -24.37 2.35
CA LEU A 9 9.58 -24.77 1.14
C LEU A 9 10.47 -24.61 -0.09
N THR A 10 10.43 -25.60 -0.98
CA THR A 10 11.24 -25.56 -2.20
C THR A 10 10.43 -25.04 -3.38
N ALA A 11 11.13 -24.70 -4.46
CA ALA A 11 10.47 -24.20 -5.67
C ALA A 11 9.38 -25.14 -6.13
N LYS A 12 9.73 -26.39 -6.35
CA LYS A 12 8.78 -27.40 -6.80
C LYS A 12 7.64 -27.55 -5.80
N GLU A 13 7.85 -27.06 -4.58
CA GLU A 13 6.84 -27.15 -3.54
C GLU A 13 5.89 -25.96 -3.59
N VAL A 14 6.42 -24.81 -4.02
CA VAL A 14 5.62 -23.60 -4.11
C VAL A 14 4.99 -23.46 -5.50
N PHE A 15 5.72 -23.88 -6.52
CA PHE A 15 5.24 -23.81 -7.90
C PHE A 15 4.97 -25.21 -8.45
N ASP A 16 3.81 -25.38 -9.08
CA ASP A 16 3.44 -26.67 -9.64
C ASP A 16 4.04 -26.84 -11.04
N ASN A 17 3.78 -27.99 -11.66
CA ASN A 17 4.30 -28.28 -12.98
C ASN A 17 3.87 -27.21 -13.98
N ASP A 18 2.71 -26.61 -13.73
CA ASP A 18 2.19 -25.57 -14.61
C ASP A 18 2.89 -24.24 -14.35
N GLY A 19 3.84 -24.25 -13.42
CA GLY A 19 4.56 -23.03 -13.09
C GLY A 19 3.73 -22.06 -12.27
N LYS A 20 2.59 -22.53 -11.79
CA LYS A 20 1.71 -21.70 -10.98
C LYS A 20 1.95 -21.92 -9.49
N PRO A 21 2.10 -20.82 -8.74
CA PRO A 21 2.34 -20.86 -7.30
C PRO A 21 1.13 -21.34 -6.52
N ARG A 22 1.36 -22.06 -5.44
CA ARG A 22 0.28 -22.57 -4.60
C ARG A 22 0.05 -21.68 -3.38
N VAL A 23 -0.67 -20.58 -3.59
CA VAL A 23 -0.97 -19.64 -2.52
C VAL A 23 -1.53 -20.37 -1.30
N ASP A 24 -2.20 -21.49 -1.54
CA ASP A 24 -2.79 -22.28 -0.46
C ASP A 24 -1.70 -22.89 0.41
N ILE A 25 -0.70 -23.48 -0.22
CA ILE A 25 0.40 -24.11 0.50
C ILE A 25 1.25 -23.07 1.22
N LEU A 26 1.49 -21.94 0.56
CA LEU A 26 2.29 -20.87 1.14
C LEU A 26 1.57 -20.23 2.31
N LYS A 27 0.31 -19.87 2.11
CA LYS A 27 -0.49 -19.26 3.15
C LYS A 27 -0.44 -20.07 4.44
N ALA A 28 -0.76 -21.36 4.34
CA ALA A 28 -0.74 -22.24 5.49
C ALA A 28 0.63 -22.26 6.15
N HIS A 29 1.67 -22.38 5.34
CA HIS A 29 3.04 -22.41 5.85
C HIS A 29 3.37 -21.11 6.57
N LEU A 30 3.18 -19.98 5.89
CA LEU A 30 3.46 -18.68 6.47
C LEU A 30 2.74 -18.50 7.79
N MET A 31 1.51 -19.01 7.87
CA MET A 31 0.71 -18.91 9.09
C MET A 31 1.41 -19.62 10.25
N LYS A 32 2.23 -20.62 9.93
CA LYS A 32 2.96 -21.37 10.94
C LYS A 32 4.36 -20.79 11.15
N GLU A 33 4.59 -19.61 10.59
CA GLU A 33 5.88 -18.95 10.71
C GLU A 33 6.96 -19.71 9.93
N GLY A 34 6.57 -20.25 8.77
CA GLY A 34 7.50 -20.99 7.95
C GLY A 34 8.20 -20.11 6.92
N ARG A 35 9.44 -20.46 6.58
CA ARG A 35 10.20 -19.70 5.62
C ARG A 35 10.49 -20.53 4.37
N LEU A 36 10.79 -19.86 3.27
CA LEU A 36 11.08 -20.54 2.01
C LEU A 36 12.59 -20.56 1.74
N GLU A 37 12.98 -21.27 0.69
CA GLU A 37 14.39 -21.37 0.33
C GLU A 37 14.88 -20.08 -0.34
N GLU A 38 16.09 -19.67 0.01
CA GLU A 38 16.66 -18.45 -0.54
C GLU A 38 16.49 -18.41 -2.06
N SER A 39 16.55 -19.58 -2.69
CA SER A 39 16.39 -19.68 -4.13
C SER A 39 14.97 -19.37 -4.55
N VAL A 40 14.00 -19.90 -3.81
CA VAL A 40 12.59 -19.68 -4.10
C VAL A 40 12.22 -18.21 -3.91
N ALA A 41 12.61 -17.65 -2.78
CA ALA A 41 12.31 -16.26 -2.47
C ALA A 41 12.84 -15.34 -3.57
N LEU A 42 14.06 -15.59 -4.01
CA LEU A 42 14.69 -14.78 -5.06
C LEU A 42 13.92 -14.90 -6.37
N ARG A 43 13.41 -16.10 -6.63
CA ARG A 43 12.65 -16.35 -7.86
C ARG A 43 11.34 -15.55 -7.86
N ILE A 44 10.66 -15.55 -6.73
CA ILE A 44 9.39 -14.84 -6.60
C ILE A 44 9.59 -13.33 -6.78
N ILE A 45 10.59 -12.80 -6.08
CA ILE A 45 10.89 -11.37 -6.17
C ILE A 45 11.28 -10.97 -7.59
N THR A 46 12.25 -11.69 -8.15
CA THR A 46 12.71 -11.41 -9.50
C THR A 46 11.58 -11.59 -10.52
N GLU A 47 10.73 -12.58 -10.29
CA GLU A 47 9.61 -12.85 -11.18
C GLU A 47 8.58 -11.73 -11.12
N GLY A 48 8.38 -11.18 -9.92
CA GLY A 48 7.42 -10.11 -9.74
C GLY A 48 7.90 -8.80 -10.33
N ALA A 49 9.20 -8.53 -10.21
CA ALA A 49 9.78 -7.30 -10.74
C ALA A 49 9.64 -7.23 -12.25
N SER A 50 9.85 -8.37 -12.91
CA SER A 50 9.75 -8.44 -14.36
C SER A 50 8.37 -8.02 -14.83
N ILE A 51 7.35 -8.48 -14.12
CA ILE A 51 5.96 -8.16 -14.46
C ILE A 51 5.68 -6.68 -14.24
N LEU A 52 6.07 -6.17 -13.08
CA LEU A 52 5.86 -4.77 -12.74
C LEU A 52 6.61 -3.86 -13.71
N ARG A 53 7.81 -4.27 -14.10
CA ARG A 53 8.62 -3.49 -15.02
C ARG A 53 7.86 -3.22 -16.32
N GLN A 54 6.94 -4.12 -16.66
CA GLN A 54 6.15 -3.97 -17.88
C GLN A 54 5.02 -2.96 -17.68
N GLU A 55 4.65 -2.75 -16.42
CA GLU A 55 3.58 -1.82 -16.09
C GLU A 55 4.04 -0.38 -16.26
N LYS A 56 3.08 0.55 -16.32
CA LYS A 56 3.39 1.97 -16.48
C LYS A 56 3.29 2.70 -15.15
N ASN A 57 3.95 3.85 -15.07
CA ASN A 57 3.93 4.65 -13.84
C ASN A 57 2.50 4.86 -13.35
N LEU A 58 1.62 5.27 -14.25
CA LEU A 58 0.22 5.51 -13.91
C LEU A 58 -0.69 4.54 -14.65
N LEU A 59 -1.11 3.47 -13.97
CA LEU A 59 -1.99 2.47 -14.57
C LEU A 59 -3.40 3.02 -14.75
N ASP A 60 -4.07 2.59 -15.82
CA ASP A 60 -5.42 3.04 -16.10
C ASP A 60 -6.34 1.85 -16.40
N ILE A 61 -7.07 1.41 -15.38
CA ILE A 61 -7.98 0.28 -15.54
C ILE A 61 -9.36 0.62 -15.00
N ASP A 62 -10.40 0.28 -15.77
CA ASP A 62 -11.77 0.55 -15.38
C ASP A 62 -12.44 -0.72 -14.87
N ALA A 63 -12.33 -0.97 -13.57
CA ALA A 63 -12.93 -2.15 -12.95
C ALA A 63 -12.99 -2.00 -11.44
N PRO A 64 -13.89 -2.79 -10.81
CA PRO A 64 -14.07 -2.76 -9.35
C PRO A 64 -12.88 -3.36 -8.62
N VAL A 65 -12.20 -2.52 -7.82
CA VAL A 65 -11.06 -2.97 -7.05
C VAL A 65 -11.08 -2.40 -5.64
N THR A 66 -10.44 -3.11 -4.71
CA THR A 66 -10.39 -2.69 -3.32
C THR A 66 -9.03 -2.12 -2.96
N VAL A 67 -9.00 -0.84 -2.60
CA VAL A 67 -7.76 -0.16 -2.24
C VAL A 67 -7.38 -0.46 -0.80
N CYS A 68 -6.10 -0.74 -0.58
CA CYS A 68 -5.61 -1.05 0.77
C CYS A 68 -4.60 0.01 1.23
N GLY A 69 -4.56 0.25 2.54
CA GLY A 69 -3.65 1.23 3.08
C GLY A 69 -2.30 0.65 3.42
N ASP A 70 -1.48 1.40 4.16
CA ASP A 70 -0.15 0.93 4.56
C ASP A 70 -0.24 -0.40 5.29
N ILE A 71 0.74 -1.26 5.05
CA ILE A 71 0.77 -2.57 5.70
C ILE A 71 1.85 -2.63 6.76
N HIS A 72 3.03 -2.08 6.45
CA HIS A 72 4.14 -2.07 7.38
C HIS A 72 4.55 -3.49 7.76
N GLY A 73 4.83 -4.31 6.75
CA GLY A 73 5.23 -5.69 6.99
C GLY A 73 4.33 -6.37 8.01
N GLN A 74 3.08 -5.93 8.09
CA GLN A 74 2.12 -6.51 9.03
C GLN A 74 1.41 -7.70 8.40
N PHE A 75 2.17 -8.74 8.10
CA PHE A 75 1.61 -9.95 7.49
C PHE A 75 0.47 -10.51 8.34
N PHE A 76 0.70 -10.54 9.65
CA PHE A 76 -0.31 -11.05 10.57
C PHE A 76 -1.62 -10.29 10.44
N ASP A 77 -1.52 -9.02 10.03
CA ASP A 77 -2.70 -8.18 9.86
C ASP A 77 -3.21 -8.25 8.42
N LEU A 78 -2.34 -8.69 7.51
CA LEU A 78 -2.70 -8.80 6.10
C LEU A 78 -3.53 -10.05 5.86
N MET A 79 -3.30 -11.08 6.66
CA MET A 79 -4.04 -12.34 6.53
C MET A 79 -5.49 -12.17 6.98
N LYS A 80 -5.68 -11.49 8.11
CA LYS A 80 -7.01 -11.26 8.64
C LYS A 80 -7.82 -10.35 7.73
N LEU A 81 -7.17 -9.32 7.20
CA LEU A 81 -7.81 -8.37 6.31
C LEU A 81 -8.44 -9.09 5.11
N PHE A 82 -7.66 -9.97 4.50
CA PHE A 82 -8.13 -10.73 3.34
C PHE A 82 -9.29 -11.64 3.72
N GLU A 83 -9.28 -12.11 4.96
CA GLU A 83 -10.34 -12.99 5.46
C GLU A 83 -11.67 -12.27 5.51
N VAL A 84 -11.67 -11.04 6.04
CA VAL A 84 -12.88 -10.24 6.14
C VAL A 84 -13.23 -9.60 4.81
N GLY A 85 -12.20 -9.19 4.07
CA GLY A 85 -12.42 -8.55 2.78
C GLY A 85 -12.73 -9.57 1.69
N GLY A 86 -12.26 -10.79 1.87
CA GLY A 86 -12.50 -11.83 0.88
C GLY A 86 -11.21 -12.35 0.27
N SER A 87 -11.28 -13.55 -0.31
CA SER A 87 -10.11 -14.16 -0.93
C SER A 87 -9.74 -13.44 -2.22
N PRO A 88 -8.44 -13.16 -2.39
CA PRO A 88 -7.93 -12.47 -3.58
C PRO A 88 -8.01 -13.33 -4.83
N ALA A 89 -8.26 -14.62 -4.64
CA ALA A 89 -8.37 -15.56 -5.76
C ALA A 89 -9.54 -15.18 -6.67
N ASN A 90 -10.52 -14.49 -6.12
CA ASN A 90 -11.69 -14.07 -6.88
C ASN A 90 -12.04 -12.62 -6.59
N THR A 91 -11.14 -11.92 -5.91
CA THR A 91 -11.34 -10.52 -5.56
C THR A 91 -10.15 -9.68 -5.95
N ARG A 92 -10.41 -8.56 -6.61
CA ARG A 92 -9.35 -7.65 -7.05
C ARG A 92 -8.92 -6.73 -5.91
N TYR A 93 -7.62 -6.70 -5.64
CA TYR A 93 -7.08 -5.86 -4.57
C TYR A 93 -6.07 -4.86 -5.13
N LEU A 94 -5.85 -3.79 -4.38
CA LEU A 94 -4.91 -2.75 -4.79
C LEU A 94 -4.20 -2.15 -3.58
N PHE A 95 -2.88 -2.30 -3.54
CA PHE A 95 -2.09 -1.76 -2.44
C PHE A 95 -1.53 -0.38 -2.78
N LEU A 96 -1.48 0.50 -1.79
CA LEU A 96 -0.97 1.85 -1.99
C LEU A 96 0.52 1.92 -1.66
N GLY A 97 1.12 0.77 -1.38
CA GLY A 97 2.54 0.72 -1.06
C GLY A 97 2.78 0.55 0.43
N ASP A 98 3.98 0.86 0.87
CA ASP A 98 4.35 0.73 2.27
C ASP A 98 4.03 -0.66 2.79
N TYR A 99 4.78 -1.65 2.29
CA TYR A 99 4.57 -3.04 2.71
C TYR A 99 5.67 -3.50 3.65
N VAL A 100 6.74 -2.71 3.73
CA VAL A 100 7.87 -3.03 4.59
C VAL A 100 8.06 -1.98 5.67
N ASP A 101 9.02 -2.21 6.55
CA ASP A 101 9.30 -1.26 7.63
C ASP A 101 8.24 -1.37 8.73
N ARG A 102 8.62 -0.96 9.95
CA ARG A 102 7.70 -1.02 11.07
C ARG A 102 7.51 -2.45 11.56
N GLY A 103 6.86 -3.27 10.72
CA GLY A 103 6.62 -4.65 11.07
C GLY A 103 7.84 -5.53 10.87
N TYR A 104 8.03 -6.49 11.76
CA TYR A 104 9.18 -7.40 11.67
C TYR A 104 8.87 -8.57 10.74
N PHE A 105 7.88 -8.39 9.88
CA PHE A 105 7.49 -9.44 8.94
C PHE A 105 7.30 -8.85 7.54
N SER A 106 8.14 -7.88 7.18
CA SER A 106 8.05 -7.25 5.88
C SER A 106 8.35 -8.24 4.76
N ILE A 107 9.29 -9.14 5.02
CA ILE A 107 9.68 -10.15 4.04
C ILE A 107 8.49 -11.04 3.68
N GLU A 108 7.70 -11.39 4.69
CA GLU A 108 6.53 -12.24 4.48
C GLU A 108 5.48 -11.52 3.64
N CYS A 109 5.38 -10.20 3.82
CA CYS A 109 4.42 -9.39 3.08
C CYS A 109 4.82 -9.27 1.62
N VAL A 110 6.09 -8.94 1.39
CA VAL A 110 6.62 -8.79 0.04
C VAL A 110 6.57 -10.11 -0.73
N LEU A 111 6.97 -11.18 -0.06
CA LEU A 111 6.98 -12.51 -0.67
C LEU A 111 5.56 -12.94 -1.04
N TYR A 112 4.65 -12.81 -0.08
CA TYR A 112 3.26 -13.19 -0.30
C TYR A 112 2.59 -12.27 -1.33
N LEU A 113 2.93 -10.99 -1.26
CA LEU A 113 2.37 -10.00 -2.19
C LEU A 113 2.90 -10.22 -3.60
N TRP A 114 4.17 -10.57 -3.71
CA TRP A 114 4.80 -10.80 -5.00
C TRP A 114 4.24 -12.07 -5.65
N ALA A 115 4.11 -13.12 -4.85
CA ALA A 115 3.59 -14.40 -5.34
C ALA A 115 2.14 -14.25 -5.81
N LEU A 116 1.36 -13.48 -5.05
CA LEU A 116 -0.04 -13.26 -5.38
C LEU A 116 -0.18 -12.43 -6.65
N LYS A 117 0.78 -11.53 -6.86
CA LYS A 117 0.77 -10.67 -8.04
C LYS A 117 1.09 -11.46 -9.30
N ILE A 118 2.01 -12.42 -9.18
CA ILE A 118 2.39 -13.25 -10.32
C ILE A 118 1.28 -14.22 -10.69
N LEU A 119 0.55 -14.68 -9.69
CA LEU A 119 -0.55 -15.62 -9.91
C LEU A 119 -1.77 -14.90 -10.48
N TYR A 120 -2.06 -13.73 -9.94
CA TYR A 120 -3.20 -12.94 -10.39
C TYR A 120 -2.80 -11.50 -10.64
N PRO A 121 -1.90 -11.30 -11.62
CA PRO A 121 -1.42 -9.96 -11.99
C PRO A 121 -2.49 -9.12 -12.67
N LYS A 122 -3.65 -9.73 -12.91
CA LYS A 122 -4.76 -9.03 -13.55
C LYS A 122 -5.86 -8.73 -12.55
N THR A 123 -5.63 -9.08 -11.29
CA THR A 123 -6.61 -8.85 -10.24
C THR A 123 -5.96 -8.25 -9.00
N LEU A 124 -4.63 -8.39 -8.91
CA LEU A 124 -3.89 -7.85 -7.78
C LEU A 124 -2.87 -6.80 -8.24
N PHE A 125 -3.06 -5.57 -7.78
CA PHE A 125 -2.16 -4.49 -8.15
C PHE A 125 -1.42 -3.95 -6.93
N LEU A 126 -0.13 -3.68 -7.10
CA LEU A 126 0.70 -3.18 -6.01
C LEU A 126 1.42 -1.90 -6.42
N LEU A 127 1.27 -0.85 -5.61
CA LEU A 127 1.92 0.43 -5.90
C LEU A 127 3.12 0.65 -4.98
N ARG A 128 4.02 1.52 -5.40
CA ARG A 128 5.22 1.83 -4.62
C ARG A 128 4.93 2.93 -3.59
N GLY A 129 5.52 2.81 -2.41
CA GLY A 129 5.32 3.80 -1.38
C GLY A 129 6.60 4.49 -0.97
N ASN A 130 6.49 5.56 -0.18
CA ASN A 130 7.65 6.30 0.28
C ASN A 130 8.62 5.40 1.02
N HIS A 131 8.12 4.26 1.47
CA HIS A 131 8.95 3.30 2.20
C HIS A 131 9.66 2.34 1.25
N GLU A 132 9.16 2.28 0.02
CA GLU A 132 9.74 1.40 -0.99
C GLU A 132 11.04 1.99 -1.55
N CYS A 133 12.05 2.05 -0.71
CA CYS A 133 13.34 2.59 -1.11
C CYS A 133 14.48 1.88 -0.39
N ARG A 134 15.72 2.25 -0.72
CA ARG A 134 16.90 1.64 -0.11
C ARG A 134 17.34 2.42 1.12
N HIS A 135 17.45 3.74 0.97
CA HIS A 135 17.86 4.60 2.07
C HIS A 135 16.98 4.36 3.30
N LEU A 136 15.68 4.22 3.08
CA LEU A 136 14.75 3.99 4.17
C LEU A 136 14.90 2.58 4.74
N THR A 137 14.99 1.60 3.85
CA THR A 137 15.15 0.21 4.27
C THR A 137 16.41 0.02 5.10
N GLU A 138 17.43 0.82 4.81
CA GLU A 138 18.69 0.75 5.54
C GLU A 138 18.54 1.30 6.95
N TYR A 139 17.74 2.35 7.09
CA TYR A 139 17.51 2.97 8.39
C TYR A 139 16.57 2.13 9.25
N PHE A 140 15.52 1.60 8.62
CA PHE A 140 14.55 0.78 9.32
C PHE A 140 15.13 -0.59 9.65
N THR A 141 14.28 -1.49 10.15
CA THR A 141 14.71 -2.83 10.50
C THR A 141 14.48 -3.81 9.35
N PHE A 142 14.22 -3.27 8.17
CA PHE A 142 13.97 -4.09 7.00
C PHE A 142 15.26 -4.80 6.55
N LYS A 143 16.30 -4.02 6.30
CA LYS A 143 17.57 -4.56 5.87
C LYS A 143 18.08 -5.61 6.85
N GLN A 144 18.11 -5.26 8.13
CA GLN A 144 18.56 -6.17 9.17
C GLN A 144 17.74 -7.45 9.17
N GLU A 145 16.44 -7.30 8.89
CA GLU A 145 15.54 -8.45 8.87
C GLU A 145 15.92 -9.43 7.75
N CYS A 146 16.11 -8.90 6.55
CA CYS A 146 16.48 -9.71 5.41
C CYS A 146 17.80 -10.43 5.66
N LYS A 147 18.70 -9.79 6.39
CA LYS A 147 20.01 -10.35 6.70
C LYS A 147 19.88 -11.38 7.83
N ILE A 148 18.94 -11.15 8.74
CA ILE A 148 18.73 -12.05 9.85
C ILE A 148 17.96 -13.30 9.43
N LYS A 149 16.99 -13.11 8.55
CA LYS A 149 16.18 -14.21 8.05
C LYS A 149 16.86 -14.88 6.85
N TYR A 150 17.34 -14.07 5.92
CA TYR A 150 18.00 -14.58 4.72
C TYR A 150 19.40 -14.00 4.59
N SER A 151 19.56 -13.08 3.64
CA SER A 151 20.86 -12.45 3.41
C SER A 151 20.70 -11.16 2.60
N GLU A 152 21.82 -10.51 2.32
CA GLU A 152 21.80 -9.26 1.56
C GLU A 152 21.34 -9.51 0.13
N ARG A 153 21.47 -10.75 -0.33
CA ARG A 153 21.05 -11.11 -1.68
C ARG A 153 19.57 -10.85 -1.89
N VAL A 154 18.76 -11.28 -0.94
CA VAL A 154 17.31 -11.09 -1.01
C VAL A 154 16.95 -9.61 -0.88
N TYR A 155 17.64 -8.91 0.01
CA TYR A 155 17.39 -7.49 0.24
C TYR A 155 17.60 -6.69 -1.05
N ASP A 156 18.75 -6.90 -1.68
CA ASP A 156 19.08 -6.19 -2.91
C ASP A 156 18.03 -6.48 -3.98
N ALA A 157 17.59 -7.73 -4.06
CA ALA A 157 16.59 -8.14 -5.05
C ALA A 157 15.31 -7.34 -4.87
N CYS A 158 14.86 -7.21 -3.63
CA CYS A 158 13.63 -6.49 -3.33
C CYS A 158 13.76 -5.02 -3.74
N MET A 159 14.91 -4.43 -3.45
CA MET A 159 15.16 -3.03 -3.78
C MET A 159 15.00 -2.80 -5.28
N ASP A 160 15.67 -3.63 -6.09
CA ASP A 160 15.60 -3.52 -7.53
C ASP A 160 14.18 -3.78 -8.04
N ALA A 161 13.46 -4.63 -7.33
CA ALA A 161 12.09 -4.97 -7.70
C ALA A 161 11.14 -3.82 -7.38
N PHE A 162 11.34 -3.20 -6.22
CA PHE A 162 10.50 -2.09 -5.79
C PHE A 162 10.54 -0.96 -6.80
N ASP A 163 11.70 -0.78 -7.43
CA ASP A 163 11.86 0.28 -8.43
C ASP A 163 11.00 0.01 -9.65
N CYS A 164 10.45 -1.20 -9.74
CA CYS A 164 9.61 -1.58 -10.87
C CYS A 164 8.13 -1.36 -10.53
N LEU A 165 7.85 -1.05 -9.27
CA LEU A 165 6.48 -0.81 -8.83
C LEU A 165 5.95 0.50 -9.40
N PRO A 166 4.63 0.54 -9.65
CA PRO A 166 3.96 1.73 -10.19
C PRO A 166 3.91 2.87 -9.18
N LEU A 167 3.75 4.09 -9.68
CA LEU A 167 3.67 5.27 -8.81
C LEU A 167 2.23 5.60 -8.47
N ALA A 168 1.35 5.48 -9.47
CA ALA A 168 -0.07 5.77 -9.27
C ALA A 168 -0.93 4.93 -10.20
N ALA A 169 -2.25 5.03 -10.04
CA ALA A 169 -3.19 4.29 -10.87
C ALA A 169 -4.52 5.02 -11.00
N LEU A 170 -5.04 5.05 -12.22
CA LEU A 170 -6.31 5.73 -12.48
C LEU A 170 -7.46 4.72 -12.56
N MET A 171 -8.18 4.58 -11.45
CA MET A 171 -9.31 3.65 -11.40
C MET A 171 -10.56 4.27 -12.02
N ASN A 172 -11.04 3.67 -13.10
CA ASN A 172 -12.22 4.17 -13.78
C ASN A 172 -11.97 5.55 -14.38
N GLN A 173 -10.70 5.87 -14.61
CA GLN A 173 -10.33 7.15 -15.18
C GLN A 173 -11.02 8.30 -14.44
N GLN A 174 -11.39 8.05 -13.18
CA GLN A 174 -12.07 9.05 -12.38
C GLN A 174 -11.37 9.24 -11.03
N PHE A 175 -10.96 8.13 -10.43
CA PHE A 175 -10.27 8.18 -9.15
C PHE A 175 -8.77 7.99 -9.33
N LEU A 176 -8.00 8.73 -8.54
CA LEU A 176 -6.54 8.66 -8.60
C LEU A 176 -5.98 7.95 -7.37
N CYS A 177 -5.36 6.80 -7.59
CA CYS A 177 -4.78 6.03 -6.50
C CYS A 177 -3.30 6.37 -6.31
N VAL A 178 -2.97 6.85 -5.12
CA VAL A 178 -1.59 7.23 -4.81
C VAL A 178 -1.26 6.95 -3.35
N HIS A 179 0.00 7.19 -2.98
CA HIS A 179 0.44 6.97 -1.60
C HIS A 179 0.42 8.26 -0.81
N GLY A 180 1.03 9.31 -1.37
CA GLY A 180 1.07 10.60 -0.69
C GLY A 180 -0.04 11.51 -1.14
N GLY A 181 -0.02 11.89 -2.42
CA GLY A 181 -1.05 12.78 -2.94
C GLY A 181 -0.62 13.48 -4.21
N LEU A 182 -1.04 14.73 -4.36
CA LEU A 182 -0.69 15.51 -5.55
C LEU A 182 0.70 16.12 -5.40
N SER A 183 1.18 16.76 -6.47
CA SER A 183 2.49 17.39 -6.47
C SER A 183 2.45 18.73 -7.18
N PRO A 184 3.31 19.66 -6.73
CA PRO A 184 3.40 21.00 -7.33
C PRO A 184 4.00 20.98 -8.73
N GLU A 185 4.89 20.01 -8.98
CA GLU A 185 5.53 19.88 -10.28
C GLU A 185 4.72 18.98 -11.20
N ILE A 186 3.52 18.62 -10.76
CA ILE A 186 2.64 17.76 -11.54
C ILE A 186 1.21 18.30 -11.57
N ASN A 187 0.86 18.95 -12.67
CA ASN A 187 -0.48 19.52 -12.83
C ASN A 187 -1.28 18.73 -13.85
N THR A 188 -0.66 17.72 -14.44
CA THR A 188 -1.32 16.88 -15.44
C THR A 188 -0.82 15.44 -15.37
N LEU A 189 -1.60 14.52 -15.92
CA LEU A 189 -1.24 13.11 -15.92
C LEU A 189 0.04 12.88 -16.72
N ASP A 190 0.25 13.70 -17.75
CA ASP A 190 1.44 13.60 -18.59
C ASP A 190 2.71 13.83 -17.76
N ASP A 191 2.61 14.72 -16.77
CA ASP A 191 3.73 15.04 -15.92
C ASP A 191 4.24 13.80 -15.19
N ILE A 192 3.33 12.87 -14.91
CA ILE A 192 3.68 11.64 -14.21
C ILE A 192 4.28 10.62 -15.17
N ARG A 193 3.70 10.52 -16.36
CA ARG A 193 4.19 9.59 -17.38
C ARG A 193 5.64 9.90 -17.75
N LYS A 194 5.97 11.18 -17.78
CA LYS A 194 7.32 11.61 -18.12
C LYS A 194 8.27 11.43 -16.93
N LEU A 195 7.84 10.64 -15.96
CA LEU A 195 8.65 10.39 -14.77
C LEU A 195 9.37 9.05 -14.88
N ASP A 196 10.48 8.93 -14.17
CA ASP A 196 11.27 7.70 -14.19
C ASP A 196 10.99 6.85 -12.94
N ARG A 197 10.34 5.70 -13.15
CA ARG A 197 10.00 4.81 -12.05
C ARG A 197 11.16 3.88 -11.73
N PHE A 198 11.83 3.40 -12.78
CA PHE A 198 12.97 2.50 -12.61
C PHE A 198 14.15 3.23 -11.99
N LYS A 199 14.04 3.56 -10.71
CA LYS A 199 15.10 4.26 -9.99
C LYS A 199 14.72 4.50 -8.54
N GLU A 200 15.69 4.94 -7.75
CA GLU A 200 15.45 5.22 -6.34
C GLU A 200 14.90 6.62 -6.13
N PRO A 201 13.92 6.76 -5.22
CA PRO A 201 13.29 8.04 -4.92
C PRO A 201 14.23 8.99 -4.19
N PRO A 202 14.46 10.17 -4.78
CA PRO A 202 15.34 11.19 -4.20
C PRO A 202 14.75 11.83 -2.95
N ALA A 203 15.57 12.57 -2.22
CA ALA A 203 15.12 13.23 -1.00
C ALA A 203 14.09 14.30 -1.31
N TYR A 204 13.92 14.60 -2.59
CA TYR A 204 12.96 15.61 -3.02
C TYR A 204 12.59 15.43 -4.49
N GLY A 205 11.61 16.20 -4.95
CA GLY A 205 11.18 16.11 -6.33
C GLY A 205 9.72 15.75 -6.46
N PRO A 206 9.25 15.58 -7.71
CA PRO A 206 7.85 15.24 -7.99
C PRO A 206 7.51 13.81 -7.58
N MET A 207 8.35 12.86 -7.99
CA MET A 207 8.13 11.46 -7.64
C MET A 207 8.19 11.25 -6.14
N CYS A 208 9.11 11.93 -5.48
CA CYS A 208 9.28 11.82 -4.03
C CYS A 208 8.08 12.45 -3.31
N ASP A 209 7.71 13.65 -3.72
CA ASP A 209 6.60 14.35 -3.11
C ASP A 209 5.33 13.50 -3.14
N ILE A 210 4.98 13.02 -4.33
CA ILE A 210 3.79 12.18 -4.49
C ILE A 210 3.74 11.08 -3.45
N LEU A 211 4.91 10.52 -3.13
CA LEU A 211 5.01 9.46 -2.15
C LEU A 211 5.08 10.02 -0.74
N TRP A 212 5.53 11.27 -0.62
CA TRP A 212 5.64 11.93 0.67
C TRP A 212 4.58 13.01 0.82
N SER A 213 3.83 13.25 -0.25
CA SER A 213 2.79 14.28 -0.24
C SER A 213 1.86 14.08 0.96
N ASP A 214 1.41 15.19 1.54
CA ASP A 214 0.51 15.14 2.69
C ASP A 214 -0.30 16.43 2.79
N PRO A 215 -1.51 16.31 3.35
CA PRO A 215 -2.42 17.45 3.52
C PRO A 215 -1.92 18.44 4.57
N LEU A 216 -2.33 19.69 4.43
CA LEU A 216 -1.92 20.74 5.36
C LEU A 216 -2.41 20.43 6.77
N GLU A 217 -1.70 20.95 7.77
CA GLU A 217 -2.06 20.73 9.17
C GLU A 217 -3.50 21.17 9.43
N ASP A 218 -4.04 21.98 8.52
CA ASP A 218 -5.40 22.47 8.65
C ASP A 218 -6.17 22.32 7.34
N PHE A 219 -6.26 21.09 6.85
CA PHE A 219 -6.96 20.82 5.61
C PHE A 219 -8.46 21.13 5.74
N GLY A 220 -8.79 22.02 6.66
CA GLY A 220 -10.18 22.38 6.88
C GLY A 220 -10.35 23.84 7.25
N ASN A 221 -9.99 24.19 8.48
CA ASN A 221 -10.10 25.56 8.94
C ASN A 221 -8.84 26.36 8.63
N GLU A 222 -8.67 26.72 7.37
CA GLU A 222 -7.50 27.47 6.93
C GLU A 222 -7.79 28.98 6.94
N LYS A 223 -6.76 29.77 7.21
CA LYS A 223 -6.90 31.23 7.25
C LYS A 223 -6.07 31.88 6.16
N THR A 224 -4.95 31.25 5.82
CA THR A 224 -4.05 31.77 4.78
C THR A 224 -4.59 31.44 3.39
N GLN A 225 -4.85 30.16 3.15
CA GLN A 225 -5.35 29.72 1.85
C GLN A 225 -4.21 29.40 0.90
N GLU A 226 -3.08 28.97 1.45
CA GLU A 226 -1.91 28.63 0.65
C GLU A 226 -2.12 27.31 -0.07
N HIS A 227 -1.74 27.27 -1.34
CA HIS A 227 -1.88 26.07 -2.15
C HIS A 227 -0.89 24.99 -1.70
N PHE A 228 0.39 25.28 -1.85
CA PHE A 228 1.44 24.35 -1.46
C PHE A 228 2.37 24.98 -0.43
N THR A 229 2.90 24.14 0.47
CA THR A 229 3.81 24.61 1.51
C THR A 229 4.82 23.53 1.88
N HIS A 230 5.92 23.95 2.51
CA HIS A 230 6.97 23.01 2.92
C HIS A 230 6.46 22.09 4.01
N ASN A 231 6.78 20.80 3.88
CA ASN A 231 6.36 19.80 4.86
C ASN A 231 7.33 19.75 6.03
N THR A 232 7.13 20.63 7.01
CA THR A 232 7.99 20.69 8.18
C THR A 232 7.69 19.53 9.13
N VAL A 233 6.45 19.04 9.09
CA VAL A 233 6.05 17.93 9.94
C VAL A 233 6.74 16.63 9.55
N ARG A 234 6.55 16.24 8.29
CA ARG A 234 7.15 15.01 7.77
C ARG A 234 8.66 15.18 7.61
N GLY A 235 9.12 16.42 7.70
CA GLY A 235 10.55 16.70 7.55
C GLY A 235 11.00 16.65 6.11
N CYS A 236 10.05 16.61 5.19
CA CYS A 236 10.36 16.56 3.76
C CYS A 236 9.09 16.65 2.92
N SER A 237 9.26 16.93 1.64
CA SER A 237 8.12 17.05 0.73
C SER A 237 7.40 18.38 0.94
N TYR A 238 6.10 18.39 0.63
CA TYR A 238 5.29 19.59 0.77
C TYR A 238 3.92 19.25 1.33
N PHE A 239 3.07 20.28 1.46
CA PHE A 239 1.71 20.09 1.97
C PHE A 239 0.69 20.72 1.05
N TYR A 240 -0.38 19.98 0.76
CA TYR A 240 -1.44 20.47 -0.11
C TYR A 240 -2.67 20.89 0.69
N SER A 241 -3.29 21.99 0.29
CA SER A 241 -4.47 22.49 0.97
C SER A 241 -5.75 22.04 0.26
N TYR A 242 -6.89 22.39 0.83
CA TYR A 242 -8.18 22.02 0.26
C TYR A 242 -8.35 22.64 -1.14
N PRO A 243 -8.00 23.92 -1.25
CA PRO A 243 -8.09 24.66 -2.52
C PRO A 243 -7.08 24.18 -3.55
N ALA A 244 -5.94 23.70 -3.07
CA ALA A 244 -4.88 23.22 -3.95
C ALA A 244 -5.32 21.92 -4.66
N VAL A 245 -5.83 20.98 -3.89
CA VAL A 245 -6.28 19.71 -4.43
C VAL A 245 -7.51 19.89 -5.31
N CYS A 246 -8.45 20.72 -4.85
CA CYS A 246 -9.67 20.99 -5.58
C CYS A 246 -9.36 21.58 -6.96
N GLU A 247 -8.26 22.30 -7.04
CA GLU A 247 -7.84 22.93 -8.30
C GLU A 247 -7.29 21.90 -9.27
N PHE A 248 -6.45 21.00 -8.76
CA PHE A 248 -5.85 19.96 -9.58
C PHE A 248 -6.92 19.01 -10.12
N LEU A 249 -7.84 18.61 -9.25
CA LEU A 249 -8.92 17.71 -9.64
C LEU A 249 -9.75 18.30 -10.78
N GLN A 250 -10.27 19.50 -10.56
CA GLN A 250 -11.08 20.17 -11.58
C GLN A 250 -10.33 20.25 -12.90
N HIS A 251 -9.04 20.59 -12.82
CA HIS A 251 -8.21 20.71 -14.02
C HIS A 251 -8.05 19.35 -14.71
N ASN A 252 -7.94 18.30 -13.90
CA ASN A 252 -7.78 16.95 -14.43
C ASN A 252 -9.12 16.21 -14.47
N ASN A 253 -10.19 16.93 -14.16
CA ASN A 253 -11.53 16.35 -14.15
C ASN A 253 -11.55 15.03 -13.41
N LEU A 254 -11.05 15.05 -12.17
CA LEU A 254 -11.01 13.84 -11.35
C LEU A 254 -12.19 13.80 -10.37
N LEU A 255 -12.62 12.60 -10.01
CA LEU A 255 -13.73 12.42 -9.09
C LEU A 255 -13.25 12.55 -7.65
N SER A 256 -12.28 11.71 -7.28
CA SER A 256 -11.73 11.72 -5.92
C SER A 256 -10.32 11.14 -5.90
N ILE A 257 -9.60 11.44 -4.83
CA ILE A 257 -8.23 10.95 -4.68
C ILE A 257 -8.12 9.94 -3.54
N LEU A 258 -7.92 8.68 -3.87
CA LEU A 258 -7.80 7.63 -2.88
C LEU A 258 -6.33 7.31 -2.60
N ARG A 259 -5.94 7.43 -1.34
CA ARG A 259 -4.56 7.15 -0.93
C ARG A 259 -4.48 6.88 0.56
N ALA A 260 -3.26 6.72 1.06
CA ALA A 260 -3.04 6.47 2.48
C ALA A 260 -1.89 7.32 3.03
N HIS A 261 -0.91 6.67 3.63
CA HIS A 261 0.24 7.37 4.20
C HIS A 261 -0.15 8.09 5.49
N GLU A 262 -1.44 8.09 5.79
CA GLU A 262 -1.94 8.75 6.99
C GLU A 262 -2.73 7.78 7.86
N ALA A 263 -2.18 7.46 9.03
CA ALA A 263 -2.83 6.54 9.96
C ALA A 263 -4.21 7.05 10.36
N GLN A 264 -5.15 6.13 10.48
CA GLN A 264 -6.52 6.48 10.85
C GLN A 264 -7.02 5.58 11.97
N ASP A 265 -7.71 6.18 12.94
CA ASP A 265 -8.25 5.43 14.07
C ASP A 265 -9.33 4.46 13.61
N ALA A 266 -9.97 4.78 12.50
CA ALA A 266 -11.04 3.95 11.95
C ALA A 266 -10.57 3.22 10.70
N GLY A 267 -9.28 3.33 10.40
CA GLY A 267 -8.73 2.67 9.23
C GLY A 267 -9.04 3.42 7.95
N TYR A 268 -9.72 4.55 8.08
CA TYR A 268 -10.10 5.36 6.92
C TYR A 268 -10.62 6.72 7.35
N ARG A 269 -10.69 7.65 6.40
CA ARG A 269 -11.18 9.00 6.68
C ARG A 269 -11.62 9.70 5.40
N MET A 270 -12.87 10.14 5.38
CA MET A 270 -13.41 10.82 4.21
C MET A 270 -13.50 12.33 4.46
N TYR A 271 -12.99 13.11 3.52
CA TYR A 271 -13.02 14.57 3.64
C TYR A 271 -14.21 15.15 2.90
N ARG A 272 -14.49 16.42 3.15
CA ARG A 272 -15.62 17.10 2.52
C ARG A 272 -15.72 16.71 1.04
N LYS A 273 -16.94 16.51 0.57
CA LYS A 273 -17.18 16.12 -0.81
C LYS A 273 -17.29 17.36 -1.70
N SER A 274 -17.19 17.15 -3.01
CA SER A 274 -17.28 18.25 -3.96
C SER A 274 -18.68 18.85 -3.98
N GLN A 275 -18.75 20.15 -4.19
CA GLN A 275 -20.04 20.85 -4.22
C GLN A 275 -20.88 20.39 -5.41
N THR A 276 -20.22 19.82 -6.41
CA THR A 276 -20.90 19.33 -7.61
C THR A 276 -21.36 17.89 -7.42
N THR A 277 -20.41 16.99 -7.23
CA THR A 277 -20.72 15.58 -7.04
C THR A 277 -20.76 15.22 -5.56
N GLY A 278 -21.63 14.27 -5.21
CA GLY A 278 -21.74 13.85 -3.83
C GLY A 278 -20.63 12.91 -3.41
N PHE A 279 -19.44 13.12 -3.94
CA PHE A 279 -18.30 12.28 -3.63
C PHE A 279 -17.21 13.09 -2.90
N PRO A 280 -16.44 12.40 -2.04
CA PRO A 280 -15.38 13.02 -1.27
C PRO A 280 -14.20 13.43 -2.14
N SER A 281 -13.70 14.65 -1.91
CA SER A 281 -12.57 15.17 -2.68
C SER A 281 -11.31 14.37 -2.40
N LEU A 282 -11.18 13.88 -1.17
CA LEU A 282 -10.02 13.10 -0.76
C LEU A 282 -10.42 11.98 0.18
N ILE A 283 -9.69 10.87 0.12
CA ILE A 283 -9.97 9.72 0.97
C ILE A 283 -8.68 9.05 1.43
N THR A 284 -8.58 8.81 2.74
CA THR A 284 -7.40 8.17 3.31
C THR A 284 -7.72 6.78 3.83
N ILE A 285 -6.99 5.79 3.33
CA ILE A 285 -7.19 4.41 3.75
C ILE A 285 -5.98 3.87 4.52
N PHE A 286 -6.25 3.21 5.64
CA PHE A 286 -5.17 2.65 6.46
C PHE A 286 -5.46 1.20 6.81
N SER A 287 -4.65 0.29 6.28
CA SER A 287 -4.82 -1.13 6.54
C SER A 287 -3.80 -1.63 7.54
N ALA A 288 -3.35 -0.74 8.42
CA ALA A 288 -2.36 -1.09 9.44
C ALA A 288 -2.92 -0.89 10.84
N PRO A 289 -3.58 -1.94 11.36
CA PRO A 289 -4.19 -1.91 12.69
C PRO A 289 -3.14 -1.90 13.80
N ASN A 290 -3.52 -1.38 14.97
CA ASN A 290 -2.61 -1.31 16.10
C ASN A 290 -1.25 -0.77 15.67
N TYR A 291 -1.24 0.42 15.07
CA TYR A 291 0.00 1.03 14.61
C TYR A 291 1.02 1.11 15.74
N LEU A 292 2.27 0.86 15.40
CA LEU A 292 3.35 0.90 16.39
C LEU A 292 3.06 -0.05 17.54
N ASP A 293 2.14 -0.99 17.33
CA ASP A 293 1.77 -1.95 18.35
C ASP A 293 1.28 -1.26 19.61
N VAL A 294 1.18 0.07 19.55
CA VAL A 294 0.71 0.86 20.68
C VAL A 294 -0.70 1.36 20.46
N TYR A 295 -0.87 2.20 19.44
CA TYR A 295 -2.18 2.75 19.13
C TYR A 295 -3.21 1.66 18.87
N ASN A 296 -4.42 1.85 19.37
CA ASN A 296 -5.49 0.86 19.19
C ASN A 296 -6.36 1.23 18.00
N ASN A 297 -5.73 1.72 16.94
CA ASN A 297 -6.46 2.10 15.74
C ASN A 297 -6.86 0.88 14.92
N LYS A 298 -7.97 0.99 14.20
CA LYS A 298 -8.47 -0.11 13.38
C LYS A 298 -8.05 0.07 11.92
N ALA A 299 -8.20 -1.00 11.14
CA ALA A 299 -7.83 -0.96 9.72
C ALA A 299 -9.08 -1.05 8.84
N ALA A 300 -8.90 -0.77 7.56
CA ALA A 300 -10.00 -0.83 6.61
C ALA A 300 -9.50 -0.72 5.17
N VAL A 301 -10.36 -1.06 4.22
CA VAL A 301 -9.99 -1.00 2.81
C VAL A 301 -11.16 -0.48 1.96
N LEU A 302 -10.83 0.35 0.97
CA LEU A 302 -11.85 0.91 0.09
C LEU A 302 -12.19 -0.05 -1.03
N LYS A 303 -13.49 -0.29 -1.21
CA LYS A 303 -13.97 -1.20 -2.26
C LYS A 303 -14.92 -0.48 -3.21
N TYR A 304 -14.44 -0.19 -4.42
CA TYR A 304 -15.25 0.49 -5.41
C TYR A 304 -15.73 -0.48 -6.48
N GLU A 305 -17.06 -0.61 -6.60
CA GLU A 305 -17.64 -1.52 -7.59
C GLU A 305 -19.05 -1.06 -7.96
N ASN A 306 -19.41 -1.24 -9.23
CA ASN A 306 -20.72 -0.85 -9.71
C ASN A 306 -21.13 0.51 -9.16
N ASN A 307 -20.23 1.48 -9.26
CA ASN A 307 -20.49 2.83 -8.77
C ASN A 307 -20.88 2.80 -7.29
N VAL A 308 -20.22 1.93 -6.54
CA VAL A 308 -20.50 1.81 -5.10
C VAL A 308 -19.20 1.78 -4.30
N MET A 309 -19.11 2.68 -3.33
CA MET A 309 -17.93 2.77 -2.48
C MET A 309 -18.20 2.14 -1.11
N ASN A 310 -17.78 0.89 -0.94
CA ASN A 310 -17.97 0.18 0.31
C ASN A 310 -16.69 0.16 1.13
N ILE A 311 -16.79 0.57 2.39
CA ILE A 311 -15.63 0.60 3.27
C ILE A 311 -15.68 -0.54 4.29
N ARG A 312 -14.67 -1.41 4.25
CA ARG A 312 -14.61 -2.55 5.17
C ARG A 312 -13.60 -2.29 6.27
N GLN A 313 -14.06 -2.41 7.53
CA GLN A 313 -13.19 -2.18 8.68
C GLN A 313 -12.73 -3.51 9.27
N PHE A 314 -11.57 -3.49 9.93
CA PHE A 314 -11.02 -4.69 10.54
C PHE A 314 -10.23 -4.34 11.80
N ASN A 315 -10.07 -5.32 12.68
CA ASN A 315 -9.34 -5.13 13.92
C ASN A 315 -7.94 -5.73 13.84
N CYS A 316 -7.13 -5.46 14.85
CA CYS A 316 -5.77 -5.98 14.89
C CYS A 316 -5.77 -7.50 14.99
N SER A 317 -4.61 -8.11 14.73
CA SER A 317 -4.48 -9.56 14.79
C SER A 317 -3.38 -9.97 15.76
N PRO A 318 -3.44 -11.22 16.24
CA PRO A 318 -2.46 -11.75 17.19
C PRO A 318 -1.09 -11.97 16.54
N HIS A 319 -0.03 -11.73 17.30
CA HIS A 319 1.33 -11.90 16.81
C HIS A 319 2.32 -12.01 17.96
N PRO A 320 3.47 -12.63 17.69
CA PRO A 320 4.53 -12.80 18.69
C PRO A 320 5.21 -11.49 19.06
N TYR A 321 5.89 -11.48 20.20
CA TYR A 321 6.58 -10.29 20.67
C TYR A 321 8.02 -10.26 20.17
N TRP A 322 8.43 -9.10 19.65
CA TRP A 322 9.78 -8.93 19.13
C TRP A 322 10.43 -7.67 19.69
N LEU A 323 11.63 -7.82 20.23
CA LEU A 323 12.36 -6.69 20.80
C LEU A 323 12.77 -5.71 19.71
N PRO A 324 13.16 -4.49 20.14
CA PRO A 324 13.58 -3.43 19.21
C PRO A 324 14.93 -3.74 18.58
N ASN A 325 15.00 -3.60 17.26
CA ASN A 325 16.24 -3.86 16.52
C ASN A 325 16.67 -5.31 16.69
N PHE A 326 15.72 -6.17 17.01
CA PHE A 326 16.01 -7.59 17.21
C PHE A 326 17.01 -7.80 18.34
N MET A 327 17.02 -6.86 19.28
CA MET A 327 17.92 -6.94 20.42
C MET A 327 17.61 -8.16 21.29
N GLY B 1 -24.00 13.22 5.49
CA GLY B 1 -24.73 13.63 4.30
C GLY B 1 -25.23 12.45 3.49
N PRO B 2 -25.98 12.75 2.42
CA PRO B 2 -26.55 11.71 1.55
C PRO B 2 -25.48 11.00 0.72
N HIS B 3 -25.92 10.18 -0.23
CA HIS B 3 -25.00 9.44 -1.08
C HIS B 3 -25.77 8.59 -2.09
N PRO B 4 -25.11 8.24 -3.20
CA PRO B 4 -25.70 7.42 -4.25
C PRO B 4 -25.92 5.97 -3.81
N VAL B 5 -24.89 5.14 -3.99
CA VAL B 5 -24.97 3.74 -3.61
C VAL B 5 -23.95 3.41 -2.52
N ILE B 6 -23.24 4.43 -2.05
CA ILE B 6 -22.23 4.25 -1.01
C ILE B 6 -22.83 3.60 0.23
N VAL B 7 -22.11 2.63 0.80
CA VAL B 7 -22.58 1.93 1.99
C VAL B 7 -21.40 1.46 2.85
N ILE B 8 -21.68 1.15 4.10
CA ILE B 8 -20.65 0.68 5.02
C ILE B 8 -21.16 -0.47 5.88
N THR B 9 -20.36 -1.53 5.96
CA THR B 9 -20.73 -2.70 6.76
C THR B 9 -19.53 -3.61 6.99
N GLY B 10 -19.14 -3.75 8.25
CA GLY B 10 -18.00 -4.59 8.58
C GLY B 10 -17.96 -4.96 10.04
N PRO B 11 -17.02 -5.83 10.42
CA PRO B 11 -16.85 -6.29 11.80
C PRO B 11 -16.33 -5.18 12.72
N HIS B 12 -15.01 -5.05 12.78
CA HIS B 12 -14.38 -4.04 13.61
C HIS B 12 -15.04 -3.98 14.99
N GLU B 13 -14.79 -2.90 15.72
CA GLU B 13 -15.36 -2.73 17.05
C GLU B 13 -14.91 -1.40 17.67
N GLU B 14 -15.74 -0.38 17.52
CA GLU B 14 -15.43 0.94 18.06
C GLU B 14 -15.04 0.85 19.53
N LEU B 15 -14.42 1.90 20.04
CA LEU B 15 -13.99 1.94 21.43
C LEU B 15 -13.47 3.33 21.81
N GLU B 16 -14.27 4.08 22.55
CA GLU B 16 -13.89 5.42 22.98
C GLU B 16 -13.60 6.31 21.77
N VAL A 1 2.03 -21.75 22.75
CA VAL A 1 2.30 -20.99 21.54
C VAL A 1 2.83 -21.88 20.43
N PRO A 2 2.47 -21.57 19.18
CA PRO A 2 2.90 -22.32 18.00
C PRO A 2 4.38 -22.16 17.72
N PHE A 3 4.98 -23.17 17.08
CA PHE A 3 6.40 -23.13 16.74
C PHE A 3 6.60 -23.10 15.23
N PRO A 4 7.54 -22.25 14.78
CA PRO A 4 7.84 -22.11 13.35
C PRO A 4 8.54 -23.33 12.78
N PRO A 5 8.05 -23.81 11.62
CA PRO A 5 8.61 -24.99 10.96
C PRO A 5 9.99 -24.72 10.37
N SER A 6 10.94 -25.59 10.70
CA SER A 6 12.31 -25.44 10.21
C SER A 6 12.40 -25.83 8.74
N HIS A 7 11.47 -26.67 8.29
CA HIS A 7 11.45 -27.12 6.90
C HIS A 7 11.10 -25.97 5.96
N ARG A 8 12.04 -25.61 5.09
CA ARG A 8 11.81 -24.53 4.14
C ARG A 8 11.19 -25.05 2.85
N LEU A 9 10.13 -24.38 2.41
CA LEU A 9 9.44 -24.78 1.19
C LEU A 9 10.34 -24.63 -0.02
N THR A 10 10.29 -25.61 -0.92
CA THR A 10 11.11 -25.59 -2.13
C THR A 10 10.32 -25.05 -3.32
N ALA A 11 11.03 -24.73 -4.40
CA ALA A 11 10.39 -24.21 -5.59
C ALA A 11 9.28 -25.14 -6.07
N LYS A 12 9.63 -26.40 -6.28
CA LYS A 12 8.66 -27.40 -6.74
C LYS A 12 7.51 -27.53 -5.76
N GLU A 13 7.72 -27.04 -4.54
CA GLU A 13 6.69 -27.10 -3.51
C GLU A 13 5.76 -25.89 -3.58
N VAL A 14 6.31 -24.76 -4.00
CA VAL A 14 5.53 -23.53 -4.11
C VAL A 14 4.92 -23.41 -5.51
N PHE A 15 5.67 -23.83 -6.52
CA PHE A 15 5.20 -23.76 -7.89
C PHE A 15 4.91 -25.15 -8.45
N ASP A 16 3.76 -25.31 -9.09
CA ASP A 16 3.37 -26.59 -9.66
C ASP A 16 3.98 -26.78 -11.04
N ASN A 17 3.71 -27.93 -11.65
CA ASN A 17 4.25 -28.24 -12.98
C ASN A 17 3.84 -27.16 -13.99
N ASP A 18 2.69 -26.55 -13.76
CA ASP A 18 2.19 -25.51 -14.63
C ASP A 18 2.90 -24.18 -14.37
N GLY A 19 3.83 -24.20 -13.43
CA GLY A 19 4.57 -22.99 -13.10
C GLY A 19 3.75 -22.01 -12.30
N LYS A 20 2.59 -22.46 -11.82
CA LYS A 20 1.71 -21.62 -11.03
C LYS A 20 1.94 -21.83 -9.54
N PRO A 21 2.10 -20.72 -8.80
CA PRO A 21 2.33 -20.76 -7.35
C PRO A 21 1.09 -21.21 -6.58
N ARG A 22 1.31 -21.94 -5.49
CA ARG A 22 0.22 -22.43 -4.67
C ARG A 22 -0.01 -21.53 -3.45
N VAL A 23 -0.70 -20.42 -3.67
CA VAL A 23 -0.98 -19.48 -2.59
C VAL A 23 -1.58 -20.18 -1.37
N ASP A 24 -2.26 -21.30 -1.62
CA ASP A 24 -2.88 -22.07 -0.56
C ASP A 24 -1.83 -22.72 0.34
N ILE A 25 -0.82 -23.32 -0.29
CA ILE A 25 0.26 -23.98 0.45
C ILE A 25 1.13 -22.96 1.18
N LEU A 26 1.38 -21.83 0.51
CA LEU A 26 2.20 -20.78 1.10
C LEU A 26 1.49 -20.11 2.27
N LYS A 27 0.23 -19.74 2.06
CA LYS A 27 -0.57 -19.10 3.09
C LYS A 27 -0.54 -19.92 4.38
N ALA A 28 -0.88 -21.20 4.27
CA ALA A 28 -0.89 -22.09 5.43
C ALA A 28 0.47 -22.12 6.10
N HIS A 29 1.51 -22.27 5.30
CA HIS A 29 2.88 -22.32 5.82
C HIS A 29 3.22 -21.03 6.55
N LEU A 30 3.07 -19.91 5.86
CA LEU A 30 3.37 -18.60 6.44
C LEU A 30 2.63 -18.41 7.77
N MET A 31 1.40 -18.89 7.82
CA MET A 31 0.59 -18.78 9.03
C MET A 31 1.25 -19.49 10.20
N LYS A 32 2.06 -20.50 9.90
CA LYS A 32 2.77 -21.26 10.92
C LYS A 32 4.17 -20.71 11.14
N GLU A 33 4.43 -19.53 10.58
CA GLU A 33 5.74 -18.89 10.72
C GLU A 33 6.80 -19.67 9.95
N GLY A 34 6.41 -20.20 8.79
CA GLY A 34 7.34 -20.96 7.98
C GLY A 34 8.06 -20.10 6.96
N ARG A 35 9.31 -20.46 6.64
CA ARG A 35 10.10 -19.70 5.67
C ARG A 35 10.39 -20.55 4.44
N LEU A 36 10.70 -19.87 3.33
CA LEU A 36 11.00 -20.57 2.08
C LEU A 36 12.51 -20.61 1.83
N GLU A 37 12.91 -21.32 0.78
CA GLU A 37 14.32 -21.44 0.43
C GLU A 37 14.81 -20.16 -0.23
N GLU A 38 16.03 -19.75 0.13
CA GLU A 38 16.63 -18.54 -0.43
C GLU A 38 16.46 -18.50 -1.94
N SER A 39 16.51 -19.68 -2.57
CA SER A 39 16.37 -19.78 -4.01
C SER A 39 14.95 -19.46 -4.45
N VAL A 40 13.98 -19.97 -3.71
CA VAL A 40 12.57 -19.74 -4.01
C VAL A 40 12.21 -18.27 -3.83
N ALA A 41 12.59 -17.71 -2.69
CA ALA A 41 12.30 -16.31 -2.38
C ALA A 41 12.85 -15.39 -3.46
N LEU A 42 14.08 -15.66 -3.90
CA LEU A 42 14.72 -14.86 -4.93
C LEU A 42 13.98 -14.97 -6.25
N ARG A 43 13.45 -16.17 -6.52
CA ARG A 43 12.71 -16.41 -7.75
C ARG A 43 11.41 -15.60 -7.79
N ILE A 44 10.70 -15.60 -6.66
CA ILE A 44 9.45 -14.86 -6.56
C ILE A 44 9.67 -13.36 -6.73
N ILE A 45 10.65 -12.82 -6.02
CA ILE A 45 10.97 -11.41 -6.10
C ILE A 45 11.40 -11.02 -7.51
N THR A 46 12.37 -11.75 -8.06
CA THR A 46 12.87 -11.47 -9.40
C THR A 46 11.77 -11.65 -10.43
N GLU A 47 10.89 -12.62 -10.22
CA GLU A 47 9.80 -12.89 -11.15
C GLU A 47 8.77 -11.75 -11.10
N GLY A 48 8.55 -11.20 -9.91
CA GLY A 48 7.61 -10.12 -9.76
C GLY A 48 8.12 -8.81 -10.33
N ALA A 49 9.42 -8.56 -10.17
CA ALA A 49 10.03 -7.34 -10.67
C ALA A 49 9.94 -7.26 -12.19
N SER A 50 10.16 -8.40 -12.85
CA SER A 50 10.12 -8.47 -14.30
C SER A 50 8.75 -8.04 -14.82
N ILE A 51 7.70 -8.50 -14.14
CA ILE A 51 6.34 -8.16 -14.54
C ILE A 51 6.05 -6.68 -14.31
N LEU A 52 6.41 -6.18 -13.13
CA LEU A 52 6.19 -4.78 -12.79
C LEU A 52 6.97 -3.87 -13.73
N ARG A 53 8.19 -4.27 -14.06
CA ARG A 53 9.03 -3.49 -14.96
C ARG A 53 8.34 -3.24 -16.28
N GLN A 54 7.46 -4.16 -16.68
CA GLN A 54 6.72 -4.03 -17.92
C GLN A 54 5.54 -3.08 -17.78
N GLU A 55 5.11 -2.87 -16.53
CA GLU A 55 3.99 -1.99 -16.25
C GLU A 55 4.40 -0.52 -16.41
N LYS A 56 3.41 0.36 -16.46
CA LYS A 56 3.67 1.79 -16.60
C LYS A 56 3.53 2.51 -15.26
N ASN A 57 4.13 3.70 -15.16
CA ASN A 57 4.06 4.48 -13.94
C ASN A 57 2.62 4.59 -13.44
N LEU A 58 1.70 4.85 -14.36
CA LEU A 58 0.29 5.00 -14.02
C LEU A 58 -0.51 3.80 -14.53
N LEU A 59 -0.81 2.87 -13.63
CA LEU A 59 -1.57 1.67 -13.99
C LEU A 59 -3.03 2.02 -14.26
N ASP A 60 -3.72 1.15 -14.97
CA ASP A 60 -5.13 1.35 -15.30
C ASP A 60 -6.00 0.30 -14.63
N ILE A 61 -6.69 0.70 -13.57
CA ILE A 61 -7.58 -0.21 -12.85
C ILE A 61 -9.04 0.11 -13.11
N ASP A 62 -9.88 -0.91 -13.00
CA ASP A 62 -11.33 -0.73 -13.22
C ASP A 62 -12.00 -0.18 -11.98
N ALA A 63 -13.27 0.17 -12.12
CA ALA A 63 -14.04 0.72 -11.00
C ALA A 63 -14.09 -0.26 -9.83
N PRO A 64 -14.52 -1.49 -10.10
CA PRO A 64 -14.62 -2.55 -9.10
C PRO A 64 -13.24 -3.03 -8.62
N VAL A 65 -12.78 -2.46 -7.51
CA VAL A 65 -11.48 -2.84 -6.96
C VAL A 65 -11.41 -2.52 -5.46
N THR A 66 -10.59 -3.26 -4.75
CA THR A 66 -10.42 -3.05 -3.31
C THR A 66 -9.08 -2.41 -2.99
N VAL A 67 -9.13 -1.17 -2.50
CA VAL A 67 -7.92 -0.44 -2.16
C VAL A 67 -7.48 -0.74 -0.72
N CYS A 68 -6.18 -0.95 -0.53
CA CYS A 68 -5.64 -1.25 0.78
C CYS A 68 -4.63 -0.18 1.21
N GLY A 69 -4.58 0.09 2.51
CA GLY A 69 -3.67 1.10 3.02
C GLY A 69 -2.32 0.51 3.39
N ASP A 70 -1.51 1.28 4.11
CA ASP A 70 -0.19 0.83 4.52
C ASP A 70 -0.27 -0.50 5.26
N ILE A 71 0.71 -1.37 5.03
CA ILE A 71 0.75 -2.67 5.68
C ILE A 71 1.83 -2.73 6.75
N HIS A 72 3.00 -2.18 6.42
CA HIS A 72 4.12 -2.17 7.35
C HIS A 72 4.53 -3.59 7.74
N GLY A 73 4.81 -4.41 6.72
CA GLY A 73 5.21 -5.78 6.97
C GLY A 73 4.31 -6.47 7.97
N GLN A 74 3.06 -6.03 8.05
CA GLN A 74 2.11 -6.62 8.98
C GLN A 74 1.38 -7.80 8.34
N PHE A 75 2.13 -8.86 8.05
CA PHE A 75 1.55 -10.05 7.44
C PHE A 75 0.34 -10.55 8.23
N PHE A 76 0.49 -10.58 9.56
CA PHE A 76 -0.57 -11.04 10.43
C PHE A 76 -1.86 -10.27 10.16
N ASP A 77 -1.72 -9.02 9.74
CA ASP A 77 -2.88 -8.18 9.44
C ASP A 77 -3.27 -8.29 7.97
N LEU A 78 -2.35 -8.80 7.16
CA LEU A 78 -2.60 -8.95 5.73
C LEU A 78 -3.50 -10.15 5.46
N MET A 79 -3.40 -11.16 6.32
CA MET A 79 -4.21 -12.37 6.18
C MET A 79 -5.68 -12.07 6.46
N LYS A 80 -5.93 -11.31 7.52
CA LYS A 80 -7.29 -10.95 7.91
C LYS A 80 -7.92 -10.02 6.88
N LEU A 81 -7.12 -9.09 6.37
CA LEU A 81 -7.61 -8.14 5.37
C LEU A 81 -8.24 -8.86 4.19
N PHE A 82 -7.53 -9.85 3.65
CA PHE A 82 -8.03 -10.62 2.52
C PHE A 82 -9.31 -11.37 2.89
N GLU A 83 -9.41 -11.77 4.15
CA GLU A 83 -10.58 -12.49 4.63
C GLU A 83 -11.81 -11.60 4.61
N VAL A 84 -11.65 -10.35 5.05
CA VAL A 84 -12.76 -9.41 5.09
C VAL A 84 -13.04 -8.84 3.68
N GLY A 85 -11.98 -8.62 2.93
CA GLY A 85 -12.13 -8.08 1.58
C GLY A 85 -12.54 -9.15 0.59
N GLY A 86 -12.15 -10.39 0.84
CA GLY A 86 -12.49 -11.48 -0.04
C GLY A 86 -11.26 -12.12 -0.68
N SER A 87 -11.44 -13.32 -1.22
CA SER A 87 -10.34 -14.04 -1.85
C SER A 87 -9.89 -13.34 -3.12
N PRO A 88 -8.57 -13.22 -3.30
CA PRO A 88 -7.98 -12.58 -4.48
C PRO A 88 -8.17 -13.39 -5.74
N ALA A 89 -8.56 -14.65 -5.58
CA ALA A 89 -8.79 -15.53 -6.71
C ALA A 89 -9.92 -15.02 -7.60
N ASN A 90 -10.84 -14.28 -6.99
CA ASN A 90 -11.98 -13.73 -7.73
C ASN A 90 -12.25 -12.29 -7.31
N THR A 91 -11.31 -11.70 -6.57
CA THR A 91 -11.46 -10.33 -6.10
C THR A 91 -10.22 -9.50 -6.44
N ARG A 92 -10.45 -8.32 -7.02
CA ARG A 92 -9.36 -7.44 -7.40
C ARG A 92 -8.90 -6.60 -6.22
N TYR A 93 -7.59 -6.61 -5.97
CA TYR A 93 -7.02 -5.86 -4.86
C TYR A 93 -6.03 -4.81 -5.35
N LEU A 94 -5.81 -3.78 -4.56
CA LEU A 94 -4.88 -2.72 -4.91
C LEU A 94 -4.18 -2.16 -3.67
N PHE A 95 -2.85 -2.26 -3.65
CA PHE A 95 -2.06 -1.77 -2.53
C PHE A 95 -1.50 -0.39 -2.83
N LEU A 96 -1.48 0.47 -1.81
CA LEU A 96 -0.96 1.82 -1.96
C LEU A 96 0.53 1.88 -1.62
N GLY A 97 1.13 0.72 -1.39
CA GLY A 97 2.54 0.66 -1.06
C GLY A 97 2.78 0.48 0.42
N ASP A 98 3.99 0.79 0.87
CA ASP A 98 4.34 0.66 2.28
C ASP A 98 4.02 -0.75 2.78
N TYR A 99 4.76 -1.74 2.29
CA TYR A 99 4.55 -3.12 2.69
C TYR A 99 5.65 -3.58 3.64
N VAL A 100 6.72 -2.79 3.72
CA VAL A 100 7.84 -3.12 4.60
C VAL A 100 8.03 -2.06 5.68
N ASP A 101 8.99 -2.29 6.57
CA ASP A 101 9.26 -1.36 7.65
C ASP A 101 8.20 -1.47 8.74
N ARG A 102 8.57 -1.08 9.96
CA ARG A 102 7.65 -1.12 11.09
C ARG A 102 7.45 -2.56 11.55
N GLY A 103 6.80 -3.36 10.71
CA GLY A 103 6.55 -4.75 11.07
C GLY A 103 7.77 -5.63 10.88
N TYR A 104 7.94 -6.60 11.76
CA TYR A 104 9.09 -7.51 11.70
C TYR A 104 8.79 -8.67 10.76
N PHE A 105 7.81 -8.49 9.88
CA PHE A 105 7.42 -9.52 8.92
C PHE A 105 7.26 -8.94 7.53
N SER A 106 8.12 -7.98 7.19
CA SER A 106 8.06 -7.33 5.88
C SER A 106 8.35 -8.33 4.77
N ILE A 107 9.29 -9.24 5.03
CA ILE A 107 9.66 -10.25 4.05
C ILE A 107 8.47 -11.12 3.68
N GLU A 108 7.66 -11.48 4.67
CA GLU A 108 6.48 -12.30 4.44
C GLU A 108 5.44 -11.56 3.60
N CYS A 109 5.37 -10.25 3.79
CA CYS A 109 4.42 -9.42 3.05
C CYS A 109 4.84 -9.28 1.59
N VAL A 110 6.12 -8.97 1.37
CA VAL A 110 6.66 -8.82 0.03
C VAL A 110 6.60 -10.13 -0.74
N LEU A 111 6.98 -11.22 -0.08
CA LEU A 111 6.97 -12.54 -0.72
C LEU A 111 5.54 -12.94 -1.10
N TYR A 112 4.63 -12.80 -0.15
CA TYR A 112 3.23 -13.15 -0.39
C TYR A 112 2.59 -12.22 -1.41
N LEU A 113 2.95 -10.94 -1.34
CA LEU A 113 2.42 -9.94 -2.26
C LEU A 113 2.95 -10.17 -3.67
N TRP A 114 4.23 -10.53 -3.77
CA TRP A 114 4.86 -10.77 -5.06
C TRP A 114 4.29 -12.02 -5.71
N ALA A 115 4.12 -13.08 -4.92
CA ALA A 115 3.59 -14.33 -5.43
C ALA A 115 2.15 -14.16 -5.90
N LEU A 116 1.37 -13.38 -5.15
CA LEU A 116 -0.02 -13.14 -5.49
C LEU A 116 -0.14 -12.30 -6.76
N LYS A 117 0.84 -11.42 -6.97
CA LYS A 117 0.85 -10.55 -8.14
C LYS A 117 1.17 -11.35 -9.40
N ILE A 118 2.08 -12.31 -9.28
CA ILE A 118 2.48 -13.15 -10.41
C ILE A 118 1.36 -14.11 -10.78
N LEU A 119 0.61 -14.56 -9.78
CA LEU A 119 -0.48 -15.49 -10.00
C LEU A 119 -1.70 -14.77 -10.60
N TYR A 120 -1.98 -13.59 -10.09
CA TYR A 120 -3.11 -12.80 -10.57
C TYR A 120 -2.70 -11.35 -10.83
N PRO A 121 -1.77 -11.17 -11.78
CA PRO A 121 -1.27 -9.84 -12.15
C PRO A 121 -2.31 -9.01 -12.86
N LYS A 122 -3.47 -9.61 -13.13
CA LYS A 122 -4.55 -8.92 -13.81
C LYS A 122 -5.69 -8.59 -12.85
N THR A 123 -5.50 -8.96 -11.58
CA THR A 123 -6.52 -8.71 -10.56
C THR A 123 -5.88 -8.11 -9.31
N LEU A 124 -4.57 -8.25 -9.18
CA LEU A 124 -3.85 -7.73 -8.03
C LEU A 124 -2.80 -6.70 -8.46
N PHE A 125 -2.98 -5.46 -8.01
CA PHE A 125 -2.06 -4.39 -8.36
C PHE A 125 -1.35 -3.88 -7.11
N LEU A 126 -0.05 -3.62 -7.23
CA LEU A 126 0.74 -3.13 -6.11
C LEU A 126 1.48 -1.84 -6.49
N LEU A 127 1.32 -0.80 -5.68
CA LEU A 127 1.97 0.47 -5.94
C LEU A 127 3.16 0.67 -5.00
N ARG A 128 4.08 1.55 -5.40
CA ARG A 128 5.26 1.83 -4.60
C ARG A 128 4.98 2.92 -3.57
N GLY A 129 5.56 2.78 -2.38
CA GLY A 129 5.35 3.77 -1.35
C GLY A 129 6.64 4.45 -0.93
N ASN A 130 6.52 5.50 -0.14
CA ASN A 130 7.68 6.26 0.33
C ASN A 130 8.64 5.34 1.09
N HIS A 131 8.14 4.19 1.53
CA HIS A 131 8.96 3.23 2.26
C HIS A 131 9.67 2.28 1.30
N GLU A 132 9.19 2.22 0.07
CA GLU A 132 9.78 1.35 -0.94
C GLU A 132 11.09 1.95 -1.47
N CYS A 133 12.10 2.01 -0.61
CA CYS A 133 13.40 2.55 -1.00
C CYS A 133 14.52 1.84 -0.27
N ARG A 134 15.76 2.23 -0.57
CA ARG A 134 16.92 1.61 0.06
C ARG A 134 17.34 2.39 1.29
N HIS A 135 17.46 3.71 1.16
CA HIS A 135 17.84 4.57 2.27
C HIS A 135 16.96 4.32 3.49
N LEU A 136 15.66 4.16 3.24
CA LEU A 136 14.71 3.93 4.32
C LEU A 136 14.87 2.51 4.88
N THR A 137 14.98 1.53 3.99
CA THR A 137 15.13 0.14 4.40
C THR A 137 16.38 -0.05 5.25
N GLU A 138 17.40 0.77 4.98
CA GLU A 138 18.66 0.69 5.72
C GLU A 138 18.49 1.24 7.13
N TYR A 139 17.67 2.28 7.27
CA TYR A 139 17.42 2.89 8.56
C TYR A 139 16.48 2.04 9.40
N PHE A 140 15.44 1.51 8.76
CA PHE A 140 14.46 0.67 9.45
C PHE A 140 15.05 -0.70 9.77
N THR A 141 14.20 -1.60 10.25
CA THR A 141 14.64 -2.95 10.60
C THR A 141 14.42 -3.91 9.44
N PHE A 142 14.17 -3.37 8.26
CA PHE A 142 13.95 -4.18 7.07
C PHE A 142 15.23 -4.88 6.64
N LYS A 143 16.27 -4.10 6.41
CA LYS A 143 17.56 -4.64 5.99
C LYS A 143 18.05 -5.70 6.98
N GLN A 144 18.07 -5.35 8.25
CA GLN A 144 18.51 -6.26 9.30
C GLN A 144 17.68 -7.54 9.29
N GLU A 145 16.40 -7.39 8.99
CA GLU A 145 15.49 -8.54 8.95
C GLU A 145 15.88 -9.51 7.84
N CYS A 146 16.08 -8.98 6.64
CA CYS A 146 16.48 -9.79 5.50
C CYS A 146 17.79 -10.53 5.77
N LYS A 147 18.67 -9.87 6.51
CA LYS A 147 19.97 -10.45 6.84
C LYS A 147 19.84 -11.48 7.96
N ILE A 148 18.89 -11.24 8.86
CA ILE A 148 18.66 -12.14 9.98
C ILE A 148 17.89 -13.39 9.54
N LYS A 149 16.92 -13.19 8.65
CA LYS A 149 16.12 -14.30 8.13
C LYS A 149 16.80 -14.97 6.95
N TYR A 150 17.30 -14.16 6.03
CA TYR A 150 17.97 -14.67 4.84
C TYR A 150 19.38 -14.11 4.72
N SER A 151 19.57 -13.19 3.78
CA SER A 151 20.87 -12.56 3.56
C SER A 151 20.72 -11.28 2.75
N GLU A 152 21.84 -10.62 2.48
CA GLU A 152 21.85 -9.38 1.73
C GLU A 152 21.39 -9.62 0.29
N ARG A 153 21.52 -10.86 -0.17
CA ARG A 153 21.12 -11.22 -1.52
C ARG A 153 19.64 -10.94 -1.75
N VAL A 154 18.81 -11.37 -0.81
CA VAL A 154 17.36 -11.17 -0.90
C VAL A 154 17.01 -9.68 -0.77
N TYR A 155 17.71 -9.00 0.14
CA TYR A 155 17.46 -7.58 0.36
C TYR A 155 17.69 -6.77 -0.91
N ASP A 156 18.85 -6.98 -1.52
CA ASP A 156 19.21 -6.28 -2.75
C ASP A 156 18.18 -6.55 -3.85
N ALA A 157 17.71 -7.80 -3.93
CA ALA A 157 16.72 -8.18 -4.92
C ALA A 157 15.44 -7.37 -4.77
N CYS A 158 14.98 -7.25 -3.52
CA CYS A 158 13.75 -6.51 -3.24
C CYS A 158 13.91 -5.05 -3.64
N MET A 159 15.06 -4.46 -3.33
CA MET A 159 15.33 -3.07 -3.66
C MET A 159 15.19 -2.83 -5.16
N ASP A 160 15.85 -3.66 -5.96
CA ASP A 160 15.79 -3.54 -7.41
C ASP A 160 14.39 -3.79 -7.92
N ALA A 161 13.65 -4.65 -7.23
CA ALA A 161 12.28 -4.98 -7.62
C ALA A 161 11.33 -3.82 -7.30
N PHE A 162 11.52 -3.21 -6.13
CA PHE A 162 10.68 -2.10 -5.70
C PHE A 162 10.74 -0.96 -6.71
N ASP A 163 11.89 -0.78 -7.33
CA ASP A 163 12.08 0.27 -8.31
C ASP A 163 11.23 0.01 -9.56
N CYS A 164 10.70 -1.19 -9.65
CA CYS A 164 9.86 -1.57 -10.78
C CYS A 164 8.39 -1.35 -10.48
N LEU A 165 8.09 -1.05 -9.22
CA LEU A 165 6.72 -0.81 -8.80
C LEU A 165 6.18 0.50 -9.38
N PRO A 166 4.86 0.53 -9.63
CA PRO A 166 4.19 1.71 -10.19
C PRO A 166 4.13 2.87 -9.19
N LEU A 167 3.97 4.08 -9.70
CA LEU A 167 3.90 5.27 -8.87
C LEU A 167 2.44 5.61 -8.52
N ALA A 168 1.56 5.44 -9.50
CA ALA A 168 0.15 5.73 -9.31
C ALA A 168 -0.72 4.83 -10.18
N ALA A 169 -2.03 4.94 -10.02
CA ALA A 169 -2.97 4.13 -10.80
C ALA A 169 -4.28 4.90 -11.04
N LEU A 170 -4.83 4.75 -12.23
CA LEU A 170 -6.08 5.43 -12.59
C LEU A 170 -7.25 4.46 -12.48
N MET A 171 -7.99 4.55 -11.38
CA MET A 171 -9.14 3.69 -11.17
C MET A 171 -10.36 4.22 -11.92
N ASN A 172 -10.81 3.47 -12.92
CA ASN A 172 -11.95 3.86 -13.72
C ASN A 172 -11.72 5.21 -14.40
N GLN A 173 -10.45 5.55 -14.60
CA GLN A 173 -10.09 6.81 -15.23
C GLN A 173 -10.81 7.99 -14.58
N GLN A 174 -11.18 7.81 -13.31
CA GLN A 174 -11.89 8.85 -12.57
C GLN A 174 -11.19 9.14 -11.25
N PHE A 175 -10.75 8.08 -10.56
CA PHE A 175 -10.08 8.22 -9.28
C PHE A 175 -8.57 8.00 -9.43
N LEU A 176 -7.79 8.76 -8.67
CA LEU A 176 -6.34 8.66 -8.72
C LEU A 176 -5.80 7.95 -7.48
N CYS A 177 -5.18 6.79 -7.68
CA CYS A 177 -4.62 6.02 -6.59
C CYS A 177 -3.15 6.35 -6.38
N VAL A 178 -2.81 6.82 -5.18
CA VAL A 178 -1.43 7.18 -4.86
C VAL A 178 -1.12 6.91 -3.39
N HIS A 179 0.13 7.14 -3.01
CA HIS A 179 0.55 6.92 -1.63
C HIS A 179 0.53 8.22 -0.84
N GLY A 180 1.12 9.27 -1.41
CA GLY A 180 1.16 10.55 -0.75
C GLY A 180 0.03 11.47 -1.19
N GLY A 181 0.02 11.82 -2.47
CA GLY A 181 -1.02 12.69 -2.99
C GLY A 181 -0.61 13.38 -4.28
N LEU A 182 -1.06 14.62 -4.46
CA LEU A 182 -0.73 15.38 -5.65
C LEU A 182 0.65 16.03 -5.52
N SER A 183 1.09 16.67 -6.60
CA SER A 183 2.40 17.32 -6.61
C SER A 183 2.33 18.65 -7.36
N PRO A 184 3.17 19.61 -6.94
CA PRO A 184 3.22 20.94 -7.55
C PRO A 184 3.80 20.91 -8.96
N GLU A 185 4.71 19.97 -9.20
CA GLU A 185 5.35 19.83 -10.51
C GLU A 185 4.56 18.88 -11.39
N ILE A 186 3.37 18.49 -10.92
CA ILE A 186 2.52 17.58 -11.68
C ILE A 186 1.08 18.07 -11.70
N ASN A 187 0.68 18.67 -12.82
CA ASN A 187 -0.67 19.20 -12.96
C ASN A 187 -1.47 18.34 -13.94
N THR A 188 -0.83 17.33 -14.50
CA THR A 188 -1.48 16.44 -15.46
C THR A 188 -0.90 15.03 -15.39
N LEU A 189 -1.66 14.06 -15.87
CA LEU A 189 -1.23 12.67 -15.86
C LEU A 189 0.04 12.49 -16.69
N ASP A 190 0.19 13.30 -17.73
CA ASP A 190 1.36 13.23 -18.60
C ASP A 190 2.63 13.54 -17.81
N ASP A 191 2.52 14.45 -16.85
CA ASP A 191 3.66 14.83 -16.03
C ASP A 191 4.22 13.63 -15.27
N ILE A 192 3.34 12.68 -14.94
CA ILE A 192 3.75 11.48 -14.22
C ILE A 192 4.37 10.46 -15.16
N ARG A 193 3.77 10.30 -16.33
CA ARG A 193 4.27 9.35 -17.32
C ARG A 193 5.69 9.69 -17.73
N LYS A 194 6.00 10.98 -17.80
CA LYS A 194 7.33 11.43 -18.17
C LYS A 194 8.30 11.31 -17.00
N LEU A 195 7.90 10.55 -15.99
CA LEU A 195 8.73 10.36 -14.81
C LEU A 195 9.47 9.03 -14.88
N ASP A 196 10.60 8.95 -14.18
CA ASP A 196 11.41 7.74 -14.16
C ASP A 196 11.11 6.91 -12.91
N ARG A 197 10.49 5.76 -13.11
CA ARG A 197 10.14 4.86 -12.00
C ARG A 197 11.32 3.95 -11.66
N PHE A 198 12.01 3.47 -12.68
CA PHE A 198 13.14 2.59 -12.49
C PHE A 198 14.31 3.34 -11.85
N LYS A 199 14.18 3.65 -10.57
CA LYS A 199 15.21 4.37 -9.84
C LYS A 199 14.81 4.58 -8.39
N GLU A 200 15.76 5.04 -7.57
CA GLU A 200 15.49 5.29 -6.16
C GLU A 200 14.92 6.69 -5.96
N PRO A 201 13.93 6.79 -5.05
CA PRO A 201 13.27 8.06 -4.74
C PRO A 201 14.19 9.03 -3.99
N PRO A 202 14.42 10.21 -4.59
CA PRO A 202 15.28 11.24 -4.01
C PRO A 202 14.66 11.87 -2.76
N ALA A 203 15.47 12.62 -2.02
CA ALA A 203 15.00 13.28 -0.81
C ALA A 203 13.98 14.36 -1.13
N TYR A 204 13.83 14.66 -2.42
CA TYR A 204 12.89 15.68 -2.87
C TYR A 204 12.57 15.52 -4.35
N GLY A 205 11.61 16.30 -4.84
CA GLY A 205 11.22 16.23 -6.23
C GLY A 205 9.76 15.86 -6.40
N PRO A 206 9.34 15.69 -7.67
CA PRO A 206 7.96 15.33 -7.99
C PRO A 206 7.60 13.91 -7.57
N MET A 207 8.45 12.96 -7.96
CA MET A 207 8.22 11.56 -7.62
C MET A 207 8.24 11.35 -6.11
N CYS A 208 9.15 12.05 -5.44
CA CYS A 208 9.28 11.94 -3.98
C CYS A 208 8.06 12.55 -3.29
N ASP A 209 7.68 13.75 -3.72
CA ASP A 209 6.53 14.44 -3.13
C ASP A 209 5.29 13.55 -3.17
N ILE A 210 4.96 13.06 -4.36
CA ILE A 210 3.80 12.20 -4.53
C ILE A 210 3.78 11.09 -3.49
N LEU A 211 4.96 10.57 -3.15
CA LEU A 211 5.08 9.51 -2.17
C LEU A 211 5.12 10.07 -0.75
N TRP A 212 5.50 11.34 -0.64
CA TRP A 212 5.57 11.99 0.66
C TRP A 212 4.49 13.05 0.80
N SER A 213 3.76 13.29 -0.29
CA SER A 213 2.69 14.28 -0.29
C SER A 213 1.73 14.05 0.88
N ASP A 214 1.24 15.13 1.46
CA ASP A 214 0.32 15.04 2.58
C ASP A 214 -0.54 16.30 2.68
N PRO A 215 -1.78 16.14 3.20
CA PRO A 215 -2.71 17.24 3.35
C PRO A 215 -2.29 18.23 4.44
N LEU A 216 -2.75 19.47 4.32
CA LEU A 216 -2.41 20.51 5.29
C LEU A 216 -2.94 20.14 6.67
N GLU A 217 -2.28 20.66 7.71
CA GLU A 217 -2.68 20.40 9.08
C GLU A 217 -4.12 20.82 9.33
N ASP A 218 -4.66 21.62 8.41
CA ASP A 218 -6.03 22.11 8.51
C ASP A 218 -6.75 21.98 7.18
N PHE A 219 -6.86 20.75 6.68
CA PHE A 219 -7.52 20.49 5.42
C PHE A 219 -9.01 20.80 5.52
N GLY A 220 -9.37 21.68 6.45
CA GLY A 220 -10.76 22.04 6.64
C GLY A 220 -10.93 23.50 7.04
N ASN A 221 -10.61 23.80 8.29
CA ASN A 221 -10.73 25.16 8.79
C ASN A 221 -9.46 25.97 8.52
N GLU A 222 -9.29 26.37 7.26
CA GLU A 222 -8.12 27.14 6.86
C GLU A 222 -8.42 28.63 6.89
N LYS A 223 -7.40 29.44 7.18
CA LYS A 223 -7.54 30.88 7.25
C LYS A 223 -6.71 31.56 6.17
N THR A 224 -5.59 30.94 5.82
CA THR A 224 -4.71 31.49 4.80
C THR A 224 -5.23 31.19 3.40
N GLN A 225 -5.48 29.91 3.13
CA GLN A 225 -5.98 29.49 1.83
C GLN A 225 -4.83 29.21 0.87
N GLU A 226 -3.69 28.80 1.42
CA GLU A 226 -2.51 28.50 0.61
C GLU A 226 -2.68 27.16 -0.11
N HIS A 227 -2.32 27.15 -1.39
CA HIS A 227 -2.43 25.94 -2.20
C HIS A 227 -1.40 24.90 -1.75
N PHE A 228 -0.13 25.23 -1.89
CA PHE A 228 0.94 24.32 -1.50
C PHE A 228 1.85 24.96 -0.45
N THR A 229 2.40 24.14 0.44
CA THR A 229 3.28 24.62 1.49
C THR A 229 4.34 23.58 1.85
N HIS A 230 5.41 24.04 2.48
CA HIS A 230 6.49 23.14 2.89
C HIS A 230 6.02 22.18 3.98
N ASN A 231 6.37 20.92 3.85
CA ASN A 231 6.00 19.90 4.82
C ASN A 231 6.97 19.89 6.00
N THR A 232 6.73 20.76 6.97
CA THR A 232 7.60 20.84 8.15
C THR A 232 7.35 19.67 9.09
N VAL A 233 6.13 19.13 9.05
CA VAL A 233 5.78 18.01 9.90
C VAL A 233 6.51 16.74 9.49
N ARG A 234 6.33 16.34 8.23
CA ARG A 234 6.97 15.14 7.70
C ARG A 234 8.47 15.37 7.53
N GLY A 235 8.89 16.62 7.62
CA GLY A 235 10.31 16.95 7.48
C GLY A 235 10.76 16.92 6.03
N CYS A 236 9.80 16.85 5.12
CA CYS A 236 10.11 16.81 3.69
C CYS A 236 8.84 16.86 2.86
N SER A 237 8.99 17.16 1.58
CA SER A 237 7.85 17.23 0.66
C SER A 237 7.08 18.54 0.88
N TYR A 238 5.79 18.51 0.56
CA TYR A 238 4.94 19.69 0.71
C TYR A 238 3.57 19.30 1.26
N PHE A 239 2.69 20.28 1.38
CA PHE A 239 1.35 20.06 1.90
C PHE A 239 0.30 20.67 0.98
N TYR A 240 -0.74 19.91 0.68
CA TYR A 240 -1.81 20.37 -0.19
C TYR A 240 -3.06 20.72 0.62
N SER A 241 -3.72 21.81 0.24
CA SER A 241 -4.93 22.25 0.93
C SER A 241 -6.18 21.78 0.19
N TYR A 242 -7.34 22.09 0.75
CA TYR A 242 -8.61 21.70 0.15
C TYR A 242 -8.77 22.31 -1.24
N PRO A 243 -8.44 23.60 -1.35
CA PRO A 243 -8.54 24.33 -2.62
C PRO A 243 -7.50 23.87 -3.64
N ALA A 244 -6.35 23.41 -3.14
CA ALA A 244 -5.28 22.94 -4.00
C ALA A 244 -5.67 21.65 -4.71
N VAL A 245 -6.18 20.69 -3.93
CA VAL A 245 -6.60 19.41 -4.49
C VAL A 245 -7.82 19.56 -5.39
N CYS A 246 -8.77 20.38 -4.96
CA CYS A 246 -9.98 20.63 -5.72
C CYS A 246 -9.66 21.23 -7.09
N GLU A 247 -8.56 21.98 -7.15
CA GLU A 247 -8.14 22.60 -8.40
C GLU A 247 -7.56 21.58 -9.37
N PHE A 248 -6.73 20.69 -8.84
CA PHE A 248 -6.10 19.65 -9.65
C PHE A 248 -7.16 18.70 -10.22
N LEU A 249 -8.10 18.30 -9.37
CA LEU A 249 -9.16 17.38 -9.79
C LEU A 249 -9.96 17.98 -10.95
N GLN A 250 -10.51 19.18 -10.73
CA GLN A 250 -11.29 19.84 -11.76
C GLN A 250 -10.51 19.96 -13.06
N HIS A 251 -9.23 20.31 -12.95
CA HIS A 251 -8.37 20.46 -14.12
C HIS A 251 -8.19 19.11 -14.82
N ASN A 252 -8.09 18.04 -14.04
CA ASN A 252 -7.90 16.71 -14.58
C ASN A 252 -9.22 15.96 -14.65
N ASN A 253 -10.31 16.67 -14.36
CA ASN A 253 -11.65 16.07 -14.38
C ASN A 253 -11.66 14.74 -13.63
N LEU A 254 -11.15 14.76 -12.41
CA LEU A 254 -11.09 13.55 -11.59
C LEU A 254 -12.23 13.55 -10.57
N LEU A 255 -12.63 12.36 -10.14
CA LEU A 255 -13.71 12.21 -9.16
C LEU A 255 -13.18 12.43 -7.75
N SER A 256 -12.18 11.63 -7.36
CA SER A 256 -11.59 11.73 -6.04
C SER A 256 -10.19 11.13 -6.02
N ILE A 257 -9.43 11.42 -4.96
CA ILE A 257 -8.08 10.91 -4.82
C ILE A 257 -7.98 9.93 -3.66
N LEU A 258 -7.78 8.66 -3.98
CA LEU A 258 -7.66 7.62 -2.95
C LEU A 258 -6.19 7.31 -2.67
N ARG A 259 -5.82 7.41 -1.40
CA ARG A 259 -4.44 7.14 -0.99
C ARG A 259 -4.36 6.86 0.50
N ALA A 260 -3.14 6.70 1.01
CA ALA A 260 -2.93 6.44 2.43
C ALA A 260 -1.75 7.25 2.97
N HIS A 261 -0.79 6.56 3.56
CA HIS A 261 0.39 7.23 4.12
C HIS A 261 0.05 7.96 5.40
N GLU A 262 -1.25 8.01 5.73
CA GLU A 262 -1.71 8.68 6.93
C GLU A 262 -2.51 7.72 7.82
N ALA A 263 -1.96 7.39 8.97
CA ALA A 263 -2.62 6.48 9.91
C ALA A 263 -3.96 7.06 10.36
N GLN A 264 -4.95 6.19 10.49
CA GLN A 264 -6.29 6.61 10.92
C GLN A 264 -6.79 5.73 12.06
N ASP A 265 -7.43 6.35 13.04
CA ASP A 265 -7.97 5.63 14.19
C ASP A 265 -9.09 4.68 13.76
N ALA A 266 -9.74 5.00 12.65
CA ALA A 266 -10.82 4.17 12.13
C ALA A 266 -10.39 3.44 10.86
N GLY A 267 -9.10 3.53 10.53
CA GLY A 267 -8.59 2.86 9.36
C GLY A 267 -8.90 3.63 8.09
N TYR A 268 -9.53 4.78 8.23
CA TYR A 268 -9.90 5.60 7.07
C TYR A 268 -10.31 7.01 7.51
N ARG A 269 -10.36 7.93 6.56
CA ARG A 269 -10.72 9.31 6.84
C ARG A 269 -11.17 10.02 5.57
N MET A 270 -12.34 10.66 5.64
CA MET A 270 -12.88 11.39 4.50
C MET A 270 -12.60 12.87 4.60
N TYR A 271 -12.09 13.46 3.53
CA TYR A 271 -11.76 14.89 3.51
C TYR A 271 -12.90 15.68 2.88
N ARG A 272 -12.82 17.01 3.00
CA ARG A 272 -13.84 17.89 2.45
C ARG A 272 -14.28 17.41 1.07
N LYS A 273 -15.59 17.41 0.85
CA LYS A 273 -16.15 16.97 -0.43
C LYS A 273 -16.24 18.13 -1.41
N SER A 274 -16.42 17.79 -2.68
CA SER A 274 -16.52 18.81 -3.73
C SER A 274 -17.81 19.61 -3.59
N GLN A 275 -17.74 20.90 -3.89
CA GLN A 275 -18.90 21.78 -3.80
C GLN A 275 -19.95 21.39 -4.83
N THR A 276 -19.52 20.70 -5.89
CA THR A 276 -20.43 20.26 -6.94
C THR A 276 -21.05 18.91 -6.62
N THR A 277 -20.19 17.89 -6.50
CA THR A 277 -20.66 16.55 -6.20
C THR A 277 -20.55 16.25 -4.71
N GLY A 278 -21.48 15.45 -4.20
CA GLY A 278 -21.47 15.09 -2.79
C GLY A 278 -20.44 14.02 -2.47
N PHE A 279 -19.30 14.07 -3.16
CA PHE A 279 -18.24 13.10 -2.94
C PHE A 279 -17.00 13.78 -2.36
N PRO A 280 -16.23 13.01 -1.56
CA PRO A 280 -15.01 13.52 -0.92
C PRO A 280 -13.89 13.77 -1.93
N SER A 281 -13.25 14.93 -1.82
CA SER A 281 -12.16 15.29 -2.73
C SER A 281 -10.94 14.41 -2.48
N LEU A 282 -10.78 13.97 -1.24
CA LEU A 282 -9.65 13.12 -0.88
C LEU A 282 -10.07 12.05 0.13
N ILE A 283 -9.43 10.90 0.06
CA ILE A 283 -9.74 9.79 0.97
C ILE A 283 -8.47 9.08 1.41
N THR A 284 -8.35 8.85 2.72
CA THR A 284 -7.18 8.17 3.28
C THR A 284 -7.55 6.79 3.82
N ILE A 285 -6.85 5.77 3.35
CA ILE A 285 -7.10 4.40 3.78
C ILE A 285 -5.89 3.83 4.52
N PHE A 286 -6.15 3.23 5.67
CA PHE A 286 -5.09 2.65 6.49
C PHE A 286 -5.43 1.20 6.87
N SER A 287 -4.66 0.26 6.34
CA SER A 287 -4.87 -1.16 6.63
C SER A 287 -3.84 -1.68 7.61
N ALA A 288 -3.32 -0.78 8.45
CA ALA A 288 -2.32 -1.16 9.44
C ALA A 288 -2.82 -0.88 10.85
N PRO A 289 -3.51 -1.87 11.45
CA PRO A 289 -4.05 -1.76 12.80
C PRO A 289 -2.96 -1.75 13.87
N ASN A 290 -3.28 -1.17 15.02
CA ASN A 290 -2.32 -1.09 16.12
C ASN A 290 -0.98 -0.56 15.64
N TYR A 291 -0.99 0.61 15.01
CA TYR A 291 0.23 1.22 14.50
C TYR A 291 1.30 1.29 15.58
N LEU A 292 2.54 1.02 15.19
CA LEU A 292 3.66 1.06 16.12
C LEU A 292 3.42 0.11 17.30
N ASP A 293 2.47 -0.80 17.13
CA ASP A 293 2.14 -1.76 18.18
C ASP A 293 1.71 -1.05 19.45
N VAL A 294 1.62 0.28 19.38
CA VAL A 294 1.22 1.08 20.53
C VAL A 294 -0.21 1.61 20.36
N TYR A 295 -0.41 2.43 19.34
CA TYR A 295 -1.73 3.01 19.08
C TYR A 295 -2.77 1.90 18.87
N ASN A 296 -3.96 2.12 19.42
CA ASN A 296 -5.04 1.15 19.30
C ASN A 296 -5.97 1.50 18.14
N ASN A 297 -5.37 1.99 17.05
CA ASN A 297 -6.14 2.36 15.87
C ASN A 297 -6.59 1.12 15.09
N LYS A 298 -7.72 1.25 14.41
CA LYS A 298 -8.27 0.14 13.63
C LYS A 298 -7.88 0.28 12.15
N ALA A 299 -8.05 -0.81 11.40
CA ALA A 299 -7.73 -0.80 9.98
C ALA A 299 -8.99 -0.97 9.13
N ALA A 300 -8.85 -0.74 7.83
CA ALA A 300 -9.98 -0.85 6.92
C ALA A 300 -9.50 -0.88 5.47
N VAL A 301 -10.39 -1.28 4.57
CA VAL A 301 -10.07 -1.34 3.14
C VAL A 301 -11.20 -0.79 2.29
N LEU A 302 -10.84 -0.05 1.25
CA LEU A 302 -11.83 0.54 0.35
C LEU A 302 -12.29 -0.46 -0.69
N LYS A 303 -13.61 -0.63 -0.79
CA LYS A 303 -14.19 -1.57 -1.74
C LYS A 303 -15.19 -0.86 -2.66
N TYR A 304 -14.78 -0.60 -3.89
CA TYR A 304 -15.64 0.07 -4.86
C TYR A 304 -16.28 -0.94 -5.80
N GLU A 305 -17.61 -0.91 -5.87
CA GLU A 305 -18.35 -1.82 -6.74
C GLU A 305 -19.74 -1.26 -7.05
N ASN A 306 -20.21 -1.51 -8.27
CA ASN A 306 -21.53 -1.04 -8.70
C ASN A 306 -21.75 0.40 -8.27
N ASN A 307 -20.77 1.26 -8.54
CA ASN A 307 -20.86 2.66 -8.18
C ASN A 307 -21.14 2.82 -6.70
N VAL A 308 -20.52 1.98 -5.88
CA VAL A 308 -20.69 2.03 -4.44
C VAL A 308 -19.35 1.91 -3.71
N MET A 309 -19.09 2.86 -2.82
CA MET A 309 -17.84 2.85 -2.06
C MET A 309 -18.08 2.37 -0.63
N ASN A 310 -17.82 1.09 -0.39
CA ASN A 310 -18.00 0.50 0.94
C ASN A 310 -16.66 0.32 1.64
N ILE A 311 -16.57 0.83 2.86
CA ILE A 311 -15.35 0.72 3.64
C ILE A 311 -15.51 -0.30 4.77
N ARG A 312 -14.68 -1.34 4.74
CA ARG A 312 -14.72 -2.38 5.76
C ARG A 312 -13.62 -2.19 6.80
N GLN A 313 -14.01 -2.09 8.06
CA GLN A 313 -13.05 -1.90 9.14
C GLN A 313 -12.79 -3.21 9.88
N PHE A 314 -11.59 -3.34 10.43
CA PHE A 314 -11.21 -4.55 11.17
C PHE A 314 -10.17 -4.23 12.24
N ASN A 315 -10.05 -5.12 13.22
CA ASN A 315 -9.10 -4.94 14.31
C ASN A 315 -7.79 -5.67 14.00
N CYS A 316 -6.79 -5.42 14.83
CA CYS A 316 -5.48 -6.06 14.66
C CYS A 316 -5.57 -7.56 14.89
N SER A 317 -4.51 -8.27 14.56
CA SER A 317 -4.47 -9.73 14.73
C SER A 317 -3.39 -10.13 15.74
N PRO A 318 -3.53 -11.35 16.28
CA PRO A 318 -2.57 -11.88 17.25
C PRO A 318 -1.21 -12.20 16.63
N HIS A 319 -0.15 -11.93 17.39
CA HIS A 319 1.20 -12.19 16.91
C HIS A 319 2.19 -12.25 18.08
N PRO A 320 3.34 -12.89 17.86
CA PRO A 320 4.39 -13.04 18.87
C PRO A 320 5.07 -11.71 19.19
N TYR A 321 5.74 -11.67 20.33
CA TYR A 321 6.44 -10.45 20.76
C TYR A 321 7.88 -10.45 20.26
N TRP A 322 8.31 -9.32 19.73
CA TRP A 322 9.66 -9.18 19.21
C TRP A 322 10.34 -7.94 19.78
N LEU A 323 11.54 -8.11 20.30
CA LEU A 323 12.30 -7.00 20.88
C LEU A 323 12.72 -6.01 19.80
N PRO A 324 13.12 -4.81 20.23
CA PRO A 324 13.57 -3.75 19.32
C PRO A 324 14.90 -4.07 18.66
N ASN A 325 14.97 -3.91 17.34
CA ASN A 325 16.18 -4.18 16.59
C ASN A 325 16.59 -5.65 16.73
N PHE A 326 15.62 -6.50 17.05
CA PHE A 326 15.88 -7.93 17.21
C PHE A 326 16.89 -8.16 18.33
N MET A 327 16.93 -7.25 19.29
CA MET A 327 17.85 -7.36 20.42
C MET A 327 17.53 -8.59 21.27
N GLY B 1 -23.62 12.66 -1.68
CA GLY B 1 -24.64 13.66 -1.48
C GLY B 1 -26.01 13.21 -1.96
N PRO B 2 -26.18 13.12 -3.29
CA PRO B 2 -27.43 12.70 -3.91
C PRO B 2 -27.74 11.23 -3.66
N HIS B 3 -28.22 10.91 -2.46
CA HIS B 3 -28.55 9.53 -2.11
C HIS B 3 -27.37 8.61 -2.39
N PRO B 4 -26.29 8.76 -1.62
CA PRO B 4 -25.08 7.95 -1.77
C PRO B 4 -25.29 6.51 -1.33
N VAL B 5 -24.68 5.58 -2.06
CA VAL B 5 -24.81 4.16 -1.75
C VAL B 5 -23.65 3.68 -0.89
N ILE B 6 -22.73 4.59 -0.59
CA ILE B 6 -21.57 4.26 0.23
C ILE B 6 -21.99 3.72 1.59
N VAL B 7 -21.83 2.42 1.79
CA VAL B 7 -22.20 1.77 3.04
C VAL B 7 -20.96 1.39 3.84
N ILE B 8 -20.99 1.65 5.14
CA ILE B 8 -19.88 1.33 6.01
C ILE B 8 -20.28 0.31 7.08
N THR B 9 -19.55 -0.79 7.14
CA THR B 9 -19.84 -1.84 8.11
C THR B 9 -19.30 -1.48 9.49
N GLY B 10 -19.76 -2.19 10.50
CA GLY B 10 -19.31 -1.92 11.87
C GLY B 10 -17.91 -2.41 12.11
N PRO B 11 -17.30 -1.94 13.21
CA PRO B 11 -15.93 -2.32 13.59
C PRO B 11 -15.85 -3.77 14.05
N HIS B 12 -14.62 -4.27 14.21
CA HIS B 12 -14.40 -5.64 14.66
C HIS B 12 -14.13 -5.69 16.16
N GLU B 13 -14.53 -4.64 16.86
CA GLU B 13 -14.33 -4.57 18.30
C GLU B 13 -14.87 -3.26 18.86
N GLU B 14 -15.19 -3.26 20.16
CA GLU B 14 -15.72 -2.07 20.82
C GLU B 14 -14.85 -0.86 20.54
N LEU B 15 -15.42 0.33 20.70
CA LEU B 15 -14.68 1.58 20.46
C LEU B 15 -14.26 1.68 19.00
N GLU B 16 -13.93 2.91 18.58
CA GLU B 16 -13.51 3.15 17.20
C GLU B 16 -12.19 2.43 16.90
N VAL A 1 2.46 -21.64 22.91
CA VAL A 1 2.69 -20.88 21.69
C VAL A 1 3.23 -21.79 20.59
N PRO A 2 2.83 -21.49 19.34
CA PRO A 2 3.26 -22.27 18.17
C PRO A 2 4.74 -22.08 17.85
N PHE A 3 5.35 -23.08 17.24
CA PHE A 3 6.76 -23.02 16.87
C PHE A 3 6.94 -23.01 15.36
N PRO A 4 7.85 -22.15 14.88
CA PRO A 4 8.13 -22.02 13.44
C PRO A 4 8.85 -23.25 12.88
N PRO A 5 8.35 -23.75 11.73
CA PRO A 5 8.92 -24.92 11.06
C PRO A 5 10.30 -24.63 10.47
N SER A 6 11.26 -25.48 10.79
CA SER A 6 12.62 -25.31 10.28
C SER A 6 12.71 -25.72 8.82
N HIS A 7 11.79 -26.58 8.39
CA HIS A 7 11.76 -27.04 7.01
C HIS A 7 11.38 -25.91 6.06
N ARG A 8 12.31 -25.54 5.19
CA ARG A 8 12.07 -24.47 4.23
C ARG A 8 11.44 -25.01 2.95
N LEU A 9 10.37 -24.37 2.50
CA LEU A 9 9.67 -24.78 1.29
C LEU A 9 10.56 -24.63 0.07
N THR A 10 10.53 -25.61 -0.82
CA THR A 10 11.34 -25.59 -2.03
C THR A 10 10.52 -25.08 -3.22
N ALA A 11 11.21 -24.74 -4.31
CA ALA A 11 10.56 -24.24 -5.50
C ALA A 11 9.48 -25.20 -5.97
N LYS A 12 9.83 -26.46 -6.18
CA LYS A 12 8.89 -27.47 -6.63
C LYS A 12 7.74 -27.63 -5.63
N GLU A 13 7.96 -27.13 -4.41
CA GLU A 13 6.95 -27.21 -3.36
C GLU A 13 5.99 -26.03 -3.43
N VAL A 14 6.51 -24.88 -3.86
CA VAL A 14 5.70 -23.67 -3.98
C VAL A 14 5.07 -23.56 -5.35
N PHE A 15 5.82 -23.97 -6.38
CA PHE A 15 5.33 -23.92 -7.75
C PHE A 15 5.08 -25.32 -8.29
N ASP A 16 3.92 -25.49 -8.92
CA ASP A 16 3.54 -26.79 -9.49
C ASP A 16 4.15 -26.97 -10.87
N ASN A 17 3.90 -28.12 -11.48
CA ASN A 17 4.42 -28.42 -12.81
C ASN A 17 3.99 -27.36 -13.82
N ASP A 18 2.83 -26.77 -13.57
CA ASP A 18 2.30 -25.73 -14.46
C ASP A 18 2.99 -24.39 -14.20
N GLY A 19 3.94 -24.39 -13.27
CA GLY A 19 4.66 -23.17 -12.95
C GLY A 19 3.82 -22.20 -12.14
N LYS A 20 2.68 -22.67 -11.65
CA LYS A 20 1.78 -21.84 -10.85
C LYS A 20 2.03 -22.05 -9.36
N PRO A 21 2.18 -20.94 -8.62
CA PRO A 21 2.42 -20.98 -7.17
C PRO A 21 1.20 -21.45 -6.40
N ARG A 22 1.43 -22.17 -5.31
CA ARG A 22 0.36 -22.67 -4.47
C ARG A 22 0.13 -21.77 -3.27
N VAL A 23 -0.61 -20.68 -3.48
CA VAL A 23 -0.89 -19.74 -2.41
C VAL A 23 -1.47 -20.44 -1.18
N ASP A 24 -2.11 -21.58 -1.42
CA ASP A 24 -2.70 -22.35 -0.34
C ASP A 24 -1.63 -22.97 0.55
N ILE A 25 -0.62 -23.55 -0.09
CA ILE A 25 0.48 -24.17 0.65
C ILE A 25 1.33 -23.13 1.35
N LEU A 26 1.57 -22.01 0.68
CA LEU A 26 2.37 -20.92 1.25
C LEU A 26 1.64 -20.27 2.42
N LYS A 27 0.38 -19.93 2.20
CA LYS A 27 -0.43 -19.29 3.25
C LYS A 27 -0.37 -20.09 4.54
N ALA A 28 -0.68 -21.38 4.45
CA ALA A 28 -0.67 -22.26 5.60
C ALA A 28 0.70 -22.26 6.28
N HIS A 29 1.74 -22.39 5.47
CA HIS A 29 3.11 -22.40 5.98
C HIS A 29 3.45 -21.09 6.69
N LEU A 30 3.25 -19.99 5.99
CA LEU A 30 3.53 -18.67 6.54
C LEU A 30 2.80 -18.48 7.87
N MET A 31 1.57 -18.98 7.95
CA MET A 31 0.77 -18.87 9.16
C MET A 31 1.47 -19.55 10.34
N LYS A 32 2.29 -20.55 10.04
CA LYS A 32 3.01 -21.29 11.06
C LYS A 32 4.41 -20.71 11.26
N GLU A 33 4.64 -19.54 10.69
CA GLU A 33 5.94 -18.88 10.80
C GLU A 33 7.01 -19.64 10.03
N GLY A 34 6.63 -20.19 8.88
CA GLY A 34 7.56 -20.94 8.06
C GLY A 34 8.26 -20.07 7.03
N ARG A 35 9.49 -20.42 6.71
CA ARG A 35 10.27 -19.67 5.73
C ARG A 35 10.57 -20.52 4.50
N LEU A 36 10.86 -19.85 3.38
CA LEU A 36 11.16 -20.54 2.13
C LEU A 36 12.66 -20.56 1.87
N GLU A 37 13.07 -21.28 0.82
CA GLU A 37 14.47 -21.37 0.47
C GLU A 37 14.95 -20.09 -0.20
N GLU A 38 16.17 -19.66 0.15
CA GLU A 38 16.74 -18.44 -0.41
C GLU A 38 16.57 -18.42 -1.94
N SER A 39 16.63 -19.59 -2.56
CA SER A 39 16.49 -19.70 -4.00
C SER A 39 15.05 -19.40 -4.42
N VAL A 40 14.09 -19.93 -3.68
CA VAL A 40 12.68 -19.72 -3.98
C VAL A 40 12.29 -18.25 -3.80
N ALA A 41 12.68 -17.68 -2.66
CA ALA A 41 12.37 -16.28 -2.37
C ALA A 41 12.90 -15.37 -3.47
N LEU A 42 14.13 -15.62 -3.92
CA LEU A 42 14.75 -14.82 -4.96
C LEU A 42 13.98 -14.95 -6.27
N ARG A 43 13.46 -16.14 -6.53
CA ARG A 43 12.71 -16.40 -7.76
C ARG A 43 11.41 -15.63 -7.76
N ILE A 44 10.72 -15.62 -6.62
CA ILE A 44 9.44 -14.91 -6.50
C ILE A 44 9.65 -13.41 -6.68
N ILE A 45 10.64 -12.86 -6.00
CA ILE A 45 10.93 -11.43 -6.09
C ILE A 45 11.31 -11.04 -7.50
N THR A 46 12.27 -11.75 -8.08
CA THR A 46 12.74 -11.47 -9.43
C THR A 46 11.60 -11.66 -10.44
N GLU A 47 10.76 -12.66 -10.20
CA GLU A 47 9.64 -12.95 -11.10
C GLU A 47 8.60 -11.84 -11.03
N GLY A 48 8.41 -11.28 -9.83
CA GLY A 48 7.44 -10.21 -9.66
C GLY A 48 7.90 -8.91 -10.27
N ALA A 49 9.20 -8.62 -10.15
CA ALA A 49 9.77 -7.40 -10.69
C ALA A 49 9.61 -7.35 -12.21
N SER A 50 9.83 -8.49 -12.85
CA SER A 50 9.72 -8.57 -14.31
C SER A 50 8.33 -8.16 -14.77
N ILE A 51 7.31 -8.61 -14.04
CA ILE A 51 5.93 -8.30 -14.38
C ILE A 51 5.64 -6.82 -14.17
N LEU A 52 6.03 -6.30 -13.01
CA LEU A 52 5.82 -4.90 -12.69
C LEU A 52 6.56 -3.99 -13.67
N ARG A 53 7.76 -4.41 -14.06
CA ARG A 53 8.57 -3.63 -14.99
C ARG A 53 7.80 -3.36 -16.28
N GLN A 54 6.88 -4.26 -16.62
CA GLN A 54 6.08 -4.12 -17.83
C GLN A 54 4.95 -3.12 -17.62
N GLU A 55 4.59 -2.89 -16.36
CA GLU A 55 3.52 -1.96 -16.02
C GLU A 55 3.98 -0.51 -16.22
N LYS A 56 3.02 0.40 -16.27
CA LYS A 56 3.32 1.82 -16.46
C LYS A 56 3.22 2.57 -15.13
N ASN A 57 3.89 3.72 -15.06
CA ASN A 57 3.87 4.54 -13.84
C ASN A 57 2.45 4.75 -13.35
N LEU A 58 1.56 5.15 -14.26
CA LEU A 58 0.17 5.39 -13.91
C LEU A 58 -0.76 4.41 -14.65
N LEU A 59 -1.17 3.37 -13.95
CA LEU A 59 -2.05 2.36 -14.53
C LEU A 59 -3.46 2.90 -14.71
N ASP A 60 -4.13 2.48 -15.78
CA ASP A 60 -5.49 2.93 -16.05
C ASP A 60 -6.40 1.75 -16.34
N ILE A 61 -7.14 1.31 -15.32
CA ILE A 61 -8.05 0.19 -15.48
C ILE A 61 -9.44 0.53 -14.96
N ASP A 62 -10.46 0.19 -15.74
CA ASP A 62 -11.85 0.46 -15.36
C ASP A 62 -12.53 -0.81 -14.85
N ALA A 63 -12.43 -1.04 -13.55
CA ALA A 63 -13.04 -2.21 -12.93
C ALA A 63 -13.08 -2.08 -11.41
N PRO A 64 -13.97 -2.85 -10.78
CA PRO A 64 -14.13 -2.83 -9.32
C PRO A 64 -12.94 -3.45 -8.60
N VAL A 65 -12.26 -2.64 -7.79
CA VAL A 65 -11.09 -3.10 -7.04
C VAL A 65 -11.10 -2.54 -5.62
N THR A 66 -10.47 -3.27 -4.70
CA THR A 66 -10.41 -2.87 -3.31
C THR A 66 -9.02 -2.33 -2.97
N VAL A 67 -8.95 -1.05 -2.62
CA VAL A 67 -7.69 -0.42 -2.25
C VAL A 67 -7.37 -0.62 -0.77
N CYS A 68 -6.11 -0.92 -0.47
CA CYS A 68 -5.68 -1.13 0.90
C CYS A 68 -4.66 -0.08 1.32
N GLY A 69 -4.66 0.24 2.61
CA GLY A 69 -3.72 1.24 3.13
C GLY A 69 -2.38 0.64 3.49
N ASP A 70 -1.56 1.41 4.19
CA ASP A 70 -0.24 0.95 4.60
C ASP A 70 -0.34 -0.38 5.34
N ILE A 71 0.66 -1.25 5.12
CA ILE A 71 0.69 -2.54 5.78
C ILE A 71 1.77 -2.60 6.85
N HIS A 72 2.94 -2.05 6.52
CA HIS A 72 4.06 -2.03 7.47
C HIS A 72 4.47 -3.45 7.85
N GLY A 73 4.75 -4.27 6.84
CA GLY A 73 5.17 -5.64 7.10
C GLY A 73 4.25 -6.34 8.10
N GLN A 74 3.00 -5.90 8.17
CA GLN A 74 2.04 -6.49 9.09
C GLN A 74 1.36 -7.70 8.46
N PHE A 75 2.14 -8.73 8.17
CA PHE A 75 1.61 -9.94 7.56
C PHE A 75 0.47 -10.52 8.40
N PHE A 76 0.67 -10.51 9.72
CA PHE A 76 -0.34 -11.04 10.63
C PHE A 76 -1.67 -10.31 10.46
N ASP A 77 -1.59 -9.04 10.07
CA ASP A 77 -2.79 -8.23 9.87
C ASP A 77 -3.26 -8.31 8.42
N LEU A 78 -2.36 -8.72 7.53
CA LEU A 78 -2.68 -8.84 6.12
C LEU A 78 -3.44 -10.13 5.83
N MET A 79 -3.16 -11.16 6.62
CA MET A 79 -3.82 -12.45 6.47
C MET A 79 -5.28 -12.37 6.90
N LYS A 80 -5.52 -11.74 8.05
CA LYS A 80 -6.87 -11.60 8.57
C LYS A 80 -7.71 -10.68 7.68
N LEU A 81 -7.08 -9.60 7.21
CA LEU A 81 -7.77 -8.65 6.34
C LEU A 81 -8.38 -9.34 5.12
N PHE A 82 -7.58 -10.18 4.48
CA PHE A 82 -8.04 -10.91 3.30
C PHE A 82 -9.20 -11.84 3.65
N GLU A 83 -9.19 -12.35 4.88
CA GLU A 83 -10.24 -13.26 5.33
C GLU A 83 -11.58 -12.53 5.43
N VAL A 84 -11.55 -11.32 6.00
CA VAL A 84 -12.76 -10.52 6.14
C VAL A 84 -13.14 -9.86 4.83
N GLY A 85 -12.13 -9.43 4.07
CA GLY A 85 -12.38 -8.78 2.80
C GLY A 85 -12.70 -9.76 1.69
N GLY A 86 -12.22 -11.00 1.84
CA GLY A 86 -12.47 -12.02 0.84
C GLY A 86 -11.18 -12.54 0.22
N SER A 87 -11.24 -13.74 -0.36
CA SER A 87 -10.08 -14.35 -0.98
C SER A 87 -9.72 -13.62 -2.26
N PRO A 88 -8.42 -13.35 -2.46
CA PRO A 88 -7.91 -12.66 -3.64
C PRO A 88 -8.01 -13.52 -4.90
N ALA A 89 -8.28 -14.80 -4.71
CA ALA A 89 -8.41 -15.73 -5.84
C ALA A 89 -9.59 -15.34 -6.74
N ASN A 90 -10.56 -14.65 -6.16
CA ASN A 90 -11.73 -14.22 -6.91
C ASN A 90 -12.07 -12.76 -6.59
N THR A 91 -11.16 -12.08 -5.90
CA THR A 91 -11.36 -10.68 -5.53
C THR A 91 -10.15 -9.83 -5.93
N ARG A 92 -10.42 -8.71 -6.58
CA ARG A 92 -9.35 -7.80 -7.02
C ARG A 92 -8.91 -6.90 -5.87
N TYR A 93 -7.61 -6.86 -5.61
CA TYR A 93 -7.06 -6.03 -4.54
C TYR A 93 -6.07 -5.02 -5.10
N LEU A 94 -5.84 -3.95 -4.34
CA LEU A 94 -4.91 -2.91 -4.75
C LEU A 94 -4.21 -2.29 -3.54
N PHE A 95 -2.89 -2.40 -3.50
CA PHE A 95 -2.11 -1.86 -2.40
C PHE A 95 -1.57 -0.47 -2.76
N LEU A 96 -1.54 0.41 -1.77
CA LEU A 96 -1.04 1.77 -1.97
C LEU A 96 0.45 1.87 -1.64
N GLY A 97 1.06 0.71 -1.36
CA GLY A 97 2.47 0.69 -1.02
C GLY A 97 2.72 0.53 0.46
N ASP A 98 3.93 0.85 0.91
CA ASP A 98 4.29 0.74 2.31
C ASP A 98 3.97 -0.66 2.84
N TYR A 99 4.69 -1.65 2.36
CA TYR A 99 4.49 -3.03 2.78
C TYR A 99 5.59 -3.48 3.72
N VAL A 100 6.66 -2.70 3.80
CA VAL A 100 7.79 -3.01 4.67
C VAL A 100 7.97 -1.94 5.74
N ASP A 101 8.95 -2.16 6.61
CA ASP A 101 9.23 -1.22 7.69
C ASP A 101 8.18 -1.32 8.80
N ARG A 102 8.55 -0.90 10.00
CA ARG A 102 7.64 -0.94 11.13
C ARG A 102 7.45 -2.38 11.62
N GLY A 103 6.81 -3.20 10.79
CA GLY A 103 6.57 -4.59 11.16
C GLY A 103 7.80 -5.46 10.95
N TYR A 104 7.99 -6.42 11.84
CA TYR A 104 9.14 -7.32 11.76
C TYR A 104 8.83 -8.50 10.84
N PHE A 105 7.84 -8.32 9.98
CA PHE A 105 7.44 -9.37 9.04
C PHE A 105 7.25 -8.81 7.63
N SER A 106 8.09 -7.83 7.28
CA SER A 106 8.00 -7.20 5.97
C SER A 106 8.31 -8.21 4.85
N ILE A 107 9.28 -9.09 5.12
CA ILE A 107 9.67 -10.10 4.15
C ILE A 107 8.50 -10.99 3.78
N GLU A 108 7.70 -11.36 4.80
CA GLU A 108 6.54 -12.22 4.58
C GLU A 108 5.49 -11.52 3.74
N CYS A 109 5.40 -10.21 3.91
CA CYS A 109 4.42 -9.42 3.16
C CYS A 109 4.83 -9.30 1.69
N VAL A 110 6.10 -8.96 1.46
CA VAL A 110 6.61 -8.81 0.11
C VAL A 110 6.59 -10.13 -0.64
N LEU A 111 7.01 -11.20 0.04
CA LEU A 111 7.03 -12.52 -0.56
C LEU A 111 5.62 -12.98 -0.94
N TYR A 112 4.70 -12.86 0.00
CA TYR A 112 3.31 -13.25 -0.23
C TYR A 112 2.65 -12.34 -1.26
N LEU A 113 2.97 -11.06 -1.20
CA LEU A 113 2.41 -10.08 -2.13
C LEU A 113 2.94 -10.30 -3.53
N TRP A 114 4.22 -10.63 -3.63
CA TRP A 114 4.84 -10.87 -4.93
C TRP A 114 4.30 -12.15 -5.57
N ALA A 115 4.18 -13.20 -4.76
CA ALA A 115 3.66 -14.48 -5.25
C ALA A 115 2.22 -14.35 -5.71
N LEU A 116 1.43 -13.58 -4.97
CA LEU A 116 0.03 -13.38 -5.30
C LEU A 116 -0.12 -12.55 -6.57
N LYS A 117 0.83 -11.65 -6.79
CA LYS A 117 0.81 -10.79 -7.97
C LYS A 117 1.13 -11.59 -9.23
N ILE A 118 2.06 -12.53 -9.11
CA ILE A 118 2.45 -13.37 -10.23
C ILE A 118 1.36 -14.35 -10.60
N LEU A 119 0.61 -14.81 -9.59
CA LEU A 119 -0.47 -15.75 -9.82
C LEU A 119 -1.69 -15.05 -10.39
N TYR A 120 -2.00 -13.87 -9.86
CA TYR A 120 -3.14 -13.09 -10.33
C TYR A 120 -2.74 -11.64 -10.59
N PRO A 121 -1.84 -11.44 -11.55
CA PRO A 121 -1.36 -10.11 -11.93
C PRO A 121 -2.44 -9.27 -12.62
N LYS A 122 -3.60 -9.88 -12.85
CA LYS A 122 -4.71 -9.20 -13.50
C LYS A 122 -5.82 -8.89 -12.50
N THR A 123 -5.59 -9.26 -11.24
CA THR A 123 -6.57 -9.02 -10.18
C THR A 123 -5.92 -8.40 -8.95
N LEU A 124 -4.60 -8.53 -8.86
CA LEU A 124 -3.86 -8.00 -7.73
C LEU A 124 -2.85 -6.94 -8.19
N PHE A 125 -3.04 -5.71 -7.74
CA PHE A 125 -2.15 -4.62 -8.12
C PHE A 125 -1.41 -4.07 -6.88
N LEU A 126 -0.13 -3.78 -7.05
CA LEU A 126 0.69 -3.26 -5.96
C LEU A 126 1.40 -1.98 -6.38
N LEU A 127 1.25 -0.94 -5.58
CA LEU A 127 1.88 0.34 -5.87
C LEU A 127 3.08 0.58 -4.95
N ARG A 128 3.98 1.45 -5.37
CA ARG A 128 5.17 1.77 -4.60
C ARG A 128 4.89 2.88 -3.59
N GLY A 129 5.48 2.77 -2.41
CA GLY A 129 5.28 3.78 -1.39
C GLY A 129 6.57 4.47 -0.99
N ASN A 130 6.46 5.54 -0.21
CA ASN A 130 7.62 6.29 0.23
C ASN A 130 8.59 5.40 0.99
N HIS A 131 8.09 4.26 1.47
CA HIS A 131 8.91 3.31 2.21
C HIS A 131 9.61 2.34 1.26
N GLU A 132 9.12 2.26 0.03
CA GLU A 132 9.69 1.37 -0.96
C GLU A 132 10.99 1.94 -1.53
N CYS A 133 12.01 2.02 -0.69
CA CYS A 133 13.29 2.57 -1.10
C CYS A 133 14.44 1.86 -0.39
N ARG A 134 15.67 2.24 -0.72
CA ARG A 134 16.84 1.63 -0.11
C ARG A 134 17.29 2.42 1.12
N HIS A 135 17.40 3.74 0.96
CA HIS A 135 17.81 4.61 2.05
C HIS A 135 16.94 4.38 3.29
N LEU A 136 15.63 4.25 3.07
CA LEU A 136 14.69 4.03 4.16
C LEU A 136 14.85 2.63 4.74
N THR A 137 14.93 1.64 3.87
CA THR A 137 15.08 0.25 4.28
C THR A 137 16.35 0.07 5.12
N GLU A 138 17.37 0.87 4.83
CA GLU A 138 18.63 0.79 5.54
C GLU A 138 18.49 1.36 6.95
N TYR A 139 17.68 2.41 7.09
CA TYR A 139 17.46 3.04 8.38
C TYR A 139 16.52 2.21 9.24
N PHE A 140 15.46 1.68 8.63
CA PHE A 140 14.49 0.87 9.33
C PHE A 140 15.07 -0.50 9.67
N THR A 141 14.22 -1.39 10.19
CA THR A 141 14.66 -2.73 10.55
C THR A 141 14.42 -3.72 9.42
N PHE A 142 14.16 -3.19 8.23
CA PHE A 142 13.92 -4.02 7.05
C PHE A 142 15.20 -4.73 6.62
N LYS A 143 16.24 -3.95 6.36
CA LYS A 143 17.52 -4.50 5.94
C LYS A 143 18.02 -5.54 6.93
N GLN A 144 18.05 -5.17 8.20
CA GLN A 144 18.52 -6.08 9.25
C GLN A 144 17.68 -7.35 9.27
N GLU A 145 16.39 -7.22 8.98
CA GLU A 145 15.50 -8.37 8.96
C GLU A 145 15.89 -9.34 7.85
N CYS A 146 16.07 -8.82 6.65
CA CYS A 146 16.45 -9.65 5.51
C CYS A 146 17.77 -10.37 5.76
N LYS A 147 18.66 -9.70 6.49
CA LYS A 147 19.97 -10.26 6.81
C LYS A 147 19.87 -11.28 7.94
N ILE A 148 18.92 -11.05 8.84
CA ILE A 148 18.72 -11.95 9.97
C ILE A 148 17.96 -13.20 9.55
N LYS A 149 16.98 -13.02 8.66
CA LYS A 149 16.19 -14.14 8.17
C LYS A 149 16.85 -14.81 6.98
N TYR A 150 17.34 -14.00 6.04
CA TYR A 150 18.00 -14.51 4.85
C TYR A 150 19.40 -13.92 4.72
N SER A 151 19.57 -13.00 3.77
CA SER A 151 20.86 -12.37 3.53
C SER A 151 20.69 -11.09 2.72
N GLU A 152 21.81 -10.43 2.43
CA GLU A 152 21.78 -9.19 1.66
C GLU A 152 21.32 -9.45 0.23
N ARG A 153 21.47 -10.70 -0.22
CA ARG A 153 21.06 -11.07 -1.57
C ARG A 153 19.57 -10.81 -1.79
N VAL A 154 18.76 -11.26 -0.83
CA VAL A 154 17.32 -11.07 -0.91
C VAL A 154 16.94 -9.60 -0.78
N TYR A 155 17.62 -8.89 0.11
CA TYR A 155 17.36 -7.47 0.31
C TYR A 155 17.56 -6.68 -0.97
N ASP A 156 18.72 -6.87 -1.60
CA ASP A 156 19.03 -6.18 -2.85
C ASP A 156 18.00 -6.48 -3.92
N ALA A 157 17.57 -7.75 -3.98
CA ALA A 157 16.58 -8.16 -4.96
C ALA A 157 15.28 -7.38 -4.80
N CYS A 158 14.82 -7.24 -3.56
CA CYS A 158 13.59 -6.51 -3.28
C CYS A 158 13.72 -5.06 -3.70
N MET A 159 14.87 -4.45 -3.41
CA MET A 159 15.10 -3.06 -3.75
C MET A 159 14.96 -2.84 -5.25
N ASP A 160 15.62 -3.67 -6.04
CA ASP A 160 15.56 -3.57 -7.49
C ASP A 160 14.15 -3.83 -8.00
N ALA A 161 13.42 -4.69 -7.30
CA ALA A 161 12.06 -5.04 -7.67
C ALA A 161 11.10 -3.89 -7.35
N PHE A 162 11.30 -3.27 -6.19
CA PHE A 162 10.44 -2.17 -5.77
C PHE A 162 10.48 -1.03 -6.79
N ASP A 163 11.64 -0.85 -7.42
CA ASP A 163 11.81 0.20 -8.42
C ASP A 163 10.95 -0.07 -9.64
N CYS A 164 10.40 -1.28 -9.72
CA CYS A 164 9.56 -1.67 -10.85
C CYS A 164 8.09 -1.46 -10.52
N LEU A 165 7.81 -1.14 -9.26
CA LEU A 165 6.43 -0.90 -8.83
C LEU A 165 5.89 0.40 -9.40
N PRO A 166 4.56 0.44 -9.64
CA PRO A 166 3.90 1.63 -10.18
C PRO A 166 3.85 2.78 -9.19
N LEU A 167 3.69 3.99 -9.69
CA LEU A 167 3.62 5.18 -8.84
C LEU A 167 2.17 5.52 -8.49
N ALA A 168 1.29 5.39 -9.48
CA ALA A 168 -0.12 5.69 -9.27
C ALA A 168 -1.00 4.85 -10.20
N ALA A 169 -2.31 4.97 -10.04
CA ALA A 169 -3.26 4.23 -10.87
C ALA A 169 -4.58 4.99 -11.00
N LEU A 170 -5.11 5.02 -12.21
CA LEU A 170 -6.38 5.70 -12.47
C LEU A 170 -7.53 4.71 -12.55
N MET A 171 -8.28 4.59 -11.46
CA MET A 171 -9.42 3.67 -11.41
C MET A 171 -10.64 4.28 -12.08
N ASN A 172 -11.08 3.67 -13.17
CA ASN A 172 -12.25 4.16 -13.90
C ASN A 172 -11.98 5.55 -14.47
N GLN A 173 -10.71 5.88 -14.65
CA GLN A 173 -10.32 7.17 -15.20
C GLN A 173 -11.04 8.30 -14.48
N GLN A 174 -11.42 8.05 -13.23
CA GLN A 174 -12.12 9.04 -12.43
C GLN A 174 -11.41 9.27 -11.10
N PHE A 175 -10.99 8.18 -10.47
CA PHE A 175 -10.30 8.25 -9.18
C PHE A 175 -8.80 8.06 -9.36
N LEU A 176 -8.02 8.80 -8.59
CA LEU A 176 -6.56 8.71 -8.67
C LEU A 176 -6.00 8.02 -7.43
N CYS A 177 -5.40 6.85 -7.62
CA CYS A 177 -4.82 6.09 -6.52
C CYS A 177 -3.34 6.42 -6.36
N VAL A 178 -2.97 6.90 -5.18
CA VAL A 178 -1.59 7.25 -4.89
C VAL A 178 -1.24 6.97 -3.43
N HIS A 179 0.01 7.22 -3.07
CA HIS A 179 0.48 6.99 -1.70
C HIS A 179 0.50 8.30 -0.92
N GLY A 180 1.10 9.32 -1.50
CA GLY A 180 1.17 10.62 -0.83
C GLY A 180 0.06 11.56 -1.26
N GLY A 181 0.06 11.91 -2.54
CA GLY A 181 -0.97 12.81 -3.06
C GLY A 181 -0.55 13.50 -4.34
N LEU A 182 -0.97 14.74 -4.51
CA LEU A 182 -0.64 15.51 -5.71
C LEU A 182 0.75 16.13 -5.57
N SER A 183 1.21 16.76 -6.65
CA SER A 183 2.52 17.40 -6.66
C SER A 183 2.47 18.73 -7.39
N PRO A 184 3.32 19.68 -6.98
CA PRO A 184 3.40 21.01 -7.58
C PRO A 184 3.98 20.98 -8.99
N GLU A 185 4.87 20.03 -9.23
CA GLU A 185 5.50 19.90 -10.54
C GLU A 185 4.69 18.96 -11.43
N ILE A 186 3.50 18.59 -10.98
CA ILE A 186 2.63 17.70 -11.74
C ILE A 186 1.20 18.23 -11.76
N ASN A 187 0.83 18.87 -12.86
CA ASN A 187 -0.51 19.41 -13.01
C ASN A 187 -1.32 18.61 -14.03
N THR A 188 -0.69 17.60 -14.62
CA THR A 188 -1.35 16.75 -15.60
C THR A 188 -0.85 15.32 -15.52
N LEU A 189 -1.63 14.38 -16.05
CA LEU A 189 -1.26 12.98 -16.04
C LEU A 189 0.02 12.74 -16.83
N ASP A 190 0.23 13.54 -17.86
CA ASP A 190 1.41 13.42 -18.69
C ASP A 190 2.68 13.68 -17.88
N ASP A 191 2.58 14.58 -16.91
CA ASP A 191 3.71 14.91 -16.06
C ASP A 191 4.22 13.68 -15.31
N ILE A 192 3.30 12.76 -15.01
CA ILE A 192 3.65 11.55 -14.30
C ILE A 192 4.26 10.52 -15.24
N ARG A 193 3.66 10.39 -16.43
CA ARG A 193 4.14 9.44 -17.42
C ARG A 193 5.58 9.73 -17.81
N LYS A 194 5.94 11.02 -17.86
CA LYS A 194 7.28 11.42 -18.22
C LYS A 194 8.23 11.27 -17.03
N LEU A 195 7.80 10.50 -16.03
CA LEU A 195 8.61 10.26 -14.85
C LEU A 195 9.33 8.92 -14.93
N ASP A 196 10.45 8.80 -14.23
CA ASP A 196 11.23 7.57 -14.23
C ASP A 196 10.93 6.74 -12.98
N ARG A 197 10.29 5.59 -13.18
CA ARG A 197 9.95 4.71 -12.07
C ARG A 197 11.12 3.78 -11.73
N PHE A 198 11.79 3.29 -12.77
CA PHE A 198 12.92 2.39 -12.58
C PHE A 198 14.12 3.13 -11.97
N LYS A 199 14.00 3.48 -10.70
CA LYS A 199 15.05 4.19 -9.99
C LYS A 199 14.67 4.44 -8.54
N GLU A 200 15.63 4.90 -7.75
CA GLU A 200 15.39 5.18 -6.34
C GLU A 200 14.85 6.59 -6.15
N PRO A 201 13.87 6.73 -5.24
CA PRO A 201 13.24 8.02 -4.95
C PRO A 201 14.19 8.98 -4.22
N PRO A 202 14.41 10.16 -4.82
CA PRO A 202 15.29 11.17 -4.25
C PRO A 202 14.70 11.82 -3.00
N ALA A 203 15.53 12.55 -2.26
CA ALA A 203 15.09 13.21 -1.05
C ALA A 203 14.06 14.31 -1.36
N TYR A 204 13.89 14.60 -2.64
CA TYR A 204 12.94 15.63 -3.07
C TYR A 204 12.60 15.46 -4.54
N GLY A 205 11.63 16.25 -5.01
CA GLY A 205 11.22 16.17 -6.40
C GLY A 205 9.76 15.82 -6.55
N PRO A 206 9.31 15.65 -7.80
CA PRO A 206 7.92 15.31 -8.12
C PRO A 206 7.57 13.89 -7.70
N MET A 207 8.41 12.93 -8.12
CA MET A 207 8.18 11.54 -7.78
C MET A 207 8.23 11.32 -6.27
N CYS A 208 9.15 12.00 -5.61
CA CYS A 208 9.29 11.88 -4.16
C CYS A 208 8.10 12.50 -3.44
N ASP A 209 7.73 13.70 -3.85
CA ASP A 209 6.60 14.40 -3.25
C ASP A 209 5.34 13.54 -3.28
N ILE A 210 4.99 13.05 -4.47
CA ILE A 210 3.81 12.22 -4.63
C ILE A 210 3.78 11.11 -3.59
N LEU A 211 4.95 10.57 -3.27
CA LEU A 211 5.06 9.50 -2.28
C LEU A 211 5.11 10.06 -0.87
N TRP A 212 5.54 11.31 -0.75
CA TRP A 212 5.63 11.97 0.55
C TRP A 212 4.56 13.05 0.69
N SER A 213 3.83 13.29 -0.39
CA SER A 213 2.78 14.30 -0.38
C SER A 213 1.81 14.08 0.79
N ASP A 214 1.35 15.18 1.38
CA ASP A 214 0.42 15.11 2.50
C ASP A 214 -0.42 16.37 2.60
N PRO A 215 -1.65 16.23 3.12
CA PRO A 215 -2.58 17.34 3.28
C PRO A 215 -2.12 18.33 4.35
N LEU A 216 -2.57 19.58 4.23
CA LEU A 216 -2.22 20.61 5.19
C LEU A 216 -2.74 20.26 6.58
N GLU A 217 -2.07 20.79 7.61
CA GLU A 217 -2.47 20.55 8.99
C GLU A 217 -3.91 20.99 9.22
N ASP A 218 -4.44 21.79 8.31
CA ASP A 218 -5.80 22.31 8.42
C ASP A 218 -6.54 22.17 7.08
N PHE A 219 -6.64 20.94 6.60
CA PHE A 219 -7.32 20.68 5.33
C PHE A 219 -8.81 21.00 5.44
N GLY A 220 -9.15 21.89 6.36
CA GLY A 220 -10.54 22.28 6.54
C GLY A 220 -10.70 23.73 6.93
N ASN A 221 -10.36 24.04 8.18
CA ASN A 221 -10.47 25.42 8.68
C ASN A 221 -9.20 26.20 8.39
N GLU A 222 -9.01 26.59 7.14
CA GLU A 222 -7.83 27.34 6.73
C GLU A 222 -8.11 28.84 6.76
N LYS A 223 -7.08 29.63 7.05
CA LYS A 223 -7.22 31.08 7.10
C LYS A 223 -6.36 31.74 6.02
N THR A 224 -5.25 31.11 5.67
CA THR A 224 -4.35 31.63 4.65
C THR A 224 -4.87 31.33 3.25
N GLN A 225 -5.15 30.05 2.98
CA GLN A 225 -5.66 29.64 1.69
C GLN A 225 -4.51 29.33 0.73
N GLU A 226 -3.38 28.91 1.29
CA GLU A 226 -2.21 28.59 0.48
C GLU A 226 -2.39 27.25 -0.24
N HIS A 227 -2.03 27.22 -1.52
CA HIS A 227 -2.16 26.00 -2.32
C HIS A 227 -1.15 24.95 -1.86
N PHE A 228 0.13 25.26 -2.00
CA PHE A 228 1.20 24.35 -1.61
C PHE A 228 2.11 24.98 -0.56
N THR A 229 2.64 24.15 0.32
CA THR A 229 3.53 24.63 1.38
C THR A 229 4.57 23.57 1.74
N HIS A 230 5.65 24.01 2.37
CA HIS A 230 6.73 23.10 2.78
C HIS A 230 6.24 22.16 3.88
N ASN A 231 6.57 20.88 3.74
CA ASN A 231 6.17 19.87 4.73
C ASN A 231 7.16 19.84 5.89
N THR A 232 6.93 20.72 6.87
CA THR A 232 7.79 20.79 8.04
C THR A 232 7.53 19.63 8.99
N VAL A 233 6.30 19.11 8.96
CA VAL A 233 5.92 17.99 9.81
C VAL A 233 6.63 16.71 9.40
N ARG A 234 6.44 16.32 8.13
CA ARG A 234 7.07 15.11 7.61
C ARG A 234 8.57 15.31 7.44
N GLY A 235 9.02 16.55 7.53
CA GLY A 235 10.43 16.85 7.39
C GLY A 235 10.89 16.80 5.94
N CYS A 236 9.92 16.76 5.02
CA CYS A 236 10.24 16.71 3.60
C CYS A 236 8.97 16.78 2.77
N SER A 237 9.13 17.06 1.47
CA SER A 237 7.99 17.16 0.57
C SER A 237 7.24 18.47 0.78
N TYR A 238 5.95 18.47 0.46
CA TYR A 238 5.12 19.66 0.61
C TYR A 238 3.75 19.30 1.17
N PHE A 239 2.88 20.29 1.29
CA PHE A 239 1.53 20.09 1.81
C PHE A 239 0.49 20.72 0.89
N TYR A 240 -0.56 19.96 0.59
CA TYR A 240 -1.62 20.43 -0.28
C TYR A 240 -2.87 20.81 0.52
N SER A 241 -3.51 21.90 0.13
CA SER A 241 -4.71 22.37 0.82
C SER A 241 -5.97 21.91 0.09
N TYR A 242 -7.12 22.23 0.65
CA TYR A 242 -8.40 21.85 0.06
C TYR A 242 -8.56 22.46 -1.32
N PRO A 243 -8.21 23.75 -1.45
CA PRO A 243 -8.31 24.47 -2.73
C PRO A 243 -7.28 24.00 -3.74
N ALA A 244 -6.13 23.54 -3.25
CA ALA A 244 -5.07 23.05 -4.11
C ALA A 244 -5.48 21.76 -4.82
N VAL A 245 -6.00 20.81 -4.04
CA VAL A 245 -6.43 19.53 -4.59
C VAL A 245 -7.65 19.70 -5.49
N CYS A 246 -8.59 20.53 -5.06
CA CYS A 246 -9.80 20.78 -5.82
C CYS A 246 -9.47 21.38 -7.18
N GLU A 247 -8.36 22.13 -7.25
CA GLU A 247 -7.94 22.75 -8.50
C GLU A 247 -7.38 21.71 -9.46
N PHE A 248 -6.55 20.82 -8.95
CA PHE A 248 -5.93 19.77 -9.76
C PHE A 248 -7.00 18.83 -10.32
N LEU A 249 -7.94 18.43 -9.47
CA LEU A 249 -9.01 17.54 -9.89
C LEU A 249 -9.81 18.13 -11.03
N GLN A 250 -10.34 19.34 -10.83
CA GLN A 250 -11.12 20.01 -11.85
C GLN A 250 -10.34 20.11 -13.16
N HIS A 251 -9.06 20.44 -13.05
CA HIS A 251 -8.21 20.55 -14.23
C HIS A 251 -8.03 19.21 -14.92
N ASN A 252 -7.95 18.14 -14.13
CA ASN A 252 -7.78 16.80 -14.66
C ASN A 252 -9.12 16.08 -14.72
N ASN A 253 -10.20 16.81 -14.45
CA ASN A 253 -11.54 16.22 -14.48
C ASN A 253 -11.57 14.92 -13.70
N LEU A 254 -11.06 14.95 -12.47
CA LEU A 254 -11.04 13.76 -11.62
C LEU A 254 -12.15 13.83 -10.58
N LEU A 255 -12.59 12.66 -10.12
CA LEU A 255 -13.65 12.58 -9.12
C LEU A 255 -13.09 12.83 -7.71
N SER A 256 -12.11 12.02 -7.33
CA SER A 256 -11.50 12.15 -6.01
C SER A 256 -10.12 11.49 -5.99
N ILE A 257 -9.34 11.80 -4.95
CA ILE A 257 -8.01 11.23 -4.82
C ILE A 257 -7.94 10.27 -3.64
N LEU A 258 -7.82 8.98 -3.94
CA LEU A 258 -7.75 7.95 -2.90
C LEU A 258 -6.31 7.54 -2.65
N ARG A 259 -5.89 7.62 -1.39
CA ARG A 259 -4.53 7.25 -1.02
C ARG A 259 -4.44 6.99 0.48
N ALA A 260 -3.22 6.78 0.97
CA ALA A 260 -2.99 6.52 2.38
C ALA A 260 -1.81 7.32 2.91
N HIS A 261 -0.84 6.63 3.50
CA HIS A 261 0.34 7.28 4.06
C HIS A 261 0.00 8.03 5.34
N GLU A 262 -1.29 8.08 5.67
CA GLU A 262 -1.73 8.77 6.88
C GLU A 262 -2.55 7.83 7.77
N ALA A 263 -2.00 7.49 8.92
CA ALA A 263 -2.67 6.61 9.87
C ALA A 263 -4.01 7.19 10.31
N GLN A 264 -5.01 6.32 10.44
CA GLN A 264 -6.33 6.75 10.87
C GLN A 264 -6.86 5.87 11.99
N ASP A 265 -7.48 6.49 12.98
CA ASP A 265 -8.04 5.77 14.12
C ASP A 265 -9.19 4.87 13.67
N ALA A 266 -9.84 5.23 12.57
CA ALA A 266 -10.95 4.46 12.05
C ALA A 266 -10.55 3.72 10.77
N GLY A 267 -9.26 3.74 10.46
CA GLY A 267 -8.77 3.06 9.28
C GLY A 267 -9.05 3.84 8.01
N TYR A 268 -9.65 5.01 8.16
CA TYR A 268 -9.97 5.86 7.01
C TYR A 268 -10.38 7.26 7.46
N ARG A 269 -10.39 8.19 6.52
CA ARG A 269 -10.77 9.57 6.82
C ARG A 269 -11.19 10.30 5.55
N MET A 270 -12.35 10.95 5.61
CA MET A 270 -12.87 11.69 4.46
C MET A 270 -12.57 13.18 4.61
N TYR A 271 -12.04 13.78 3.54
CA TYR A 271 -11.70 15.20 3.55
C TYR A 271 -12.82 16.02 2.92
N ARG A 272 -12.73 17.34 3.06
CA ARG A 272 -13.74 18.24 2.51
C ARG A 272 -14.18 17.78 1.13
N LYS A 273 -15.49 17.80 0.90
CA LYS A 273 -16.04 17.38 -0.39
C LYS A 273 -16.10 18.56 -1.36
N SER A 274 -16.26 18.24 -2.65
CA SER A 274 -16.33 19.27 -3.68
C SER A 274 -17.61 20.09 -3.55
N GLN A 275 -17.50 21.38 -3.83
CA GLN A 275 -18.64 22.29 -3.74
C GLN A 275 -19.70 21.93 -4.78
N THR A 276 -19.27 21.25 -5.83
CA THR A 276 -20.18 20.85 -6.90
C THR A 276 -20.83 19.50 -6.59
N THR A 277 -20.01 18.46 -6.49
CA THR A 277 -20.51 17.12 -6.21
C THR A 277 -20.41 16.81 -4.72
N GLY A 278 -21.34 16.02 -4.22
CA GLY A 278 -21.35 15.65 -2.82
C GLY A 278 -20.34 14.56 -2.50
N PHE A 279 -19.20 14.60 -3.18
CA PHE A 279 -18.15 13.60 -2.98
C PHE A 279 -16.91 14.24 -2.37
N PRO A 280 -16.17 13.45 -1.59
CA PRO A 280 -14.94 13.92 -0.93
C PRO A 280 -13.81 14.17 -1.93
N SER A 281 -13.15 15.31 -1.80
CA SER A 281 -12.04 15.66 -2.68
C SER A 281 -10.84 14.77 -2.44
N LEU A 282 -10.68 14.31 -1.21
CA LEU A 282 -9.57 13.44 -0.83
C LEU A 282 -10.01 12.39 0.17
N ILE A 283 -9.38 11.22 0.11
CA ILE A 283 -9.71 10.13 1.01
C ILE A 283 -8.45 9.37 1.44
N THR A 284 -8.34 9.12 2.74
CA THR A 284 -7.18 8.42 3.28
C THR A 284 -7.58 7.03 3.80
N ILE A 285 -6.89 6.00 3.34
CA ILE A 285 -7.16 4.65 3.76
C ILE A 285 -5.98 4.05 4.51
N PHE A 286 -6.26 3.42 5.65
CA PHE A 286 -5.22 2.80 6.47
C PHE A 286 -5.58 1.37 6.83
N SER A 287 -4.80 0.42 6.33
CA SER A 287 -5.05 -0.99 6.60
C SER A 287 -4.03 -1.54 7.59
N ALA A 288 -3.51 -0.66 8.45
CA ALA A 288 -2.53 -1.06 9.45
C ALA A 288 -3.07 -0.84 10.86
N PRO A 289 -3.75 -1.86 11.40
CA PRO A 289 -4.33 -1.79 12.74
C PRO A 289 -3.26 -1.80 13.83
N ASN A 290 -3.60 -1.25 14.99
CA ASN A 290 -2.67 -1.20 16.12
C ASN A 290 -1.30 -0.70 15.67
N TYR A 291 -1.28 0.48 15.06
CA TYR A 291 -0.04 1.08 14.57
C TYR A 291 1.01 1.10 15.68
N LEU A 292 2.26 0.82 15.31
CA LEU A 292 3.36 0.82 16.27
C LEU A 292 3.07 -0.12 17.44
N ASP A 293 2.10 -1.03 17.24
CA ASP A 293 1.73 -1.99 18.27
C ASP A 293 1.29 -1.27 19.54
N VAL A 294 1.21 0.05 19.47
CA VAL A 294 0.80 0.86 20.62
C VAL A 294 -0.61 1.42 20.43
N TYR A 295 -0.76 2.26 19.41
CA TYR A 295 -2.05 2.87 19.11
C TYR A 295 -3.12 1.80 18.88
N ASN A 296 -4.31 2.03 19.40
CA ASN A 296 -5.42 1.09 19.24
C ASN A 296 -6.30 1.49 18.07
N ASN A 297 -5.67 1.96 16.99
CA ASN A 297 -6.40 2.37 15.80
C ASN A 297 -6.86 1.16 15.00
N LYS A 298 -7.97 1.31 14.28
CA LYS A 298 -8.52 0.23 13.48
C LYS A 298 -8.10 0.38 12.01
N ALA A 299 -8.30 -0.68 11.24
CA ALA A 299 -7.96 -0.67 9.82
C ALA A 299 -9.20 -0.70 8.95
N ALA A 300 -9.02 -0.49 7.65
CA ALA A 300 -10.13 -0.49 6.71
C ALA A 300 -9.62 -0.59 5.27
N VAL A 301 -10.52 -0.95 4.35
CA VAL A 301 -10.17 -1.08 2.95
C VAL A 301 -11.26 -0.51 2.05
N LEU A 302 -10.86 0.23 1.03
CA LEU A 302 -11.81 0.83 0.10
C LEU A 302 -12.18 -0.16 -1.02
N LYS A 303 -13.47 -0.33 -1.24
CA LYS A 303 -13.95 -1.24 -2.28
C LYS A 303 -14.89 -0.52 -3.24
N TYR A 304 -14.42 -0.28 -4.46
CA TYR A 304 -15.23 0.39 -5.46
C TYR A 304 -15.78 -0.60 -6.49
N GLU A 305 -17.11 -0.59 -6.65
CA GLU A 305 -17.76 -1.49 -7.58
C GLU A 305 -19.13 -0.95 -7.99
N ASN A 306 -19.49 -1.16 -9.24
CA ASN A 306 -20.78 -0.70 -9.76
C ASN A 306 -21.07 0.72 -9.28
N ASN A 307 -20.09 1.61 -9.43
CA ASN A 307 -20.25 2.99 -9.01
C ASN A 307 -20.65 3.09 -7.54
N VAL A 308 -20.05 2.21 -6.72
CA VAL A 308 -20.34 2.20 -5.30
C VAL A 308 -19.05 2.11 -4.48
N MET A 309 -18.90 3.05 -3.54
CA MET A 309 -17.72 3.08 -2.69
C MET A 309 -18.03 2.55 -1.30
N ASN A 310 -17.71 1.28 -1.07
CA ASN A 310 -17.96 0.64 0.22
C ASN A 310 -16.68 0.57 1.05
N ILE A 311 -16.76 1.02 2.29
CA ILE A 311 -15.60 1.01 3.19
C ILE A 311 -15.76 -0.08 4.25
N ARG A 312 -14.81 -1.01 4.26
CA ARG A 312 -14.83 -2.11 5.22
C ARG A 312 -13.83 -1.87 6.34
N GLN A 313 -14.28 -2.03 7.58
CA GLN A 313 -13.41 -1.82 8.74
C GLN A 313 -12.84 -3.14 9.22
N PHE A 314 -11.71 -3.08 9.92
CA PHE A 314 -11.07 -4.28 10.44
C PHE A 314 -10.29 -3.96 11.73
N ASN A 315 -10.21 -4.94 12.61
CA ASN A 315 -9.50 -4.77 13.88
C ASN A 315 -8.11 -5.38 13.81
N CYS A 316 -7.32 -5.14 14.85
CA CYS A 316 -5.96 -5.67 14.91
C CYS A 316 -5.97 -7.19 15.06
N SER A 317 -4.84 -7.81 14.79
CA SER A 317 -4.72 -9.27 14.89
C SER A 317 -3.62 -9.66 15.87
N PRO A 318 -3.69 -10.90 16.38
CA PRO A 318 -2.70 -11.42 17.34
C PRO A 318 -1.35 -11.66 16.69
N HIS A 319 -0.28 -11.41 17.44
CA HIS A 319 1.07 -11.60 16.94
C HIS A 319 2.07 -11.68 18.09
N PRO A 320 3.23 -12.31 17.83
CA PRO A 320 4.29 -12.46 18.84
C PRO A 320 4.97 -11.14 19.17
N TYR A 321 5.65 -11.11 20.31
CA TYR A 321 6.34 -9.90 20.75
C TYR A 321 7.78 -9.90 20.26
N TRP A 322 8.21 -8.77 19.71
CA TRP A 322 9.58 -8.63 19.20
C TRP A 322 10.23 -7.37 19.74
N LEU A 323 11.42 -7.52 20.31
CA LEU A 323 12.16 -6.39 20.86
C LEU A 323 12.62 -5.44 19.76
N PRO A 324 12.99 -4.22 20.14
CA PRO A 324 13.47 -3.19 19.20
C PRO A 324 14.82 -3.54 18.60
N ASN A 325 14.93 -3.45 17.28
CA ASN A 325 16.17 -3.75 16.58
C ASN A 325 16.59 -5.20 16.81
N PHE A 326 15.62 -6.04 17.14
CA PHE A 326 15.88 -7.45 17.39
C PHE A 326 16.85 -7.63 18.56
N MET A 327 16.86 -6.66 19.47
CA MET A 327 17.73 -6.71 20.64
C MET A 327 17.38 -7.90 21.53
N GLY B 1 -22.10 11.11 4.76
CA GLY B 1 -22.86 11.70 3.67
C GLY B 1 -23.84 10.72 3.07
N PRO B 2 -24.95 10.45 3.77
CA PRO B 2 -25.99 9.52 3.31
C PRO B 2 -26.76 10.06 2.11
N HIS B 3 -26.65 9.38 0.98
CA HIS B 3 -27.34 9.79 -0.24
C HIS B 3 -27.02 8.85 -1.40
N PRO B 4 -25.73 8.76 -1.75
CA PRO B 4 -25.26 7.90 -2.83
C PRO B 4 -25.37 6.42 -2.49
N VAL B 5 -24.79 5.57 -3.34
CA VAL B 5 -24.83 4.13 -3.13
C VAL B 5 -23.73 3.70 -2.18
N ILE B 6 -22.92 4.65 -1.74
CA ILE B 6 -21.83 4.37 -0.82
C ILE B 6 -22.34 3.74 0.47
N VAL B 7 -21.78 2.58 0.82
CA VAL B 7 -22.18 1.88 2.03
C VAL B 7 -20.98 1.63 2.94
N ILE B 8 -21.24 0.99 4.08
CA ILE B 8 -20.18 0.69 5.04
C ILE B 8 -20.57 -0.49 5.93
N THR B 9 -19.60 -1.38 6.16
CA THR B 9 -19.83 -2.56 6.99
C THR B 9 -18.89 -2.57 8.19
N GLY B 10 -19.03 -3.61 9.02
CA GLY B 10 -18.17 -3.72 10.19
C GLY B 10 -17.58 -5.11 10.33
N PRO B 11 -16.31 -5.17 10.75
CA PRO B 11 -15.60 -6.44 10.95
C PRO B 11 -16.13 -7.22 12.14
N HIS B 12 -15.54 -7.00 13.30
CA HIS B 12 -15.96 -7.68 14.52
C HIS B 12 -16.55 -6.70 15.53
N GLU B 13 -16.77 -7.18 16.74
CA GLU B 13 -17.34 -6.34 17.80
C GLU B 13 -16.59 -5.02 17.89
N GLU B 14 -17.27 -3.93 17.55
CA GLU B 14 -16.67 -2.60 17.61
C GLU B 14 -16.00 -2.36 18.96
N LEU B 15 -14.96 -1.54 18.96
CA LEU B 15 -14.24 -1.23 20.19
C LEU B 15 -13.40 0.03 20.02
N GLU B 16 -13.70 1.05 20.81
CA GLU B 16 -12.96 2.31 20.74
C GLU B 16 -11.52 2.12 21.20
#